data_8E0P
#
_entry.id   8E0P
#
_cell.length_a   123.914
_cell.length_b   98.361
_cell.length_c   156.513
_cell.angle_alpha   90.000
_cell.angle_beta   109.730
_cell.angle_gamma   90.000
#
_symmetry.space_group_name_H-M   'P 1 21 1'
#
loop_
_entity.id
_entity.type
_entity.pdbx_description
1 polymer 'Maltodextrin-binding protein, Protein APCDD1 complex'
2 branched alpha-D-glucopyranose-(1-4)-beta-D-glucopyranose
3 non-polymer 2-acetamido-2-deoxy-beta-D-glucopyranose
4 non-polymer 'PALMITIC ACID'
5 non-polymer GLYCEROL
6 non-polymer 'CHLORIDE ION'
7 non-polymer 3-[BENZYL(DIMETHYL)AMMONIO]PROPANE-1-SULFONATE
8 water water
#
_entity_poly.entity_id   1
_entity_poly.type   'polypeptide(L)'
_entity_poly.pdbx_seq_one_letter_code
;ETGKTEEGKLVIWINGDKGYNGLAEVGKKFEKDTGIKVTVEHPDKLEEKFPQVAATGDGPDIIFWAHDRFGGYAQSGLLA
EITPAAAFQDKLYPFTWDAVRYNGKLIAYPIAVEALSLIYNKDLLPNPPKTWEEIPALDKELKAKGKSALMFNLQEPYFT
WPLIAADGGYAFKYAAGKYDIKDVGVDNAGAKAGLTFLVDLIKNKHMNADTDYSIAEHAFNHGETAMTINGPWAWSNIDT
SAVNYGVTVLPTFKGQPSKPFVGVLSAGINAASPNKELAKEFLENYLLTDEGLEAVNKDKPLGAVALKSYEEELVKDPRV
AATMENAQKGEIMPNIPQMSAFWYAVRTAVINAASGRQTVDAALAAAQTNAAAFKESQCHHMLKHLHNGARITVQMPPTI
EGHWVSTGCEVRSGPEFMTRSYRFYNNNTFKAYQFYYGSNRCTNPTYTLIIRGKIRLRQASWIIRGGTEADYQLHGVQVI
CHTEAVAEQLSRLVNRTCPGFLAPGGPWVQDVAYDLWQEESNHECTKAVNFAMHELQLIRVEKQYPHHSLDHLVEELFLG
DIHTDATQRVFYRPSSYQPPLQNAKNHNHACIACRIIFRSDEHHPPILPPKADLTIGLHGEWVSQRCEVRPEVLFLTRHF
IFHDNNNTWEGHYYHYSDPVCKHPTFTIYARGRYSRGVLSSKVMGGTEFVFKVNHMKVTPMDAATASLLNVFSGNECGAE
GSWQVGIQQDVTHTNGCVALGIKLPHTEYEIFKMEQDTRGRYLLFNGQRPSDGSSPDRPEKRATSYQMPLVQCASSSPRA
EELLEDSQGTHHHHHHHH
;
_entity_poly.pdbx_strand_id   A,B,C,D
#
loop_
_chem_comp.id
_chem_comp.type
_chem_comp.name
_chem_comp.formula
BGC D-saccharide, beta linking beta-D-glucopyranose 'C6 H12 O6'
CL non-polymer 'CHLORIDE ION' 'Cl -1'
DMX non-polymer 3-[BENZYL(DIMETHYL)AMMONIO]PROPANE-1-SULFONATE 'C12 H19 N O3 S'
GLC D-saccharide, alpha linking alpha-D-glucopyranose 'C6 H12 O6'
GOL non-polymer GLYCEROL 'C3 H8 O3'
NAG D-saccharide, beta linking 2-acetamido-2-deoxy-beta-D-glucopyranose 'C8 H15 N O6'
PLM non-polymer 'PALMITIC ACID' 'C16 H32 O2'
#
# COMPACT_ATOMS: atom_id res chain seq x y z
N GLY A 8 -43.21 13.40 23.43
CA GLY A 8 -43.91 13.54 24.69
C GLY A 8 -45.39 13.26 24.59
N LYS A 9 -45.77 12.43 23.63
CA LYS A 9 -47.16 12.11 23.34
C LYS A 9 -47.30 10.62 23.07
N LEU A 10 -48.55 10.17 22.93
CA LEU A 10 -48.85 8.78 22.57
C LEU A 10 -49.98 8.75 21.55
N VAL A 11 -49.68 8.28 20.33
CA VAL A 11 -50.69 8.08 19.28
C VAL A 11 -50.88 6.58 19.07
N ILE A 12 -52.14 6.15 19.07
CA ILE A 12 -52.49 4.74 18.95
C ILE A 12 -53.41 4.56 17.74
N TRP A 13 -53.15 3.51 16.96
CA TRP A 13 -53.97 3.14 15.81
C TRP A 13 -54.64 1.80 16.10
N ILE A 14 -55.98 1.78 16.03
CA ILE A 14 -56.76 0.57 16.27
C ILE A 14 -57.88 0.49 15.24
N ASN A 15 -58.21 -0.72 14.82
CA ASN A 15 -59.23 -0.87 13.79
C ASN A 15 -60.61 -0.43 14.30
N GLY A 16 -61.41 0.11 13.39
CA GLY A 16 -62.69 0.65 13.77
C GLY A 16 -63.76 -0.39 14.06
N ASP A 17 -63.43 -1.66 13.99
CA ASP A 17 -64.35 -2.72 14.36
C ASP A 17 -64.11 -3.18 15.78
N LYS A 18 -63.08 -2.63 16.42
CA LYS A 18 -62.77 -2.86 17.81
C LYS A 18 -63.26 -1.67 18.63
N GLY A 19 -63.11 -1.75 19.95
CA GLY A 19 -63.56 -0.70 20.85
C GLY A 19 -62.59 0.45 21.03
N TYR A 20 -62.63 1.44 20.13
CA TYR A 20 -61.66 2.54 20.25
C TYR A 20 -61.98 3.46 21.42
N ASN A 21 -63.26 3.78 21.64
CA ASN A 21 -63.61 4.65 22.77
C ASN A 21 -63.20 4.02 24.10
N GLY A 22 -63.32 2.69 24.22
CA GLY A 22 -62.84 2.01 25.41
C GLY A 22 -61.35 2.19 25.60
N LEU A 23 -60.58 1.94 24.53
CA LEU A 23 -59.14 2.15 24.59
C LEU A 23 -58.79 3.60 24.93
N ALA A 24 -59.53 4.55 24.35
CA ALA A 24 -59.29 5.96 24.63
C ALA A 24 -59.51 6.28 26.11
N GLU A 25 -60.39 5.56 26.78
CA GLU A 25 -60.63 5.79 28.20
C GLU A 25 -59.54 5.18 29.08
N VAL A 26 -58.95 4.05 28.70
CA VAL A 26 -57.71 3.65 29.38
C VAL A 26 -56.68 4.74 29.16
N GLY A 27 -56.82 5.50 28.07
CA GLY A 27 -55.88 6.57 27.78
C GLY A 27 -56.04 7.79 28.68
N LYS A 28 -57.28 8.15 29.03
CA LYS A 28 -57.47 9.27 29.96
C LYS A 28 -56.83 9.00 31.32
N LYS A 29 -56.91 7.75 31.80
CA LYS A 29 -56.23 7.44 33.07
C LYS A 29 -54.73 7.64 32.94
N PHE A 30 -54.18 7.42 31.74
CA PHE A 30 -52.79 7.78 31.49
C PHE A 30 -52.60 9.28 31.66
N GLU A 31 -53.49 10.07 31.06
CA GLU A 31 -53.44 11.51 31.24
C GLU A 31 -53.56 11.89 32.71
N LYS A 32 -54.32 11.12 33.48
CA LYS A 32 -54.51 11.44 34.88
C LYS A 32 -53.21 11.24 35.66
N ASP A 33 -52.68 10.02 35.62
CA ASP A 33 -51.57 9.66 36.49
C ASP A 33 -50.24 10.22 35.97
N THR A 34 -50.08 10.40 34.66
CA THR A 34 -48.80 10.84 34.12
C THR A 34 -48.91 12.10 33.27
N GLY A 35 -50.10 12.56 32.92
CA GLY A 35 -50.22 13.78 32.16
C GLY A 35 -49.88 13.68 30.69
N ILE A 36 -49.66 12.47 30.17
CA ILE A 36 -49.36 12.31 28.76
C ILE A 36 -50.66 12.12 27.98
N LYS A 37 -50.89 13.00 26.99
CA LYS A 37 -51.97 12.75 26.05
C LYS A 37 -51.83 11.46 25.28
N VAL A 38 -52.95 10.77 25.19
CA VAL A 38 -53.08 9.57 24.38
C VAL A 38 -54.20 9.89 23.40
N THR A 39 -53.90 9.74 22.12
CA THR A 39 -54.86 10.02 21.06
C THR A 39 -55.09 8.71 20.33
N VAL A 40 -56.36 8.32 20.21
CA VAL A 40 -56.74 7.06 19.59
C VAL A 40 -57.41 7.36 18.25
N GLU A 41 -56.87 6.76 17.18
CA GLU A 41 -57.36 6.94 15.83
C GLU A 41 -57.66 5.59 15.21
N HIS A 42 -58.68 5.53 14.36
CA HIS A 42 -59.05 4.31 13.63
C HIS A 42 -59.02 4.56 12.13
N PRO A 43 -57.83 4.67 11.55
CA PRO A 43 -57.72 4.94 10.11
C PRO A 43 -58.22 3.79 9.25
N ASP A 44 -58.77 4.14 8.10
CA ASP A 44 -59.17 3.11 7.14
C ASP A 44 -57.94 2.36 6.61
N LYS A 45 -58.09 1.04 6.45
CA LYS A 45 -57.04 0.18 5.95
C LYS A 45 -55.73 0.42 6.69
N LEU A 46 -55.81 0.56 8.03
CA LEU A 46 -54.63 0.89 8.81
C LEU A 46 -53.57 -0.19 8.69
N GLU A 47 -53.97 -1.43 8.47
CA GLU A 47 -52.98 -2.49 8.43
C GLU A 47 -51.94 -2.23 7.35
N GLU A 48 -52.29 -1.47 6.31
CA GLU A 48 -51.29 -1.12 5.31
C GLU A 48 -51.09 0.37 5.07
N LYS A 49 -51.73 1.23 5.86
CA LYS A 49 -51.19 2.57 6.02
C LYS A 49 -49.91 2.50 6.85
N PHE A 50 -49.87 1.59 7.82
CA PHE A 50 -48.71 1.48 8.70
C PHE A 50 -47.40 1.19 7.96
N PRO A 51 -47.30 0.19 7.06
CA PRO A 51 -46.01 -0.03 6.38
C PRO A 51 -45.45 1.17 5.64
N GLN A 52 -46.31 2.03 5.09
CA GLN A 52 -45.83 3.16 4.30
C GLN A 52 -45.38 4.33 5.16
N VAL A 53 -46.21 4.73 6.11
CA VAL A 53 -45.85 5.86 6.97
C VAL A 53 -44.68 5.49 7.89
N ALA A 54 -44.62 4.24 8.35
CA ALA A 54 -43.55 3.83 9.25
C ALA A 54 -42.22 3.72 8.53
N ALA A 55 -42.22 3.27 7.28
CA ALA A 55 -40.96 3.14 6.55
C ALA A 55 -40.24 4.47 6.42
N THR A 56 -40.99 5.56 6.38
CA THR A 56 -40.45 6.91 6.24
C THR A 56 -40.10 7.54 7.59
N GLY A 57 -40.32 6.85 8.70
CA GLY A 57 -40.05 7.41 10.00
C GLY A 57 -41.25 7.92 10.73
N ASP A 58 -42.42 7.90 10.11
CA ASP A 58 -43.63 8.48 10.65
C ASP A 58 -44.54 7.36 11.16
N GLY A 59 -45.80 7.70 11.42
CA GLY A 59 -46.74 6.71 11.91
C GLY A 59 -47.12 6.88 13.35
N PRO A 60 -48.01 6.02 13.83
CA PRO A 60 -48.41 6.05 15.24
C PRO A 60 -47.31 5.47 16.12
N ASP A 61 -47.43 5.73 17.42
CA ASP A 61 -46.49 5.15 18.37
C ASP A 61 -46.80 3.68 18.64
N ILE A 62 -48.09 3.35 18.77
CA ILE A 62 -48.54 1.99 19.03
C ILE A 62 -49.49 1.58 17.92
N ILE A 63 -49.32 0.37 17.40
CA ILE A 63 -50.15 -0.16 16.32
C ILE A 63 -50.87 -1.41 16.84
N PHE A 64 -52.20 -1.43 16.68
CA PHE A 64 -53.03 -2.55 17.10
C PHE A 64 -53.48 -3.36 15.89
N TRP A 65 -53.16 -4.66 15.87
CA TRP A 65 -53.64 -5.53 14.81
C TRP A 65 -53.37 -6.97 15.23
N ALA A 66 -53.95 -7.89 14.47
CA ALA A 66 -53.72 -9.31 14.71
C ALA A 66 -52.26 -9.65 14.41
N HIS A 67 -51.79 -10.72 15.04
CA HIS A 67 -50.38 -11.09 14.95
C HIS A 67 -49.96 -11.46 13.53
N ASP A 68 -50.91 -11.77 12.65
CA ASP A 68 -50.57 -12.28 11.33
C ASP A 68 -49.78 -11.27 10.51
N ARG A 69 -50.00 -9.97 10.72
CA ARG A 69 -49.34 -8.96 9.91
C ARG A 69 -48.08 -8.39 10.55
N PHE A 70 -47.72 -8.81 11.77
CA PHE A 70 -46.63 -8.17 12.48
C PHE A 70 -45.26 -8.72 12.07
N GLY A 71 -45.18 -10.01 11.73
CA GLY A 71 -43.92 -10.55 11.25
C GLY A 71 -43.37 -9.79 10.06
N GLY A 72 -44.26 -9.44 9.12
CA GLY A 72 -43.82 -8.65 7.98
C GLY A 72 -43.36 -7.25 8.36
N TYR A 73 -44.06 -6.62 9.32
CA TYR A 73 -43.62 -5.32 9.80
C TYR A 73 -42.23 -5.40 10.40
N ALA A 74 -41.97 -6.47 11.17
CA ALA A 74 -40.66 -6.62 11.82
C ALA A 74 -39.57 -6.87 10.79
N GLN A 75 -39.83 -7.73 9.81
CA GLN A 75 -38.86 -7.99 8.75
C GLN A 75 -38.42 -6.69 8.08
N SER A 76 -39.37 -5.78 7.85
CA SER A 76 -39.09 -4.47 7.29
C SER A 76 -38.49 -3.50 8.30
N GLY A 77 -38.31 -3.90 9.55
CA GLY A 77 -37.70 -3.02 10.53
C GLY A 77 -38.61 -1.92 11.06
N LEU A 78 -39.93 -2.15 11.04
CA LEU A 78 -40.90 -1.17 11.47
C LEU A 78 -41.32 -1.32 12.94
N LEU A 79 -41.00 -2.45 13.57
CA LEU A 79 -41.44 -2.72 14.93
C LEU A 79 -40.25 -2.75 15.89
N ALA A 80 -40.46 -2.23 17.09
CA ALA A 80 -39.42 -2.25 18.11
C ALA A 80 -39.57 -3.50 18.96
N GLU A 81 -38.43 -4.09 19.34
CA GLU A 81 -38.47 -5.25 20.22
C GLU A 81 -39.03 -4.83 21.57
N ILE A 82 -39.99 -5.57 22.06
CA ILE A 82 -40.60 -5.23 23.34
C ILE A 82 -39.84 -5.94 24.44
N THR A 83 -39.63 -5.22 25.53
CA THR A 83 -38.91 -5.53 26.74
C THR A 83 -39.81 -5.67 27.97
N PRO A 84 -40.44 -6.85 28.08
CA PRO A 84 -41.28 -7.18 29.23
C PRO A 84 -40.49 -7.93 30.28
N ALA A 85 -40.87 -7.68 31.53
CA ALA A 85 -40.28 -8.43 32.63
C ALA A 85 -40.85 -9.84 32.66
N ALA A 86 -40.03 -10.79 33.10
CA ALA A 86 -40.52 -12.15 33.24
C ALA A 86 -41.75 -12.21 34.13
N ALA A 87 -41.81 -11.33 35.14
CA ALA A 87 -43.00 -11.24 35.98
C ALA A 87 -44.22 -10.86 35.16
N PHE A 88 -44.09 -9.87 34.29
CA PHE A 88 -45.18 -9.52 33.39
C PHE A 88 -45.52 -10.65 32.43
N GLN A 89 -44.49 -11.26 31.82
CA GLN A 89 -44.71 -12.35 30.89
C GLN A 89 -45.51 -13.50 31.49
N ASP A 90 -45.35 -13.76 32.80
CA ASP A 90 -46.16 -14.81 33.43
C ASP A 90 -47.63 -14.44 33.46
N LYS A 91 -47.96 -13.15 33.46
CA LYS A 91 -49.35 -12.72 33.51
C LYS A 91 -50.13 -13.17 32.26
N LEU A 92 -49.47 -13.32 31.12
CA LEU A 92 -50.14 -13.72 29.88
C LEU A 92 -49.83 -15.18 29.55
N TYR A 93 -50.68 -15.76 28.67
CA TYR A 93 -50.52 -17.17 28.34
C TYR A 93 -49.36 -17.37 27.36
N PRO A 94 -48.61 -18.47 27.49
CA PRO A 94 -47.45 -18.68 26.62
C PRO A 94 -47.74 -18.66 25.13
N PHE A 95 -48.87 -19.23 24.69
CA PHE A 95 -49.16 -19.23 23.26
C PHE A 95 -49.37 -17.81 22.74
N THR A 96 -49.90 -16.91 23.57
CA THR A 96 -50.10 -15.53 23.12
C THR A 96 -48.75 -14.86 22.84
N TRP A 97 -47.74 -15.17 23.65
CA TRP A 97 -46.39 -14.65 23.38
C TRP A 97 -45.78 -15.32 22.15
N ASP A 98 -46.05 -16.61 21.95
CA ASP A 98 -45.49 -17.33 20.81
C ASP A 98 -45.95 -16.74 19.50
N ALA A 99 -47.15 -16.16 19.47
CA ALA A 99 -47.67 -15.56 18.24
C ALA A 99 -46.95 -14.26 17.90
N VAL A 100 -46.51 -13.49 18.90
CA VAL A 100 -45.86 -12.20 18.69
C VAL A 100 -44.34 -12.32 18.66
N ARG A 101 -43.81 -13.52 18.51
CA ARG A 101 -42.36 -13.76 18.47
C ARG A 101 -41.88 -13.98 17.04
N TYR A 102 -41.09 -13.05 16.53
CA TYR A 102 -40.48 -13.17 15.21
C TYR A 102 -38.96 -13.14 15.37
N ASN A 103 -38.30 -14.08 14.70
CA ASN A 103 -36.84 -14.24 14.76
C ASN A 103 -36.33 -14.26 16.20
N GLY A 104 -37.05 -14.97 17.06
CA GLY A 104 -36.67 -15.10 18.46
C GLY A 104 -36.92 -13.88 19.33
N LYS A 105 -37.32 -12.75 18.75
CA LYS A 105 -37.56 -11.54 19.52
C LYS A 105 -39.05 -11.29 19.66
N LEU A 106 -39.47 -10.78 20.83
CA LEU A 106 -40.85 -10.38 21.02
C LEU A 106 -41.08 -9.03 20.34
N ILE A 107 -42.16 -8.91 19.57
CA ILE A 107 -42.37 -7.75 18.72
C ILE A 107 -43.69 -7.03 19.01
N ALA A 108 -44.53 -7.55 19.89
CA ALA A 108 -45.76 -6.85 20.24
C ALA A 108 -46.34 -7.43 21.52
N TYR A 109 -47.30 -6.71 22.09
CA TYR A 109 -47.95 -7.13 23.33
C TYR A 109 -49.25 -7.84 23.00
N PRO A 110 -49.41 -9.10 23.40
CA PRO A 110 -50.67 -9.81 23.13
C PRO A 110 -51.81 -9.25 23.96
N ILE A 111 -52.96 -9.07 23.32
CA ILE A 111 -54.14 -8.47 23.94
C ILE A 111 -55.28 -9.48 24.05
N ALA A 112 -55.80 -9.96 22.92
CA ALA A 112 -56.96 -10.83 22.92
C ALA A 112 -56.80 -11.94 21.88
N VAL A 113 -57.49 -13.05 22.12
CA VAL A 113 -57.51 -14.18 21.20
C VAL A 113 -58.89 -14.20 20.53
N GLU A 114 -58.90 -14.07 19.21
CA GLU A 114 -60.12 -13.96 18.44
C GLU A 114 -60.24 -15.11 17.44
N ALA A 115 -61.46 -15.63 17.32
CA ALA A 115 -61.83 -16.62 16.32
C ALA A 115 -63.30 -16.43 15.99
N LEU A 116 -63.68 -16.78 14.76
CA LEU A 116 -65.06 -16.62 14.33
C LEU A 116 -65.93 -17.74 14.86
N SER A 117 -67.22 -17.44 15.03
CA SER A 117 -68.17 -18.43 15.51
C SER A 117 -69.50 -18.27 14.78
N LEU A 118 -70.36 -19.28 14.90
CA LEU A 118 -71.70 -19.23 14.34
C LEU A 118 -72.63 -18.46 15.29
N ILE A 119 -73.22 -17.38 14.78
CA ILE A 119 -74.18 -16.58 15.51
C ILE A 119 -75.54 -16.75 14.85
N TYR A 120 -76.55 -17.13 15.63
CA TYR A 120 -77.86 -17.47 15.09
C TYR A 120 -78.95 -16.82 15.93
N ASN A 121 -80.12 -16.61 15.30
CA ASN A 121 -81.30 -16.06 16.00
C ASN A 121 -82.12 -17.24 16.53
N LYS A 122 -82.13 -17.42 17.85
CA LYS A 122 -82.79 -18.58 18.45
C LYS A 122 -84.29 -18.58 18.19
N ASP A 123 -84.87 -17.38 18.10
CA ASP A 123 -86.32 -17.29 17.84
C ASP A 123 -86.60 -17.95 16.49
N LEU A 124 -85.80 -17.63 15.48
CA LEU A 124 -86.01 -18.14 14.13
C LEU A 124 -85.41 -19.53 14.01
N LEU A 125 -84.29 -19.76 14.68
CA LEU A 125 -83.59 -21.04 14.65
C LEU A 125 -83.23 -21.45 16.06
N PRO A 126 -84.14 -22.11 16.78
CA PRO A 126 -83.78 -22.61 18.12
C PRO A 126 -82.70 -23.67 18.07
N ASN A 127 -82.67 -24.48 17.01
CA ASN A 127 -81.66 -25.52 16.84
C ASN A 127 -80.81 -25.16 15.62
N PRO A 128 -79.68 -24.47 15.82
CA PRO A 128 -78.82 -24.11 14.68
C PRO A 128 -78.33 -25.30 13.98
N PRO A 129 -78.10 -25.24 12.65
CA PRO A 129 -77.60 -26.37 11.89
C PRO A 129 -76.27 -26.83 12.45
N LYS A 130 -76.02 -28.13 12.30
CA LYS A 130 -74.76 -28.71 12.71
C LYS A 130 -73.80 -28.93 11.55
N THR A 131 -74.32 -29.13 10.34
CA THR A 131 -73.51 -29.36 9.16
C THR A 131 -73.79 -28.27 8.14
N TRP A 132 -72.78 -27.94 7.34
CA TRP A 132 -72.98 -26.99 6.25
C TRP A 132 -73.98 -27.51 5.22
N GLU A 133 -74.01 -28.82 5.00
CA GLU A 133 -74.79 -29.36 3.89
C GLU A 133 -76.30 -29.26 4.11
N GLU A 134 -76.75 -29.06 5.36
CA GLU A 134 -78.17 -28.90 5.63
C GLU A 134 -78.60 -27.44 5.54
N ILE A 135 -77.65 -26.52 5.34
CA ILE A 135 -77.99 -25.11 5.21
C ILE A 135 -78.91 -24.87 4.03
N PRO A 136 -78.69 -25.46 2.84
CA PRO A 136 -79.60 -25.18 1.70
C PRO A 136 -81.07 -25.48 1.97
N ALA A 137 -81.39 -26.66 2.49
CA ALA A 137 -82.79 -26.99 2.75
C ALA A 137 -83.35 -26.06 3.81
N LEU A 138 -82.55 -25.79 4.83
CA LEU A 138 -82.95 -24.84 5.86
C LEU A 138 -83.31 -23.51 5.23
N ASP A 139 -82.55 -23.11 4.21
CA ASP A 139 -82.76 -21.82 3.58
C ASP A 139 -84.11 -21.72 2.90
N LYS A 140 -84.38 -22.64 1.97
CA LYS A 140 -85.66 -22.69 1.25
C LYS A 140 -86.85 -22.60 2.19
N GLU A 141 -86.75 -23.21 3.35
CA GLU A 141 -87.94 -23.39 4.11
C GLU A 141 -88.03 -22.53 5.39
N LEU A 142 -87.04 -21.65 5.67
CA LEU A 142 -87.31 -20.30 6.19
C LEU A 142 -87.65 -19.30 5.07
N LYS A 143 -87.09 -19.51 3.87
CA LYS A 143 -87.34 -18.72 2.68
C LYS A 143 -88.84 -18.62 2.41
N ALA A 144 -89.59 -19.66 2.78
CA ALA A 144 -91.05 -19.63 2.73
C ALA A 144 -91.65 -18.59 3.66
N LYS A 145 -91.00 -18.30 4.79
CA LYS A 145 -91.47 -17.25 5.71
C LYS A 145 -90.91 -15.88 5.39
N GLY A 146 -90.22 -15.72 4.25
CA GLY A 146 -89.66 -14.44 3.88
C GLY A 146 -88.37 -14.09 4.58
N LYS A 147 -87.56 -15.08 4.95
CA LYS A 147 -86.32 -14.87 5.68
C LYS A 147 -85.24 -15.75 5.06
N SER A 148 -84.00 -15.57 5.50
CA SER A 148 -82.86 -16.30 4.98
C SER A 148 -82.12 -17.03 6.09
N ALA A 149 -81.38 -18.08 5.70
CA ALA A 149 -80.69 -18.91 6.68
C ALA A 149 -79.35 -18.30 7.12
N LEU A 150 -78.45 -18.04 6.16
CA LEU A 150 -77.09 -17.62 6.48
C LEU A 150 -76.66 -16.47 5.59
N MET A 151 -76.04 -15.46 6.20
CA MET A 151 -75.49 -14.32 5.45
C MET A 151 -74.26 -13.80 6.18
N PHE A 152 -73.10 -13.82 5.52
CA PHE A 152 -71.88 -13.29 6.11
C PHE A 152 -71.02 -12.62 5.04
N ASN A 153 -70.03 -11.86 5.50
CA ASN A 153 -69.17 -11.10 4.60
C ASN A 153 -68.34 -12.03 3.73
N LEU A 154 -68.61 -12.02 2.43
CA LEU A 154 -67.89 -12.83 1.46
C LEU A 154 -66.78 -12.03 0.76
N GLN A 155 -66.53 -10.80 1.19
CA GLN A 155 -65.50 -9.98 0.57
C GLN A 155 -64.15 -10.15 1.23
N GLU A 156 -64.12 -10.58 2.48
CA GLU A 156 -62.87 -10.79 3.19
C GLU A 156 -62.64 -12.27 3.40
N PRO A 157 -61.50 -12.79 2.98
CA PRO A 157 -61.28 -14.25 3.02
C PRO A 157 -61.24 -14.80 4.43
N TYR A 158 -61.15 -13.94 5.45
CA TYR A 158 -61.15 -14.38 6.83
C TYR A 158 -62.45 -15.08 7.19
N PHE A 159 -63.57 -14.62 6.63
CA PHE A 159 -64.88 -15.19 6.93
C PHE A 159 -65.18 -16.43 6.10
N THR A 160 -64.46 -16.64 5.00
CA THR A 160 -64.67 -17.79 4.14
C THR A 160 -63.67 -18.91 4.38
N TRP A 161 -62.49 -18.58 4.89
CA TRP A 161 -61.43 -19.59 5.13
C TRP A 161 -61.97 -20.77 5.94
N PRO A 162 -62.68 -20.60 7.07
CA PRO A 162 -63.08 -21.78 7.87
C PRO A 162 -63.61 -22.93 7.03
N LEU A 163 -64.46 -22.64 6.06
CA LEU A 163 -65.01 -23.68 5.18
C LEU A 163 -63.93 -24.24 4.26
N ILE A 164 -63.04 -23.38 3.78
CA ILE A 164 -62.01 -23.82 2.84
C ILE A 164 -61.06 -24.83 3.48
N ALA A 165 -60.77 -24.68 4.76
CA ALA A 165 -59.80 -25.52 5.43
C ALA A 165 -60.39 -26.84 5.93
N ALA A 166 -61.72 -26.97 5.94
CA ALA A 166 -62.37 -28.13 6.53
C ALA A 166 -61.87 -29.43 5.93
N ASP A 167 -61.92 -29.56 4.60
CA ASP A 167 -61.58 -30.81 3.96
C ASP A 167 -60.09 -31.06 3.81
N GLY A 168 -59.25 -30.06 4.10
CA GLY A 168 -57.80 -30.30 4.06
C GLY A 168 -57.03 -29.17 3.41
N GLY A 169 -57.71 -28.09 3.04
CA GLY A 169 -57.01 -26.92 2.48
C GLY A 169 -56.09 -26.32 3.52
N TYR A 170 -54.79 -26.26 3.27
CA TYR A 170 -53.86 -25.74 4.31
C TYR A 170 -53.15 -24.49 3.78
N ALA A 171 -53.27 -23.36 4.50
CA ALA A 171 -52.62 -22.10 4.06
C ALA A 171 -51.14 -22.36 3.85
N PHE A 172 -50.48 -23.03 4.80
CA PHE A 172 -49.05 -23.38 4.66
C PHE A 172 -48.80 -24.62 5.53
N LYS A 173 -47.63 -25.25 5.41
CA LYS A 173 -47.45 -26.51 6.19
C LYS A 173 -46.49 -26.30 7.36
N TYR A 174 -46.87 -26.78 8.54
CA TYR A 174 -46.04 -26.69 9.74
C TYR A 174 -45.20 -27.96 9.78
N ALA A 175 -43.90 -27.82 9.51
CA ALA A 175 -42.95 -28.92 9.49
C ALA A 175 -41.86 -28.69 10.53
N ALA A 176 -41.87 -29.50 11.59
CA ALA A 176 -40.84 -29.50 12.62
C ALA A 176 -40.44 -28.08 13.04
N GLY A 177 -41.39 -27.38 13.64
CA GLY A 177 -41.14 -26.02 14.07
C GLY A 177 -41.05 -24.98 12.97
N LYS A 178 -41.40 -25.31 11.73
CA LYS A 178 -41.36 -24.37 10.63
C LYS A 178 -42.67 -24.36 9.85
N TYR A 179 -43.02 -23.20 9.32
CA TYR A 179 -44.09 -23.06 8.34
C TYR A 179 -43.42 -23.11 6.98
N ASP A 180 -43.68 -24.17 6.22
CA ASP A 180 -42.98 -24.39 4.91
C ASP A 180 -43.70 -23.68 3.77
N ILE A 181 -43.18 -22.54 3.34
CA ILE A 181 -43.76 -21.76 2.25
C ILE A 181 -43.69 -22.52 0.92
N LYS A 182 -43.07 -23.71 0.91
CA LYS A 182 -43.03 -24.51 -0.31
C LYS A 182 -44.10 -25.60 -0.32
N ASP A 183 -44.82 -25.73 0.80
CA ASP A 183 -45.94 -26.69 0.89
C ASP A 183 -47.20 -25.88 1.14
N VAL A 184 -47.97 -25.61 0.09
CA VAL A 184 -49.20 -24.77 0.21
C VAL A 184 -50.41 -25.62 -0.13
N GLY A 185 -51.55 -25.36 0.51
CA GLY A 185 -52.75 -26.19 0.30
C GLY A 185 -53.98 -25.35 0.02
N VAL A 186 -53.87 -24.43 -0.94
CA VAL A 186 -55.06 -23.64 -1.35
C VAL A 186 -55.59 -24.31 -2.62
N ASP A 187 -54.73 -25.02 -3.34
CA ASP A 187 -55.17 -25.78 -4.49
C ASP A 187 -55.28 -27.26 -4.16
N ASN A 188 -55.19 -27.60 -2.88
CA ASN A 188 -55.41 -28.97 -2.45
C ASN A 188 -56.84 -29.36 -2.75
N ALA A 189 -57.09 -30.67 -2.82
CA ALA A 189 -58.45 -31.14 -3.06
C ALA A 189 -59.38 -30.68 -1.95
N GLY A 190 -58.86 -30.56 -0.73
CA GLY A 190 -59.69 -30.11 0.38
C GLY A 190 -60.17 -28.69 0.23
N ALA A 191 -59.29 -27.78 -0.20
CA ALA A 191 -59.69 -26.40 -0.40
C ALA A 191 -60.77 -26.28 -1.47
N LYS A 192 -60.61 -27.03 -2.56
CA LYS A 192 -61.59 -26.98 -3.65
C LYS A 192 -63.00 -27.27 -3.16
N ALA A 193 -63.14 -28.25 -2.27
CA ALA A 193 -64.45 -28.63 -1.76
C ALA A 193 -65.14 -27.47 -1.06
N GLY A 194 -64.44 -26.82 -0.12
CA GLY A 194 -65.06 -25.73 0.63
C GLY A 194 -65.50 -24.58 -0.26
N LEU A 195 -64.64 -24.15 -1.17
CA LEU A 195 -65.01 -23.05 -2.06
C LEU A 195 -66.09 -23.48 -3.04
N THR A 196 -65.98 -24.70 -3.57
CA THR A 196 -67.02 -25.21 -4.46
C THR A 196 -68.37 -25.19 -3.77
N PHE A 197 -68.42 -25.65 -2.50
CA PHE A 197 -69.66 -25.60 -1.74
C PHE A 197 -70.17 -24.18 -1.60
N LEU A 198 -69.30 -23.26 -1.24
CA LEU A 198 -69.71 -21.84 -1.14
C LEU A 198 -70.31 -21.43 -2.48
N VAL A 199 -69.64 -21.77 -3.57
CA VAL A 199 -70.11 -21.33 -4.92
C VAL A 199 -71.53 -21.87 -5.16
N ASP A 200 -71.77 -23.12 -4.77
CA ASP A 200 -73.12 -23.71 -4.96
C ASP A 200 -74.17 -22.80 -4.32
N LEU A 201 -73.99 -22.47 -3.04
CA LEU A 201 -75.02 -21.66 -2.33
C LEU A 201 -75.16 -20.32 -3.05
N ILE A 202 -74.06 -19.82 -3.60
CA ILE A 202 -74.11 -18.49 -4.27
C ILE A 202 -74.86 -18.66 -5.59
N LYS A 203 -74.84 -19.87 -6.15
CA LYS A 203 -75.49 -20.13 -7.46
C LYS A 203 -76.87 -20.76 -7.24
N ASN A 204 -77.13 -21.31 -6.05
CA ASN A 204 -78.46 -21.90 -5.75
C ASN A 204 -79.33 -20.83 -5.09
N LYS A 205 -79.01 -19.56 -5.32
CA LYS A 205 -79.78 -18.43 -4.73
C LYS A 205 -79.90 -18.61 -3.22
N HIS A 206 -78.85 -19.13 -2.57
CA HIS A 206 -78.86 -19.28 -1.10
C HIS A 206 -77.98 -18.20 -0.47
N MET A 207 -77.07 -17.62 -1.26
CA MET A 207 -76.17 -16.55 -0.76
C MET A 207 -75.92 -15.55 -1.88
N ASN A 208 -75.64 -14.29 -1.52
CA ASN A 208 -75.45 -13.25 -2.53
C ASN A 208 -73.98 -12.88 -2.57
N ALA A 209 -73.44 -12.75 -3.79
CA ALA A 209 -72.02 -12.50 -3.96
C ALA A 209 -71.61 -11.14 -3.41
N ASP A 210 -72.54 -10.17 -3.40
CA ASP A 210 -72.21 -8.82 -2.98
C ASP A 210 -71.93 -8.71 -1.49
N THR A 211 -72.47 -9.63 -0.70
CA THR A 211 -72.62 -9.41 0.72
C THR A 211 -71.27 -9.13 1.39
N ASP A 212 -71.18 -7.96 2.00
CA ASP A 212 -70.02 -7.52 2.76
C ASP A 212 -70.39 -7.48 4.24
N TYR A 213 -69.46 -7.00 5.06
CA TYR A 213 -69.69 -6.93 6.50
C TYR A 213 -70.96 -6.15 6.82
N SER A 214 -71.09 -4.95 6.25
CA SER A 214 -72.24 -4.10 6.58
C SER A 214 -73.55 -4.75 6.18
N ILE A 215 -73.60 -5.38 5.00
CA ILE A 215 -74.84 -5.99 4.52
C ILE A 215 -75.26 -7.14 5.44
N ALA A 216 -74.34 -8.03 5.77
CA ALA A 216 -74.68 -9.16 6.62
C ALA A 216 -75.01 -8.72 8.04
N GLU A 217 -74.29 -7.71 8.55
CA GLU A 217 -74.60 -7.21 9.88
C GLU A 217 -75.99 -6.60 9.94
N HIS A 218 -76.37 -5.81 8.93
CA HIS A 218 -77.69 -5.20 8.93
C HIS A 218 -78.78 -6.26 8.94
N ALA A 219 -78.61 -7.32 8.15
CA ALA A 219 -79.65 -8.34 8.03
C ALA A 219 -79.85 -9.12 9.33
N PHE A 220 -78.76 -9.64 9.91
CA PHE A 220 -78.92 -10.46 11.11
C PHE A 220 -79.44 -9.63 12.27
N ASN A 221 -79.00 -8.38 12.37
CA ASN A 221 -79.39 -7.52 13.50
C ASN A 221 -80.80 -6.98 13.29
N HIS A 222 -81.39 -7.22 12.11
CA HIS A 222 -82.77 -6.85 11.86
C HIS A 222 -83.62 -8.08 11.56
N GLY A 223 -83.12 -9.27 11.90
CA GLY A 223 -83.86 -10.51 11.80
C GLY A 223 -84.19 -11.00 10.41
N GLU A 224 -83.53 -10.48 9.38
CA GLU A 224 -83.80 -10.92 8.02
C GLU A 224 -83.06 -12.21 7.70
N THR A 225 -81.98 -12.48 8.41
CA THR A 225 -81.27 -13.76 8.34
C THR A 225 -81.27 -14.40 9.72
N ALA A 226 -81.15 -15.72 9.73
CA ALA A 226 -81.16 -16.50 10.96
C ALA A 226 -79.75 -16.76 11.49
N MET A 227 -78.72 -16.60 10.65
CA MET A 227 -77.36 -16.91 11.03
C MET A 227 -76.39 -15.93 10.38
N THR A 228 -75.25 -15.76 11.04
CA THR A 228 -74.12 -15.00 10.50
C THR A 228 -72.85 -15.62 11.04
N ILE A 229 -71.73 -15.33 10.37
CA ILE A 229 -70.41 -15.73 10.84
C ILE A 229 -69.64 -14.46 11.18
N ASN A 230 -69.30 -14.27 12.45
CA ASN A 230 -68.59 -13.08 12.86
C ASN A 230 -67.76 -13.37 14.12
N GLY A 231 -67.05 -12.34 14.58
CA GLY A 231 -66.19 -12.45 15.73
C GLY A 231 -66.73 -11.71 16.95
N PRO A 232 -65.98 -11.78 18.06
CA PRO A 232 -66.49 -11.18 19.31
C PRO A 232 -66.79 -9.70 19.20
N TRP A 233 -66.04 -8.98 18.36
CA TRP A 233 -66.28 -7.55 18.20
C TRP A 233 -67.70 -7.26 17.76
N ALA A 234 -68.37 -8.23 17.13
CA ALA A 234 -69.71 -8.01 16.59
C ALA A 234 -70.81 -8.18 17.62
N TRP A 235 -70.54 -8.85 18.74
CA TRP A 235 -71.59 -9.17 19.70
C TRP A 235 -72.31 -7.94 20.21
N SER A 236 -71.57 -6.84 20.41
CA SER A 236 -72.13 -5.63 21.00
C SER A 236 -73.37 -5.13 20.26
N ASN A 237 -73.28 -4.96 18.96
CA ASN A 237 -74.42 -4.35 18.23
C ASN A 237 -75.64 -5.27 18.26
N ILE A 238 -75.44 -6.56 18.03
CA ILE A 238 -76.58 -7.54 18.09
C ILE A 238 -77.24 -7.37 19.45
N ASP A 239 -76.44 -7.20 20.51
CA ASP A 239 -76.98 -7.00 21.88
C ASP A 239 -77.92 -5.80 21.90
N THR A 240 -77.60 -4.74 21.17
CA THR A 240 -78.47 -3.54 21.11
C THR A 240 -79.40 -3.65 19.90
N SER A 241 -79.62 -4.86 19.39
CA SER A 241 -80.50 -5.07 18.21
C SER A 241 -81.82 -5.71 18.67
N ALA A 242 -82.02 -5.84 19.97
CA ALA A 242 -83.27 -6.42 20.51
C ALA A 242 -83.57 -7.74 19.79
N VAL A 243 -82.54 -8.56 19.56
CA VAL A 243 -82.74 -9.87 18.86
C VAL A 243 -82.05 -10.97 19.69
N ASN A 244 -82.83 -11.91 20.24
CA ASN A 244 -82.24 -13.04 21.00
C ASN A 244 -81.29 -13.79 20.08
N TYR A 245 -80.04 -13.99 20.50
CA TYR A 245 -79.05 -14.64 19.59
C TYR A 245 -78.11 -15.55 20.39
N GLY A 246 -77.51 -16.52 19.71
CA GLY A 246 -76.59 -17.45 20.33
C GLY A 246 -75.32 -17.63 19.52
N VAL A 247 -74.22 -17.88 20.23
CA VAL A 247 -72.91 -18.15 19.63
C VAL A 247 -72.59 -19.62 19.83
N THR A 248 -72.27 -20.33 18.73
CA THR A 248 -72.06 -21.77 18.80
C THR A 248 -70.91 -22.20 17.88
N VAL A 249 -70.68 -23.51 17.81
CA VAL A 249 -69.61 -24.06 16.98
C VAL A 249 -69.99 -23.90 15.52
N LEU A 250 -68.97 -23.77 14.67
CA LEU A 250 -69.25 -23.57 13.26
C LEU A 250 -69.77 -24.86 12.64
N PRO A 251 -70.62 -24.78 11.62
CA PRO A 251 -71.14 -25.99 11.00
C PRO A 251 -69.99 -26.83 10.48
N THR A 252 -70.18 -28.14 10.49
CA THR A 252 -69.12 -29.01 10.00
C THR A 252 -69.28 -29.16 8.49
N PHE A 253 -68.19 -29.49 7.82
CA PHE A 253 -68.24 -29.70 6.39
C PHE A 253 -67.69 -31.07 6.06
N LYS A 254 -68.52 -31.87 5.41
CA LYS A 254 -68.20 -33.24 5.00
C LYS A 254 -67.66 -34.04 6.20
N GLY A 255 -68.34 -33.89 7.34
CA GLY A 255 -67.97 -34.57 8.57
C GLY A 255 -66.85 -33.95 9.37
N GLN A 256 -66.02 -33.04 8.76
CA GLN A 256 -64.95 -32.43 9.54
C GLN A 256 -65.35 -31.02 9.96
N PRO A 257 -64.91 -30.54 11.12
CA PRO A 257 -65.36 -29.23 11.60
C PRO A 257 -64.73 -28.05 10.85
N SER A 258 -65.45 -26.94 10.83
CA SER A 258 -64.91 -25.73 10.25
C SER A 258 -63.76 -25.21 11.10
N LYS A 259 -62.63 -24.93 10.43
CA LYS A 259 -61.38 -24.54 11.05
C LYS A 259 -61.11 -23.04 10.88
N PRO A 260 -61.50 -22.21 11.83
CA PRO A 260 -61.22 -20.78 11.73
C PRO A 260 -59.76 -20.46 11.97
N PHE A 261 -59.27 -19.44 11.26
CA PHE A 261 -57.87 -18.98 11.46
C PHE A 261 -57.86 -18.13 12.72
N VAL A 262 -57.06 -18.52 13.69
CA VAL A 262 -57.04 -17.86 14.99
C VAL A 262 -56.07 -16.70 14.94
N GLY A 263 -56.51 -15.54 15.39
CA GLY A 263 -55.67 -14.36 15.43
C GLY A 263 -55.65 -13.77 16.82
N VAL A 264 -54.48 -13.31 17.23
CA VAL A 264 -54.29 -12.71 18.55
C VAL A 264 -54.04 -11.23 18.33
N LEU A 265 -54.99 -10.43 18.78
CA LEU A 265 -54.85 -8.98 18.73
C LEU A 265 -53.64 -8.55 19.54
N SER A 266 -52.78 -7.75 18.93
CA SER A 266 -51.51 -7.38 19.53
C SER A 266 -51.25 -5.90 19.34
N ALA A 267 -50.47 -5.34 20.26
CA ALA A 267 -50.07 -3.94 20.23
C ALA A 267 -48.56 -3.88 19.98
N GLY A 268 -48.17 -3.23 18.89
CA GLY A 268 -46.78 -3.10 18.51
C GLY A 268 -46.32 -1.66 18.67
N ILE A 269 -45.04 -1.49 19.01
CA ILE A 269 -44.46 -0.17 19.22
C ILE A 269 -43.65 0.19 17.98
N ASN A 270 -43.93 1.36 17.41
CA ASN A 270 -43.26 1.80 16.19
C ASN A 270 -41.76 1.91 16.43
N ALA A 271 -40.98 1.26 15.55
CA ALA A 271 -39.53 1.32 15.67
C ALA A 271 -39.00 2.74 15.62
N ALA A 272 -39.74 3.67 15.02
CA ALA A 272 -39.35 5.07 15.00
C ALA A 272 -40.14 5.90 16.01
N SER A 273 -40.50 5.29 17.13
CA SER A 273 -41.27 6.10 18.06
C SER A 273 -40.32 6.78 19.04
N PRO A 274 -40.48 8.09 19.24
CA PRO A 274 -39.71 8.78 20.29
C PRO A 274 -40.22 8.53 21.69
N ASN A 275 -41.36 7.86 21.86
CA ASN A 275 -41.94 7.63 23.18
C ASN A 275 -42.18 6.14 23.35
N LYS A 276 -41.09 5.38 23.51
CA LYS A 276 -41.19 3.92 23.58
C LYS A 276 -41.37 3.47 25.02
N GLU A 277 -40.68 4.13 25.95
CA GLU A 277 -40.87 3.81 27.35
C GLU A 277 -42.30 4.11 27.79
N LEU A 278 -42.87 5.23 27.33
CA LEU A 278 -44.26 5.55 27.64
C LEU A 278 -45.22 4.55 27.00
N ALA A 279 -44.91 4.07 25.79
CA ALA A 279 -45.77 3.11 25.13
C ALA A 279 -45.82 1.80 25.91
N LYS A 280 -44.66 1.30 26.30
CA LYS A 280 -44.56 0.11 27.11
C LYS A 280 -45.19 0.34 28.48
N GLU A 281 -45.08 1.56 29.01
CA GLU A 281 -45.71 1.91 30.28
C GLU A 281 -47.24 1.86 30.16
N PHE A 282 -47.78 2.43 29.08
CA PHE A 282 -49.23 2.43 28.89
C PHE A 282 -49.78 1.03 28.70
N LEU A 283 -49.00 0.15 28.08
CA LEU A 283 -49.54 -1.16 27.75
C LEU A 283 -49.36 -2.12 28.90
N GLU A 284 -48.20 -2.08 29.57
CA GLU A 284 -47.91 -3.05 30.61
C GLU A 284 -48.71 -2.79 31.88
N ASN A 285 -48.94 -1.53 32.23
CA ASN A 285 -49.51 -1.22 33.54
C ASN A 285 -50.83 -0.46 33.45
N TYR A 286 -51.30 -0.13 32.26
CA TYR A 286 -52.62 0.49 32.12
C TYR A 286 -53.61 -0.38 31.35
N LEU A 287 -53.24 -0.82 30.14
CA LEU A 287 -54.19 -1.57 29.32
C LEU A 287 -54.25 -3.04 29.73
N LEU A 288 -53.10 -3.70 29.81
CA LEU A 288 -53.05 -5.12 30.14
C LEU A 288 -53.28 -5.34 31.63
N THR A 289 -54.40 -4.80 32.12
CA THR A 289 -54.82 -4.91 33.51
C THR A 289 -56.29 -5.29 33.50
N ASP A 290 -56.76 -5.89 34.61
CA ASP A 290 -58.17 -6.26 34.69
C ASP A 290 -59.08 -5.07 34.47
N GLU A 291 -58.62 -3.85 34.79
CA GLU A 291 -59.47 -2.67 34.59
C GLU A 291 -59.44 -2.21 33.14
N GLY A 292 -58.26 -2.28 32.52
CA GLY A 292 -58.12 -1.75 31.16
C GLY A 292 -58.83 -2.62 30.13
N LEU A 293 -58.50 -3.91 30.11
CA LEU A 293 -59.15 -4.82 29.17
C LEU A 293 -60.66 -4.82 29.32
N GLU A 294 -61.17 -4.74 30.56
CA GLU A 294 -62.61 -4.67 30.76
C GLU A 294 -63.19 -3.43 30.12
N ALA A 295 -62.52 -2.29 30.29
CA ALA A 295 -63.01 -1.03 29.73
C ALA A 295 -63.17 -1.15 28.22
N VAL A 296 -62.25 -1.87 27.57
CA VAL A 296 -62.35 -2.07 26.13
C VAL A 296 -63.40 -3.13 25.81
N ASN A 297 -63.44 -4.21 26.60
CA ASN A 297 -64.41 -5.27 26.37
C ASN A 297 -65.84 -4.79 26.59
N LYS A 298 -66.01 -3.67 27.28
CA LYS A 298 -67.36 -3.12 27.44
C LYS A 298 -67.76 -2.40 26.17
N ASP A 299 -66.82 -1.68 25.56
CA ASP A 299 -67.14 -0.99 24.31
C ASP A 299 -67.55 -1.98 23.23
N LYS A 300 -66.64 -2.86 22.83
CA LYS A 300 -67.02 -3.90 21.92
C LYS A 300 -66.20 -5.09 22.40
N PRO A 301 -66.81 -6.26 22.57
CA PRO A 301 -66.13 -7.37 23.25
C PRO A 301 -64.85 -7.82 22.55
N LEU A 302 -63.83 -8.08 23.36
CA LEU A 302 -62.60 -8.67 22.85
C LEU A 302 -62.67 -10.18 22.80
N GLY A 303 -63.70 -10.78 23.40
CA GLY A 303 -63.76 -12.23 23.45
C GLY A 303 -62.75 -12.73 24.45
N ALA A 304 -61.97 -13.72 24.04
CA ALA A 304 -60.91 -14.23 24.88
C ALA A 304 -59.78 -13.22 24.94
N VAL A 305 -59.03 -13.25 26.04
CA VAL A 305 -58.01 -12.25 26.34
C VAL A 305 -56.72 -12.99 26.68
N ALA A 306 -55.60 -12.26 26.62
CA ALA A 306 -54.29 -12.84 26.88
C ALA A 306 -53.94 -12.80 28.36
N LEU A 307 -54.51 -11.85 29.11
CA LEU A 307 -54.30 -11.78 30.55
C LEU A 307 -55.05 -12.94 31.21
N LYS A 308 -54.31 -13.87 31.81
CA LYS A 308 -54.93 -15.01 32.47
C LYS A 308 -55.93 -14.58 33.53
N SER A 309 -55.63 -13.46 34.22
CA SER A 309 -56.50 -12.93 35.25
C SER A 309 -57.90 -12.71 34.70
N TYR A 310 -58.01 -11.84 33.70
CA TYR A 310 -59.30 -11.54 33.13
C TYR A 310 -59.88 -12.76 32.41
N GLU A 311 -59.03 -13.52 31.69
CA GLU A 311 -59.51 -14.69 30.96
C GLU A 311 -60.19 -15.71 31.88
N GLU A 312 -59.63 -15.94 33.07
CA GLU A 312 -60.23 -16.87 34.00
C GLU A 312 -61.66 -16.48 34.34
N GLU A 313 -61.97 -15.18 34.31
CA GLU A 313 -63.34 -14.71 34.53
C GLU A 313 -64.19 -14.74 33.25
N LEU A 314 -63.68 -14.27 32.11
CA LEU A 314 -64.53 -14.20 30.91
C LEU A 314 -64.91 -15.57 30.40
N VAL A 315 -64.03 -16.55 30.55
CA VAL A 315 -64.24 -17.91 30.07
C VAL A 315 -65.56 -18.46 30.60
N LYS A 316 -66.07 -17.86 31.67
CA LYS A 316 -67.40 -18.20 32.19
C LYS A 316 -68.52 -17.79 31.24
N ASP A 317 -68.37 -16.68 30.51
CA ASP A 317 -69.37 -16.32 29.50
C ASP A 317 -69.38 -17.34 28.36
N PRO A 318 -70.50 -17.98 28.07
CA PRO A 318 -70.52 -19.05 27.04
C PRO A 318 -70.13 -18.58 25.64
N ARG A 319 -70.30 -17.30 25.31
CA ARG A 319 -69.86 -16.82 23.99
C ARG A 319 -68.35 -16.96 23.85
N VAL A 320 -67.61 -16.59 24.89
CA VAL A 320 -66.15 -16.69 24.87
C VAL A 320 -65.73 -18.16 24.78
N ALA A 321 -66.48 -19.04 25.45
CA ALA A 321 -66.15 -20.46 25.39
C ALA A 321 -66.32 -21.02 23.98
N ALA A 322 -67.41 -20.65 23.30
CA ALA A 322 -67.56 -21.05 21.91
C ALA A 322 -66.42 -20.49 21.06
N THR A 323 -66.05 -19.23 21.31
CA THR A 323 -64.90 -18.64 20.65
C THR A 323 -63.67 -19.53 20.82
N MET A 324 -63.44 -20.00 22.05
CA MET A 324 -62.27 -20.84 22.29
C MET A 324 -62.47 -22.25 21.71
N GLU A 325 -63.70 -22.73 21.65
CA GLU A 325 -63.96 -24.05 21.07
C GLU A 325 -63.63 -24.05 19.57
N ASN A 326 -64.12 -23.03 18.86
CA ASN A 326 -63.79 -22.91 17.44
C ASN A 326 -62.30 -22.62 17.26
N ALA A 327 -61.71 -21.84 18.17
CA ALA A 327 -60.28 -21.53 18.07
C ALA A 327 -59.43 -22.80 18.06
N GLN A 328 -59.70 -23.71 18.99
CA GLN A 328 -58.95 -24.96 19.03
C GLN A 328 -59.37 -25.89 17.91
N LYS A 329 -60.62 -25.75 17.43
CA LYS A 329 -60.99 -26.46 16.23
C LYS A 329 -60.29 -25.89 15.01
N GLY A 330 -59.81 -24.65 15.10
CA GLY A 330 -59.12 -24.01 14.01
C GLY A 330 -57.61 -24.08 14.10
N GLU A 331 -56.97 -23.09 13.50
CA GLU A 331 -55.53 -22.98 13.46
C GLU A 331 -55.14 -21.53 13.65
N ILE A 332 -53.96 -21.36 14.22
CA ILE A 332 -53.52 -20.14 14.83
C ILE A 332 -52.73 -19.46 13.72
N MET A 333 -53.03 -18.20 13.40
CA MET A 333 -52.46 -17.65 12.17
C MET A 333 -50.95 -17.56 12.25
N PRO A 334 -50.22 -17.88 11.16
CA PRO A 334 -48.78 -17.70 11.15
C PRO A 334 -48.47 -16.21 11.01
N ASN A 335 -47.38 -15.75 11.60
CA ASN A 335 -46.96 -14.35 11.52
C ASN A 335 -45.90 -14.14 10.46
N ILE A 336 -45.53 -15.19 9.73
CA ILE A 336 -44.47 -15.13 8.72
C ILE A 336 -44.83 -14.03 7.71
N PRO A 337 -43.84 -13.30 7.15
CA PRO A 337 -44.17 -12.14 6.28
C PRO A 337 -44.93 -12.47 5.00
N GLN A 338 -45.06 -13.73 4.61
CA GLN A 338 -45.79 -14.08 3.39
C GLN A 338 -47.30 -14.05 3.58
N MET A 339 -47.77 -13.65 4.76
CA MET A 339 -49.23 -13.68 5.04
C MET A 339 -49.96 -12.68 4.15
N SER A 340 -49.36 -11.51 3.92
CA SER A 340 -50.03 -10.49 3.11
C SER A 340 -50.29 -10.98 1.70
N ALA A 341 -49.36 -11.75 1.15
CA ALA A 341 -49.58 -12.30 -0.19
C ALA A 341 -50.59 -13.43 -0.14
N PHE A 342 -50.55 -14.21 0.94
CA PHE A 342 -51.54 -15.31 1.11
C PHE A 342 -52.95 -14.72 1.13
N TRP A 343 -53.14 -13.63 1.88
CA TRP A 343 -54.49 -13.09 2.00
C TRP A 343 -54.97 -12.46 0.69
N TYR A 344 -54.09 -11.75 -0.02
CA TYR A 344 -54.49 -11.15 -1.30
C TYR A 344 -54.87 -12.23 -2.31
N ALA A 345 -54.12 -13.34 -2.34
CA ALA A 345 -54.39 -14.39 -3.30
C ALA A 345 -55.74 -15.06 -3.01
N VAL A 346 -55.95 -15.45 -1.75
CA VAL A 346 -57.21 -16.08 -1.38
C VAL A 346 -58.36 -15.10 -1.53
N ARG A 347 -58.12 -13.81 -1.24
CA ARG A 347 -59.15 -12.82 -1.46
C ARG A 347 -59.61 -12.86 -2.92
N THR A 348 -58.68 -12.64 -3.85
CA THR A 348 -59.04 -12.58 -5.26
C THR A 348 -59.71 -13.87 -5.71
N ALA A 349 -59.23 -15.01 -5.21
CA ALA A 349 -59.84 -16.28 -5.56
C ALA A 349 -61.32 -16.30 -5.21
N VAL A 350 -61.67 -15.88 -3.99
CA VAL A 350 -63.05 -15.96 -3.54
C VAL A 350 -63.95 -14.99 -4.30
N ILE A 351 -63.53 -13.73 -4.37
CA ILE A 351 -64.35 -12.72 -5.09
C ILE A 351 -64.57 -13.23 -6.50
N ASN A 352 -63.52 -13.71 -7.15
CA ASN A 352 -63.65 -14.10 -8.58
C ASN A 352 -64.58 -15.31 -8.72
N ALA A 353 -64.35 -16.38 -7.96
CA ALA A 353 -65.16 -17.61 -8.10
C ALA A 353 -66.60 -17.32 -7.67
N ALA A 354 -66.77 -16.54 -6.60
CA ALA A 354 -68.12 -16.13 -6.20
C ALA A 354 -68.75 -15.40 -7.38
N SER A 355 -68.01 -14.46 -7.98
CA SER A 355 -68.54 -13.71 -9.14
C SER A 355 -68.51 -14.58 -10.39
N GLY A 356 -68.00 -15.81 -10.26
CA GLY A 356 -67.89 -16.72 -11.42
C GLY A 356 -66.84 -16.24 -12.40
N ARG A 357 -66.03 -15.25 -11.99
CA ARG A 357 -64.97 -14.70 -12.88
C ARG A 357 -64.00 -15.81 -13.25
N GLN A 358 -63.59 -16.63 -12.28
CA GLN A 358 -62.66 -17.76 -12.56
C GLN A 358 -63.22 -19.05 -11.92
N THR A 359 -63.17 -20.17 -12.65
CA THR A 359 -63.65 -21.46 -12.11
C THR A 359 -62.94 -21.75 -10.78
N VAL A 360 -63.62 -22.39 -9.85
CA VAL A 360 -63.03 -22.69 -8.54
C VAL A 360 -61.59 -23.16 -8.71
N ASP A 361 -61.39 -24.22 -9.50
CA ASP A 361 -60.05 -24.75 -9.68
C ASP A 361 -59.14 -23.70 -10.29
N ALA A 362 -59.62 -22.99 -11.32
CA ALA A 362 -58.80 -22.00 -12.01
C ALA A 362 -58.47 -20.82 -11.11
N ALA A 363 -59.46 -20.25 -10.42
CA ALA A 363 -59.19 -19.14 -9.52
C ALA A 363 -58.28 -19.58 -8.39
N LEU A 364 -58.58 -20.73 -7.78
CA LEU A 364 -57.78 -21.26 -6.71
C LEU A 364 -56.43 -21.78 -7.21
N ALA A 365 -56.35 -22.18 -8.48
CA ALA A 365 -55.06 -22.60 -9.04
C ALA A 365 -54.05 -21.48 -8.98
N ALA A 366 -54.50 -20.26 -9.28
CA ALA A 366 -53.64 -19.09 -9.15
C ALA A 366 -53.20 -18.89 -7.71
N ALA A 367 -54.02 -19.30 -6.74
CA ALA A 367 -53.65 -19.09 -5.35
C ALA A 367 -52.38 -19.84 -4.98
N GLN A 368 -52.16 -21.03 -5.55
CA GLN A 368 -50.85 -21.66 -5.39
C GLN A 368 -49.76 -20.99 -6.19
N THR A 369 -50.09 -20.21 -7.20
CA THR A 369 -49.04 -19.49 -7.86
C THR A 369 -48.79 -18.11 -7.22
N ASN A 370 -49.67 -17.65 -6.33
CA ASN A 370 -49.57 -16.32 -5.74
C ASN A 370 -49.65 -16.33 -4.21
N ALA A 371 -49.47 -17.49 -3.57
CA ALA A 371 -49.66 -17.56 -2.10
C ALA A 371 -48.50 -16.94 -1.35
N ALA A 372 -47.28 -17.32 -1.69
CA ALA A 372 -46.07 -16.89 -0.98
C ALA A 372 -45.54 -15.55 -1.47
N ALA A 373 -45.93 -15.11 -2.67
CA ALA A 373 -45.35 -13.90 -3.22
C ALA A 373 -46.38 -13.13 -4.04
N PHE A 374 -46.30 -11.81 -3.95
CA PHE A 374 -47.09 -10.93 -4.80
C PHE A 374 -46.62 -11.07 -6.24
N LYS A 375 -47.55 -10.90 -7.18
CA LYS A 375 -47.17 -10.93 -8.59
C LYS A 375 -46.10 -9.88 -8.87
N GLU A 376 -46.12 -8.78 -8.11
CA GLU A 376 -45.15 -7.71 -8.29
C GLU A 376 -43.74 -8.10 -7.84
N SER A 377 -43.61 -9.16 -7.06
CA SER A 377 -42.29 -9.64 -6.62
C SER A 377 -41.71 -10.69 -7.56
N GLN A 378 -42.32 -10.88 -8.72
CA GLN A 378 -41.84 -11.85 -9.69
C GLN A 378 -40.85 -11.18 -10.65
N CYS A 379 -39.88 -11.96 -11.12
CA CYS A 379 -38.76 -11.39 -11.88
C CYS A 379 -39.23 -10.59 -13.08
N HIS A 380 -40.32 -10.99 -13.72
CA HIS A 380 -40.75 -10.27 -14.92
C HIS A 380 -41.34 -8.91 -14.57
N HIS A 381 -42.10 -8.81 -13.48
CA HIS A 381 -42.63 -7.50 -13.10
C HIS A 381 -41.50 -6.57 -12.67
N MET A 382 -40.53 -7.08 -11.91
CA MET A 382 -39.45 -6.23 -11.42
C MET A 382 -38.60 -5.69 -12.56
N LEU A 383 -38.50 -6.43 -13.66
CA LEU A 383 -37.75 -5.94 -14.82
C LEU A 383 -38.50 -4.84 -15.54
N LYS A 384 -39.84 -4.90 -15.53
CA LYS A 384 -40.64 -3.87 -16.18
C LYS A 384 -40.79 -2.64 -15.32
N HIS A 385 -40.72 -2.79 -14.00
CA HIS A 385 -40.91 -1.67 -13.08
C HIS A 385 -39.72 -1.63 -12.14
N LEU A 386 -38.70 -0.89 -12.53
CA LEU A 386 -37.46 -0.85 -11.78
C LEU A 386 -37.60 0.12 -10.60
N HIS A 387 -36.65 0.04 -9.67
N HIS A 387 -36.66 0.05 -9.68
CA HIS A 387 -36.65 0.88 -8.47
CA HIS A 387 -36.65 0.88 -8.47
C HIS A 387 -37.89 0.65 -7.62
C HIS A 387 -37.89 0.65 -7.62
N ASN A 388 -38.36 -0.60 -7.58
CA ASN A 388 -39.58 -0.97 -6.86
C ASN A 388 -40.77 -0.14 -7.36
N GLY A 389 -40.83 0.03 -8.67
CA GLY A 389 -41.85 0.85 -9.30
C GLY A 389 -41.88 2.28 -8.81
N ALA A 390 -40.75 2.82 -8.40
CA ALA A 390 -40.74 4.21 -7.96
C ALA A 390 -40.76 5.12 -9.18
N ARG A 391 -41.36 6.31 -9.06
CA ARG A 391 -41.04 7.30 -10.07
C ARG A 391 -39.74 7.97 -9.68
N ILE A 392 -38.88 8.16 -10.66
CA ILE A 392 -37.62 8.84 -10.48
C ILE A 392 -37.61 10.05 -11.41
N THR A 393 -37.31 11.22 -10.84
CA THR A 393 -37.20 12.46 -11.59
C THR A 393 -35.72 12.81 -11.63
N VAL A 394 -35.23 13.07 -12.83
CA VAL A 394 -33.82 13.36 -13.06
C VAL A 394 -33.68 14.87 -13.07
N GLN A 395 -32.70 15.37 -12.32
CA GLN A 395 -32.55 16.81 -12.14
C GLN A 395 -31.69 17.31 -13.29
N MET A 396 -32.33 17.94 -14.27
CA MET A 396 -31.63 18.49 -15.43
C MET A 396 -31.99 19.97 -15.51
N PRO A 397 -31.03 20.87 -15.34
CA PRO A 397 -29.62 20.59 -15.00
C PRO A 397 -29.42 20.28 -13.52
N PRO A 398 -28.46 19.41 -13.23
CA PRO A 398 -28.24 18.99 -11.84
C PRO A 398 -27.78 20.15 -10.95
N THR A 399 -28.10 20.03 -9.67
CA THR A 399 -27.63 21.00 -8.65
C THR A 399 -26.90 20.13 -7.63
N ILE A 400 -25.61 20.37 -7.42
CA ILE A 400 -24.81 19.46 -6.54
C ILE A 400 -24.61 20.09 -5.16
N GLU A 401 -25.14 21.29 -4.95
CA GLU A 401 -24.93 21.99 -3.66
C GLU A 401 -25.54 21.20 -2.51
N GLY A 402 -24.77 21.01 -1.45
CA GLY A 402 -25.26 20.30 -0.27
C GLY A 402 -24.24 19.34 0.28
N HIS A 403 -24.66 18.48 1.20
CA HIS A 403 -23.76 17.45 1.78
C HIS A 403 -24.25 16.09 1.28
N TRP A 404 -23.36 15.37 0.60
CA TRP A 404 -23.71 14.04 0.06
C TRP A 404 -22.87 12.99 0.76
N VAL A 405 -23.52 11.93 1.23
CA VAL A 405 -22.84 10.90 2.02
C VAL A 405 -23.13 9.54 1.43
N SER A 406 -22.26 8.59 1.76
CA SER A 406 -22.44 7.21 1.37
C SER A 406 -23.59 6.58 2.16
N THR A 407 -24.12 5.49 1.63
CA THR A 407 -25.18 4.73 2.27
C THR A 407 -24.69 3.46 2.92
N GLY A 408 -23.39 3.19 2.84
CA GLY A 408 -22.84 1.98 3.40
C GLY A 408 -21.35 1.91 3.15
N CYS A 409 -20.77 0.74 3.43
CA CYS A 409 -19.33 0.51 3.27
C CYS A 409 -19.04 0.19 1.80
N GLU A 410 -18.63 1.20 1.03
CA GLU A 410 -18.35 1.02 -0.38
C GLU A 410 -17.06 0.23 -0.60
N VAL A 411 -16.97 -0.42 -1.76
CA VAL A 411 -15.78 -1.20 -2.14
C VAL A 411 -15.28 -0.69 -3.49
N ARG A 412 -14.12 -0.04 -3.47
CA ARG A 412 -13.41 0.28 -4.70
C ARG A 412 -12.39 -0.81 -5.00
N SER A 413 -11.98 -0.89 -6.27
CA SER A 413 -11.01 -1.89 -6.67
C SER A 413 -9.73 -1.77 -5.86
N GLY A 414 -9.15 -2.92 -5.51
CA GLY A 414 -7.99 -2.95 -4.66
C GLY A 414 -7.82 -4.30 -3.96
N PRO A 415 -8.73 -4.60 -3.01
CA PRO A 415 -9.89 -3.81 -2.61
C PRO A 415 -9.56 -2.59 -1.76
N GLU A 416 -10.45 -1.59 -1.80
CA GLU A 416 -10.38 -0.40 -0.96
C GLU A 416 -11.75 -0.23 -0.33
N PHE A 417 -11.85 -0.48 0.97
CA PHE A 417 -13.12 -0.34 1.68
C PHE A 417 -13.23 1.09 2.19
N MET A 418 -14.33 1.77 1.85
CA MET A 418 -14.36 3.20 2.12
C MET A 418 -15.78 3.74 2.14
N THR A 419 -15.90 4.95 2.68
CA THR A 419 -17.10 5.77 2.63
C THR A 419 -16.71 7.16 2.15
N ARG A 420 -17.71 7.88 1.63
CA ARG A 420 -17.50 9.21 1.06
C ARG A 420 -18.37 10.22 1.81
N SER A 421 -17.84 11.43 1.99
CA SER A 421 -18.60 12.56 2.57
C SER A 421 -18.20 13.82 1.81
N TYR A 422 -19.06 14.26 0.89
CA TYR A 422 -18.74 15.31 -0.07
C TYR A 422 -19.63 16.53 0.15
N ARG A 423 -19.01 17.70 0.31
CA ARG A 423 -19.70 18.97 0.49
C ARG A 423 -19.40 19.89 -0.69
N PHE A 424 -20.44 20.30 -1.41
CA PHE A 424 -20.27 21.25 -2.53
C PHE A 424 -20.94 22.57 -2.11
N TYR A 425 -20.16 23.65 -2.08
CA TYR A 425 -20.69 24.94 -1.59
C TYR A 425 -21.17 25.83 -2.72
N ASN A 426 -21.85 26.93 -2.39
CA ASN A 426 -22.39 27.87 -3.41
C ASN A 426 -21.27 28.66 -4.06
N ASN A 427 -20.14 28.83 -3.38
CA ASN A 427 -19.01 29.54 -4.00
C ASN A 427 -18.33 28.68 -5.07
N ASN A 428 -18.91 27.52 -5.38
CA ASN A 428 -18.36 26.63 -6.43
C ASN A 428 -17.09 25.95 -5.92
N THR A 429 -16.92 25.86 -4.61
CA THR A 429 -15.82 25.14 -4.01
C THR A 429 -16.35 23.87 -3.35
N PHE A 430 -15.44 22.94 -3.06
CA PHE A 430 -15.87 21.66 -2.51
C PHE A 430 -14.83 21.14 -1.52
N LYS A 431 -15.34 20.44 -0.51
CA LYS A 431 -14.52 19.70 0.45
C LYS A 431 -15.03 18.27 0.49
N ALA A 432 -14.18 17.32 0.10
CA ALA A 432 -14.56 15.92 0.02
C ALA A 432 -13.73 15.09 1.00
N TYR A 433 -14.41 14.34 1.85
CA TYR A 433 -13.76 13.36 2.72
C TYR A 433 -13.88 11.98 2.07
N GLN A 434 -12.75 11.31 1.96
CA GLN A 434 -12.71 9.89 1.58
C GLN A 434 -12.13 9.12 2.77
N PHE A 435 -12.99 8.37 3.47
CA PHE A 435 -12.57 7.61 4.63
C PHE A 435 -12.24 6.18 4.22
N TYR A 436 -11.04 5.72 4.56
CA TYR A 436 -10.62 4.37 4.21
C TYR A 436 -10.54 3.51 5.46
N TYR A 437 -10.87 2.22 5.30
CA TYR A 437 -10.96 1.26 6.39
C TYR A 437 -10.22 -0.01 6.02
N GLY A 438 -10.10 -0.90 7.00
CA GLY A 438 -9.32 -2.10 6.78
C GLY A 438 -10.14 -3.33 6.47
N SER A 439 -11.46 -3.24 6.64
CA SER A 439 -12.34 -4.39 6.42
C SER A 439 -13.59 -3.95 5.69
N ASN A 440 -14.33 -4.95 5.19
CA ASN A 440 -15.61 -4.75 4.52
C ASN A 440 -16.71 -4.27 5.46
N ARG A 441 -16.43 -4.14 6.75
CA ARG A 441 -17.43 -3.65 7.71
C ARG A 441 -17.29 -2.17 7.97
N CYS A 442 -16.19 -1.55 7.53
CA CYS A 442 -15.95 -0.13 7.74
C CYS A 442 -16.10 0.24 9.20
N THR A 443 -15.49 -0.59 10.06
CA THR A 443 -15.47 -0.35 11.49
C THR A 443 -14.11 0.09 12.00
N ASN A 444 -13.06 -0.03 11.19
CA ASN A 444 -11.69 0.24 11.62
C ASN A 444 -11.00 1.15 10.63
N PRO A 445 -11.08 2.47 10.84
CA PRO A 445 -10.45 3.42 9.93
C PRO A 445 -8.95 3.20 9.82
N THR A 446 -8.44 3.31 8.59
CA THR A 446 -7.00 3.24 8.37
C THR A 446 -6.47 4.64 8.11
N TYR A 447 -6.85 5.24 6.98
CA TYR A 447 -6.48 6.61 6.68
C TYR A 447 -7.65 7.31 6.00
N THR A 448 -7.59 8.65 6.01
CA THR A 448 -8.62 9.49 5.44
C THR A 448 -7.96 10.47 4.48
N LEU A 449 -8.63 10.72 3.35
CA LEU A 449 -8.17 11.72 2.38
C LEU A 449 -9.11 12.92 2.43
N ILE A 450 -8.53 14.11 2.42
CA ILE A 450 -9.27 15.36 2.41
C ILE A 450 -8.92 16.09 1.13
N ILE A 451 -9.90 16.23 0.25
CA ILE A 451 -9.71 16.78 -1.09
C ILE A 451 -10.47 18.09 -1.18
N ARG A 452 -9.75 19.17 -1.47
N ARG A 452 -9.75 19.17 -1.47
CA ARG A 452 -10.34 20.49 -1.61
CA ARG A 452 -10.33 20.50 -1.61
C ARG A 452 -10.05 21.05 -3.00
C ARG A 452 -10.05 21.05 -3.00
N GLY A 453 -10.97 21.84 -3.52
CA GLY A 453 -10.80 22.45 -4.82
C GLY A 453 -12.10 23.11 -5.28
N LYS A 454 -12.20 23.37 -6.58
CA LYS A 454 -13.35 24.06 -7.15
C LYS A 454 -13.95 23.20 -8.25
N ILE A 455 -15.27 23.34 -8.44
CA ILE A 455 -16.01 22.57 -9.44
C ILE A 455 -17.06 23.47 -10.08
N ARG A 456 -17.24 23.34 -11.38
CA ARG A 456 -18.20 24.13 -12.14
C ARG A 456 -18.92 23.21 -13.12
N LEU A 457 -20.22 23.04 -12.91
CA LEU A 457 -21.03 22.19 -13.78
C LEU A 457 -21.13 22.76 -15.18
N ARG A 458 -21.04 21.89 -16.18
CA ARG A 458 -21.29 22.28 -17.55
C ARG A 458 -22.65 21.78 -18.03
N GLN A 459 -22.69 21.23 -19.23
CA GLN A 459 -23.92 20.83 -19.88
C GLN A 459 -23.98 19.31 -20.08
N ALA A 460 -25.12 18.86 -20.62
CA ALA A 460 -25.36 17.44 -20.80
C ALA A 460 -24.29 16.78 -21.67
N SER A 461 -23.99 15.53 -21.34
CA SER A 461 -23.01 14.77 -22.09
C SER A 461 -23.66 14.16 -23.31
N TRP A 462 -22.95 14.25 -24.45
CA TRP A 462 -23.36 13.51 -25.64
C TRP A 462 -22.77 12.10 -25.67
N ILE A 463 -21.85 11.81 -24.76
CA ILE A 463 -21.24 10.45 -24.73
C ILE A 463 -22.05 9.59 -23.76
N ILE A 464 -22.30 10.11 -22.56
CA ILE A 464 -23.09 9.36 -21.55
C ILE A 464 -24.48 9.98 -21.45
N ARG A 465 -25.47 9.33 -22.06
CA ARG A 465 -26.85 9.85 -22.05
C ARG A 465 -27.36 9.91 -20.62
N GLY A 466 -27.84 11.06 -20.21
CA GLY A 466 -28.31 11.25 -18.85
C GLY A 466 -27.29 11.83 -17.90
N GLY A 467 -26.03 11.97 -18.32
CA GLY A 467 -25.00 12.54 -17.50
C GLY A 467 -24.75 14.00 -17.86
N THR A 468 -24.19 14.73 -16.90
CA THR A 468 -23.78 16.12 -17.10
C THR A 468 -22.27 16.21 -16.91
N GLU A 469 -21.59 16.85 -17.86
N GLU A 469 -21.60 16.88 -17.85
CA GLU A 469 -20.15 17.02 -17.73
CA GLU A 469 -20.17 17.06 -17.73
C GLU A 469 -19.84 18.16 -16.76
C GLU A 469 -19.86 18.15 -16.72
N ALA A 470 -18.66 18.08 -16.14
CA ALA A 470 -18.25 19.08 -15.18
C ALA A 470 -16.74 19.26 -15.26
N ASP A 471 -16.30 20.45 -14.89
CA ASP A 471 -14.89 20.81 -14.79
C ASP A 471 -14.55 21.02 -13.32
N TYR A 472 -13.37 20.58 -12.92
CA TYR A 472 -12.94 20.73 -11.53
C TYR A 472 -11.45 21.07 -11.48
N GLN A 473 -11.05 21.67 -10.37
CA GLN A 473 -9.66 21.96 -10.11
C GLN A 473 -9.33 21.67 -8.66
N LEU A 474 -8.24 20.94 -8.44
CA LEU A 474 -7.78 20.64 -7.09
C LEU A 474 -7.03 21.83 -6.51
N HIS A 475 -7.15 21.98 -5.19
CA HIS A 475 -6.37 23.01 -4.46
C HIS A 475 -5.44 22.27 -3.50
N GLY A 476 -5.84 21.11 -3.01
CA GLY A 476 -5.03 20.39 -2.07
C GLY A 476 -5.54 19.00 -1.74
N VAL A 477 -4.63 18.07 -1.48
CA VAL A 477 -4.98 16.73 -1.04
C VAL A 477 -4.13 16.43 0.19
N GLN A 478 -4.78 16.14 1.31
CA GLN A 478 -4.13 15.80 2.56
C GLN A 478 -4.55 14.41 3.00
N VAL A 479 -3.70 13.79 3.81
CA VAL A 479 -3.97 12.47 4.34
C VAL A 479 -3.75 12.49 5.85
N ILE A 480 -4.63 11.82 6.58
CA ILE A 480 -4.53 11.64 8.03
C ILE A 480 -4.54 10.15 8.32
N CYS A 481 -3.56 9.68 9.09
CA CYS A 481 -3.56 8.29 9.53
C CYS A 481 -4.15 8.17 10.92
N HIS A 482 -5.03 7.17 11.10
CA HIS A 482 -5.78 6.98 12.34
C HIS A 482 -5.23 5.86 13.20
N THR A 483 -4.29 5.08 12.69
CA THR A 483 -3.61 4.12 13.52
C THR A 483 -2.11 4.36 13.40
N GLU A 484 -1.45 3.88 14.44
CA GLU A 484 -0.01 4.02 14.58
C GLU A 484 0.71 3.18 13.53
N ALA A 485 0.16 2.01 13.19
CA ALA A 485 0.71 1.18 12.11
C ALA A 485 0.54 1.83 10.73
N VAL A 486 -0.63 2.42 10.46
CA VAL A 486 -0.89 3.01 9.15
C VAL A 486 0.07 4.17 8.87
N ALA A 487 0.32 5.01 9.88
CA ALA A 487 1.26 6.10 9.71
C ALA A 487 2.63 5.58 9.31
N GLU A 488 3.05 4.46 9.90
CA GLU A 488 4.33 3.85 9.53
C GLU A 488 4.31 3.34 8.10
N GLN A 489 3.29 2.55 7.74
CA GLN A 489 3.26 1.92 6.42
C GLN A 489 3.19 2.96 5.31
N LEU A 490 2.32 3.95 5.46
CA LEU A 490 2.12 4.94 4.41
C LEU A 490 3.35 5.82 4.23
N SER A 491 3.92 6.32 5.32
CA SER A 491 5.14 7.12 5.22
C SER A 491 6.22 6.36 4.46
N ARG A 492 6.34 5.07 4.73
CA ARG A 492 7.29 4.23 4.01
C ARG A 492 6.92 4.11 2.54
N LEU A 493 5.63 3.86 2.26
CA LEU A 493 5.19 3.72 0.87
C LEU A 493 5.40 5.04 0.12
N VAL A 494 5.13 6.16 0.79
CA VAL A 494 5.41 7.46 0.19
C VAL A 494 6.91 7.62 -0.05
N ASN A 495 7.74 7.10 0.86
CA ASN A 495 9.18 7.21 0.70
C ASN A 495 9.66 6.51 -0.57
N ARG A 496 9.27 5.24 -0.74
CA ARG A 496 9.69 4.48 -1.91
C ARG A 496 9.17 5.09 -3.20
N THR A 497 7.91 5.52 -3.19
CA THR A 497 7.27 6.01 -4.40
C THR A 497 7.86 7.34 -4.83
N CYS A 498 8.06 8.27 -3.89
CA CYS A 498 8.63 9.58 -4.19
C CYS A 498 9.80 9.84 -3.24
N PRO A 499 10.96 9.23 -3.50
CA PRO A 499 12.12 9.47 -2.63
C PRO A 499 12.47 10.95 -2.63
N GLY A 500 12.40 11.56 -1.45
CA GLY A 500 12.64 12.98 -1.29
C GLY A 500 11.41 13.75 -0.87
N PHE A 501 10.21 13.17 -1.07
CA PHE A 501 9.00 13.86 -0.64
C PHE A 501 8.98 14.02 0.87
N LEU A 502 9.46 12.99 1.57
CA LEU A 502 9.54 13.10 3.05
C LEU A 502 10.96 13.53 3.41
N ALA A 503 11.08 14.63 4.16
CA ALA A 503 12.40 15.09 4.63
C ALA A 503 12.95 14.09 5.65
N PRO A 504 14.28 14.08 5.92
CA PRO A 504 14.90 13.12 6.84
C PRO A 504 14.32 13.15 8.25
N GLY A 505 14.39 12.00 8.94
CA GLY A 505 13.84 11.94 10.31
C GLY A 505 12.43 12.49 10.35
N GLY A 506 11.60 12.11 9.38
CA GLY A 506 10.21 12.59 9.34
C GLY A 506 9.21 11.45 9.27
N PRO A 507 9.36 10.38 10.07
CA PRO A 507 8.35 9.32 10.08
C PRO A 507 7.00 9.96 10.43
N TRP A 508 5.93 9.64 9.69
CA TRP A 508 4.65 10.27 9.91
C TRP A 508 4.02 9.75 11.20
N VAL A 509 3.24 10.61 11.85
CA VAL A 509 2.52 10.21 13.05
C VAL A 509 1.03 10.27 12.78
N GLN A 510 0.28 9.56 13.61
CA GLN A 510 -1.16 9.45 13.47
C GLN A 510 -1.85 10.75 13.87
N ASP A 511 -3.09 10.89 13.41
CA ASP A 511 -3.95 12.04 13.69
C ASP A 511 -3.34 13.37 13.27
N VAL A 512 -2.40 13.37 12.32
CA VAL A 512 -1.82 14.59 11.79
C VAL A 512 -2.04 14.63 10.29
N ALA A 513 -2.51 15.77 9.79
CA ALA A 513 -2.73 15.93 8.35
C ALA A 513 -1.42 16.25 7.66
N TYR A 514 -1.08 15.49 6.64
CA TYR A 514 0.12 15.71 5.85
C TYR A 514 -0.27 16.01 4.41
N ASP A 515 0.48 16.88 3.77
CA ASP A 515 0.16 17.30 2.42
C ASP A 515 0.66 16.27 1.43
N LEU A 516 -0.25 15.78 0.57
CA LEU A 516 0.10 14.92 -0.55
C LEU A 516 0.08 15.62 -1.89
N TRP A 517 -0.65 16.73 -2.00
CA TRP A 517 -0.73 17.50 -3.26
C TRP A 517 -1.13 18.93 -2.96
N GLN A 518 -0.25 19.89 -3.26
CA GLN A 518 -0.59 21.32 -3.11
C GLN A 518 -0.41 21.98 -4.48
N GLU A 519 -1.31 22.88 -4.85
CA GLU A 519 -1.26 23.50 -6.19
C GLU A 519 -0.16 24.56 -6.26
N GLU A 520 0.45 24.89 -5.11
CA GLU A 520 1.46 25.96 -5.07
C GLU A 520 2.84 25.32 -5.06
N SER A 521 2.91 24.04 -5.43
CA SER A 521 4.20 23.32 -5.40
C SER A 521 4.21 22.29 -6.51
N ASN A 522 5.40 21.85 -6.92
CA ASN A 522 5.50 20.77 -7.93
C ASN A 522 5.75 19.48 -7.17
N HIS A 523 5.87 19.59 -5.85
CA HIS A 523 6.11 18.41 -4.99
C HIS A 523 4.77 17.74 -4.67
N GLU A 524 4.60 16.47 -5.05
CA GLU A 524 3.35 15.76 -4.84
C GLU A 524 3.64 14.27 -4.97
N CYS A 525 2.94 13.47 -4.19
CA CYS A 525 3.06 12.03 -4.30
C CYS A 525 1.68 11.37 -4.29
N THR A 526 0.77 11.86 -5.13
CA THR A 526 -0.53 11.22 -5.20
C THR A 526 -0.44 9.80 -5.75
N LYS A 527 0.61 9.49 -6.51
CA LYS A 527 0.78 8.15 -7.08
C LYS A 527 0.84 7.08 -5.99
N ALA A 528 1.40 7.41 -4.82
CA ALA A 528 1.57 6.42 -3.76
C ALA A 528 0.26 5.73 -3.40
N VAL A 529 -0.83 6.48 -3.33
CA VAL A 529 -2.13 5.91 -3.04
C VAL A 529 -2.98 5.80 -4.30
N ASN A 530 -2.37 6.02 -5.46
CA ASN A 530 -3.03 5.94 -6.76
C ASN A 530 -4.33 6.76 -6.73
N PHE A 531 -4.17 8.04 -6.41
CA PHE A 531 -5.31 8.91 -6.20
C PHE A 531 -5.60 9.70 -7.48
N ALA A 532 -6.89 9.81 -7.79
CA ALA A 532 -7.39 10.70 -8.83
C ALA A 532 -8.79 11.13 -8.43
N MET A 533 -9.22 12.28 -8.94
CA MET A 533 -10.50 12.87 -8.60
C MET A 533 -11.37 13.06 -9.84
N HIS A 534 -11.14 12.27 -10.88
CA HIS A 534 -11.90 12.46 -12.10
C HIS A 534 -13.35 12.03 -11.99
N GLU A 535 -13.78 11.49 -10.85
CA GLU A 535 -15.19 11.20 -10.66
C GLU A 535 -16.04 12.46 -10.75
N LEU A 536 -15.44 13.63 -10.52
CA LEU A 536 -16.18 14.88 -10.52
C LEU A 536 -16.47 15.40 -11.93
N GLN A 537 -16.10 14.69 -12.99
CA GLN A 537 -16.34 15.16 -14.34
C GLN A 537 -17.67 14.70 -14.94
N LEU A 538 -18.36 13.75 -14.30
CA LEU A 538 -19.63 13.22 -14.77
C LEU A 538 -20.61 13.19 -13.61
N ILE A 539 -21.77 13.82 -13.77
CA ILE A 539 -22.69 14.05 -12.66
C ILE A 539 -24.14 13.75 -13.07
N ARG A 540 -24.90 13.14 -12.16
CA ARG A 540 -26.32 12.93 -12.36
C ARG A 540 -27.01 12.87 -11.01
N VAL A 541 -28.15 13.53 -10.91
CA VAL A 541 -28.97 13.58 -9.71
C VAL A 541 -30.34 13.01 -10.03
N GLU A 542 -30.79 12.06 -9.22
CA GLU A 542 -32.10 11.44 -9.36
C GLU A 542 -32.85 11.66 -8.05
N LYS A 543 -34.08 12.13 -8.14
CA LYS A 543 -34.91 12.36 -6.97
C LYS A 543 -36.11 11.42 -6.96
N GLN A 544 -36.50 10.99 -5.77
CA GLN A 544 -37.75 10.26 -5.57
C GLN A 544 -38.50 10.94 -4.44
N TYR A 545 -39.72 11.40 -4.74
CA TYR A 545 -40.53 12.13 -3.72
C TYR A 545 -41.60 11.20 -3.14
N PRO A 546 -41.30 10.43 -2.08
CA PRO A 546 -42.26 9.49 -1.50
C PRO A 546 -43.53 10.21 -1.02
N HIS A 547 -44.70 9.62 -1.29
CA HIS A 547 -45.97 10.29 -0.92
C HIS A 547 -46.04 11.65 -1.61
N HIS A 548 -45.38 11.78 -2.77
CA HIS A 548 -45.43 13.05 -3.55
C HIS A 548 -45.20 14.25 -2.64
N SER A 549 -44.24 14.16 -1.71
CA SER A 549 -43.96 15.26 -0.76
C SER A 549 -42.47 15.62 -0.77
N LEU A 550 -42.16 16.90 -0.57
CA LEU A 550 -40.75 17.37 -0.54
C LEU A 550 -40.08 16.74 0.69
N ASP A 551 -40.84 16.52 1.76
CA ASP A 551 -40.27 15.80 2.92
C ASP A 551 -40.32 14.31 2.59
N HIS A 552 -39.34 13.54 3.05
CA HIS A 552 -39.27 12.09 2.74
C HIS A 552 -38.66 11.96 1.34
N LEU A 553 -38.41 13.09 0.67
CA LEU A 553 -37.75 13.05 -0.65
C LEU A 553 -36.37 12.42 -0.51
N VAL A 554 -36.01 11.53 -1.42
CA VAL A 554 -34.63 10.95 -1.41
C VAL A 554 -33.87 11.48 -2.62
N GLU A 555 -32.77 12.17 -2.37
CA GLU A 555 -31.93 12.74 -3.45
C GLU A 555 -30.66 11.89 -3.59
N GLU A 556 -30.36 11.45 -4.80
CA GLU A 556 -29.22 10.59 -5.06
C GLU A 556 -28.28 11.29 -6.03
N LEU A 557 -27.01 11.39 -5.64
CA LEU A 557 -25.98 11.98 -6.49
C LEU A 557 -25.10 10.87 -7.04
N PHE A 558 -25.05 10.76 -8.36
CA PHE A 558 -24.24 9.76 -9.05
C PHE A 558 -23.01 10.45 -9.62
N LEU A 559 -21.82 10.01 -9.21
CA LEU A 559 -20.56 10.52 -9.71
C LEU A 559 -19.85 9.47 -10.56
N GLY A 560 -18.76 9.89 -11.20
CA GLY A 560 -18.09 9.03 -12.15
C GLY A 560 -17.53 7.78 -11.50
N ASP A 561 -17.43 6.71 -12.29
CA ASP A 561 -16.97 5.42 -11.81
C ASP A 561 -15.44 5.43 -11.66
N ILE A 562 -14.96 4.50 -10.84
CA ILE A 562 -13.53 4.35 -10.54
C ILE A 562 -12.97 3.21 -11.38
N HIS A 563 -11.79 3.43 -11.95
CA HIS A 563 -11.16 2.38 -12.74
C HIS A 563 -10.82 1.17 -11.86
N THR A 564 -11.05 -0.02 -12.41
CA THR A 564 -10.75 -1.24 -11.67
C THR A 564 -9.25 -1.49 -11.50
N ASP A 565 -8.41 -0.83 -12.30
CA ASP A 565 -6.96 -0.90 -12.14
C ASP A 565 -6.49 0.44 -11.59
N ALA A 566 -5.95 0.42 -10.36
CA ALA A 566 -5.59 1.64 -9.67
C ALA A 566 -4.57 2.47 -10.44
N THR A 567 -3.65 1.82 -11.16
CA THR A 567 -2.63 2.56 -11.90
C THR A 567 -3.18 3.31 -13.10
N GLN A 568 -4.42 3.06 -13.49
CA GLN A 568 -5.02 3.70 -14.65
C GLN A 568 -5.96 4.84 -14.28
N ARG A 569 -6.16 5.09 -12.98
CA ARG A 569 -7.16 6.08 -12.56
C ARG A 569 -6.75 7.50 -12.93
N VAL A 570 -5.44 7.78 -13.00
CA VAL A 570 -5.02 9.13 -13.32
C VAL A 570 -5.49 9.54 -14.72
N PHE A 571 -5.56 8.58 -15.66
CA PHE A 571 -5.95 8.89 -17.01
C PHE A 571 -7.40 8.52 -17.30
N TYR A 572 -8.07 7.87 -16.37
CA TYR A 572 -9.34 7.21 -16.67
C TYR A 572 -10.45 8.24 -16.63
N ARG A 573 -11.25 8.22 -17.62
CA ARG A 573 -12.01 9.36 -17.94
C ARG A 573 -13.43 8.83 -17.89
N PRO A 574 -14.13 8.97 -16.75
CA PRO A 574 -15.40 8.28 -16.50
C PRO A 574 -16.42 8.03 -17.62
N SER A 575 -16.96 6.81 -17.66
CA SER A 575 -17.97 6.41 -18.68
C SER A 575 -19.18 5.80 -17.96
N SER A 576 -19.09 5.62 -16.65
CA SER A 576 -20.20 5.03 -15.87
C SER A 576 -20.26 5.72 -14.50
N TYR A 577 -21.04 5.18 -13.57
CA TYR A 577 -21.21 5.84 -12.29
C TYR A 577 -20.78 4.95 -11.13
N GLN A 578 -20.34 5.63 -10.07
CA GLN A 578 -20.13 5.04 -8.77
C GLN A 578 -21.50 4.75 -8.19
N PRO A 579 -21.60 3.95 -7.13
CA PRO A 579 -22.84 3.83 -6.41
C PRO A 579 -23.31 5.25 -5.93
N PRO A 580 -24.60 5.42 -5.84
CA PRO A 580 -25.08 6.79 -5.53
C PRO A 580 -24.80 7.20 -4.09
N LEU A 581 -24.60 8.50 -3.93
CA LEU A 581 -24.57 9.14 -2.63
C LEU A 581 -25.96 9.68 -2.35
N GLN A 582 -26.31 9.80 -1.09
CA GLN A 582 -27.60 10.37 -0.72
C GLN A 582 -27.37 11.69 -0.02
N ASN A 583 -28.32 12.61 -0.17
CA ASN A 583 -28.19 13.95 0.44
C ASN A 583 -28.38 13.85 1.94
N ALA A 584 -27.46 14.45 2.69
CA ALA A 584 -27.53 14.39 4.13
C ALA A 584 -28.81 15.03 4.66
N LYS A 585 -29.41 15.95 3.91
CA LYS A 585 -30.67 16.56 4.33
C LYS A 585 -31.90 15.81 3.83
N ASN A 586 -31.76 14.95 2.79
CA ASN A 586 -32.89 14.28 2.15
C ASN A 586 -32.50 12.84 1.81
N HIS A 587 -32.51 11.97 2.81
CA HIS A 587 -32.13 10.58 2.63
C HIS A 587 -33.20 9.66 3.21
N ASN A 588 -33.05 8.37 2.89
CA ASN A 588 -33.94 7.35 3.42
C ASN A 588 -33.83 7.25 4.94
N HIS A 589 -34.97 7.15 5.62
CA HIS A 589 -34.96 7.06 7.08
C HIS A 589 -34.22 5.83 7.57
N ALA A 590 -34.18 4.76 6.77
CA ALA A 590 -33.48 3.56 7.17
C ALA A 590 -31.97 3.65 7.02
N CYS A 591 -31.46 4.67 6.32
CA CYS A 591 -30.02 4.77 6.15
C CYS A 591 -29.36 5.27 7.43
N ILE A 592 -28.92 4.33 8.28
CA ILE A 592 -28.22 4.71 9.50
C ILE A 592 -26.82 5.21 9.16
N ALA A 593 -26.19 4.60 8.16
CA ALA A 593 -24.84 5.00 7.77
C ALA A 593 -24.80 6.46 7.31
N CYS A 594 -25.87 6.92 6.65
CA CYS A 594 -25.90 8.32 6.21
C CYS A 594 -25.67 9.27 7.38
N ARG A 595 -26.36 9.03 8.50
CA ARG A 595 -26.26 9.94 9.63
C ARG A 595 -24.90 9.86 10.30
N ILE A 596 -24.38 8.64 10.49
CA ILE A 596 -23.06 8.48 11.10
C ILE A 596 -22.00 9.17 10.26
N ILE A 597 -22.10 9.05 8.93
CA ILE A 597 -21.12 9.67 8.05
C ILE A 597 -21.28 11.18 8.08
N PHE A 598 -22.52 11.66 8.15
CA PHE A 598 -22.76 13.10 8.18
C PHE A 598 -22.10 13.75 9.39
N ARG A 599 -22.16 13.09 10.55
CA ARG A 599 -21.64 13.64 11.80
C ARG A 599 -20.18 13.28 12.04
N SER A 600 -19.34 13.29 11.01
CA SER A 600 -17.97 12.81 11.10
C SER A 600 -17.03 13.81 10.43
N ASP A 601 -15.75 13.70 10.73
CA ASP A 601 -14.76 14.58 10.10
C ASP A 601 -13.41 13.86 10.01
N GLU A 602 -12.43 14.59 9.47
CA GLU A 602 -11.13 14.00 9.19
C GLU A 602 -10.45 13.45 10.45
N HIS A 603 -10.75 14.02 11.61
CA HIS A 603 -10.19 13.56 12.86
C HIS A 603 -11.11 12.62 13.64
N HIS A 604 -12.36 12.45 13.21
CA HIS A 604 -13.31 11.54 13.87
C HIS A 604 -14.06 10.73 12.82
N PRO A 605 -13.40 9.71 12.25
CA PRO A 605 -14.01 9.01 11.10
C PRO A 605 -15.24 8.29 11.45
N PRO A 606 -16.17 8.04 10.50
CA PRO A 606 -17.44 7.40 10.79
C PRO A 606 -17.28 5.90 10.98
N ILE A 607 -17.85 5.40 12.07
CA ILE A 607 -17.82 3.98 12.43
C ILE A 607 -19.16 3.37 12.03
N LEU A 608 -19.16 2.51 11.03
CA LEU A 608 -20.42 2.00 10.52
C LEU A 608 -20.95 0.86 11.41
N PRO A 609 -22.27 0.69 11.48
CA PRO A 609 -22.84 -0.34 12.34
C PRO A 609 -22.32 -1.71 11.93
N PRO A 610 -22.08 -2.60 12.90
CA PRO A 610 -21.59 -3.94 12.55
C PRO A 610 -22.71 -4.80 12.00
N LYS A 611 -22.47 -5.38 10.83
CA LYS A 611 -23.37 -6.36 10.25
C LYS A 611 -22.53 -7.60 9.98
N ALA A 612 -23.15 -8.77 10.14
CA ALA A 612 -22.42 -10.01 10.02
C ALA A 612 -22.36 -10.44 8.56
N ASP A 613 -21.23 -10.98 8.15
CA ASP A 613 -21.09 -11.50 6.80
C ASP A 613 -22.07 -12.65 6.60
N LEU A 614 -22.79 -12.62 5.47
CA LEU A 614 -23.75 -13.68 5.17
C LEU A 614 -23.09 -14.77 4.34
N THR A 615 -23.68 -15.96 4.41
CA THR A 615 -23.17 -17.11 3.62
C THR A 615 -23.87 -17.11 2.26
N ILE A 616 -23.13 -17.38 1.20
CA ILE A 616 -23.73 -17.26 -0.17
C ILE A 616 -24.73 -18.37 -0.43
N GLY A 617 -25.95 -18.00 -0.83
CA GLY A 617 -26.98 -18.98 -1.22
C GLY A 617 -27.49 -18.62 -2.60
N LEU A 618 -26.78 -19.03 -3.65
CA LEU A 618 -27.13 -18.62 -5.03
C LEU A 618 -28.50 -19.16 -5.45
N HIS A 619 -28.96 -20.25 -4.85
CA HIS A 619 -30.21 -20.87 -5.36
C HIS A 619 -31.31 -19.85 -5.57
N GLY A 620 -31.89 -19.81 -6.77
CA GLY A 620 -33.02 -18.91 -7.02
C GLY A 620 -32.85 -18.01 -8.23
N GLU A 621 -33.73 -17.02 -8.35
CA GLU A 621 -33.67 -16.07 -9.45
C GLU A 621 -33.40 -14.68 -8.90
N TRP A 622 -32.60 -13.91 -9.64
CA TRP A 622 -32.21 -12.54 -9.22
C TRP A 622 -32.35 -11.58 -10.39
N VAL A 623 -32.79 -10.35 -10.12
CA VAL A 623 -32.93 -9.34 -11.16
C VAL A 623 -32.33 -8.02 -10.70
N SER A 624 -32.04 -7.16 -11.67
CA SER A 624 -31.54 -5.82 -11.41
C SER A 624 -32.58 -4.99 -10.67
N GLN A 625 -32.09 -4.04 -9.86
CA GLN A 625 -32.94 -3.09 -9.16
C GLN A 625 -33.08 -1.78 -9.90
N ARG A 626 -32.20 -1.50 -10.86
CA ARG A 626 -32.13 -0.22 -11.54
C ARG A 626 -31.62 -0.47 -12.94
N CYS A 627 -31.83 0.52 -13.81
CA CYS A 627 -31.17 0.53 -15.10
C CYS A 627 -29.68 0.73 -14.85
N GLU A 628 -28.93 -0.35 -15.03
CA GLU A 628 -27.49 -0.31 -14.70
C GLU A 628 -26.70 0.36 -15.81
N VAL A 629 -25.63 1.04 -15.43
CA VAL A 629 -24.74 1.69 -16.42
C VAL A 629 -23.36 1.05 -16.28
N ARG A 630 -22.91 0.35 -17.31
CA ARG A 630 -21.58 -0.31 -17.27
C ARG A 630 -20.55 0.52 -18.02
N PRO A 631 -19.26 0.45 -17.63
CA PRO A 631 -18.22 1.18 -18.32
C PRO A 631 -18.37 1.02 -19.84
N GLU A 632 -18.10 2.08 -20.59
CA GLU A 632 -18.27 2.10 -22.06
C GLU A 632 -19.73 2.49 -22.34
N VAL A 633 -20.34 3.26 -21.44
CA VAL A 633 -21.74 3.74 -21.60
C VAL A 633 -22.61 2.59 -22.09
N LEU A 634 -22.83 1.61 -21.23
CA LEU A 634 -23.67 0.46 -21.60
C LEU A 634 -24.84 0.35 -20.62
N PHE A 635 -26.05 0.63 -21.09
CA PHE A 635 -27.26 0.52 -20.23
C PHE A 635 -27.81 -0.91 -20.32
N LEU A 636 -28.12 -1.47 -19.16
CA LEU A 636 -28.55 -2.89 -19.17
C LEU A 636 -29.20 -3.32 -17.88
N THR A 637 -30.02 -4.34 -17.96
CA THR A 637 -30.56 -5.02 -16.80
C THR A 637 -30.19 -6.50 -16.91
N ARG A 638 -30.28 -7.17 -15.77
CA ARG A 638 -29.81 -8.58 -15.73
C ARG A 638 -30.80 -9.48 -15.01
N HIS A 639 -30.95 -10.70 -15.49
CA HIS A 639 -31.76 -11.72 -14.86
C HIS A 639 -30.95 -13.02 -14.79
N PHE A 640 -30.74 -13.48 -13.57
CA PHE A 640 -29.91 -14.69 -13.34
C PHE A 640 -30.71 -15.80 -12.67
N ILE A 641 -30.53 -17.03 -13.14
CA ILE A 641 -31.17 -18.21 -12.56
C ILE A 641 -30.08 -19.19 -12.15
N PHE A 642 -30.02 -19.51 -10.86
CA PHE A 642 -29.01 -20.41 -10.30
C PHE A 642 -29.67 -21.70 -9.86
N HIS A 643 -29.19 -22.83 -10.38
CA HIS A 643 -29.62 -24.16 -9.96
C HIS A 643 -28.53 -24.75 -9.08
N ASP A 644 -28.76 -24.74 -7.77
CA ASP A 644 -27.77 -25.34 -6.84
C ASP A 644 -27.92 -26.86 -6.84
N ASN A 645 -28.97 -27.38 -7.47
CA ASN A 645 -29.13 -28.83 -7.54
C ASN A 645 -28.01 -29.45 -8.38
N ASN A 646 -27.73 -28.87 -9.55
CA ASN A 646 -26.67 -29.38 -10.41
C ASN A 646 -25.60 -28.34 -10.70
N ASN A 647 -25.54 -27.28 -9.90
CA ASN A 647 -24.57 -26.19 -10.08
C ASN A 647 -24.52 -25.71 -11.52
N THR A 648 -25.70 -25.40 -12.07
CA THR A 648 -25.83 -24.81 -13.40
C THR A 648 -26.48 -23.44 -13.27
N TRP A 649 -26.20 -22.61 -14.27
CA TRP A 649 -26.66 -21.21 -14.23
C TRP A 649 -27.09 -20.70 -15.60
N GLU A 650 -28.12 -19.87 -15.62
CA GLU A 650 -28.56 -19.19 -16.84
C GLU A 650 -28.65 -17.69 -16.58
N GLY A 651 -28.23 -16.91 -17.57
CA GLY A 651 -28.25 -15.45 -17.43
C GLY A 651 -28.82 -14.71 -18.61
N HIS A 652 -29.66 -13.72 -18.35
CA HIS A 652 -30.21 -12.84 -19.37
C HIS A 652 -29.65 -11.43 -19.16
N TYR A 653 -29.07 -10.90 -20.23
CA TYR A 653 -28.53 -9.53 -20.21
C TYR A 653 -29.32 -8.69 -21.22
N TYR A 654 -30.19 -7.81 -20.75
CA TYR A 654 -31.02 -7.00 -21.62
C TYR A 654 -30.37 -5.62 -21.78
N HIS A 655 -29.99 -5.30 -23.01
CA HIS A 655 -29.25 -4.05 -23.28
C HIS A 655 -30.19 -3.01 -23.88
N TYR A 656 -29.98 -1.76 -23.49
CA TYR A 656 -30.84 -0.65 -23.94
C TYR A 656 -29.95 0.54 -24.31
N SER A 657 -30.53 1.53 -24.99
CA SER A 657 -29.81 2.72 -25.41
C SER A 657 -30.04 3.92 -24.50
N ASP A 658 -30.98 3.83 -23.56
CA ASP A 658 -31.39 4.96 -22.74
C ASP A 658 -31.13 4.70 -21.26
N PRO A 659 -30.85 5.75 -20.47
CA PRO A 659 -30.60 5.56 -19.04
C PRO A 659 -31.81 5.06 -18.24
N VAL A 660 -32.98 4.94 -18.86
CA VAL A 660 -34.16 4.42 -18.16
C VAL A 660 -34.56 3.05 -18.68
N CYS A 661 -33.79 2.46 -19.59
CA CYS A 661 -33.98 1.07 -20.02
C CYS A 661 -35.38 0.86 -20.61
N LYS A 662 -35.75 1.70 -21.57
CA LYS A 662 -37.01 1.57 -22.28
C LYS A 662 -36.86 1.36 -23.78
N HIS A 663 -35.68 1.56 -24.35
CA HIS A 663 -35.44 1.39 -25.78
C HIS A 663 -34.44 0.24 -25.96
N PRO A 664 -34.92 -0.99 -26.14
CA PRO A 664 -34.01 -2.12 -26.22
C PRO A 664 -33.16 -2.08 -27.47
N THR A 665 -31.94 -2.61 -27.35
CA THR A 665 -31.01 -2.72 -28.46
C THR A 665 -30.65 -4.16 -28.78
N PHE A 666 -30.21 -4.93 -27.79
CA PHE A 666 -29.91 -6.34 -28.01
C PHE A 666 -29.98 -7.07 -26.68
N THR A 667 -30.17 -8.38 -26.76
CA THR A 667 -30.33 -9.23 -25.58
C THR A 667 -29.44 -10.46 -25.71
N ILE A 668 -28.73 -10.77 -24.63
CA ILE A 668 -27.79 -11.93 -24.63
C ILE A 668 -28.28 -12.98 -23.64
N TYR A 669 -28.32 -14.24 -24.07
CA TYR A 669 -28.67 -15.35 -23.16
C TYR A 669 -27.46 -16.24 -23.00
N ALA A 670 -27.12 -16.56 -21.76
CA ALA A 670 -25.96 -17.41 -21.50
C ALA A 670 -26.35 -18.49 -20.51
N ARG A 671 -25.69 -19.63 -20.61
CA ARG A 671 -26.00 -20.76 -19.70
C ARG A 671 -24.69 -21.49 -19.44
N GLY A 672 -24.61 -22.12 -18.29
CA GLY A 672 -23.42 -22.90 -18.00
C GLY A 672 -23.38 -23.55 -16.64
N ARG A 673 -22.16 -23.78 -16.14
CA ARG A 673 -21.93 -24.45 -14.87
C ARG A 673 -21.02 -23.57 -14.02
N TYR A 674 -21.20 -23.67 -12.70
CA TYR A 674 -20.35 -22.95 -11.76
C TYR A 674 -19.91 -23.88 -10.64
N SER A 675 -18.75 -23.54 -10.11
CA SER A 675 -18.19 -24.30 -8.97
C SER A 675 -18.16 -23.41 -7.75
N ARG A 676 -18.86 -23.78 -6.70
CA ARG A 676 -18.75 -22.98 -5.45
C ARG A 676 -17.28 -23.01 -5.06
N GLY A 677 -16.80 -21.92 -4.50
CA GLY A 677 -15.37 -21.86 -4.23
C GLY A 677 -15.05 -21.50 -2.81
N VAL A 678 -13.87 -20.93 -2.62
CA VAL A 678 -13.41 -20.62 -1.25
C VAL A 678 -13.67 -19.18 -0.89
N LEU A 679 -13.88 -18.91 0.40
CA LEU A 679 -13.93 -17.55 0.89
C LEU A 679 -12.69 -16.83 0.41
N SER A 680 -12.85 -15.57 0.06
CA SER A 680 -11.72 -14.82 -0.45
C SER A 680 -10.85 -14.34 0.71
N SER A 681 -9.54 -14.46 0.55
CA SER A 681 -8.61 -13.78 1.43
C SER A 681 -8.21 -12.42 0.89
N LYS A 682 -8.35 -12.21 -0.43
CA LYS A 682 -8.01 -10.91 -1.00
C LYS A 682 -9.10 -9.89 -0.71
N VAL A 683 -10.37 -10.30 -0.77
CA VAL A 683 -11.51 -9.40 -0.63
C VAL A 683 -12.34 -9.91 0.55
N MET A 684 -12.11 -9.34 1.74
CA MET A 684 -12.88 -9.74 2.92
C MET A 684 -14.36 -9.59 2.66
N GLY A 685 -15.12 -10.65 2.98
CA GLY A 685 -16.55 -10.66 2.79
C GLY A 685 -16.98 -11.24 1.46
N GLY A 686 -16.05 -11.54 0.57
CA GLY A 686 -16.36 -12.07 -0.75
C GLY A 686 -16.04 -13.55 -0.84
N THR A 687 -16.79 -14.25 -1.69
CA THR A 687 -16.56 -15.66 -1.97
C THR A 687 -16.18 -15.84 -3.44
N GLU A 688 -15.15 -16.63 -3.68
CA GLU A 688 -14.65 -16.84 -5.04
C GLU A 688 -15.44 -17.94 -5.73
N PHE A 689 -15.61 -17.79 -7.04
CA PHE A 689 -16.33 -18.73 -7.88
C PHE A 689 -15.65 -18.80 -9.24
N VAL A 690 -15.93 -19.91 -9.94
CA VAL A 690 -15.45 -20.07 -11.34
C VAL A 690 -16.70 -20.44 -12.14
N PHE A 691 -16.95 -19.66 -13.20
CA PHE A 691 -18.16 -19.88 -14.01
C PHE A 691 -17.74 -20.24 -15.44
N LYS A 692 -18.43 -21.23 -16.02
CA LYS A 692 -18.14 -21.62 -17.41
C LYS A 692 -19.33 -21.21 -18.27
N VAL A 693 -19.06 -20.46 -19.34
CA VAL A 693 -20.16 -20.13 -20.28
C VAL A 693 -20.09 -21.13 -21.41
N ASN A 694 -21.07 -22.02 -21.48
CA ASN A 694 -21.10 -23.06 -22.50
C ASN A 694 -21.95 -22.70 -23.69
N HIS A 695 -23.04 -21.99 -23.44
CA HIS A 695 -23.98 -21.65 -24.53
C HIS A 695 -24.29 -20.16 -24.50
N MET A 696 -24.42 -19.55 -25.68
CA MET A 696 -24.78 -18.11 -25.76
C MET A 696 -25.69 -17.87 -26.95
N LYS A 697 -26.80 -17.17 -26.73
CA LYS A 697 -27.75 -16.80 -27.76
C LYS A 697 -27.87 -15.29 -27.78
N VAL A 698 -28.00 -14.71 -28.97
CA VAL A 698 -28.14 -13.26 -29.13
C VAL A 698 -29.46 -12.96 -29.82
N THR A 699 -30.18 -11.98 -29.31
CA THR A 699 -31.41 -11.51 -29.94
C THR A 699 -31.28 -10.03 -30.30
N PRO A 700 -31.18 -9.69 -31.58
CA PRO A 700 -31.19 -8.28 -31.96
C PRO A 700 -32.56 -7.69 -31.68
N MET A 701 -32.57 -6.47 -31.17
CA MET A 701 -33.84 -5.82 -30.84
C MET A 701 -34.09 -4.57 -31.66
N ASP A 702 -33.18 -4.20 -32.56
CA ASP A 702 -33.41 -3.09 -33.45
C ASP A 702 -32.74 -3.38 -34.78
N ALA A 703 -33.17 -2.67 -35.82
CA ALA A 703 -32.63 -2.92 -37.17
C ALA A 703 -31.13 -2.67 -37.22
N ALA A 704 -30.63 -1.71 -36.44
CA ALA A 704 -29.20 -1.40 -36.49
C ALA A 704 -28.35 -2.58 -36.02
N THR A 705 -28.77 -3.26 -34.97
CA THR A 705 -28.02 -4.42 -34.48
C THR A 705 -28.11 -5.58 -35.46
N ALA A 706 -29.31 -5.85 -35.99
CA ALA A 706 -29.45 -6.94 -36.95
C ALA A 706 -28.57 -6.69 -38.18
N SER A 707 -28.54 -5.44 -38.65
CA SER A 707 -27.76 -5.10 -39.83
C SER A 707 -26.28 -5.34 -39.59
N LEU A 708 -25.77 -4.88 -38.44
CA LEU A 708 -24.36 -5.04 -38.15
C LEU A 708 -23.99 -6.51 -38.03
N LEU A 709 -24.84 -7.29 -37.36
CA LEU A 709 -24.60 -8.73 -37.24
C LEU A 709 -24.60 -9.40 -38.62
N ASN A 710 -25.53 -9.03 -39.50
CA ASN A 710 -25.56 -9.64 -40.82
C ASN A 710 -24.35 -9.24 -41.64
N VAL A 711 -23.79 -8.05 -41.41
CA VAL A 711 -22.65 -7.59 -42.20
C VAL A 711 -21.36 -8.26 -41.73
N PHE A 712 -21.20 -8.40 -40.43
CA PHE A 712 -20.02 -9.02 -39.84
C PHE A 712 -20.28 -10.47 -39.45
N SER A 713 -20.92 -11.21 -40.35
CA SER A 713 -21.08 -12.64 -40.16
C SER A 713 -20.78 -13.40 -41.45
N GLY A 721 -28.53 -18.87 -41.46
CA GLY A 721 -28.81 -18.18 -40.22
C GLY A 721 -28.76 -16.66 -40.30
N SER A 722 -29.68 -16.03 -41.03
CA SER A 722 -29.67 -14.57 -41.13
C SER A 722 -30.38 -13.93 -39.93
N TRP A 723 -29.76 -12.89 -39.38
CA TRP A 723 -30.24 -12.19 -38.19
C TRP A 723 -31.42 -11.26 -38.49
N GLN A 724 -32.44 -11.29 -37.63
CA GLN A 724 -33.58 -10.38 -37.76
C GLN A 724 -34.06 -9.96 -36.38
N VAL A 725 -34.78 -8.82 -36.35
CA VAL A 725 -35.24 -8.25 -35.09
C VAL A 725 -36.19 -9.20 -34.39
N GLY A 726 -35.90 -9.48 -33.12
CA GLY A 726 -36.75 -10.31 -32.29
C GLY A 726 -36.51 -11.80 -32.36
N ILE A 727 -35.59 -12.27 -33.19
CA ILE A 727 -35.34 -13.70 -33.33
C ILE A 727 -34.05 -14.05 -32.60
N GLN A 728 -34.16 -14.95 -31.63
CA GLN A 728 -33.01 -15.44 -30.89
C GLN A 728 -32.23 -16.44 -31.72
N GLN A 729 -30.91 -16.24 -31.78
CA GLN A 729 -30.03 -17.11 -32.55
C GLN A 729 -28.87 -17.56 -31.68
N ASP A 730 -28.64 -18.86 -31.64
CA ASP A 730 -27.45 -19.37 -30.99
C ASP A 730 -26.25 -18.89 -31.80
N VAL A 731 -25.15 -18.56 -31.13
CA VAL A 731 -24.00 -18.05 -31.88
C VAL A 731 -23.02 -19.16 -32.22
N THR A 732 -23.17 -20.33 -31.62
CA THR A 732 -22.40 -21.51 -31.96
C THR A 732 -23.16 -22.32 -33.01
N HIS A 733 -22.66 -22.33 -34.24
CA HIS A 733 -23.23 -23.19 -35.26
C HIS A 733 -22.43 -24.49 -35.30
N THR A 734 -22.49 -25.22 -36.41
CA THR A 734 -21.68 -26.42 -36.60
C THR A 734 -20.80 -26.18 -37.83
N ASN A 735 -19.61 -25.66 -37.57
CA ASN A 735 -18.74 -25.05 -38.58
C ASN A 735 -19.53 -24.18 -39.53
N ALA A 739 -19.74 -16.54 -34.81
CA ALA A 739 -20.37 -15.24 -35.03
C ALA A 739 -19.58 -14.15 -34.32
N LEU A 740 -19.32 -13.05 -35.03
CA LEU A 740 -18.60 -11.88 -34.52
C LEU A 740 -17.26 -12.23 -33.85
N GLY A 741 -16.81 -13.47 -34.00
CA GLY A 741 -15.53 -13.88 -33.44
C GLY A 741 -15.54 -14.34 -32.01
N ILE A 742 -16.73 -14.59 -31.42
CA ILE A 742 -16.80 -15.01 -30.03
C ILE A 742 -16.22 -16.43 -29.89
N LYS A 743 -15.72 -16.72 -28.69
CA LYS A 743 -15.01 -17.96 -28.39
C LYS A 743 -15.66 -18.64 -27.19
N LEU A 744 -16.52 -19.62 -27.47
CA LEU A 744 -17.18 -20.45 -26.48
C LEU A 744 -16.62 -21.87 -26.57
N PRO A 745 -16.30 -22.52 -25.45
CA PRO A 745 -16.47 -22.17 -24.03
C PRO A 745 -15.56 -21.05 -23.57
N HIS A 746 -16.04 -20.33 -22.55
CA HIS A 746 -15.28 -19.22 -21.95
C HIS A 746 -15.33 -19.37 -20.44
N THR A 747 -14.21 -19.21 -19.77
CA THR A 747 -14.11 -19.40 -18.33
C THR A 747 -13.96 -18.05 -17.63
N GLU A 748 -14.71 -17.89 -16.55
CA GLU A 748 -14.71 -16.60 -15.81
C GLU A 748 -14.48 -16.82 -14.32
N TYR A 749 -13.55 -16.08 -13.74
CA TYR A 749 -13.23 -16.17 -12.33
C TYR A 749 -13.96 -15.05 -11.59
N GLU A 750 -14.92 -15.47 -10.77
CA GLU A 750 -15.83 -14.49 -10.17
C GLU A 750 -15.72 -14.31 -8.67
N ILE A 751 -16.24 -13.20 -8.19
CA ILE A 751 -16.29 -12.86 -6.77
C ILE A 751 -17.74 -12.51 -6.46
N PHE A 752 -18.23 -13.06 -5.35
CA PHE A 752 -19.64 -12.85 -5.00
C PHE A 752 -19.83 -12.58 -3.51
N LYS A 753 -20.85 -11.80 -3.18
CA LYS A 753 -21.23 -11.55 -1.80
C LYS A 753 -22.75 -11.38 -1.75
N MET A 754 -23.33 -11.75 -0.61
CA MET A 754 -24.78 -11.63 -0.42
C MET A 754 -25.06 -10.82 0.85
N GLU A 755 -25.98 -9.87 0.77
CA GLU A 755 -26.33 -9.00 1.88
C GLU A 755 -27.85 -8.92 2.00
N GLN A 756 -28.31 -8.18 3.00
CA GLN A 756 -29.75 -7.97 3.21
C GLN A 756 -30.02 -6.49 3.33
N ASP A 757 -31.06 -6.02 2.65
CA ASP A 757 -31.41 -4.62 2.68
C ASP A 757 -32.24 -4.34 3.94
N THR A 758 -32.81 -3.15 4.05
CA THR A 758 -33.50 -2.80 5.28
C THR A 758 -34.82 -3.54 5.45
N ARG A 759 -35.50 -3.92 4.35
CA ARG A 759 -36.76 -4.64 4.65
C ARG A 759 -36.51 -6.14 4.50
N GLY A 760 -35.26 -6.57 4.74
CA GLY A 760 -34.89 -7.98 4.71
C GLY A 760 -34.85 -8.68 3.37
N ARG A 761 -34.80 -7.97 2.25
CA ARG A 761 -34.65 -8.62 0.96
C ARG A 761 -33.17 -8.88 0.70
N TYR A 762 -32.88 -10.00 0.05
CA TYR A 762 -31.51 -10.43 -0.18
C TYR A 762 -30.96 -9.81 -1.46
N LEU A 763 -29.70 -9.39 -1.40
CA LEU A 763 -29.03 -8.72 -2.50
C LEU A 763 -27.81 -9.54 -2.93
N LEU A 764 -27.71 -9.79 -4.24
CA LEU A 764 -26.58 -10.57 -4.80
C LEU A 764 -25.63 -9.64 -5.55
N PHE A 765 -24.38 -9.58 -5.11
CA PHE A 765 -23.35 -8.77 -5.75
C PHE A 765 -22.38 -9.69 -6.47
N ASN A 766 -22.12 -9.34 -7.73
CA ASN A 766 -21.15 -10.10 -8.54
C ASN A 766 -19.99 -9.16 -8.86
N GLY A 767 -18.92 -9.71 -9.40
CA GLY A 767 -17.71 -8.91 -9.66
C GLY A 767 -17.86 -7.76 -10.60
N GLN A 768 -17.25 -6.64 -10.25
CA GLN A 768 -17.25 -5.51 -11.16
C GLN A 768 -16.53 -5.90 -12.45
N ARG A 769 -17.12 -5.54 -13.57
CA ARG A 769 -16.51 -5.90 -14.88
C ARG A 769 -15.31 -4.98 -15.12
N PRO A 770 -14.15 -5.54 -15.54
CA PRO A 770 -12.97 -4.72 -15.83
C PRO A 770 -13.32 -3.48 -16.64
N SER A 771 -12.81 -2.33 -16.17
CA SER A 771 -13.18 -1.04 -16.75
C SER A 771 -12.75 -0.91 -18.21
N ASP A 772 -11.79 -1.71 -18.66
CA ASP A 772 -11.30 -1.64 -20.03
C ASP A 772 -12.16 -2.42 -21.01
N GLY A 773 -13.14 -3.17 -20.51
CA GLY A 773 -14.01 -3.98 -21.34
C GLY A 773 -13.58 -5.43 -21.48
N SER A 774 -12.40 -5.78 -20.97
CA SER A 774 -11.88 -7.14 -21.05
C SER A 774 -12.60 -8.05 -20.07
N SER A 775 -12.24 -9.34 -20.10
CA SER A 775 -12.90 -10.35 -19.29
C SER A 775 -12.00 -10.85 -18.16
N PRO A 776 -12.58 -11.23 -17.02
CA PRO A 776 -11.79 -11.91 -15.96
C PRO A 776 -11.51 -13.37 -16.30
N ASP A 777 -10.73 -13.59 -17.36
CA ASP A 777 -10.53 -14.94 -17.88
C ASP A 777 -9.34 -15.67 -17.24
N ARG A 778 -8.67 -15.06 -16.28
CA ARG A 778 -7.58 -15.68 -15.56
C ARG A 778 -7.76 -15.41 -14.07
N PRO A 779 -7.33 -16.35 -13.20
CA PRO A 779 -7.53 -16.15 -11.77
C PRO A 779 -6.94 -14.85 -11.25
N GLU A 780 -5.87 -14.35 -11.83
CA GLU A 780 -5.28 -13.10 -11.37
C GLU A 780 -6.09 -11.89 -11.81
N LYS A 781 -7.04 -12.07 -12.73
CA LYS A 781 -7.93 -11.00 -13.18
C LYS A 781 -9.27 -10.97 -12.45
N ARG A 782 -9.47 -11.81 -11.44
CA ARG A 782 -10.71 -11.77 -10.67
C ARG A 782 -10.88 -10.37 -10.08
N ALA A 783 -12.13 -9.96 -9.93
CA ALA A 783 -12.39 -8.61 -9.47
C ALA A 783 -12.06 -8.46 -7.99
N THR A 784 -11.80 -7.21 -7.58
CA THR A 784 -11.67 -6.87 -6.17
C THR A 784 -12.74 -5.87 -5.75
N SER A 785 -13.80 -5.77 -6.55
CA SER A 785 -14.92 -4.86 -6.30
C SER A 785 -16.15 -5.47 -6.96
N TYR A 786 -17.30 -4.85 -6.73
CA TYR A 786 -18.56 -5.46 -7.15
C TYR A 786 -19.37 -4.53 -8.04
N GLN A 787 -20.32 -5.15 -8.71
CA GLN A 787 -21.28 -4.39 -9.51
C GLN A 787 -22.43 -3.99 -8.58
N MET A 788 -23.39 -3.24 -9.07
CA MET A 788 -24.55 -2.87 -8.28
C MET A 788 -25.38 -4.13 -7.99
N PRO A 789 -26.00 -4.22 -6.82
CA PRO A 789 -26.58 -5.50 -6.42
C PRO A 789 -27.83 -5.86 -7.22
N LEU A 790 -28.02 -7.18 -7.31
CA LEU A 790 -29.26 -7.72 -7.91
C LEU A 790 -30.12 -8.11 -6.72
N VAL A 791 -31.43 -8.15 -6.89
CA VAL A 791 -32.36 -8.46 -5.82
C VAL A 791 -33.06 -9.79 -6.13
N GLN A 792 -33.45 -10.48 -5.07
CA GLN A 792 -34.10 -11.79 -5.24
C GLN A 792 -35.53 -11.60 -5.74
N CYS A 793 -35.92 -12.43 -6.70
CA CYS A 793 -37.26 -12.36 -7.27
C CYS A 793 -37.84 -13.76 -7.42
N ALA A 794 -39.16 -13.82 -7.56
CA ALA A 794 -39.93 -15.06 -7.68
C ALA A 794 -40.21 -15.39 -9.14
N SER A 795 -40.29 -16.68 -9.43
CA SER A 795 -40.57 -17.14 -10.78
C SER A 795 -42.07 -17.23 -11.05
N GLY B 8 -6.67 -33.61 29.36
CA GLY B 8 -7.34 -34.15 30.52
C GLY B 8 -8.86 -34.18 30.40
N LYS B 9 -9.35 -34.21 29.17
CA LYS B 9 -10.79 -34.24 28.90
C LYS B 9 -11.03 -35.25 27.79
N LEU B 10 -12.30 -35.55 27.55
CA LEU B 10 -12.69 -36.56 26.56
C LEU B 10 -13.77 -36.02 25.66
N VAL B 11 -13.47 -35.92 24.37
CA VAL B 11 -14.42 -35.50 23.34
C VAL B 11 -14.83 -36.70 22.51
N ILE B 12 -16.14 -36.91 22.37
CA ILE B 12 -16.70 -38.05 21.68
C ILE B 12 -17.60 -37.56 20.55
N TRP B 13 -17.49 -38.21 19.39
CA TRP B 13 -18.33 -37.92 18.23
C TRP B 13 -19.19 -39.13 17.92
N ILE B 14 -20.51 -38.93 17.86
CA ILE B 14 -21.46 -39.99 17.57
C ILE B 14 -22.51 -39.44 16.61
N ASN B 15 -23.01 -40.30 15.73
CA ASN B 15 -23.98 -39.86 14.74
C ASN B 15 -25.27 -39.42 15.42
N GLY B 16 -25.90 -38.40 14.85
CA GLY B 16 -27.09 -37.75 15.37
C GLY B 16 -28.36 -38.56 15.22
N ASP B 17 -28.22 -39.86 14.99
CA ASP B 17 -29.34 -40.77 14.90
C ASP B 17 -29.37 -41.86 15.98
N LYS B 18 -28.32 -41.95 16.79
CA LYS B 18 -28.20 -42.89 17.89
C LYS B 18 -28.53 -42.17 19.20
N GLY B 19 -28.42 -42.89 20.32
CA GLY B 19 -28.74 -42.27 21.59
C GLY B 19 -27.58 -41.43 22.10
N TYR B 20 -27.47 -40.19 21.61
CA TYR B 20 -26.34 -39.34 21.97
C TYR B 20 -26.47 -38.75 23.37
N ASN B 21 -27.44 -37.85 23.58
CA ASN B 21 -27.59 -37.23 24.89
C ASN B 21 -27.87 -38.27 25.96
N GLY B 22 -28.52 -39.37 25.60
CA GLY B 22 -28.68 -40.44 26.57
C GLY B 22 -27.36 -41.00 27.05
N LEU B 23 -26.46 -41.34 26.12
CA LEU B 23 -25.13 -41.79 26.50
C LEU B 23 -24.42 -40.74 27.32
N ALA B 24 -24.74 -39.46 27.13
CA ALA B 24 -24.14 -38.44 27.98
C ALA B 24 -24.36 -38.77 29.45
N GLU B 25 -25.39 -39.57 29.77
CA GLU B 25 -25.55 -40.03 31.14
C GLU B 25 -24.45 -41.03 31.51
N VAL B 26 -24.08 -41.92 30.60
CA VAL B 26 -22.91 -42.77 30.84
C VAL B 26 -21.68 -41.91 30.94
N GLY B 27 -21.70 -40.72 30.33
CA GLY B 27 -20.61 -39.78 30.46
C GLY B 27 -20.53 -39.06 31.79
N LYS B 28 -21.66 -38.66 32.38
CA LYS B 28 -21.64 -38.04 33.70
C LYS B 28 -21.05 -38.96 34.74
N LYS B 29 -21.36 -40.25 34.64
CA LYS B 29 -20.83 -41.22 35.58
C LYS B 29 -19.30 -41.26 35.52
N PHE B 30 -18.74 -40.94 34.36
CA PHE B 30 -17.27 -40.86 34.25
C PHE B 30 -16.78 -39.76 35.19
N GLU B 31 -17.31 -38.55 35.02
CA GLU B 31 -16.90 -37.41 35.85
C GLU B 31 -16.94 -37.76 37.32
N LYS B 32 -17.85 -38.67 37.69
CA LYS B 32 -18.05 -39.03 39.08
C LYS B 32 -16.90 -39.87 39.64
N ASP B 33 -16.55 -40.97 38.96
CA ASP B 33 -15.53 -41.87 39.51
C ASP B 33 -14.11 -41.36 39.28
N THR B 34 -13.87 -40.66 38.18
CA THR B 34 -12.53 -40.23 37.82
C THR B 34 -12.41 -38.74 37.57
N GLY B 35 -13.52 -38.00 37.50
CA GLY B 35 -13.44 -36.57 37.33
C GLY B 35 -13.16 -36.07 35.92
N ILE B 36 -13.21 -36.94 34.91
CA ILE B 36 -12.96 -36.51 33.53
C ILE B 36 -14.26 -36.02 32.91
N LYS B 37 -14.27 -34.76 32.49
CA LYS B 37 -15.41 -34.17 31.80
C LYS B 37 -15.56 -34.80 30.42
N VAL B 38 -16.80 -35.05 30.01
CA VAL B 38 -17.11 -35.71 28.76
C VAL B 38 -17.94 -34.80 27.87
N THR B 39 -17.60 -34.76 26.58
CA THR B 39 -18.29 -33.94 25.60
C THR B 39 -18.96 -34.86 24.59
N VAL B 40 -20.27 -34.70 24.41
CA VAL B 40 -21.05 -35.50 23.47
C VAL B 40 -21.47 -34.58 22.33
N GLU B 41 -21.05 -34.91 21.12
CA GLU B 41 -21.37 -34.13 19.94
C GLU B 41 -21.90 -35.03 18.83
N HIS B 42 -22.85 -34.52 18.06
CA HIS B 42 -23.38 -35.21 16.90
C HIS B 42 -23.23 -34.33 15.66
N PRO B 43 -21.99 -34.07 15.23
CA PRO B 43 -21.83 -33.23 14.03
C PRO B 43 -22.31 -33.98 12.81
N ASP B 44 -23.24 -33.37 12.06
CA ASP B 44 -23.72 -34.00 10.84
C ASP B 44 -22.62 -34.02 9.78
N LYS B 45 -22.61 -35.12 9.01
CA LYS B 45 -21.51 -35.46 8.11
C LYS B 45 -20.18 -35.62 8.83
N LEU B 46 -20.21 -36.25 10.01
CA LEU B 46 -18.99 -36.43 10.80
C LEU B 46 -18.01 -37.42 10.17
N GLU B 47 -18.52 -38.44 9.48
CA GLU B 47 -17.67 -39.49 8.93
C GLU B 47 -16.65 -38.97 7.93
N GLU B 48 -16.87 -37.77 7.38
CA GLU B 48 -15.91 -37.16 6.48
C GLU B 48 -15.13 -36.00 7.08
N LYS B 49 -15.66 -35.34 8.12
CA LYS B 49 -14.92 -34.24 8.73
C LYS B 49 -13.74 -34.76 9.54
N PHE B 50 -13.97 -35.76 10.39
CA PHE B 50 -12.93 -36.28 11.27
C PHE B 50 -11.71 -36.79 10.49
N PRO B 51 -11.86 -37.56 9.40
CA PRO B 51 -10.67 -38.06 8.69
C PRO B 51 -9.68 -36.98 8.35
N GLN B 52 -10.16 -35.78 8.00
CA GLN B 52 -9.30 -34.63 7.78
C GLN B 52 -9.00 -33.93 9.09
N VAL B 53 -10.01 -33.79 9.94
CA VAL B 53 -9.82 -33.08 11.21
C VAL B 53 -8.76 -33.79 12.05
N ALA B 54 -8.74 -35.12 12.02
CA ALA B 54 -7.72 -35.85 12.75
C ALA B 54 -6.36 -35.75 12.09
N ALA B 55 -6.33 -35.74 10.74
CA ALA B 55 -5.07 -35.64 10.03
C ALA B 55 -4.34 -34.37 10.42
N THR B 56 -5.08 -33.34 10.84
CA THR B 56 -4.43 -32.11 11.26
C THR B 56 -3.93 -32.26 12.70
N GLY B 57 -4.65 -33.07 13.49
CA GLY B 57 -4.40 -33.24 14.91
C GLY B 57 -5.38 -32.58 15.86
N ASP B 58 -6.51 -32.08 15.35
CA ASP B 58 -7.56 -31.49 16.16
C ASP B 58 -8.81 -32.38 16.20
N GLY B 59 -8.66 -33.68 16.07
CA GLY B 59 -9.82 -34.53 16.04
C GLY B 59 -10.36 -34.83 17.41
N PRO B 60 -11.54 -35.43 17.45
CA PRO B 60 -12.11 -35.89 18.72
C PRO B 60 -11.42 -37.16 19.20
N ASP B 61 -11.64 -37.48 20.47
CA ASP B 61 -11.00 -38.65 21.06
C ASP B 61 -11.66 -39.97 20.64
N ILE B 62 -12.99 -40.03 20.65
CA ILE B 62 -13.72 -41.25 20.32
C ILE B 62 -14.69 -40.97 19.18
N ILE B 63 -14.72 -41.86 18.20
CA ILE B 63 -15.60 -41.76 17.06
C ILE B 63 -16.54 -42.96 17.07
N PHE B 64 -17.84 -42.70 17.03
CA PHE B 64 -18.82 -43.78 16.96
C PHE B 64 -19.36 -43.81 15.54
N TRP B 65 -19.11 -44.92 14.84
CA TRP B 65 -19.57 -45.15 13.48
C TRP B 65 -19.34 -46.61 13.16
N ALA B 66 -19.91 -47.06 12.05
CA ALA B 66 -19.73 -48.43 11.57
C ALA B 66 -18.30 -48.68 11.11
N HIS B 67 -17.92 -49.96 11.10
CA HIS B 67 -16.56 -50.41 10.80
C HIS B 67 -16.14 -50.17 9.37
N ASP B 68 -17.09 -49.99 8.45
CA ASP B 68 -16.73 -49.91 7.03
C ASP B 68 -15.80 -48.73 6.76
N ARG B 69 -15.98 -47.67 7.52
CA ARG B 69 -15.29 -46.42 7.29
C ARG B 69 -14.01 -46.35 8.09
N PHE B 70 -13.75 -47.40 8.87
CA PHE B 70 -12.64 -47.46 9.82
C PHE B 70 -11.35 -48.01 9.25
N GLY B 71 -11.41 -49.06 8.43
CA GLY B 71 -10.20 -49.61 7.87
C GLY B 71 -9.38 -48.56 7.15
N GLY B 72 -10.05 -47.69 6.40
CA GLY B 72 -9.36 -46.58 5.77
C GLY B 72 -8.79 -45.62 6.78
N TYR B 73 -9.50 -45.39 7.88
CA TYR B 73 -8.96 -44.57 8.95
C TYR B 73 -7.65 -45.15 9.49
N ALA B 74 -7.52 -46.49 9.55
CA ALA B 74 -6.36 -47.12 10.18
C ALA B 74 -5.06 -47.00 9.35
N GLN B 75 -5.09 -47.36 8.06
CA GLN B 75 -4.17 -46.80 7.05
C GLN B 75 -3.91 -45.29 7.12
N SER B 76 -4.90 -44.43 7.30
CA SER B 76 -4.38 -43.08 7.49
C SER B 76 -3.73 -42.89 8.86
N GLY B 77 -3.73 -43.93 9.68
CA GLY B 77 -3.09 -43.90 10.98
C GLY B 77 -3.85 -43.09 11.99
N LEU B 78 -5.14 -42.89 11.78
CA LEU B 78 -5.94 -42.05 12.65
C LEU B 78 -6.50 -42.82 13.82
N LEU B 79 -6.44 -44.15 13.78
CA LEU B 79 -6.91 -45.01 14.85
C LEU B 79 -5.70 -45.67 15.51
N ALA B 80 -5.73 -45.77 16.83
CA ALA B 80 -4.68 -46.43 17.60
C ALA B 80 -5.04 -47.88 17.85
N GLU B 81 -4.04 -48.76 17.85
CA GLU B 81 -4.29 -50.17 18.16
C GLU B 81 -4.73 -50.35 19.61
N ILE B 82 -5.82 -51.09 19.78
CA ILE B 82 -6.43 -51.41 21.06
C ILE B 82 -5.98 -52.78 21.57
N THR B 83 -5.65 -52.84 22.86
CA THR B 83 -5.12 -54.08 23.49
C THR B 83 -6.11 -54.63 24.51
N PRO B 84 -6.94 -55.64 24.17
CA PRO B 84 -7.85 -56.28 25.12
C PRO B 84 -7.36 -57.61 25.72
N ALA B 85 -7.83 -57.95 26.91
CA ALA B 85 -7.58 -59.25 27.49
C ALA B 85 -8.40 -60.32 26.77
N ALA B 86 -7.90 -61.56 26.77
CA ALA B 86 -8.64 -62.67 26.19
C ALA B 86 -10.05 -62.74 26.74
N ALA B 87 -10.25 -62.24 27.97
CA ALA B 87 -11.59 -62.11 28.52
C ALA B 87 -12.45 -61.26 27.60
N PHE B 88 -11.92 -60.15 27.11
CA PHE B 88 -12.70 -59.37 26.18
C PHE B 88 -13.10 -60.21 24.99
N GLN B 89 -12.16 -60.99 24.46
CA GLN B 89 -12.49 -61.88 23.38
C GLN B 89 -13.69 -62.75 23.75
N ASP B 90 -13.77 -63.17 25.02
CA ASP B 90 -14.95 -63.87 25.51
C ASP B 90 -16.14 -62.95 25.82
N LYS B 91 -15.96 -61.72 26.26
CA LYS B 91 -17.15 -60.95 26.55
C LYS B 91 -17.97 -60.50 25.34
N LEU B 92 -17.33 -60.14 24.25
CA LEU B 92 -18.10 -59.79 23.06
C LEU B 92 -18.02 -60.97 22.10
N TYR B 93 -18.83 -60.94 21.07
CA TYR B 93 -18.94 -62.03 20.11
C TYR B 93 -17.76 -62.09 19.13
N PRO B 94 -17.42 -63.28 18.64
CA PRO B 94 -16.26 -63.42 17.73
C PRO B 94 -16.31 -62.56 16.48
N PHE B 95 -17.48 -62.42 15.85
CA PHE B 95 -17.53 -61.76 14.54
C PHE B 95 -17.14 -60.30 14.62
N THR B 96 -17.56 -59.59 15.66
CA THR B 96 -17.26 -58.18 15.76
C THR B 96 -15.76 -57.92 15.90
N TRP B 97 -15.02 -58.83 16.54
CA TRP B 97 -13.57 -58.67 16.60
C TRP B 97 -12.98 -58.76 15.21
N ASP B 98 -13.55 -59.64 14.37
CA ASP B 98 -13.06 -59.77 13.02
C ASP B 98 -13.27 -58.46 12.26
N ALA B 99 -14.29 -57.70 12.66
CA ALA B 99 -14.58 -56.44 11.99
C ALA B 99 -13.54 -55.36 12.31
N VAL B 100 -13.01 -55.33 13.52
CA VAL B 100 -12.05 -54.31 13.87
C VAL B 100 -10.64 -54.81 13.61
N ARG B 101 -10.52 -55.94 12.90
CA ARG B 101 -9.21 -56.51 12.67
C ARG B 101 -8.79 -56.00 11.29
N TYR B 102 -8.04 -54.90 11.32
CA TYR B 102 -7.51 -54.26 10.13
C TYR B 102 -5.99 -54.31 10.20
N ASN B 103 -5.37 -54.64 9.08
CA ASN B 103 -3.94 -54.96 9.03
C ASN B 103 -3.62 -56.06 10.05
N GLY B 104 -4.55 -56.99 10.21
CA GLY B 104 -4.42 -58.08 11.17
C GLY B 104 -4.49 -57.66 12.61
N LYS B 105 -4.43 -56.36 12.90
CA LYS B 105 -4.45 -55.81 14.24
C LYS B 105 -5.81 -55.16 14.51
N LEU B 106 -6.21 -55.16 15.78
CA LEU B 106 -7.45 -54.52 16.19
C LEU B 106 -7.34 -53.01 16.14
N ILE B 107 -8.38 -52.35 15.61
CA ILE B 107 -8.32 -50.91 15.38
C ILE B 107 -9.44 -50.10 16.03
N ALA B 108 -10.44 -50.75 16.63
CA ALA B 108 -11.54 -50.00 17.23
C ALA B 108 -12.32 -50.90 18.19
N TYR B 109 -13.30 -50.29 18.88
CA TYR B 109 -14.10 -50.99 19.88
C TYR B 109 -15.38 -51.53 19.29
N PRO B 110 -15.59 -52.84 19.36
CA PRO B 110 -16.85 -53.43 18.90
C PRO B 110 -17.97 -53.08 19.86
N ILE B 111 -19.08 -52.54 19.33
CA ILE B 111 -20.16 -52.14 20.21
C ILE B 111 -21.45 -52.88 19.89
N ALA B 112 -22.01 -52.65 18.71
CA ALA B 112 -23.31 -53.18 18.37
C ALA B 112 -23.31 -53.71 16.94
N VAL B 113 -24.24 -54.64 16.69
CA VAL B 113 -24.42 -55.24 15.37
C VAL B 113 -25.69 -54.65 14.78
N GLU B 114 -25.54 -53.98 13.63
CA GLU B 114 -26.65 -53.23 13.04
C GLU B 114 -27.05 -53.91 11.74
N ALA B 115 -28.36 -54.06 11.54
CA ALA B 115 -28.89 -54.62 10.32
C ALA B 115 -30.28 -54.06 10.07
N LEU B 116 -30.63 -53.92 8.80
CA LEU B 116 -31.91 -53.35 8.42
C LEU B 116 -33.00 -54.41 8.51
N SER B 117 -34.22 -53.96 8.81
CA SER B 117 -35.36 -54.86 8.91
C SER B 117 -36.59 -54.18 8.33
N LEU B 118 -37.61 -54.98 8.04
CA LEU B 118 -38.90 -54.47 7.59
C LEU B 118 -39.74 -54.09 8.81
N ILE B 119 -40.20 -52.84 8.84
CA ILE B 119 -41.04 -52.32 9.91
C ILE B 119 -42.42 -52.02 9.33
N TYR B 120 -43.46 -52.62 9.93
CA TYR B 120 -44.84 -52.48 9.38
C TYR B 120 -45.85 -52.09 10.46
N ASN B 121 -47.07 -51.77 10.04
CA ASN B 121 -48.17 -51.42 10.99
C ASN B 121 -49.14 -52.59 11.06
N LYS B 122 -49.27 -53.21 12.23
CA LYS B 122 -50.11 -54.43 12.36
C LYS B 122 -51.56 -54.06 12.07
N ASP B 123 -52.01 -52.93 12.62
CA ASP B 123 -53.40 -52.47 12.38
C ASP B 123 -53.64 -52.40 10.88
N LEU B 124 -52.73 -51.75 10.15
CA LEU B 124 -52.89 -51.60 8.72
C LEU B 124 -52.50 -52.85 7.94
N LEU B 125 -51.43 -53.53 8.36
CA LEU B 125 -50.92 -54.72 7.69
C LEU B 125 -50.61 -55.80 8.72
N PRO B 126 -51.59 -56.65 9.04
CA PRO B 126 -51.31 -57.78 9.94
C PRO B 126 -50.37 -58.82 9.35
N ASN B 127 -50.36 -58.99 8.02
CA ASN B 127 -49.61 -60.00 7.30
C ASN B 127 -48.49 -59.26 6.58
N PRO B 128 -47.28 -59.16 7.14
CA PRO B 128 -46.24 -58.55 6.39
C PRO B 128 -46.03 -59.36 5.13
N PRO B 129 -45.84 -58.72 4.00
CA PRO B 129 -45.56 -59.47 2.77
C PRO B 129 -44.25 -60.22 2.95
N LYS B 130 -44.14 -61.37 2.30
CA LYS B 130 -42.93 -62.20 2.44
C LYS B 130 -42.05 -61.98 1.22
N THR B 131 -42.65 -61.54 0.11
CA THR B 131 -41.89 -61.39 -1.15
C THR B 131 -41.91 -59.92 -1.58
N TRP B 132 -40.81 -59.44 -2.14
CA TRP B 132 -40.72 -58.04 -2.61
C TRP B 132 -41.71 -57.80 -3.74
N GLU B 133 -42.08 -58.85 -4.48
CA GLU B 133 -42.91 -58.67 -5.70
C GLU B 133 -44.39 -58.40 -5.40
N GLU B 134 -44.84 -58.56 -4.15
CA GLU B 134 -46.30 -58.39 -3.88
C GLU B 134 -46.60 -56.93 -3.53
N ILE B 135 -45.56 -56.15 -3.23
CA ILE B 135 -45.77 -54.75 -2.78
C ILE B 135 -46.59 -53.97 -3.82
N PRO B 136 -46.35 -54.13 -5.14
CA PRO B 136 -47.08 -53.33 -6.13
C PRO B 136 -48.60 -53.53 -5.94
N ALA B 137 -49.03 -54.78 -5.74
CA ALA B 137 -50.45 -55.07 -5.48
C ALA B 137 -50.84 -54.45 -4.14
N LEU B 138 -49.97 -54.58 -3.15
CA LEU B 138 -50.25 -54.02 -1.81
C LEU B 138 -50.55 -52.54 -1.99
N ASP B 139 -49.61 -51.80 -2.58
CA ASP B 139 -49.79 -50.32 -2.69
C ASP B 139 -51.16 -50.00 -3.28
N LYS B 140 -51.58 -50.73 -4.32
CA LYS B 140 -52.86 -50.41 -5.01
C LYS B 140 -54.03 -50.40 -4.02
N GLU B 141 -54.20 -51.47 -3.24
CA GLU B 141 -55.38 -51.55 -2.33
C GLU B 141 -55.31 -50.43 -1.29
N LEU B 142 -54.09 -50.10 -0.83
CA LEU B 142 -53.91 -49.01 0.16
C LEU B 142 -54.24 -47.69 -0.53
N LYS B 143 -53.85 -47.55 -1.79
CA LYS B 143 -54.18 -46.31 -2.53
C LYS B 143 -55.67 -46.06 -2.36
N ALA B 144 -56.48 -47.09 -2.62
CA ALA B 144 -57.94 -46.97 -2.48
C ALA B 144 -58.26 -46.56 -1.04
N LYS B 145 -57.67 -47.27 -0.07
CA LYS B 145 -57.88 -46.91 1.36
C LYS B 145 -57.22 -45.56 1.62
N GLY B 146 -56.61 -44.96 0.59
CA GLY B 146 -55.88 -43.69 0.77
C GLY B 146 -54.57 -43.92 1.50
N LYS B 147 -53.82 -44.94 1.11
CA LYS B 147 -52.56 -45.28 1.85
C LYS B 147 -51.47 -45.79 0.90
N SER B 148 -50.23 -45.90 1.38
CA SER B 148 -49.10 -46.42 0.57
C SER B 148 -48.52 -47.67 1.24
N ALA B 149 -47.88 -48.55 0.47
CA ALA B 149 -47.34 -49.81 1.03
C ALA B 149 -45.91 -49.64 1.53
N LEU B 150 -45.04 -48.99 0.74
CA LEU B 150 -43.61 -48.93 1.15
C LEU B 150 -43.00 -47.55 0.93
N MET B 151 -42.29 -47.04 1.93
CA MET B 151 -41.58 -45.78 1.83
C MET B 151 -40.33 -45.88 2.71
N PHE B 152 -39.16 -45.73 2.08
CA PHE B 152 -37.90 -45.72 2.80
C PHE B 152 -36.95 -44.76 2.09
N ASN B 153 -35.85 -44.42 2.77
CA ASN B 153 -34.89 -43.46 2.24
C ASN B 153 -34.21 -44.03 0.99
N LEU B 154 -34.42 -43.37 -0.15
CA LEU B 154 -33.77 -43.78 -1.39
C LEU B 154 -32.53 -42.97 -1.73
N GLN B 155 -32.14 -42.02 -0.89
CA GLN B 155 -30.98 -41.19 -1.21
C GLN B 155 -29.69 -41.77 -0.66
N GLU B 156 -29.79 -42.69 0.30
CA GLU B 156 -28.61 -43.35 0.84
C GLU B 156 -28.62 -44.81 0.43
N PRO B 157 -27.53 -45.28 -0.19
CA PRO B 157 -27.52 -46.65 -0.75
C PRO B 157 -27.60 -47.77 0.28
N TYR B 158 -27.47 -47.47 1.57
CA TYR B 158 -27.56 -48.51 2.59
C TYR B 158 -28.92 -49.18 2.58
N PHE B 159 -29.97 -48.41 2.33
CA PHE B 159 -31.33 -48.94 2.38
C PHE B 159 -31.71 -49.64 1.08
N THR B 160 -30.96 -49.39 0.02
CA THR B 160 -31.23 -50.00 -1.27
C THR B 160 -30.36 -51.23 -1.54
N TRP B 161 -29.21 -51.33 -0.88
CA TRP B 161 -28.33 -52.48 -1.12
C TRP B 161 -29.01 -53.83 -0.86
N PRO B 162 -29.76 -54.05 0.23
CA PRO B 162 -30.37 -55.37 0.45
C PRO B 162 -31.10 -55.92 -0.76
N LEU B 163 -31.86 -55.08 -1.46
CA LEU B 163 -32.56 -55.53 -2.66
C LEU B 163 -31.59 -55.77 -3.81
N ILE B 164 -30.57 -54.92 -3.94
CA ILE B 164 -29.60 -55.07 -5.03
C ILE B 164 -28.81 -56.37 -4.87
N ALA B 165 -28.51 -56.78 -3.64
CA ALA B 165 -27.70 -57.95 -3.39
C ALA B 165 -28.50 -59.24 -3.38
N ALA B 166 -29.83 -59.16 -3.35
CA ALA B 166 -30.67 -60.35 -3.21
C ALA B 166 -30.40 -61.35 -4.33
N ASP B 167 -30.52 -60.91 -5.58
CA ASP B 167 -30.39 -61.83 -6.71
C ASP B 167 -28.95 -62.08 -7.12
N GLY B 168 -27.97 -61.50 -6.44
CA GLY B 168 -26.59 -61.80 -6.79
C GLY B 168 -25.62 -60.63 -6.74
N GLY B 169 -26.10 -59.43 -6.42
CA GLY B 169 -25.19 -58.32 -6.20
C GLY B 169 -24.18 -58.68 -5.11
N TYR B 170 -22.91 -58.34 -5.33
CA TYR B 170 -21.90 -58.77 -4.38
C TYR B 170 -20.77 -57.80 -4.05
N ALA B 171 -20.77 -56.57 -4.55
CA ALA B 171 -19.79 -55.55 -4.17
C ALA B 171 -18.38 -56.10 -4.41
N PHE B 172 -17.53 -56.20 -3.40
CA PHE B 172 -16.19 -56.75 -3.54
C PHE B 172 -16.21 -58.19 -3.03
N LYS B 173 -15.70 -59.11 -3.85
CA LYS B 173 -15.76 -60.54 -3.55
C LYS B 173 -14.73 -60.98 -2.52
N TYR B 174 -15.15 -61.89 -1.62
CA TYR B 174 -14.26 -62.49 -0.62
C TYR B 174 -13.75 -63.84 -1.14
N ALA B 175 -12.46 -63.90 -1.46
CA ALA B 175 -11.81 -65.12 -1.94
C ALA B 175 -10.67 -65.51 -1.00
N ALA B 176 -10.84 -66.60 -0.27
CA ALA B 176 -9.83 -67.19 0.61
C ALA B 176 -9.19 -66.15 1.54
N GLY B 177 -10.03 -65.57 2.40
CA GLY B 177 -9.52 -64.61 3.35
C GLY B 177 -9.02 -63.32 2.74
N LYS B 178 -9.20 -63.11 1.44
CA LYS B 178 -8.75 -61.89 0.79
C LYS B 178 -9.92 -61.33 0.00
N TYR B 179 -10.04 -60.00 -0.01
CA TYR B 179 -11.08 -59.32 -0.76
C TYR B 179 -10.48 -58.91 -2.10
N ASP B 180 -10.98 -59.51 -3.18
CA ASP B 180 -10.48 -59.20 -4.51
C ASP B 180 -11.13 -57.90 -4.95
N ILE B 181 -10.37 -56.81 -4.92
CA ILE B 181 -10.87 -55.49 -5.28
C ILE B 181 -11.15 -55.43 -6.79
N LYS B 182 -10.77 -56.48 -7.52
CA LYS B 182 -11.01 -56.49 -8.96
C LYS B 182 -12.25 -57.28 -9.35
N ASP B 183 -12.88 -57.98 -8.41
CA ASP B 183 -14.07 -58.77 -8.66
C ASP B 183 -15.22 -58.01 -8.00
N VAL B 184 -15.94 -57.22 -8.79
CA VAL B 184 -17.01 -56.37 -8.28
C VAL B 184 -18.34 -56.80 -8.87
N GLY B 185 -19.40 -56.72 -8.05
CA GLY B 185 -20.71 -57.17 -8.45
C GLY B 185 -21.76 -56.09 -8.38
N VAL B 186 -21.36 -54.87 -8.71
CA VAL B 186 -22.29 -53.76 -8.79
C VAL B 186 -22.95 -53.69 -10.17
N ASP B 187 -22.33 -54.29 -11.18
CA ASP B 187 -22.87 -54.37 -12.52
C ASP B 187 -23.35 -55.78 -12.82
N ASN B 188 -23.45 -56.61 -11.78
CA ASN B 188 -23.91 -57.98 -11.91
C ASN B 188 -25.35 -57.99 -12.43
N ALA B 189 -25.75 -59.11 -13.01
CA ALA B 189 -27.13 -59.22 -13.50
C ALA B 189 -28.12 -59.14 -12.35
N GLY B 190 -27.78 -59.77 -11.22
CA GLY B 190 -28.66 -59.72 -10.07
C GLY B 190 -28.83 -58.32 -9.55
N ALA B 191 -27.75 -57.54 -9.53
CA ALA B 191 -27.84 -56.14 -9.15
C ALA B 191 -28.76 -55.40 -10.10
N LYS B 192 -28.61 -55.66 -11.41
CA LYS B 192 -29.51 -55.06 -12.39
C LYS B 192 -30.95 -55.39 -12.09
N ALA B 193 -31.22 -56.64 -11.68
CA ALA B 193 -32.58 -57.03 -11.33
C ALA B 193 -33.11 -56.21 -10.16
N GLY B 194 -32.36 -56.19 -9.05
CA GLY B 194 -32.84 -55.50 -7.86
C GLY B 194 -33.07 -54.02 -8.08
N LEU B 195 -32.12 -53.35 -8.73
CA LEU B 195 -32.29 -51.91 -8.96
C LEU B 195 -33.40 -51.66 -9.97
N THR B 196 -33.53 -52.50 -10.99
CA THR B 196 -34.64 -52.36 -11.92
C THR B 196 -35.98 -52.48 -11.21
N PHE B 197 -36.11 -53.46 -10.31
CA PHE B 197 -37.32 -53.60 -9.54
C PHE B 197 -37.61 -52.32 -8.76
N LEU B 198 -36.59 -51.76 -8.11
CA LEU B 198 -36.79 -50.51 -7.40
C LEU B 198 -37.21 -49.41 -8.38
N VAL B 199 -36.51 -49.31 -9.51
CA VAL B 199 -36.82 -48.26 -10.48
C VAL B 199 -38.25 -48.41 -10.99
N ASP B 200 -38.67 -49.63 -11.29
CA ASP B 200 -40.04 -49.87 -11.73
C ASP B 200 -41.05 -49.43 -10.67
N LEU B 201 -40.74 -49.66 -9.40
CA LEU B 201 -41.63 -49.21 -8.32
C LEU B 201 -41.82 -47.70 -8.36
N ILE B 202 -40.74 -46.95 -8.63
CA ILE B 202 -40.90 -45.51 -8.80
C ILE B 202 -41.60 -45.23 -10.11
N LYS B 203 -41.35 -46.06 -11.13
CA LYS B 203 -41.96 -45.85 -12.44
C LYS B 203 -43.47 -46.00 -12.36
N ASN B 204 -43.94 -47.03 -11.66
CA ASN B 204 -45.36 -47.29 -11.47
C ASN B 204 -45.95 -46.52 -10.30
N LYS B 205 -45.25 -45.49 -9.82
CA LYS B 205 -45.75 -44.58 -8.80
C LYS B 205 -46.12 -45.31 -7.51
N HIS B 206 -45.49 -46.45 -7.24
CA HIS B 206 -45.71 -47.11 -5.92
C HIS B 206 -44.76 -46.41 -4.94
N MET B 207 -43.61 -45.96 -5.43
CA MET B 207 -42.64 -45.24 -4.63
C MET B 207 -42.25 -43.97 -5.38
N ASN B 208 -41.71 -43.01 -4.63
CA ASN B 208 -41.33 -41.70 -5.15
C ASN B 208 -39.82 -41.52 -5.00
N ALA B 209 -39.19 -40.95 -6.03
CA ALA B 209 -37.73 -40.85 -6.05
C ALA B 209 -37.17 -39.92 -4.98
N ASP B 210 -37.92 -38.88 -4.56
CA ASP B 210 -37.33 -37.93 -3.62
C ASP B 210 -37.14 -38.52 -2.24
N THR B 211 -37.96 -39.51 -1.90
CA THR B 211 -38.18 -39.84 -0.51
C THR B 211 -36.87 -40.20 0.18
N ASP B 212 -36.53 -39.41 1.20
CA ASP B 212 -35.40 -39.80 2.03
C ASP B 212 -35.93 -40.08 3.43
N TYR B 213 -35.00 -40.14 4.39
CA TYR B 213 -35.31 -40.54 5.76
C TYR B 213 -36.49 -39.80 6.36
N SER B 214 -36.45 -38.47 6.35
CA SER B 214 -37.48 -37.69 7.05
C SER B 214 -38.87 -37.93 6.48
N ILE B 215 -38.99 -37.95 5.16
CA ILE B 215 -40.29 -38.20 4.53
C ILE B 215 -40.78 -39.60 4.90
N ALA B 216 -39.88 -40.58 4.84
CA ALA B 216 -40.26 -41.95 5.19
C ALA B 216 -40.53 -42.08 6.69
N GLU B 217 -39.74 -41.41 7.52
CA GLU B 217 -39.98 -41.45 8.96
C GLU B 217 -41.31 -40.80 9.31
N HIS B 218 -41.59 -39.62 8.75
CA HIS B 218 -42.84 -38.94 9.05
C HIS B 218 -44.04 -39.76 8.56
N ALA B 219 -43.92 -40.34 7.37
CA ALA B 219 -45.05 -41.07 6.80
C ALA B 219 -45.42 -42.26 7.66
N PHE B 220 -44.44 -43.06 8.06
CA PHE B 220 -44.80 -44.27 8.85
C PHE B 220 -45.23 -43.82 10.25
N ASN B 221 -44.52 -42.86 10.84
CA ASN B 221 -44.86 -42.47 12.21
C ASN B 221 -46.21 -41.79 12.29
N HIS B 222 -46.81 -41.47 11.16
CA HIS B 222 -48.13 -40.83 11.12
C HIS B 222 -49.16 -41.69 10.39
N GLY B 223 -48.90 -42.99 10.25
CA GLY B 223 -49.87 -43.92 9.72
C GLY B 223 -50.20 -43.66 8.26
N GLU B 224 -49.36 -42.87 7.58
CA GLU B 224 -49.62 -42.56 6.18
C GLU B 224 -49.10 -43.64 5.25
N THR B 225 -48.03 -44.33 5.64
CA THR B 225 -47.50 -45.44 4.87
C THR B 225 -47.56 -46.68 5.74
N ALA B 226 -47.64 -47.85 5.08
CA ALA B 226 -47.85 -49.08 5.82
C ALA B 226 -46.58 -49.77 6.23
N MET B 227 -45.47 -49.54 5.53
CA MET B 227 -44.22 -50.19 5.87
C MET B 227 -43.08 -49.22 5.56
N THR B 228 -41.97 -49.44 6.26
CA THR B 228 -40.72 -48.75 5.98
C THR B 228 -39.59 -49.71 6.30
N ILE B 229 -38.42 -49.42 5.75
CA ILE B 229 -37.21 -50.18 6.06
C ILE B 229 -36.26 -49.25 6.81
N ASN B 230 -35.94 -49.61 8.04
CA ASN B 230 -35.05 -48.80 8.85
C ASN B 230 -34.33 -49.71 9.86
N GLY B 231 -33.48 -49.10 10.68
CA GLY B 231 -32.69 -49.82 11.64
C GLY B 231 -33.19 -49.61 13.05
N PRO B 232 -32.51 -50.21 14.04
CA PRO B 232 -33.00 -50.12 15.43
C PRO B 232 -33.08 -48.70 15.95
N TRP B 233 -32.16 -47.82 15.53
CA TRP B 233 -32.14 -46.45 16.03
C TRP B 233 -33.49 -45.76 15.83
N ALA B 234 -34.26 -46.20 14.85
CA ALA B 234 -35.51 -45.50 14.59
C ALA B 234 -36.61 -45.92 15.56
N TRP B 235 -36.47 -47.08 16.20
CA TRP B 235 -37.57 -47.69 16.94
C TRP B 235 -38.13 -46.75 18.00
N SER B 236 -37.26 -46.08 18.75
CA SER B 236 -37.70 -45.20 19.83
C SER B 236 -38.70 -44.16 19.32
N ASN B 237 -38.37 -43.49 18.22
CA ASN B 237 -39.27 -42.49 17.70
C ASN B 237 -40.60 -43.12 17.27
N ILE B 238 -40.55 -44.41 16.94
CA ILE B 238 -41.80 -45.13 16.56
C ILE B 238 -42.49 -45.59 17.83
N ASP B 239 -41.75 -45.69 18.94
CA ASP B 239 -42.42 -46.05 20.19
C ASP B 239 -43.48 -45.01 20.55
N THR B 240 -43.16 -43.73 20.41
CA THR B 240 -44.11 -42.64 20.59
C THR B 240 -44.92 -42.35 19.33
N SER B 241 -44.82 -43.25 18.35
CA SER B 241 -45.47 -43.01 17.03
C SER B 241 -46.98 -43.02 17.15
N ALA B 242 -47.52 -43.52 18.26
CA ALA B 242 -48.98 -43.66 18.35
C ALA B 242 -49.40 -44.81 17.41
N VAL B 243 -48.41 -45.52 16.85
CA VAL B 243 -48.70 -46.68 15.95
C VAL B 243 -48.02 -47.93 16.51
N ASN B 244 -48.57 -49.10 16.25
CA ASN B 244 -47.97 -50.37 16.73
C ASN B 244 -47.03 -50.89 15.64
N TYR B 245 -45.72 -50.81 15.89
CA TYR B 245 -44.72 -51.17 14.84
C TYR B 245 -44.22 -52.60 15.04
N GLY B 246 -43.92 -53.28 13.94
CA GLY B 246 -43.39 -54.66 14.02
C GLY B 246 -42.10 -54.80 13.23
N VAL B 247 -41.10 -55.43 13.82
CA VAL B 247 -39.83 -55.63 13.14
C VAL B 247 -39.81 -57.08 12.66
N THR B 248 -39.64 -57.28 11.36
CA THR B 248 -39.76 -58.61 10.77
C THR B 248 -38.67 -58.79 9.73
N VAL B 249 -38.71 -59.96 9.07
CA VAL B 249 -37.71 -60.28 8.06
C VAL B 249 -37.95 -59.43 6.81
N LEU B 250 -36.87 -59.13 6.10
CA LEU B 250 -36.98 -58.33 4.90
C LEU B 250 -37.65 -59.15 3.80
N PRO B 251 -38.40 -58.52 2.90
CA PRO B 251 -39.02 -59.27 1.81
C PRO B 251 -37.97 -59.96 0.96
N THR B 252 -38.35 -61.10 0.39
CA THR B 252 -37.45 -61.81 -0.50
C THR B 252 -37.63 -61.33 -1.94
N PHE B 253 -36.59 -61.53 -2.74
CA PHE B 253 -36.60 -61.12 -4.15
C PHE B 253 -36.19 -62.28 -5.04
N LYS B 254 -37.02 -62.58 -6.05
CA LYS B 254 -36.79 -63.71 -6.97
C LYS B 254 -36.59 -65.00 -6.20
N GLY B 255 -37.42 -65.21 -5.17
CA GLY B 255 -37.31 -66.36 -4.32
C GLY B 255 -36.17 -66.29 -3.33
N GLN B 256 -35.21 -65.42 -3.56
CA GLN B 256 -34.05 -65.29 -2.71
C GLN B 256 -34.20 -64.10 -1.77
N PRO B 257 -33.63 -64.24 -0.58
CA PRO B 257 -33.82 -63.22 0.45
C PRO B 257 -33.04 -61.95 0.22
N SER B 258 -33.55 -60.86 0.77
CA SER B 258 -32.80 -59.61 0.78
C SER B 258 -31.61 -59.76 1.71
N LYS B 259 -30.41 -59.44 1.21
CA LYS B 259 -29.17 -59.59 1.96
C LYS B 259 -28.66 -58.22 2.39
N PRO B 260 -29.06 -57.73 3.57
CA PRO B 260 -28.62 -56.40 4.00
C PRO B 260 -27.15 -56.40 4.41
N PHE B 261 -26.46 -55.31 4.11
CA PHE B 261 -25.09 -55.19 4.55
C PHE B 261 -25.09 -54.93 6.06
N VAL B 262 -24.46 -55.83 6.80
CA VAL B 262 -24.47 -55.78 8.25
C VAL B 262 -23.28 -54.94 8.70
N GLY B 263 -23.55 -54.00 9.61
CA GLY B 263 -22.55 -53.06 10.08
C GLY B 263 -22.37 -53.22 11.58
N VAL B 264 -21.13 -53.04 12.04
CA VAL B 264 -20.76 -53.30 13.42
C VAL B 264 -20.43 -51.92 13.95
N LEU B 265 -21.32 -51.33 14.78
CA LEU B 265 -20.96 -50.02 15.34
C LEU B 265 -19.69 -50.14 16.16
N SER B 266 -18.73 -49.27 15.89
CA SER B 266 -17.41 -49.41 16.50
C SER B 266 -16.92 -48.07 17.03
N ALA B 267 -16.11 -48.14 18.08
CA ALA B 267 -15.52 -46.95 18.69
C ALA B 267 -14.02 -46.99 18.48
N GLY B 268 -13.51 -46.00 17.76
CA GLY B 268 -12.09 -45.86 17.51
C GLY B 268 -11.58 -44.65 18.25
N ILE B 269 -10.35 -44.76 18.76
CA ILE B 269 -9.72 -43.68 19.51
C ILE B 269 -8.64 -43.05 18.65
N ASN B 270 -8.71 -41.72 18.50
CA ASN B 270 -7.76 -40.98 17.68
C ASN B 270 -6.33 -41.18 18.20
N ALA B 271 -5.42 -41.52 17.29
CA ALA B 271 -4.01 -41.71 17.65
C ALA B 271 -3.41 -40.49 18.32
N ALA B 272 -3.99 -39.31 18.13
CA ALA B 272 -3.54 -38.06 18.73
C ALA B 272 -4.40 -37.69 19.93
N SER B 273 -4.59 -38.68 20.82
CA SER B 273 -5.41 -38.66 22.02
C SER B 273 -4.59 -38.20 23.23
N PRO B 274 -5.14 -37.31 24.06
CA PRO B 274 -4.45 -37.01 25.33
C PRO B 274 -4.61 -38.14 26.34
N ASN B 275 -5.68 -38.92 26.21
CA ASN B 275 -5.92 -40.06 27.14
C ASN B 275 -6.40 -41.28 26.35
N LYS B 276 -5.76 -42.43 26.55
CA LYS B 276 -6.15 -43.68 25.83
C LYS B 276 -6.61 -44.74 26.83
N GLU B 277 -5.68 -45.25 27.65
CA GLU B 277 -6.03 -46.32 28.63
C GLU B 277 -7.35 -45.96 29.32
N LEU B 278 -7.47 -44.72 29.81
CA LEU B 278 -8.75 -44.27 30.43
C LEU B 278 -9.87 -44.39 29.39
N ALA B 279 -9.65 -43.84 28.19
CA ALA B 279 -10.66 -43.95 27.11
C ALA B 279 -10.92 -45.42 26.80
N LYS B 280 -9.89 -46.26 26.91
CA LYS B 280 -10.08 -47.73 26.70
C LYS B 280 -11.04 -48.23 27.77
N GLU B 281 -10.80 -47.87 29.04
CA GLU B 281 -11.72 -48.27 30.14
C GLU B 281 -13.11 -47.69 29.85
N PHE B 282 -13.17 -46.45 29.35
CA PHE B 282 -14.47 -45.79 29.10
C PHE B 282 -15.48 -46.81 28.58
N LEU B 283 -15.09 -47.63 27.61
CA LEU B 283 -16.01 -48.64 27.02
C LEU B 283 -15.65 -50.04 27.52
N GLU B 284 -14.38 -50.41 27.44
CA GLU B 284 -13.95 -51.78 27.83
C GLU B 284 -14.34 -52.05 29.29
N ASN B 285 -14.07 -51.11 30.20
CA ASN B 285 -14.32 -51.37 31.64
C ASN B 285 -15.68 -50.81 32.08
N TYR B 286 -16.34 -50.02 31.23
CA TYR B 286 -17.62 -49.38 31.67
C TYR B 286 -18.72 -49.55 30.62
N LEU B 287 -18.60 -48.89 29.47
CA LEU B 287 -19.71 -48.91 28.46
C LEU B 287 -20.03 -50.35 28.05
N LEU B 288 -19.03 -51.19 27.81
CA LEU B 288 -19.28 -52.58 27.31
C LEU B 288 -19.85 -53.44 28.44
N THR B 289 -20.96 -53.01 29.04
CA THR B 289 -21.61 -53.80 30.13
C THR B 289 -23.13 -53.58 30.08
N ASP B 290 -23.90 -54.56 30.54
CA ASP B 290 -25.35 -54.37 30.59
C ASP B 290 -25.70 -53.08 31.30
N GLU B 291 -24.84 -52.65 32.23
CA GLU B 291 -25.11 -51.42 32.96
C GLU B 291 -24.81 -50.23 32.08
N GLY B 292 -23.77 -50.34 31.26
CA GLY B 292 -23.41 -49.28 30.34
C GLY B 292 -24.25 -49.19 29.07
N LEU B 293 -24.25 -50.27 28.26
CA LEU B 293 -24.98 -50.26 26.98
C LEU B 293 -26.45 -49.93 27.16
N GLU B 294 -27.04 -50.37 28.28
CA GLU B 294 -28.42 -50.03 28.61
C GLU B 294 -28.71 -48.56 28.43
N ALA B 295 -27.79 -47.73 28.93
CA ALA B 295 -28.00 -46.29 28.99
C ALA B 295 -28.39 -45.71 27.64
N VAL B 296 -27.78 -46.20 26.58
CA VAL B 296 -28.13 -45.75 25.22
C VAL B 296 -29.34 -46.48 24.64
N ASN B 297 -29.35 -47.81 24.80
CA ASN B 297 -30.47 -48.62 24.24
C ASN B 297 -31.79 -47.87 24.45
N LYS B 298 -31.94 -47.20 25.59
CA LYS B 298 -33.19 -46.44 25.88
C LYS B 298 -33.23 -45.19 25.01
N ASP B 299 -32.24 -44.30 25.14
CA ASP B 299 -32.25 -43.06 24.38
C ASP B 299 -32.56 -43.35 22.93
N LYS B 300 -31.77 -44.24 22.31
CA LYS B 300 -32.11 -44.75 21.01
C LYS B 300 -31.71 -46.22 21.00
N PRO B 301 -32.58 -47.11 20.51
CA PRO B 301 -32.25 -48.54 20.58
C PRO B 301 -31.01 -48.84 19.77
N LEU B 302 -30.09 -49.60 20.36
CA LEU B 302 -28.91 -50.03 19.66
C LEU B 302 -29.11 -51.38 18.97
N GLY B 303 -30.24 -52.03 19.21
CA GLY B 303 -30.49 -53.33 18.62
C GLY B 303 -29.66 -54.42 19.27
N ALA B 304 -29.04 -55.24 18.44
CA ALA B 304 -28.13 -56.26 18.91
C ALA B 304 -26.80 -55.62 19.33
N VAL B 305 -26.08 -56.31 20.22
CA VAL B 305 -24.87 -55.79 20.83
C VAL B 305 -23.78 -56.84 20.71
N ALA B 306 -22.55 -56.44 21.03
CA ALA B 306 -21.41 -57.34 20.87
C ALA B 306 -21.19 -58.24 22.08
N LEU B 307 -21.51 -57.76 23.28
CA LEU B 307 -21.38 -58.53 24.51
C LEU B 307 -22.46 -59.61 24.58
N LYS B 308 -22.07 -60.87 24.78
CA LYS B 308 -23.05 -61.95 24.81
C LYS B 308 -24.15 -61.68 25.85
N SER B 309 -23.73 -61.15 27.01
CA SER B 309 -24.74 -60.77 28.03
C SER B 309 -25.52 -59.56 27.52
N TYR B 310 -26.70 -59.27 28.10
CA TYR B 310 -27.56 -58.17 27.58
C TYR B 310 -28.16 -58.63 26.26
N GLU B 311 -27.34 -59.16 25.35
CA GLU B 311 -27.88 -59.72 24.08
C GLU B 311 -28.91 -60.79 24.47
N GLU B 312 -28.50 -61.78 25.26
CA GLU B 312 -29.44 -62.79 25.75
C GLU B 312 -30.71 -62.15 26.25
N GLU B 313 -30.61 -60.93 26.76
CA GLU B 313 -31.80 -60.21 27.15
C GLU B 313 -32.51 -59.63 25.93
N LEU B 314 -31.74 -59.02 25.05
CA LEU B 314 -32.33 -58.41 23.87
C LEU B 314 -32.88 -59.46 22.90
N VAL B 315 -32.20 -60.60 22.75
CA VAL B 315 -32.69 -61.62 21.80
C VAL B 315 -34.12 -62.01 22.13
N LYS B 316 -34.53 -61.87 23.40
CA LYS B 316 -35.91 -62.17 23.76
C LYS B 316 -36.86 -61.18 23.09
N ASP B 317 -36.46 -59.92 23.01
CA ASP B 317 -37.24 -58.94 22.27
C ASP B 317 -37.24 -59.36 20.81
N PRO B 318 -38.40 -59.66 20.22
CA PRO B 318 -38.42 -60.15 18.84
C PRO B 318 -37.86 -59.17 17.84
N ARG B 319 -37.84 -57.88 18.16
CA ARG B 319 -37.25 -56.89 17.26
C ARG B 319 -35.75 -57.12 17.10
N VAL B 320 -35.04 -57.32 18.21
CA VAL B 320 -33.59 -57.55 18.14
C VAL B 320 -33.31 -58.89 17.47
N ALA B 321 -34.14 -59.90 17.71
CA ALA B 321 -33.96 -61.19 17.06
C ALA B 321 -34.20 -61.08 15.55
N ALA B 322 -35.24 -60.34 15.15
CA ALA B 322 -35.46 -60.09 13.73
C ALA B 322 -34.30 -59.32 13.11
N THR B 323 -33.79 -58.32 13.84
CA THR B 323 -32.58 -57.61 13.41
C THR B 323 -31.45 -58.59 13.14
N MET B 324 -31.25 -59.53 14.06
CA MET B 324 -30.18 -60.50 13.91
C MET B 324 -30.48 -61.54 12.83
N GLU B 325 -31.76 -61.85 12.60
CA GLU B 325 -32.11 -62.79 11.54
C GLU B 325 -31.78 -62.22 10.16
N ASN B 326 -32.14 -60.96 9.93
CA ASN B 326 -31.76 -60.30 8.68
C ASN B 326 -30.26 -60.18 8.58
N ALA B 327 -29.59 -60.00 9.71
CA ALA B 327 -28.13 -59.96 9.69
C ALA B 327 -27.51 -61.25 9.13
N GLN B 328 -28.08 -62.43 9.46
CA GLN B 328 -27.53 -63.70 9.02
C GLN B 328 -27.66 -63.89 7.51
N LYS B 329 -28.65 -63.21 6.94
CA LYS B 329 -29.07 -63.04 5.60
C LYS B 329 -28.05 -62.20 4.88
N GLY B 330 -27.43 -61.28 5.61
CA GLY B 330 -26.50 -60.32 5.09
C GLY B 330 -25.05 -60.70 5.13
N GLU B 331 -24.28 -59.65 5.29
CA GLU B 331 -22.94 -59.57 4.79
C GLU B 331 -22.34 -58.50 5.64
N ILE B 332 -21.38 -58.85 6.49
CA ILE B 332 -20.77 -57.81 7.28
C ILE B 332 -19.98 -56.92 6.34
N MET B 333 -20.17 -55.62 6.45
CA MET B 333 -19.55 -54.74 5.49
C MET B 333 -18.05 -54.91 5.63
N PRO B 334 -17.32 -55.00 4.52
CA PRO B 334 -15.87 -55.07 4.62
C PRO B 334 -15.36 -53.75 5.15
N ASN B 335 -14.20 -53.79 5.79
CA ASN B 335 -13.64 -52.59 6.40
C ASN B 335 -12.55 -51.95 5.56
N ILE B 336 -12.26 -52.50 4.39
CA ILE B 336 -11.20 -52.02 3.50
C ILE B 336 -11.41 -50.54 3.22
N PRO B 337 -10.34 -49.75 2.99
CA PRO B 337 -10.52 -48.31 2.75
C PRO B 337 -11.33 -47.97 1.52
N GLN B 338 -11.62 -48.93 0.65
CA GLN B 338 -12.31 -48.63 -0.60
C GLN B 338 -13.80 -48.37 -0.40
N MET B 339 -14.29 -48.41 0.84
CA MET B 339 -15.72 -48.28 1.08
C MET B 339 -16.24 -46.91 0.73
N SER B 340 -15.46 -45.86 1.01
CA SER B 340 -15.92 -44.50 0.73
C SER B 340 -16.20 -44.33 -0.76
N ALA B 341 -15.42 -45.01 -1.61
CA ALA B 341 -15.66 -44.94 -3.05
C ALA B 341 -16.82 -45.83 -3.49
N PHE B 342 -16.90 -47.05 -2.94
CA PHE B 342 -18.01 -47.93 -3.28
C PHE B 342 -19.35 -47.27 -2.93
N TRP B 343 -19.41 -46.64 -1.75
CA TRP B 343 -20.66 -46.02 -1.33
C TRP B 343 -20.99 -44.80 -2.17
N TYR B 344 -20.00 -43.96 -2.49
CA TYR B 344 -20.26 -42.80 -3.33
C TYR B 344 -20.71 -43.22 -4.71
N ALA B 345 -20.14 -44.31 -5.24
CA ALA B 345 -20.51 -44.78 -6.57
C ALA B 345 -21.93 -45.35 -6.57
N VAL B 346 -22.24 -46.24 -5.63
CA VAL B 346 -23.56 -46.86 -5.58
C VAL B 346 -24.62 -45.82 -5.26
N ARG B 347 -24.31 -44.85 -4.40
CA ARG B 347 -25.26 -43.76 -4.13
C ARG B 347 -25.67 -43.08 -5.44
N THR B 348 -24.67 -42.67 -6.22
CA THR B 348 -24.95 -41.98 -7.48
C THR B 348 -25.72 -42.88 -8.44
N ALA B 349 -25.34 -44.16 -8.52
CA ALA B 349 -26.03 -45.08 -9.40
C ALA B 349 -27.52 -45.18 -9.05
N VAL B 350 -27.81 -45.35 -7.77
CA VAL B 350 -29.21 -45.50 -7.35
C VAL B 350 -29.97 -44.21 -7.58
N ILE B 351 -29.40 -43.08 -7.18
CA ILE B 351 -30.08 -41.80 -7.34
C ILE B 351 -30.33 -41.50 -8.81
N ASN B 352 -29.33 -41.74 -9.66
CA ASN B 352 -29.47 -41.40 -11.07
C ASN B 352 -30.45 -42.33 -11.78
N ALA B 353 -30.45 -43.62 -11.44
CA ALA B 353 -31.37 -44.54 -12.09
C ALA B 353 -32.81 -44.26 -11.68
N ALA B 354 -33.01 -43.85 -10.42
CA ALA B 354 -34.35 -43.55 -9.94
C ALA B 354 -34.89 -42.25 -10.52
N SER B 355 -34.03 -41.26 -10.75
CA SER B 355 -34.47 -39.98 -11.29
C SER B 355 -34.72 -40.02 -12.78
N GLY B 356 -34.19 -41.02 -13.47
CA GLY B 356 -34.28 -41.09 -14.92
C GLY B 356 -33.07 -40.50 -15.64
N ARG B 357 -32.17 -39.83 -14.92
CA ARG B 357 -30.90 -39.41 -15.48
C ARG B 357 -30.15 -40.49 -16.24
N GLN B 358 -30.18 -41.70 -15.72
CA GLN B 358 -29.42 -42.77 -16.33
C GLN B 358 -30.31 -44.00 -16.41
N THR B 359 -30.00 -44.84 -17.38
CA THR B 359 -30.63 -46.15 -17.37
C THR B 359 -29.94 -46.99 -16.31
N VAL B 360 -30.64 -48.02 -15.85
CA VAL B 360 -30.07 -48.87 -14.81
C VAL B 360 -28.71 -49.40 -15.24
N ASP B 361 -28.62 -49.91 -16.47
CA ASP B 361 -27.36 -50.46 -16.96
C ASP B 361 -26.25 -49.41 -16.97
N ALA B 362 -26.55 -48.20 -17.44
CA ALA B 362 -25.53 -47.16 -17.51
C ALA B 362 -25.06 -46.76 -16.11
N ALA B 363 -26.00 -46.59 -15.18
CA ALA B 363 -25.65 -46.20 -13.81
C ALA B 363 -24.77 -47.26 -13.16
N LEU B 364 -25.17 -48.53 -13.27
CA LEU B 364 -24.39 -49.60 -12.65
C LEU B 364 -23.06 -49.80 -13.36
N ALA B 365 -23.00 -49.48 -14.66
CA ALA B 365 -21.73 -49.55 -15.36
C ALA B 365 -20.74 -48.50 -14.83
N ALA B 366 -21.21 -47.27 -14.64
CA ALA B 366 -20.34 -46.24 -14.07
C ALA B 366 -19.92 -46.59 -12.66
N ALA B 367 -20.82 -47.21 -11.89
CA ALA B 367 -20.48 -47.62 -10.54
C ALA B 367 -19.46 -48.76 -10.53
N GLN B 368 -19.45 -49.58 -11.60
CA GLN B 368 -18.42 -50.60 -11.72
C GLN B 368 -17.04 -50.02 -11.92
N THR B 369 -16.95 -48.83 -12.52
CA THR B 369 -15.67 -48.22 -12.82
C THR B 369 -15.14 -47.30 -11.72
N ASN B 370 -15.98 -46.92 -10.75
CA ASN B 370 -15.56 -45.99 -9.72
C ASN B 370 -15.79 -46.58 -8.33
N ALA B 371 -15.94 -47.90 -8.23
CA ALA B 371 -16.22 -48.56 -6.97
C ALA B 371 -14.96 -48.74 -6.14
N ALA B 372 -13.83 -49.05 -6.77
CA ALA B 372 -12.63 -49.29 -5.99
C ALA B 372 -11.91 -48.01 -5.62
N ALA B 373 -12.06 -46.97 -6.43
CA ALA B 373 -11.42 -45.69 -6.17
C ALA B 373 -12.17 -44.62 -6.95
N PHE B 374 -12.14 -43.40 -6.42
CA PHE B 374 -12.72 -42.28 -7.15
C PHE B 374 -11.97 -42.09 -8.46
N LYS B 375 -12.68 -41.60 -9.47
CA LYS B 375 -12.05 -41.36 -10.77
C LYS B 375 -10.86 -40.41 -10.68
N GLU B 376 -10.93 -39.43 -9.77
CA GLU B 376 -9.83 -38.47 -9.66
C GLU B 376 -8.57 -39.12 -9.09
N SER B 377 -8.71 -40.26 -8.44
CA SER B 377 -7.57 -41.04 -7.97
C SER B 377 -7.16 -42.11 -8.97
N GLN B 378 -7.72 -42.09 -10.17
CA GLN B 378 -7.37 -43.04 -11.21
C GLN B 378 -6.25 -42.47 -12.06
N CYS B 379 -5.37 -43.36 -12.55
CA CYS B 379 -4.17 -42.91 -13.25
C CYS B 379 -4.50 -42.05 -14.46
N HIS B 380 -5.38 -42.55 -15.33
CA HIS B 380 -5.59 -41.88 -16.61
C HIS B 380 -6.21 -40.50 -16.44
N HIS B 381 -7.00 -40.31 -15.38
CA HIS B 381 -7.47 -38.97 -15.04
C HIS B 381 -6.34 -38.12 -14.47
N MET B 382 -5.51 -38.70 -13.61
CA MET B 382 -4.44 -37.93 -12.99
C MET B 382 -3.41 -37.48 -14.02
N LEU B 383 -3.22 -38.25 -15.10
CA LEU B 383 -2.33 -37.83 -16.15
C LEU B 383 -2.93 -36.69 -16.97
N LYS B 384 -4.26 -36.66 -17.07
CA LYS B 384 -4.91 -35.58 -17.81
C LYS B 384 -4.96 -34.30 -16.99
N HIS B 385 -5.00 -34.44 -15.66
CA HIS B 385 -5.14 -33.31 -14.74
C HIS B 385 -4.00 -33.41 -13.74
N LEU B 386 -2.88 -32.76 -14.07
CA LEU B 386 -1.69 -32.83 -13.25
C LEU B 386 -1.82 -31.84 -12.10
N HIS B 387 -1.00 -32.07 -11.07
N HIS B 387 -0.97 -32.02 -11.09
CA HIS B 387 -1.01 -31.27 -9.85
CA HIS B 387 -1.02 -31.21 -9.86
C HIS B 387 -2.40 -31.29 -9.22
C HIS B 387 -2.40 -31.29 -9.20
N ASN B 388 -2.98 -32.49 -9.16
CA ASN B 388 -4.32 -32.69 -8.58
C ASN B 388 -5.35 -31.79 -9.26
N GLY B 389 -5.25 -31.73 -10.58
CA GLY B 389 -6.09 -30.92 -11.46
C GLY B 389 -6.16 -29.44 -11.17
N ALA B 390 -5.12 -28.91 -10.55
CA ALA B 390 -5.01 -27.50 -10.21
C ALA B 390 -4.57 -26.73 -11.42
N ARG B 391 -4.86 -25.43 -11.41
CA ARG B 391 -4.52 -24.59 -12.57
C ARG B 391 -3.24 -23.81 -12.24
N ILE B 392 -2.40 -23.55 -13.25
CA ILE B 392 -1.14 -22.88 -13.00
C ILE B 392 -1.03 -21.58 -13.78
N THR B 393 -0.63 -20.52 -13.08
CA THR B 393 -0.45 -19.21 -13.75
C THR B 393 1.04 -18.88 -13.71
N VAL B 394 1.62 -18.52 -14.85
CA VAL B 394 3.10 -18.30 -14.89
C VAL B 394 3.39 -16.86 -15.32
N GLN B 395 3.83 -16.04 -14.37
CA GLN B 395 4.20 -14.65 -14.71
C GLN B 395 5.39 -14.73 -15.67
N MET B 396 5.29 -14.11 -16.84
CA MET B 396 6.38 -14.33 -17.82
C MET B 396 7.61 -13.50 -17.46
N PRO B 397 7.49 -12.19 -17.16
CA PRO B 397 8.65 -11.46 -16.66
C PRO B 397 8.49 -11.92 -15.22
N PRO B 398 9.22 -12.96 -14.75
CA PRO B 398 8.98 -13.49 -13.42
C PRO B 398 9.36 -12.45 -12.35
N THR B 399 8.68 -12.50 -11.22
CA THR B 399 8.99 -11.57 -10.11
C THR B 399 9.64 -12.39 -9.01
N ILE B 400 10.91 -12.12 -8.71
CA ILE B 400 11.66 -12.97 -7.73
C ILE B 400 11.70 -12.28 -6.37
N GLU B 401 11.41 -10.99 -6.34
CA GLU B 401 11.41 -10.28 -5.06
C GLU B 401 10.58 -11.05 -4.05
N GLY B 402 11.17 -11.29 -2.90
CA GLY B 402 10.51 -11.93 -1.79
C GLY B 402 11.45 -12.92 -1.12
N HIS B 403 10.90 -13.71 -0.21
CA HIS B 403 11.62 -14.76 0.50
C HIS B 403 11.08 -16.12 0.09
N TRP B 404 11.96 -16.99 -0.38
CA TRP B 404 11.60 -18.32 -0.86
C TRP B 404 12.31 -19.38 -0.04
N VAL B 405 11.58 -20.44 0.34
CA VAL B 405 12.09 -21.47 1.22
C VAL B 405 11.80 -22.85 0.63
N SER B 406 12.57 -23.84 1.09
CA SER B 406 12.33 -25.22 0.72
C SER B 406 11.07 -25.75 1.42
N THR B 407 10.53 -26.84 0.88
CA THR B 407 9.37 -27.50 1.48
C THR B 407 9.73 -28.79 2.19
N GLY B 408 11.00 -29.16 2.22
CA GLY B 408 11.41 -30.40 2.86
C GLY B 408 12.91 -30.57 2.76
N CYS B 409 13.37 -31.75 3.14
CA CYS B 409 14.81 -32.06 3.14
C CYS B 409 15.22 -32.44 1.71
N GLU B 410 15.74 -31.47 0.98
CA GLU B 410 16.13 -31.69 -0.42
C GLU B 410 17.37 -32.56 -0.49
N VAL B 411 17.56 -33.23 -1.63
CA VAL B 411 18.74 -34.08 -1.86
C VAL B 411 19.40 -33.65 -3.17
N ARG B 412 20.58 -33.05 -3.06
CA ARG B 412 21.48 -32.82 -4.19
C ARG B 412 22.46 -33.96 -4.31
N SER B 413 23.06 -34.09 -5.49
CA SER B 413 24.04 -35.14 -5.74
C SER B 413 25.19 -35.06 -4.75
N GLY B 414 25.67 -36.22 -4.32
CA GLY B 414 26.71 -36.30 -3.33
C GLY B 414 26.71 -37.64 -2.62
N PRO B 415 25.68 -37.88 -1.79
CA PRO B 415 24.53 -36.99 -1.55
C PRO B 415 24.84 -35.79 -0.68
N GLU B 416 24.01 -34.74 -0.85
CA GLU B 416 24.07 -33.52 -0.05
C GLU B 416 22.66 -33.25 0.45
N PHE B 417 22.42 -33.44 1.74
CA PHE B 417 21.11 -33.20 2.33
C PHE B 417 21.05 -31.75 2.79
N MET B 418 20.05 -31.00 2.33
CA MET B 418 20.08 -29.57 2.55
C MET B 418 18.70 -28.95 2.39
N THR B 419 18.59 -27.71 2.87
CA THR B 419 17.44 -26.85 2.67
C THR B 419 17.92 -25.48 2.18
N ARG B 420 17.02 -24.74 1.56
CA ARG B 420 17.33 -23.44 1.01
C ARG B 420 16.44 -22.36 1.64
N SER B 421 17.01 -21.18 1.84
CA SER B 421 16.25 -20.01 2.29
C SER B 421 16.82 -18.82 1.55
N TYR B 422 16.13 -18.40 0.49
CA TYR B 422 16.63 -17.41 -0.46
C TYR B 422 15.80 -16.14 -0.37
N ARG B 423 16.46 -15.01 -0.17
CA ARG B 423 15.81 -13.71 -0.11
C ARG B 423 16.27 -12.87 -1.28
N PHE B 424 15.33 -12.42 -2.11
CA PHE B 424 15.65 -11.51 -3.20
C PHE B 424 15.01 -10.15 -2.91
N TYR B 425 15.84 -9.12 -2.87
CA TYR B 425 15.42 -7.77 -2.47
C TYR B 425 15.14 -6.91 -3.69
N ASN B 426 14.50 -5.78 -3.44
CA ASN B 426 14.13 -4.87 -4.53
C ASN B 426 15.34 -4.22 -5.18
N ASN B 427 16.43 -4.05 -4.45
CA ASN B 427 17.60 -3.42 -5.02
C ASN B 427 18.38 -4.37 -5.94
N ASN B 428 17.81 -5.53 -6.26
CA ASN B 428 18.38 -6.54 -7.15
C ASN B 428 19.56 -7.26 -6.52
N THR B 429 19.60 -7.29 -5.20
CA THR B 429 20.60 -8.03 -4.43
C THR B 429 19.92 -9.21 -3.73
N PHE B 430 20.73 -10.17 -3.29
CA PHE B 430 20.19 -11.39 -2.71
C PHE B 430 21.08 -11.90 -1.60
N LYS B 431 20.45 -12.53 -0.61
CA LYS B 431 21.13 -13.27 0.46
C LYS B 431 20.52 -14.66 0.48
N ALA B 432 21.33 -15.67 0.19
CA ALA B 432 20.87 -17.04 0.11
C ALA B 432 21.52 -17.89 1.20
N TYR B 433 20.70 -18.58 1.97
CA TYR B 433 21.18 -19.52 2.95
C TYR B 433 21.09 -20.93 2.36
N GLN B 434 22.20 -21.65 2.40
CA GLN B 434 22.21 -23.06 2.05
C GLN B 434 22.56 -23.82 3.32
N PHE B 435 21.55 -24.44 3.93
CA PHE B 435 21.73 -25.20 5.16
C PHE B 435 21.95 -26.66 4.77
N TYR B 436 23.10 -27.21 5.16
CA TYR B 436 23.43 -28.59 4.86
C TYR B 436 23.40 -29.41 6.14
N TYR B 437 23.02 -30.68 6.01
CA TYR B 437 22.83 -31.58 7.14
C TYR B 437 23.54 -32.91 6.87
N GLY B 438 23.52 -33.77 7.88
CA GLY B 438 24.21 -35.05 7.81
C GLY B 438 23.34 -36.26 7.54
N SER B 439 22.02 -36.09 7.57
CA SER B 439 21.09 -37.22 7.41
C SER B 439 19.98 -36.82 6.45
N ASN B 440 19.29 -37.85 5.93
CA ASN B 440 18.17 -37.59 5.02
C ASN B 440 16.97 -36.97 5.72
N ARG B 441 17.01 -36.82 7.03
CA ARG B 441 15.91 -36.23 7.77
C ARG B 441 16.15 -34.76 8.09
N CYS B 442 17.35 -34.25 7.80
CA CYS B 442 17.68 -32.84 8.02
C CYS B 442 17.41 -32.45 9.46
N THR B 443 17.84 -33.31 10.39
CA THR B 443 17.68 -33.07 11.81
C THR B 443 18.98 -32.70 12.50
N ASN B 444 20.13 -32.83 11.83
CA ASN B 444 21.43 -32.61 12.44
C ASN B 444 22.28 -31.69 11.57
N PRO B 445 22.21 -30.38 11.80
CA PRO B 445 22.98 -29.44 10.97
C PRO B 445 24.48 -29.67 11.06
N THR B 446 25.14 -29.61 9.89
CA THR B 446 26.59 -29.74 9.79
C THR B 446 27.25 -28.41 9.43
N TYR B 447 27.06 -27.92 8.21
CA TYR B 447 27.58 -26.62 7.80
C TYR B 447 26.52 -25.87 7.02
N THR B 448 26.62 -24.55 7.04
CA THR B 448 25.68 -23.67 6.39
C THR B 448 26.43 -22.67 5.53
N LEU B 449 25.91 -22.41 4.33
CA LEU B 449 26.53 -21.48 3.40
C LEU B 449 25.70 -20.20 3.31
N ILE B 450 26.40 -19.06 3.28
CA ILE B 450 25.78 -17.74 3.12
C ILE B 450 26.33 -17.16 1.84
N ILE B 451 25.48 -17.04 0.83
CA ILE B 451 25.86 -16.60 -0.51
C ILE B 451 25.23 -15.24 -0.75
N ARG B 452 26.03 -14.28 -1.18
CA ARG B 452 25.55 -12.94 -1.43
C ARG B 452 25.96 -12.50 -2.82
N GLY B 453 25.14 -11.66 -3.43
CA GLY B 453 25.47 -11.27 -4.78
C GLY B 453 24.42 -10.41 -5.44
N LYS B 454 24.53 -10.39 -6.76
CA LYS B 454 23.86 -9.46 -7.66
C LYS B 454 23.05 -10.29 -8.64
N ILE B 455 21.79 -9.91 -8.92
CA ILE B 455 20.97 -10.71 -9.83
C ILE B 455 20.19 -9.81 -10.77
N ARG B 456 20.13 -10.20 -12.03
CA ARG B 456 19.46 -9.37 -13.05
C ARG B 456 18.72 -10.27 -14.03
N LEU B 457 17.39 -10.28 -13.96
CA LEU B 457 16.59 -11.07 -14.90
C LEU B 457 16.82 -10.51 -16.31
N ARG B 458 17.14 -11.38 -17.26
CA ARG B 458 17.31 -10.93 -18.66
C ARG B 458 16.04 -11.32 -19.42
N GLN B 459 16.16 -11.59 -20.71
CA GLN B 459 14.99 -12.01 -21.52
C GLN B 459 14.69 -13.49 -21.28
N ALA B 460 13.65 -14.00 -21.93
CA ALA B 460 13.27 -15.42 -21.80
C ALA B 460 14.27 -16.33 -22.51
N SER B 461 14.30 -17.60 -22.13
CA SER B 461 15.26 -18.56 -22.73
C SER B 461 14.78 -19.02 -24.10
N TRP B 462 15.64 -18.91 -25.10
CA TRP B 462 15.32 -19.41 -26.45
C TRP B 462 15.49 -20.92 -26.46
N ILE B 463 16.13 -21.48 -25.43
CA ILE B 463 16.38 -22.91 -25.39
C ILE B 463 15.38 -23.63 -24.49
N ILE B 464 15.14 -23.09 -23.30
CA ILE B 464 14.25 -23.71 -22.31
C ILE B 464 12.95 -22.93 -22.33
N ARG B 465 11.92 -23.50 -22.97
CA ARG B 465 10.62 -22.86 -23.06
C ARG B 465 10.02 -22.70 -21.67
N GLY B 466 9.59 -21.49 -21.33
CA GLY B 466 9.00 -21.24 -20.00
C GLY B 466 10.00 -20.66 -19.03
N GLY B 467 11.28 -20.71 -19.38
CA GLY B 467 12.32 -20.22 -18.47
C GLY B 467 12.75 -18.82 -18.79
N THR B 468 13.22 -18.11 -17.76
CA THR B 468 13.78 -16.76 -17.99
C THR B 468 15.25 -16.82 -17.61
N GLU B 469 16.12 -16.36 -18.49
CA GLU B 469 17.57 -16.34 -18.21
C GLU B 469 17.88 -15.16 -17.30
N ALA B 470 18.98 -15.24 -16.57
CA ALA B 470 19.33 -14.16 -15.61
C ALA B 470 20.85 -14.08 -15.47
N ASP B 471 21.35 -12.89 -15.18
CA ASP B 471 22.81 -12.72 -14.95
C ASP B 471 23.04 -12.55 -13.46
N TYR B 472 24.10 -13.15 -12.93
CA TYR B 472 24.43 -12.96 -11.53
C TYR B 472 25.93 -12.78 -11.37
N GLN B 473 26.28 -12.09 -10.30
CA GLN B 473 27.66 -11.89 -9.92
C GLN B 473 27.74 -12.09 -8.41
N LEU B 474 28.65 -12.93 -7.97
CA LEU B 474 28.79 -13.20 -6.55
C LEU B 474 29.52 -12.04 -5.89
N HIS B 475 29.10 -11.72 -4.66
CA HIS B 475 29.79 -10.75 -3.83
C HIS B 475 30.47 -11.39 -2.63
N GLY B 476 29.94 -12.51 -2.14
CA GLY B 476 30.56 -13.21 -1.03
C GLY B 476 29.90 -14.55 -0.75
N VAL B 477 30.72 -15.54 -0.41
CA VAL B 477 30.27 -16.87 -0.02
C VAL B 477 30.96 -17.18 1.30
N GLN B 478 30.18 -17.41 2.35
CA GLN B 478 30.73 -17.71 3.66
C GLN B 478 30.20 -19.04 4.15
N VAL B 479 30.97 -19.66 5.06
CA VAL B 479 30.61 -20.95 5.62
C VAL B 479 30.67 -20.83 7.14
N ILE B 480 29.66 -21.41 7.80
CA ILE B 480 29.60 -21.51 9.24
C ILE B 480 29.46 -22.98 9.58
N CYS B 481 30.36 -23.50 10.41
CA CYS B 481 30.29 -24.87 10.85
C CYS B 481 29.54 -24.95 12.16
N HIS B 482 28.65 -25.94 12.28
CA HIS B 482 27.78 -26.05 13.44
C HIS B 482 28.24 -27.10 14.43
N THR B 483 29.21 -27.92 14.08
CA THR B 483 29.81 -28.86 15.01
C THR B 483 31.31 -28.71 15.00
N GLU B 484 31.91 -29.16 16.10
CA GLU B 484 33.36 -29.08 16.23
C GLU B 484 34.04 -29.99 15.23
N ALA B 485 33.43 -31.15 14.96
CA ALA B 485 33.99 -32.05 13.97
C ALA B 485 34.02 -31.42 12.58
N VAL B 486 32.92 -30.79 12.16
CA VAL B 486 32.85 -30.22 10.83
C VAL B 486 33.90 -29.14 10.63
N ALA B 487 34.06 -28.28 11.62
CA ALA B 487 35.08 -27.23 11.54
C ALA B 487 36.46 -27.83 11.32
N GLU B 488 36.75 -28.94 11.99
CA GLU B 488 38.03 -29.58 11.75
C GLU B 488 38.12 -30.13 10.33
N GLN B 489 37.13 -30.93 9.91
CA GLN B 489 37.22 -31.60 8.61
C GLN B 489 37.33 -30.59 7.47
N LEU B 490 36.51 -29.55 7.50
CA LEU B 490 36.51 -28.58 6.41
C LEU B 490 37.83 -27.81 6.37
N SER B 491 38.33 -27.37 7.52
CA SER B 491 39.59 -26.66 7.57
C SER B 491 40.71 -27.45 6.91
N ARG B 492 40.78 -28.76 7.19
CA ARG B 492 41.77 -29.59 6.51
C ARG B 492 41.46 -29.67 5.03
N LEU B 493 40.19 -29.89 4.69
CA LEU B 493 39.80 -30.03 3.29
C LEU B 493 40.11 -28.75 2.51
N VAL B 494 39.84 -27.58 3.12
CA VAL B 494 40.18 -26.33 2.44
C VAL B 494 41.68 -26.23 2.23
N ASN B 495 42.46 -26.61 3.25
CA ASN B 495 43.92 -26.58 3.12
C ASN B 495 44.40 -27.60 2.10
N ARG B 496 43.89 -28.83 2.16
CA ARG B 496 44.29 -29.84 1.18
C ARG B 496 43.85 -29.43 -0.22
N THR B 497 42.63 -28.90 -0.36
CA THR B 497 42.11 -28.54 -1.67
C THR B 497 42.80 -27.30 -2.23
N CYS B 498 42.95 -26.26 -1.40
CA CYS B 498 43.52 -24.98 -1.82
C CYS B 498 44.64 -24.58 -0.88
N PRO B 499 45.82 -25.18 -1.04
CA PRO B 499 46.93 -24.84 -0.14
C PRO B 499 47.35 -23.38 -0.24
N GLY B 500 47.07 -22.61 0.82
CA GLY B 500 47.46 -21.19 0.83
C GLY B 500 46.30 -20.24 1.07
N PHE B 501 45.10 -20.58 0.59
CA PHE B 501 43.95 -19.66 0.70
C PHE B 501 43.69 -19.35 2.17
N LEU B 502 43.64 -20.39 3.01
CA LEU B 502 43.36 -20.18 4.45
C LEU B 502 44.56 -19.43 5.01
N ALA B 503 44.41 -18.14 5.25
CA ALA B 503 45.56 -17.33 5.66
C ALA B 503 46.14 -17.86 6.97
N PRO B 504 47.37 -17.46 7.35
CA PRO B 504 47.93 -17.88 8.64
C PRO B 504 46.96 -17.39 9.70
N GLY B 505 46.60 -18.27 10.64
CA GLY B 505 45.72 -17.82 11.73
C GLY B 505 45.38 -18.94 12.68
N GLY B 506 44.29 -18.76 13.42
CA GLY B 506 43.91 -19.76 14.43
C GLY B 506 43.07 -20.86 13.83
N PRO B 507 42.73 -21.91 14.60
CA PRO B 507 41.96 -23.02 14.09
C PRO B 507 40.49 -22.62 13.89
N TRP B 508 39.82 -23.23 12.92
CA TRP B 508 38.40 -22.96 12.72
C TRP B 508 37.59 -23.44 13.92
N VAL B 509 36.67 -22.61 14.37
CA VAL B 509 35.80 -22.92 15.49
C VAL B 509 34.35 -22.84 15.01
N GLN B 510 33.45 -23.50 15.75
CA GLN B 510 32.05 -23.55 15.35
C GLN B 510 31.37 -22.19 15.57
N ASP B 511 30.23 -22.03 14.90
CA ASP B 511 29.41 -20.81 14.98
C ASP B 511 30.19 -19.55 14.60
N VAL B 512 31.23 -19.71 13.79
CA VAL B 512 32.04 -18.61 13.29
C VAL B 512 32.03 -18.64 11.76
N ALA B 513 31.80 -17.48 11.15
CA ALA B 513 31.75 -17.37 9.70
C ALA B 513 33.15 -17.22 9.11
N TYR B 514 33.47 -18.07 8.14
CA TYR B 514 34.73 -18.00 7.42
C TYR B 514 34.46 -17.75 5.94
N ASP B 515 35.30 -16.93 5.31
CA ASP B 515 35.13 -16.56 3.91
C ASP B 515 35.76 -17.61 3.00
N LEU B 516 34.95 -18.14 2.08
CA LEU B 516 35.44 -19.03 1.03
C LEU B 516 35.57 -18.35 -0.33
N TRP B 517 34.91 -17.21 -0.52
CA TRP B 517 34.91 -16.49 -1.80
C TRP B 517 34.75 -15.02 -1.49
N GLN B 518 35.74 -14.21 -1.90
CA GLN B 518 35.74 -12.77 -1.68
C GLN B 518 35.92 -11.99 -2.99
N GLU B 519 35.25 -10.83 -3.07
CA GLU B 519 35.50 -9.93 -4.19
C GLU B 519 36.91 -9.36 -4.10
N GLU B 520 37.37 -8.77 -5.20
CA GLU B 520 38.76 -8.25 -5.24
C GLU B 520 39.64 -9.25 -4.49
N SER B 521 39.51 -10.53 -4.84
CA SER B 521 40.33 -11.57 -4.23
C SER B 521 41.12 -12.38 -5.24
N ASN B 522 40.50 -12.81 -6.33
CA ASN B 522 41.11 -13.72 -7.29
C ASN B 522 41.51 -15.02 -6.60
N HIS B 523 41.13 -15.18 -5.33
CA HIS B 523 41.49 -16.32 -4.51
C HIS B 523 40.23 -16.78 -3.79
N GLU B 524 39.84 -18.03 -4.02
CA GLU B 524 38.62 -18.59 -3.47
C GLU B 524 38.82 -20.09 -3.38
N CYS B 525 38.15 -20.71 -2.42
CA CYS B 525 38.19 -22.17 -2.30
C CYS B 525 36.79 -22.74 -2.23
N THR B 526 35.92 -22.32 -3.15
CA THR B 526 34.57 -22.89 -3.22
C THR B 526 34.61 -24.35 -3.62
N LYS B 527 35.69 -24.80 -4.28
CA LYS B 527 35.78 -26.20 -4.72
C LYS B 527 35.67 -27.17 -3.54
N ALA B 528 36.15 -26.77 -2.35
CA ALA B 528 36.16 -27.66 -1.20
C ALA B 528 34.77 -28.22 -0.89
N VAL B 529 33.73 -27.40 -1.05
CA VAL B 529 32.36 -27.84 -0.83
C VAL B 529 31.61 -28.06 -2.13
N ASN B 530 32.32 -28.09 -3.26
CA ASN B 530 31.73 -28.27 -4.58
C ASN B 530 30.61 -27.28 -4.81
N PHE B 531 30.88 -26.00 -4.53
CA PHE B 531 29.83 -24.99 -4.56
C PHE B 531 29.82 -24.24 -5.88
N ALA B 532 28.62 -24.03 -6.40
CA ALA B 532 28.38 -23.16 -7.54
C ALA B 532 26.99 -22.58 -7.37
N MET B 533 26.78 -21.41 -7.97
CA MET B 533 25.51 -20.72 -7.85
C MET B 533 24.86 -20.49 -9.21
N HIS B 534 25.17 -21.34 -10.19
CA HIS B 534 24.62 -21.13 -11.53
C HIS B 534 23.13 -21.44 -11.62
N GLU B 535 22.49 -21.90 -10.53
CA GLU B 535 21.05 -22.07 -10.55
C GLU B 535 20.32 -20.75 -10.79
N LEU B 536 20.95 -19.62 -10.48
CA LEU B 536 20.29 -18.33 -10.60
C LEU B 536 20.20 -17.84 -12.03
N GLN B 537 20.68 -18.63 -12.99
CA GLN B 537 20.63 -18.23 -14.39
C GLN B 537 19.37 -18.70 -15.09
N LEU B 538 18.58 -19.57 -14.45
CA LEU B 538 17.34 -20.08 -15.02
C LEU B 538 16.24 -19.97 -13.98
N ILE B 539 15.16 -19.26 -14.31
CA ILE B 539 14.12 -18.94 -13.34
C ILE B 539 12.74 -19.14 -13.95
N ARG B 540 11.83 -19.70 -13.16
CA ARG B 540 10.43 -19.87 -13.57
C ARG B 540 9.58 -19.82 -12.29
N VAL B 541 8.50 -19.04 -12.31
CA VAL B 541 7.60 -18.93 -11.12
C VAL B 541 6.18 -19.37 -11.52
N GLU B 542 5.64 -20.35 -10.82
CA GLU B 542 4.29 -20.88 -11.13
C GLU B 542 3.39 -20.65 -9.91
N LYS B 543 2.16 -20.20 -10.16
CA LYS B 543 1.22 -19.90 -9.04
C LYS B 543 -0.01 -20.79 -9.14
N GLN B 544 -0.46 -21.35 -8.02
CA GLN B 544 -1.65 -22.17 -7.97
C GLN B 544 -2.69 -21.44 -7.14
N TYR B 545 -3.69 -20.88 -7.80
CA TYR B 545 -4.66 -20.07 -7.09
C TYR B 545 -5.62 -20.96 -6.29
N PRO B 546 -6.19 -20.45 -5.18
CA PRO B 546 -6.99 -21.29 -4.28
C PRO B 546 -8.28 -21.90 -4.84
N HIS B 547 -8.66 -23.06 -4.31
CA HIS B 547 -9.91 -23.73 -4.72
C HIS B 547 -10.55 -24.32 -3.46
N HIS B 548 -11.68 -25.02 -3.60
CA HIS B 548 -12.38 -25.53 -2.40
C HIS B 548 -11.41 -26.40 -1.60
N SER B 549 -10.52 -27.11 -2.31
CA SER B 549 -9.51 -27.99 -1.65
C SER B 549 -8.40 -27.13 -1.02
N LEU B 550 -7.86 -26.17 -1.76
CA LEU B 550 -6.73 -25.36 -1.24
C LEU B 550 -7.20 -23.93 -0.98
N ASP B 551 -7.35 -23.56 0.28
CA ASP B 551 -7.90 -22.22 0.61
C ASP B 551 -6.84 -21.14 0.45
N HIS B 552 -5.65 -21.49 -0.02
CA HIS B 552 -4.61 -20.47 -0.07
C HIS B 552 -3.88 -20.53 -1.40
N LEU B 553 -3.28 -19.40 -1.80
CA LEU B 553 -2.47 -19.34 -2.99
C LEU B 553 -1.06 -19.86 -2.70
N VAL B 554 -0.52 -20.66 -3.61
CA VAL B 554 0.84 -21.18 -3.49
C VAL B 554 1.65 -20.72 -4.69
N GLU B 555 2.71 -19.97 -4.41
CA GLU B 555 3.65 -19.54 -5.47
C GLU B 555 4.90 -20.40 -5.34
N GLU B 556 5.44 -20.89 -6.45
CA GLU B 556 6.60 -21.74 -6.48
C GLU B 556 7.67 -21.12 -7.37
N LEU B 557 8.90 -21.05 -6.86
CA LEU B 557 10.03 -20.55 -7.64
C LEU B 557 10.91 -21.74 -8.03
N PHE B 558 11.08 -21.93 -9.33
CA PHE B 558 11.92 -22.99 -9.88
C PHE B 558 13.24 -22.36 -10.34
N LEU B 559 14.34 -22.85 -9.79
CA LEU B 559 15.68 -22.44 -10.17
C LEU B 559 16.37 -23.58 -10.91
N GLY B 560 17.55 -23.28 -11.46
CA GLY B 560 18.24 -24.24 -12.31
C GLY B 560 18.66 -25.51 -11.56
N ASP B 561 18.79 -26.60 -12.32
CA ASP B 561 19.13 -27.90 -11.78
C ASP B 561 20.60 -28.00 -11.38
N ILE B 562 20.89 -28.92 -10.47
CA ILE B 562 22.23 -29.17 -9.96
C ILE B 562 22.82 -30.36 -10.69
N HIS B 563 24.08 -30.24 -11.11
CA HIS B 563 24.72 -31.32 -11.86
C HIS B 563 24.83 -32.58 -11.01
N THR B 564 24.60 -33.74 -11.63
CA THR B 564 24.67 -34.99 -10.90
C THR B 564 26.10 -35.33 -10.47
N ASP B 565 27.10 -34.75 -11.13
CA ASP B 565 28.49 -34.91 -10.74
C ASP B 565 28.98 -33.60 -10.15
N ALA B 566 29.31 -33.61 -8.85
CA ALA B 566 29.68 -32.39 -8.14
C ALA B 566 30.86 -31.68 -8.78
N THR B 567 31.77 -32.43 -9.41
CA THR B 567 32.95 -31.80 -10.01
C THR B 567 32.63 -30.97 -11.24
N GLN B 568 31.45 -31.12 -11.84
CA GLN B 568 31.11 -30.41 -13.06
C GLN B 568 30.23 -29.18 -12.81
N ARG B 569 29.85 -28.93 -11.55
CA ARG B 569 28.89 -27.87 -11.26
C ARG B 569 29.45 -26.49 -11.55
N VAL B 570 30.76 -26.32 -11.46
CA VAL B 570 31.36 -24.99 -11.67
C VAL B 570 31.17 -24.50 -13.11
N PHE B 571 31.12 -25.41 -14.09
CA PHE B 571 30.95 -25.02 -15.49
C PHE B 571 29.55 -25.31 -16.04
N TYR B 572 28.71 -25.99 -15.28
CA TYR B 572 27.38 -26.43 -15.79
C TYR B 572 26.37 -25.30 -15.93
N ARG B 573 25.86 -25.13 -17.15
CA ARG B 573 24.79 -24.14 -17.37
C ARG B 573 23.48 -24.91 -17.24
N PRO B 574 22.60 -24.57 -16.28
CA PRO B 574 21.37 -25.34 -16.06
C PRO B 574 20.49 -25.42 -17.30
N SER B 575 19.82 -26.55 -17.47
CA SER B 575 18.91 -26.75 -18.61
C SER B 575 17.60 -27.30 -18.08
N SER B 576 17.53 -27.53 -16.77
CA SER B 576 16.29 -28.03 -16.13
C SER B 576 16.08 -27.32 -14.80
N TYR B 577 15.24 -27.86 -13.93
CA TYR B 577 14.90 -27.17 -12.71
C TYR B 577 15.14 -28.02 -11.47
N GLN B 578 15.49 -27.35 -10.38
CA GLN B 578 15.48 -27.94 -9.04
C GLN B 578 14.04 -28.08 -8.58
N PRO B 579 13.79 -28.85 -7.53
CA PRO B 579 12.47 -28.83 -6.91
C PRO B 579 12.13 -27.40 -6.49
N PRO B 580 10.86 -27.02 -6.57
CA PRO B 580 10.49 -25.62 -6.37
C PRO B 580 10.62 -25.18 -4.92
N LEU B 581 10.88 -23.88 -4.74
CA LEU B 581 10.77 -23.23 -3.45
C LEU B 581 9.40 -22.57 -3.37
N GLN B 582 8.88 -22.43 -2.15
CA GLN B 582 7.61 -21.77 -1.93
C GLN B 582 7.82 -20.44 -1.22
N ASN B 583 6.94 -19.49 -1.51
CA ASN B 583 7.06 -18.17 -0.92
C ASN B 583 6.59 -18.18 0.53
N ALA B 584 7.34 -17.49 1.39
CA ALA B 584 7.00 -17.44 2.81
C ALA B 584 5.65 -16.77 3.06
N LYS B 585 5.19 -15.89 2.17
CA LYS B 585 3.90 -15.25 2.34
C LYS B 585 2.76 -16.06 1.72
N ASN B 586 3.08 -16.99 0.81
CA ASN B 586 2.07 -17.73 0.05
C ASN B 586 2.55 -19.17 -0.09
N HIS B 587 2.41 -19.94 0.98
CA HIS B 587 2.84 -21.34 0.98
C HIS B 587 1.69 -22.22 1.41
N ASN B 588 1.84 -23.52 1.12
CA ASN B 588 0.84 -24.47 1.58
C ASN B 588 0.84 -24.48 3.10
N HIS B 589 -0.36 -24.34 3.69
CA HIS B 589 -0.45 -24.31 5.14
C HIS B 589 -0.04 -25.62 5.78
N ALA B 590 -0.12 -26.72 5.05
CA ALA B 590 0.27 -28.03 5.54
C ALA B 590 1.79 -28.22 5.55
N CYS B 591 2.53 -27.30 4.92
CA CYS B 591 3.99 -27.36 4.85
C CYS B 591 4.56 -26.95 6.20
N ILE B 592 4.93 -27.95 7.02
CA ILE B 592 5.54 -27.65 8.31
C ILE B 592 6.97 -27.16 8.12
N ALA B 593 7.70 -27.74 7.17
CA ALA B 593 9.08 -27.34 6.93
C ALA B 593 9.19 -25.90 6.48
N CYS B 594 8.22 -25.42 5.68
CA CYS B 594 8.26 -24.05 5.18
C CYS B 594 8.41 -23.05 6.32
N ARG B 595 7.67 -23.24 7.41
CA ARG B 595 7.68 -22.29 8.51
C ARG B 595 9.01 -22.32 9.26
N ILE B 596 9.51 -23.52 9.56
CA ILE B 596 10.75 -23.64 10.31
C ILE B 596 11.90 -22.98 9.59
N ILE B 597 11.97 -23.15 8.26
CA ILE B 597 13.09 -22.56 7.52
C ILE B 597 12.97 -21.05 7.47
N PHE B 598 11.74 -20.51 7.51
CA PHE B 598 11.53 -19.07 7.36
C PHE B 598 12.14 -18.26 8.47
N ARG B 599 11.70 -18.48 9.71
CA ARG B 599 12.49 -18.05 10.91
C ARG B 599 13.61 -19.02 11.25
N SER B 600 14.71 -18.84 10.54
CA SER B 600 15.98 -19.50 10.73
C SER B 600 17.08 -18.61 10.19
N ASP B 601 18.31 -18.82 10.65
CA ASP B 601 19.47 -18.07 10.16
C ASP B 601 20.71 -18.93 10.33
N GLU B 602 21.86 -18.37 9.96
CA GLU B 602 23.11 -19.14 9.97
C GLU B 602 23.48 -19.62 11.37
N HIS B 603 23.09 -18.88 12.39
CA HIS B 603 23.45 -19.27 13.74
C HIS B 603 22.40 -20.15 14.40
N HIS B 604 21.23 -20.30 13.77
CA HIS B 604 20.18 -21.21 14.24
C HIS B 604 19.55 -21.92 13.04
N PRO B 605 20.21 -22.95 12.52
CA PRO B 605 19.73 -23.62 11.30
C PRO B 605 18.40 -24.30 11.52
N PRO B 606 17.62 -24.54 10.47
CA PRO B 606 16.28 -25.12 10.65
C PRO B 606 16.36 -26.59 11.00
N ILE B 607 15.66 -26.98 12.06
CA ILE B 607 15.59 -28.37 12.49
C ILE B 607 14.26 -28.92 12.02
N LEU B 608 14.30 -29.80 11.01
CA LEU B 608 13.10 -30.34 10.42
C LEU B 608 12.57 -31.52 11.24
N PRO B 609 11.26 -31.74 11.23
CA PRO B 609 10.67 -32.82 12.04
C PRO B 609 11.24 -34.18 11.69
N PRO B 610 11.42 -35.04 12.69
CA PRO B 610 11.92 -36.40 12.45
C PRO B 610 10.79 -37.30 11.98
N LYS B 611 11.00 -37.97 10.85
CA LYS B 611 10.05 -38.95 10.34
C LYS B 611 10.80 -40.23 10.03
N ALA B 612 10.16 -41.38 10.23
CA ALA B 612 10.86 -42.65 10.09
C ALA B 612 10.92 -43.04 8.62
N ASP B 613 12.06 -43.57 8.21
CA ASP B 613 12.21 -43.99 6.83
C ASP B 613 11.21 -45.10 6.53
N LEU B 614 10.53 -44.97 5.41
CA LEU B 614 9.47 -45.88 5.04
C LEU B 614 10.06 -47.06 4.26
N THR B 615 9.33 -48.17 4.28
CA THR B 615 9.73 -49.34 3.52
C THR B 615 9.10 -49.30 2.13
N ILE B 616 9.87 -49.77 1.14
CA ILE B 616 9.42 -49.65 -0.26
C ILE B 616 8.41 -50.73 -0.63
N GLY B 617 7.24 -50.32 -1.13
CA GLY B 617 6.24 -51.27 -1.63
C GLY B 617 6.06 -50.99 -3.11
N LEU B 618 7.06 -51.32 -3.92
CA LEU B 618 7.01 -50.97 -5.37
C LEU B 618 5.68 -51.43 -5.97
N HIS B 619 5.10 -52.51 -5.47
CA HIS B 619 3.86 -53.00 -6.13
C HIS B 619 2.86 -51.86 -6.28
N GLY B 620 2.24 -51.72 -7.46
CA GLY B 620 1.20 -50.70 -7.66
C GLY B 620 1.34 -49.91 -8.95
N GLU B 621 0.57 -48.83 -9.10
CA GLU B 621 0.66 -47.96 -10.30
C GLU B 621 1.05 -46.56 -9.86
N TRP B 622 1.98 -45.94 -10.58
CA TRP B 622 2.49 -44.60 -10.18
C TRP B 622 2.54 -43.65 -11.38
N VAL B 623 2.17 -42.39 -11.17
CA VAL B 623 2.18 -41.40 -12.24
C VAL B 623 2.83 -40.10 -11.76
N SER B 624 3.28 -39.31 -12.73
CA SER B 624 3.84 -38.01 -12.45
C SER B 624 2.83 -37.09 -11.80
N GLN B 625 3.33 -36.18 -10.96
CA GLN B 625 2.52 -35.16 -10.32
C GLN B 625 2.54 -33.85 -11.08
N ARG B 626 3.48 -33.71 -12.01
CA ARG B 626 3.71 -32.46 -12.71
C ARG B 626 4.31 -32.73 -14.08
N CYS B 627 4.25 -31.73 -14.94
CA CYS B 627 4.98 -31.74 -16.20
C CYS B 627 6.47 -31.64 -15.85
N GLU B 628 7.18 -32.74 -15.94
CA GLU B 628 8.57 -32.79 -15.51
C GLU B 628 9.49 -32.23 -16.58
N VAL B 629 10.59 -31.63 -16.12
CA VAL B 629 11.62 -31.10 -17.01
C VAL B 629 12.88 -31.93 -16.83
N ARG B 630 13.31 -32.60 -17.89
CA ARG B 630 14.54 -33.43 -17.81
C ARG B 630 15.66 -32.70 -18.56
N PRO B 631 16.93 -32.89 -18.16
CA PRO B 631 18.04 -32.27 -18.84
C PRO B 631 17.93 -32.49 -20.35
N GLU B 632 18.35 -31.52 -21.15
CA GLU B 632 18.20 -31.57 -22.63
C GLU B 632 16.82 -31.01 -22.96
N VAL B 633 16.31 -30.12 -22.10
CA VAL B 633 14.97 -29.47 -22.29
C VAL B 633 13.97 -30.52 -22.77
N LEU B 634 13.64 -31.47 -21.90
CA LEU B 634 12.69 -32.52 -22.28
C LEU B 634 11.52 -32.52 -21.31
N PHE B 635 10.35 -32.09 -21.79
CA PHE B 635 9.13 -32.11 -20.96
C PHE B 635 8.50 -33.51 -21.08
N LEU B 636 8.11 -34.10 -19.96
CA LEU B 636 7.59 -35.46 -19.99
C LEU B 636 6.79 -35.72 -18.73
N THR B 637 5.96 -36.76 -18.82
CA THR B 637 5.28 -37.37 -17.69
C THR B 637 5.54 -38.86 -17.74
N ARG B 638 5.31 -39.54 -16.63
CA ARG B 638 5.62 -40.95 -16.51
C ARG B 638 4.45 -41.69 -15.89
N HIS B 639 4.20 -42.91 -16.38
CA HIS B 639 3.25 -43.84 -15.78
C HIS B 639 3.95 -45.18 -15.69
N PHE B 640 4.14 -45.68 -14.46
CA PHE B 640 4.88 -46.91 -14.20
C PHE B 640 3.94 -47.93 -13.56
N ILE B 641 4.07 -49.19 -13.96
CA ILE B 641 3.28 -50.29 -13.42
C ILE B 641 4.24 -51.36 -12.91
N PHE B 642 4.19 -51.61 -11.60
CA PHE B 642 5.11 -52.59 -10.98
C PHE B 642 4.30 -53.81 -10.53
N HIS B 643 4.65 -54.99 -11.06
CA HIS B 643 3.97 -56.24 -10.64
C HIS B 643 4.81 -56.93 -9.57
N ASP B 644 4.37 -56.84 -8.31
CA ASP B 644 5.15 -57.43 -7.18
C ASP B 644 5.42 -58.89 -7.51
N ASN B 645 4.38 -59.63 -7.89
CA ASN B 645 4.57 -61.03 -8.32
C ASN B 645 5.45 -61.03 -9.55
N ASN B 646 6.30 -62.03 -9.72
CA ASN B 646 7.18 -62.18 -10.92
C ASN B 646 8.12 -60.98 -11.10
N ASN B 647 8.11 -60.02 -10.18
CA ASN B 647 9.08 -58.90 -10.26
C ASN B 647 9.13 -58.36 -11.68
N THR B 648 7.98 -57.99 -12.24
CA THR B 648 7.92 -57.45 -13.62
C THR B 648 7.52 -55.97 -13.59
N TRP B 649 8.00 -55.20 -14.55
CA TRP B 649 7.74 -53.74 -14.54
C TRP B 649 7.42 -53.19 -15.93
N GLU B 650 6.47 -52.27 -16.00
CA GLU B 650 6.10 -51.60 -17.23
C GLU B 650 6.21 -50.10 -17.03
N GLY B 651 6.70 -49.40 -18.06
CA GLY B 651 6.80 -47.96 -18.00
C GLY B 651 6.32 -47.25 -19.24
N HIS B 652 5.59 -46.15 -19.05
CA HIS B 652 5.19 -45.27 -20.13
C HIS B 652 5.84 -43.91 -19.92
N TYR B 653 6.54 -43.43 -20.94
CA TYR B 653 7.18 -42.11 -20.90
C TYR B 653 6.54 -41.24 -21.98
N TYR B 654 5.70 -40.30 -21.58
CA TYR B 654 4.98 -39.43 -22.50
C TYR B 654 5.75 -38.12 -22.68
N HIS B 655 6.22 -37.84 -23.88
CA HIS B 655 7.01 -36.65 -24.15
C HIS B 655 6.18 -35.55 -24.80
N TYR B 656 6.46 -34.31 -24.42
CA TYR B 656 5.73 -33.13 -24.88
C TYR B 656 6.73 -32.06 -25.27
N SER B 657 6.25 -31.07 -26.04
CA SER B 657 7.10 -29.97 -26.46
C SER B 657 6.93 -28.73 -25.60
N ASP B 658 5.93 -28.69 -24.74
CA ASP B 658 5.56 -27.50 -23.98
C ASP B 658 5.70 -27.75 -22.48
N PRO B 659 6.02 -26.71 -21.71
CA PRO B 659 6.20 -26.88 -20.25
C PRO B 659 4.93 -27.26 -19.50
N VAL B 660 3.76 -27.34 -20.13
CA VAL B 660 2.56 -27.75 -19.43
C VAL B 660 2.04 -29.10 -19.92
N CYS B 661 2.79 -29.77 -20.80
CA CYS B 661 2.51 -31.15 -21.20
C CYS B 661 1.11 -31.30 -21.80
N LYS B 662 0.82 -30.47 -22.80
CA LYS B 662 -0.43 -30.54 -23.54
C LYS B 662 -0.23 -30.82 -25.02
N HIS B 663 0.99 -30.71 -25.54
CA HIS B 663 1.30 -30.96 -26.95
C HIS B 663 2.25 -32.14 -27.04
N PRO B 664 1.75 -33.35 -27.22
CA PRO B 664 2.63 -34.52 -27.22
C PRO B 664 3.49 -34.59 -28.48
N THR B 665 4.67 -35.17 -28.32
CA THR B 665 5.61 -35.38 -29.41
C THR B 665 5.82 -36.86 -29.70
N PHE B 666 6.14 -37.65 -28.68
CA PHE B 666 6.27 -39.09 -28.83
C PHE B 666 6.12 -39.73 -27.45
N THR B 667 5.81 -41.02 -27.46
CA THR B 667 5.60 -41.78 -26.23
C THR B 667 6.42 -43.06 -26.30
N ILE B 668 7.16 -43.34 -25.24
CA ILE B 668 8.03 -44.51 -25.16
C ILE B 668 7.46 -45.46 -24.13
N TYR B 669 7.29 -46.72 -24.53
CA TYR B 669 6.83 -47.78 -23.64
C TYR B 669 7.99 -48.75 -23.40
N ALA B 670 8.19 -49.12 -22.14
CA ALA B 670 9.25 -50.05 -21.78
C ALA B 670 8.71 -51.10 -20.82
N ARG B 671 9.28 -52.29 -20.90
CA ARG B 671 8.90 -53.41 -20.06
C ARG B 671 10.13 -54.25 -19.77
N GLY B 672 10.13 -54.91 -18.62
CA GLY B 672 11.27 -55.76 -18.26
C GLY B 672 11.12 -56.31 -16.86
N ARG B 673 12.23 -56.68 -16.25
CA ARG B 673 12.18 -57.27 -14.89
C ARG B 673 13.07 -56.45 -13.96
N TYR B 674 12.73 -56.45 -12.67
CA TYR B 674 13.54 -55.72 -11.68
C TYR B 674 13.89 -56.60 -10.49
N SER B 675 15.06 -56.39 -9.89
CA SER B 675 15.44 -57.08 -8.67
C SER B 675 15.45 -56.10 -7.52
N ARG B 676 14.87 -56.54 -6.39
CA ARG B 676 14.91 -55.73 -5.16
C ARG B 676 16.31 -55.85 -4.57
N GLY B 677 16.80 -54.79 -3.96
CA GLY B 677 18.17 -54.75 -3.48
C GLY B 677 18.37 -54.48 -2.01
N VAL B 678 19.54 -53.96 -1.69
CA VAL B 678 19.87 -53.54 -0.33
C VAL B 678 19.68 -52.06 -0.14
N LEU B 679 19.47 -51.70 1.12
CA LEU B 679 19.49 -50.30 1.50
C LEU B 679 20.84 -49.72 1.11
N SER B 680 20.84 -48.46 0.69
CA SER B 680 22.07 -47.87 0.22
C SER B 680 22.92 -47.46 1.42
N SER B 681 24.22 -47.73 1.32
CA SER B 681 25.17 -47.19 2.27
C SER B 681 25.69 -45.84 1.83
N LYS B 682 25.60 -45.54 0.53
CA LYS B 682 26.00 -44.24 0.01
C LYS B 682 24.94 -43.18 0.24
N VAL B 683 23.66 -43.53 0.09
CA VAL B 683 22.57 -42.56 0.12
C VAL B 683 21.63 -42.96 1.25
N MET B 684 21.79 -42.33 2.41
CA MET B 684 20.93 -42.57 3.56
C MET B 684 19.47 -42.38 3.17
N GLY B 685 18.64 -43.36 3.49
CA GLY B 685 17.23 -43.30 3.18
C GLY B 685 16.86 -43.94 1.86
N GLY B 686 17.84 -44.38 1.08
CA GLY B 686 17.61 -44.95 -0.24
C GLY B 686 17.77 -46.45 -0.25
N THR B 687 16.99 -47.10 -1.10
CA THR B 687 17.04 -48.54 -1.34
C THR B 687 17.53 -48.78 -2.76
N GLU B 688 18.46 -49.70 -2.92
CA GLU B 688 19.03 -49.96 -4.22
C GLU B 688 18.18 -50.99 -4.98
N PHE B 689 18.09 -50.79 -6.29
CA PHE B 689 17.34 -51.67 -7.18
C PHE B 689 18.12 -51.78 -8.48
N VAL B 690 17.89 -52.86 -9.20
CA VAL B 690 18.42 -53.02 -10.55
C VAL B 690 17.26 -53.33 -11.49
N PHE B 691 17.18 -52.59 -12.58
CA PHE B 691 16.10 -52.73 -13.56
C PHE B 691 16.66 -53.20 -14.89
N LYS B 692 16.01 -54.18 -15.50
CA LYS B 692 16.37 -54.66 -16.83
C LYS B 692 15.24 -54.35 -17.79
N VAL B 693 15.55 -53.67 -18.89
CA VAL B 693 14.59 -53.40 -19.96
C VAL B 693 14.80 -54.42 -21.08
N ASN B 694 13.78 -55.22 -21.35
CA ASN B 694 13.83 -56.21 -22.43
C ASN B 694 12.98 -55.87 -23.64
N HIS B 695 12.01 -54.96 -23.52
CA HIS B 695 11.09 -54.64 -24.60
C HIS B 695 10.84 -53.14 -24.65
N MET B 696 10.76 -52.58 -25.85
CA MET B 696 10.57 -51.14 -26.03
C MET B 696 9.71 -50.86 -27.24
N LYS B 697 8.73 -49.97 -27.08
CA LYS B 697 7.87 -49.52 -28.16
C LYS B 697 7.83 -48.00 -28.20
N VAL B 698 7.75 -47.44 -29.41
CA VAL B 698 7.70 -46.00 -29.62
C VAL B 698 6.39 -45.67 -30.33
N THR B 699 5.69 -44.65 -29.85
CA THR B 699 4.49 -44.18 -30.53
C THR B 699 4.68 -42.72 -30.88
N PRO B 700 4.86 -42.40 -32.15
CA PRO B 700 4.94 -41.00 -32.57
C PRO B 700 3.61 -40.29 -32.35
N MET B 701 3.67 -39.04 -31.90
CA MET B 701 2.47 -38.28 -31.58
C MET B 701 2.26 -37.05 -32.44
N ASP B 702 3.17 -36.74 -33.35
CA ASP B 702 2.99 -35.61 -34.26
C ASP B 702 3.66 -35.97 -35.58
N ALA B 703 3.30 -35.22 -36.63
CA ALA B 703 3.86 -35.51 -37.94
C ALA B 703 5.38 -35.42 -37.96
N ALA B 704 5.95 -34.50 -37.18
CA ALA B 704 7.40 -34.29 -37.23
C ALA B 704 8.17 -35.51 -36.76
N THR B 705 7.72 -36.17 -35.69
CA THR B 705 8.47 -37.33 -35.19
C THR B 705 8.41 -38.50 -36.15
N ALA B 706 7.21 -38.81 -36.66
CA ALA B 706 7.06 -39.94 -37.58
C ALA B 706 7.93 -39.75 -38.82
N SER B 707 7.96 -38.52 -39.35
CA SER B 707 8.76 -38.25 -40.54
C SER B 707 10.24 -38.46 -40.28
N LEU B 708 10.73 -37.98 -39.13
CA LEU B 708 12.14 -38.16 -38.81
C LEU B 708 12.45 -39.64 -38.63
N LEU B 709 11.57 -40.36 -37.92
CA LEU B 709 11.77 -41.78 -37.74
C LEU B 709 11.80 -42.51 -39.08
N ASN B 710 10.88 -42.18 -39.99
CA ASN B 710 10.85 -42.85 -41.28
C ASN B 710 12.08 -42.53 -42.12
N VAL B 711 12.66 -41.35 -41.93
CA VAL B 711 13.80 -40.94 -42.74
C VAL B 711 15.04 -41.69 -42.28
N PHE B 712 15.16 -41.91 -40.97
CA PHE B 712 16.29 -42.62 -40.39
C PHE B 712 16.00 -44.06 -39.99
N SER B 713 14.76 -44.55 -40.14
CA SER B 713 14.50 -45.97 -39.87
C SER B 713 14.66 -46.86 -41.08
N GLY B 714 14.56 -46.33 -42.29
CA GLY B 714 14.85 -47.12 -43.47
C GLY B 714 16.28 -47.62 -43.44
N ASN B 715 16.57 -48.58 -44.34
CA ASN B 715 17.87 -49.24 -44.46
C ASN B 715 18.34 -49.87 -43.14
N GLU B 716 17.50 -49.83 -42.11
CA GLU B 716 17.78 -50.46 -40.82
C GLU B 716 16.83 -51.64 -40.63
N CYS B 717 17.40 -52.84 -40.46
CA CYS B 717 16.63 -54.04 -40.13
C CYS B 717 15.64 -54.40 -41.23
N GLY B 718 16.05 -54.24 -42.48
CA GLY B 718 15.28 -54.69 -43.62
C GLY B 718 14.14 -53.79 -44.04
N ALA B 719 13.96 -52.63 -43.38
CA ALA B 719 12.95 -51.64 -43.74
C ALA B 719 11.54 -52.22 -43.64
N GLU B 720 11.22 -52.73 -42.46
CA GLU B 720 9.91 -53.31 -42.18
C GLU B 720 9.09 -52.31 -41.37
N GLY B 721 7.84 -52.09 -41.79
CA GLY B 721 6.95 -51.18 -41.11
C GLY B 721 7.10 -49.74 -41.58
N SER B 722 6.21 -48.89 -41.07
CA SER B 722 6.22 -47.46 -41.34
C SER B 722 5.74 -46.73 -40.10
N TRP B 723 6.48 -45.70 -39.70
CA TRP B 723 6.12 -44.92 -38.52
C TRP B 723 4.96 -44.01 -38.87
N GLN B 724 3.93 -43.99 -38.01
CA GLN B 724 2.75 -43.17 -38.23
C GLN B 724 2.27 -42.58 -36.91
N VAL B 725 1.59 -41.44 -37.01
CA VAL B 725 1.12 -40.73 -35.82
C VAL B 725 0.07 -41.58 -35.12
N GLY B 726 0.25 -41.78 -33.82
CA GLY B 726 -0.71 -42.49 -33.00
C GLY B 726 -0.58 -44.00 -33.02
N ILE B 727 0.33 -44.53 -33.83
CA ILE B 727 0.51 -45.97 -33.97
C ILE B 727 1.77 -46.40 -33.22
N GLN B 728 1.60 -47.30 -32.27
CA GLN B 728 2.72 -47.86 -31.52
C GLN B 728 3.43 -48.91 -32.36
N GLN B 729 4.76 -48.84 -32.39
CA GLN B 729 5.58 -49.78 -33.15
C GLN B 729 6.69 -50.31 -32.26
N ASP B 730 6.84 -51.64 -32.21
CA ASP B 730 7.96 -52.24 -31.50
C ASP B 730 9.25 -51.86 -32.20
N VAL B 731 10.33 -51.66 -31.42
CA VAL B 731 11.58 -51.27 -32.05
C VAL B 731 12.45 -52.48 -32.34
N THR B 732 12.11 -53.63 -31.76
CA THR B 732 12.73 -54.91 -32.10
C THR B 732 11.93 -55.51 -33.25
N HIS B 733 12.58 -55.72 -34.39
CA HIS B 733 11.84 -56.23 -35.53
C HIS B 733 11.64 -57.74 -35.43
N THR B 734 10.74 -58.27 -36.26
CA THR B 734 10.41 -59.69 -36.23
C THR B 734 11.64 -60.55 -36.48
N ASN B 735 12.59 -60.03 -37.26
CA ASN B 735 13.87 -60.72 -37.44
C ASN B 735 14.64 -60.79 -36.12
N GLY B 736 14.54 -59.75 -35.31
CA GLY B 736 15.35 -59.60 -34.12
C GLY B 736 16.24 -58.39 -34.14
N CYS B 737 16.40 -57.75 -35.29
CA CYS B 737 17.16 -56.50 -35.36
C CYS B 737 16.46 -55.42 -34.55
N VAL B 738 17.26 -54.55 -33.94
CA VAL B 738 16.78 -53.42 -33.15
C VAL B 738 17.10 -52.15 -33.91
N ALA B 739 16.12 -51.27 -34.04
CA ALA B 739 16.24 -50.05 -34.83
C ALA B 739 16.64 -48.87 -33.94
N LEU B 740 16.94 -47.75 -34.62
CA LEU B 740 17.25 -46.47 -33.98
C LEU B 740 18.43 -46.61 -33.03
N GLY B 741 19.40 -47.45 -33.40
CA GLY B 741 20.57 -47.69 -32.58
C GLY B 741 20.28 -48.18 -31.17
N ILE B 742 19.00 -48.33 -30.81
CA ILE B 742 18.60 -48.73 -29.46
C ILE B 742 19.34 -50.02 -29.13
N LYS B 743 19.63 -50.22 -27.85
CA LYS B 743 20.51 -51.27 -27.40
C LYS B 743 19.73 -52.06 -26.37
N LEU B 744 19.12 -53.16 -26.81
CA LEU B 744 18.29 -54.03 -25.99
C LEU B 744 18.91 -55.42 -25.83
N PRO B 745 18.81 -56.04 -24.63
CA PRO B 745 18.31 -55.39 -23.42
C PRO B 745 19.28 -54.38 -22.85
N HIS B 746 18.81 -53.61 -21.87
N HIS B 746 18.82 -53.61 -21.86
CA HIS B 746 19.65 -52.62 -21.18
CA HIS B 746 19.69 -52.66 -21.18
C HIS B 746 19.32 -52.70 -19.70
C HIS B 746 19.33 -52.66 -19.71
N THR B 747 20.35 -52.57 -18.87
CA THR B 747 20.21 -52.67 -17.43
C THR B 747 20.55 -51.33 -16.80
N GLU B 748 19.75 -50.91 -15.82
CA GLU B 748 19.94 -49.63 -15.16
C GLU B 748 19.96 -49.84 -13.65
N TYR B 749 20.92 -49.20 -13.00
CA TYR B 749 21.11 -49.30 -11.56
C TYR B 749 20.47 -48.09 -10.89
N GLU B 750 19.43 -48.34 -10.09
CA GLU B 750 18.54 -47.31 -9.60
C GLU B 750 18.63 -47.16 -8.09
N ILE B 751 18.13 -46.01 -7.63
CA ILE B 751 18.00 -45.69 -6.21
C ILE B 751 16.55 -45.26 -5.99
N PHE B 752 15.92 -45.79 -4.95
CA PHE B 752 14.50 -45.54 -4.70
C PHE B 752 14.29 -45.16 -3.25
N LYS B 753 13.28 -44.31 -3.03
CA LYS B 753 12.84 -43.92 -1.70
C LYS B 753 11.34 -43.70 -1.76
N MET B 754 10.65 -44.01 -0.66
CA MET B 754 9.21 -43.77 -0.60
C MET B 754 8.87 -42.88 0.59
N GLU B 755 8.01 -41.90 0.34
CA GLU B 755 7.59 -40.93 1.32
C GLU B 755 6.07 -40.74 1.26
N GLN B 756 5.57 -39.89 2.15
CA GLN B 756 4.16 -39.54 2.24
C GLN B 756 3.97 -38.03 2.26
N ASP B 757 2.98 -37.56 1.52
CA ASP B 757 2.66 -36.13 1.51
C ASP B 757 1.76 -35.80 2.69
N THR B 758 1.26 -34.57 2.73
CA THR B 758 0.41 -34.13 3.84
C THR B 758 -0.93 -34.84 3.85
N ARG B 759 -1.39 -35.36 2.72
CA ARG B 759 -2.62 -36.13 2.67
C ARG B 759 -2.39 -37.64 2.83
N GLY B 760 -1.20 -38.04 3.27
CA GLY B 760 -0.98 -39.47 3.47
C GLY B 760 -0.89 -40.28 2.18
N ARG B 761 -0.70 -39.62 1.05
CA ARG B 761 -0.53 -40.32 -0.22
C ARG B 761 0.94 -40.71 -0.38
N TYR B 762 1.18 -41.87 -1.00
CA TYR B 762 2.54 -42.39 -1.11
C TYR B 762 3.25 -41.78 -2.32
N LEU B 763 4.51 -41.41 -2.13
CA LEU B 763 5.32 -40.80 -3.16
C LEU B 763 6.52 -41.69 -3.45
N LEU B 764 6.74 -41.99 -4.72
CA LEU B 764 7.85 -42.85 -5.15
C LEU B 764 8.90 -42.00 -5.86
N PHE B 765 10.12 -42.04 -5.34
CA PHE B 765 11.25 -41.31 -5.89
C PHE B 765 12.21 -42.29 -6.53
N ASN B 766 12.57 -42.03 -7.78
CA ASN B 766 13.62 -42.77 -8.45
C ASN B 766 14.79 -41.84 -8.72
N GLY B 767 15.90 -42.43 -9.16
CA GLY B 767 17.15 -41.69 -9.22
C GLY B 767 17.12 -40.55 -10.22
N GLN B 768 17.79 -39.46 -9.86
CA GLN B 768 17.99 -38.37 -10.79
C GLN B 768 18.72 -38.89 -12.02
N ARG B 769 18.27 -38.49 -13.20
CA ARG B 769 18.94 -38.91 -14.42
C ARG B 769 20.26 -38.14 -14.58
N PRO B 770 21.34 -38.84 -15.02
CA PRO B 770 22.61 -38.17 -15.28
C PRO B 770 22.43 -36.88 -16.07
N SER B 771 23.06 -35.80 -15.63
CA SER B 771 22.89 -34.47 -16.27
C SER B 771 23.48 -34.46 -17.68
N ASP B 772 24.22 -35.50 -18.03
CA ASP B 772 24.90 -35.56 -19.35
C ASP B 772 23.99 -36.25 -20.38
N GLY B 773 22.90 -36.87 -19.92
CA GLY B 773 22.00 -37.61 -20.81
C GLY B 773 22.37 -39.08 -20.85
N SER B 774 23.46 -39.43 -20.17
CA SER B 774 23.94 -40.84 -20.13
C SER B 774 23.01 -41.69 -19.29
N SER B 775 23.26 -42.99 -19.28
CA SER B 775 22.42 -43.90 -18.54
C SER B 775 23.16 -44.43 -17.31
N PRO B 776 22.45 -44.69 -16.22
CA PRO B 776 23.08 -45.35 -15.08
C PRO B 776 23.29 -46.83 -15.35
N ASP B 777 24.17 -47.14 -16.28
CA ASP B 777 24.37 -48.50 -16.75
C ASP B 777 25.41 -49.28 -15.95
N ARG B 778 25.99 -48.67 -14.93
CA ARG B 778 26.99 -49.31 -14.09
C ARG B 778 26.66 -49.04 -12.64
N PRO B 779 26.97 -49.98 -11.75
CA PRO B 779 26.67 -49.76 -10.32
C PRO B 779 27.30 -48.49 -9.78
N GLU B 780 28.46 -48.10 -10.31
CA GLU B 780 29.15 -46.87 -9.92
C GLU B 780 28.53 -45.63 -10.56
N LYS B 781 27.65 -45.80 -11.54
CA LYS B 781 26.94 -44.70 -12.17
C LYS B 781 25.58 -44.44 -11.53
N ARG B 782 25.24 -45.22 -10.50
CA ARG B 782 23.99 -45.05 -9.79
C ARG B 782 23.87 -43.65 -9.20
N ALA B 783 22.66 -43.14 -9.16
CA ALA B 783 22.46 -41.77 -8.72
C ALA B 783 22.67 -41.64 -7.21
N THR B 784 23.01 -40.42 -6.80
CA THR B 784 23.08 -40.05 -5.38
C THR B 784 22.06 -38.97 -5.07
N SER B 785 21.06 -38.82 -5.91
CA SER B 785 19.99 -37.86 -5.75
C SER B 785 18.78 -38.41 -6.51
N TYR B 786 17.65 -37.70 -6.43
CA TYR B 786 16.39 -38.24 -6.90
C TYR B 786 15.74 -37.32 -7.93
N GLN B 787 14.78 -37.89 -8.65
CA GLN B 787 13.87 -37.17 -9.53
C GLN B 787 12.70 -36.61 -8.73
N MET B 788 11.81 -35.87 -9.42
CA MET B 788 10.58 -35.44 -8.78
C MET B 788 9.68 -36.65 -8.53
N PRO B 789 8.95 -36.68 -7.42
CA PRO B 789 8.26 -37.91 -7.01
C PRO B 789 7.07 -38.26 -7.87
N LEU B 790 6.82 -39.57 -7.96
CA LEU B 790 5.59 -40.11 -8.53
C LEU B 790 4.61 -40.38 -7.40
N VAL B 791 3.33 -40.31 -7.71
CA VAL B 791 2.28 -40.51 -6.72
C VAL B 791 1.50 -41.78 -7.09
N GLN B 792 1.00 -42.45 -6.06
CA GLN B 792 0.24 -43.69 -6.27
C GLN B 792 -1.10 -43.36 -6.92
N CYS B 793 -1.45 -44.11 -7.96
CA CYS B 793 -2.68 -43.90 -8.68
C CYS B 793 -3.42 -45.22 -8.75
N ALA B 794 -4.73 -45.13 -8.99
CA ALA B 794 -5.56 -46.32 -9.01
C ALA B 794 -5.71 -46.79 -10.44
N SER B 795 -5.77 -48.11 -10.60
CA SER B 795 -5.86 -48.66 -11.94
C SER B 795 -7.29 -48.60 -12.43
N SER B 796 -7.47 -48.82 -13.72
CA SER B 796 -8.80 -48.75 -14.30
C SER B 796 -9.63 -49.96 -13.89
N GLU C 6 15.64 29.43 -54.66
CA GLU C 6 14.96 30.01 -55.83
C GLU C 6 15.90 29.95 -57.03
N GLU C 7 15.40 29.57 -58.20
CA GLU C 7 16.28 29.39 -59.39
C GLU C 7 15.65 30.05 -60.62
N GLY C 8 16.46 30.36 -61.63
CA GLY C 8 15.95 31.02 -62.84
C GLY C 8 15.66 32.48 -62.56
N LYS C 9 16.17 32.99 -61.44
CA LYS C 9 15.92 34.39 -61.06
C LYS C 9 17.09 34.92 -60.23
N LEU C 10 17.22 36.24 -60.13
CA LEU C 10 18.27 36.83 -59.26
C LEU C 10 17.60 37.84 -58.33
N VAL C 11 17.77 37.67 -57.03
CA VAL C 11 17.23 38.67 -56.06
C VAL C 11 18.41 39.45 -55.48
N ILE C 12 18.28 40.78 -55.41
CA ILE C 12 19.38 41.61 -54.96
C ILE C 12 18.93 42.43 -53.76
N TRP C 13 19.80 42.55 -52.76
CA TRP C 13 19.55 43.35 -51.56
C TRP C 13 20.52 44.53 -51.53
N ILE C 14 19.97 45.75 -51.44
CA ILE C 14 20.78 46.96 -51.37
C ILE C 14 20.13 47.92 -50.36
N ASN C 15 20.97 48.68 -49.65
CA ASN C 15 20.48 49.60 -48.64
C ASN C 15 19.69 50.75 -49.25
N GLY C 16 18.70 51.24 -48.51
CA GLY C 16 17.81 52.26 -49.02
C GLY C 16 18.40 53.65 -49.15
N ASP C 17 19.69 53.81 -48.86
CA ASP C 17 20.34 55.10 -49.06
C ASP C 17 21.04 55.15 -50.40
N LYS C 18 21.10 54.03 -51.10
CA LYS C 18 21.68 53.98 -52.43
C LYS C 18 20.57 53.97 -53.47
N GLY C 19 20.96 54.05 -54.73
CA GLY C 19 20.02 54.09 -55.82
C GLY C 19 19.53 52.74 -56.27
N TYR C 20 18.51 52.20 -55.59
CA TYR C 20 18.03 50.86 -55.95
C TYR C 20 17.31 50.91 -57.29
N ASN C 21 16.54 51.97 -57.55
CA ASN C 21 15.86 52.09 -58.84
C ASN C 21 16.86 52.12 -59.99
N GLY C 22 18.01 52.77 -59.78
CA GLY C 22 19.06 52.75 -60.79
C GLY C 22 19.54 51.34 -61.05
N LEU C 23 19.85 50.61 -59.98
CA LEU C 23 20.23 49.21 -60.13
C LEU C 23 19.13 48.39 -60.79
N ALA C 24 17.87 48.66 -60.44
CA ALA C 24 16.75 47.96 -61.06
C ALA C 24 16.70 48.19 -62.56
N GLU C 25 17.16 49.35 -63.02
CA GLU C 25 17.16 49.61 -64.45
C GLU C 25 18.18 48.75 -65.18
N VAL C 26 19.32 48.51 -64.53
CA VAL C 26 20.31 47.57 -65.07
C VAL C 26 19.74 46.17 -65.15
N GLY C 27 18.83 45.82 -64.23
CA GLY C 27 18.23 44.50 -64.27
C GLY C 27 17.24 44.34 -65.40
N LYS C 28 16.53 45.42 -65.75
CA LYS C 28 15.64 45.37 -66.90
C LYS C 28 16.42 44.99 -68.15
N LYS C 29 17.63 45.55 -68.30
CA LYS C 29 18.49 45.18 -69.43
C LYS C 29 18.94 43.72 -69.34
N PHE C 30 19.15 43.21 -68.14
CA PHE C 30 19.48 41.79 -67.98
C PHE C 30 18.35 40.91 -68.49
N GLU C 31 17.11 41.23 -68.11
CA GLU C 31 15.96 40.45 -68.58
C GLU C 31 15.83 40.48 -70.10
N LYS C 32 16.07 41.64 -70.73
CA LYS C 32 15.89 41.71 -72.18
C LYS C 32 16.88 40.79 -72.88
N ASP C 33 18.13 40.82 -72.46
CA ASP C 33 19.18 40.04 -73.12
C ASP C 33 19.13 38.57 -72.74
N THR C 34 18.63 38.22 -71.54
CA THR C 34 18.62 36.83 -71.10
C THR C 34 17.27 36.29 -70.67
N GLY C 35 16.26 37.14 -70.46
CA GLY C 35 14.95 36.67 -70.02
C GLY C 35 14.89 36.29 -68.56
N ILE C 36 15.99 36.46 -67.83
CA ILE C 36 15.99 36.20 -66.36
C ILE C 36 15.54 37.49 -65.66
N LYS C 37 14.54 37.40 -64.79
CA LYS C 37 14.02 38.59 -64.08
C LYS C 37 14.97 38.96 -62.93
N VAL C 38 14.95 40.22 -62.52
CA VAL C 38 15.82 40.67 -61.39
C VAL C 38 14.96 41.51 -60.44
N THR C 39 15.01 41.17 -59.15
CA THR C 39 14.24 41.88 -58.15
C THR C 39 15.21 42.56 -57.19
N VAL C 40 15.04 43.86 -57.02
CA VAL C 40 15.89 44.68 -56.16
C VAL C 40 15.04 45.08 -54.96
N GLU C 41 15.52 44.74 -53.76
CA GLU C 41 14.82 45.02 -52.52
C GLU C 41 15.75 45.78 -51.58
N HIS C 42 15.16 46.67 -50.78
CA HIS C 42 15.93 47.45 -49.80
C HIS C 42 15.40 47.20 -48.39
N PRO C 43 15.65 46.02 -47.83
CA PRO C 43 15.18 45.73 -46.47
C PRO C 43 15.91 46.57 -45.44
N ASP C 44 15.18 47.00 -44.42
CA ASP C 44 15.82 47.69 -43.31
C ASP C 44 16.70 46.70 -42.53
N LYS C 45 17.85 47.19 -42.08
CA LYS C 45 18.83 46.38 -41.36
C LYS C 45 19.21 45.12 -42.15
N LEU C 46 19.40 45.27 -43.47
CA LEU C 46 19.71 44.12 -44.28
C LEU C 46 21.07 43.53 -43.90
N GLU C 47 21.98 44.38 -43.40
CA GLU C 47 23.29 43.88 -42.98
C GLU C 47 23.19 42.90 -41.84
N GLU C 48 22.08 42.88 -41.11
CA GLU C 48 21.87 41.91 -40.04
C GLU C 48 20.90 40.80 -40.40
N LYS C 49 20.00 41.05 -41.37
CA LYS C 49 19.08 40.02 -41.83
C LYS C 49 19.80 38.97 -42.67
N PHE C 50 20.76 39.37 -43.49
CA PHE C 50 21.43 38.42 -44.37
C PHE C 50 22.07 37.26 -43.61
N PRO C 51 22.83 37.47 -42.53
CA PRO C 51 23.38 36.30 -41.80
C PRO C 51 22.32 35.31 -41.35
N GLN C 52 21.11 35.76 -41.04
CA GLN C 52 20.07 34.86 -40.56
C GLN C 52 19.36 34.17 -41.72
N VAL C 53 18.94 34.96 -42.72
CA VAL C 53 18.22 34.42 -43.87
C VAL C 53 19.11 33.54 -44.75
N ALA C 54 20.41 33.83 -44.82
CA ALA C 54 21.28 33.09 -45.73
C ALA C 54 21.39 31.62 -45.35
N ALA C 55 21.38 31.32 -44.04
CA ALA C 55 21.42 29.93 -43.60
C ALA C 55 20.17 29.16 -44.00
N THR C 56 19.04 29.84 -44.17
CA THR C 56 17.76 29.16 -44.20
C THR C 56 17.43 28.60 -45.59
N GLY C 57 18.10 29.10 -46.63
CA GLY C 57 17.77 28.78 -47.99
C GLY C 57 16.99 29.88 -48.68
N ASP C 58 16.54 30.90 -47.95
N ASP C 58 16.52 30.88 -47.95
CA ASP C 58 15.61 31.90 -48.46
CA ASP C 58 15.61 31.89 -48.49
C ASP C 58 16.24 33.29 -48.50
C ASP C 58 16.24 33.29 -48.50
N GLY C 59 17.54 33.38 -48.72
CA GLY C 59 18.22 34.66 -48.79
C GLY C 59 18.33 35.19 -50.20
N PRO C 60 18.88 36.40 -50.34
CA PRO C 60 19.10 36.96 -51.68
C PRO C 60 20.29 36.32 -52.36
N ASP C 61 20.35 36.47 -53.67
CA ASP C 61 21.52 35.93 -54.43
C ASP C 61 22.68 36.92 -54.36
N ILE C 62 22.38 38.23 -54.41
CA ILE C 62 23.42 39.25 -54.35
C ILE C 62 23.13 40.15 -53.16
N ILE C 63 24.16 40.40 -52.36
CA ILE C 63 24.07 41.28 -51.20
C ILE C 63 25.04 42.43 -51.40
N PHE C 64 24.55 43.65 -51.32
CA PHE C 64 25.34 44.87 -51.44
C PHE C 64 25.56 45.48 -50.07
N TRP C 65 26.82 45.70 -49.71
CA TRP C 65 27.16 46.39 -48.47
C TRP C 65 28.65 46.75 -48.55
N ALA C 66 29.07 47.61 -47.62
CA ALA C 66 30.48 47.95 -47.54
C ALA C 66 31.28 46.72 -47.11
N HIS C 67 32.56 46.72 -47.49
CA HIS C 67 33.40 45.54 -47.28
C HIS C 67 33.60 45.20 -45.81
N ASP C 68 33.31 46.14 -44.89
CA ASP C 68 33.65 45.90 -43.50
C ASP C 68 32.93 44.68 -42.92
N ARG C 69 31.74 44.35 -43.42
CA ARG C 69 30.98 43.23 -42.86
C ARG C 69 31.14 41.92 -43.63
N PHE C 70 31.88 41.91 -44.73
CA PHE C 70 31.84 40.72 -45.58
C PHE C 70 32.73 39.62 -45.04
N GLY C 71 33.86 39.96 -44.43
CA GLY C 71 34.71 38.94 -43.82
C GLY C 71 33.96 38.08 -42.81
N GLY C 72 33.12 38.70 -41.98
CA GLY C 72 32.34 37.93 -41.04
C GLY C 72 31.35 37.01 -41.73
N TYR C 73 30.74 37.48 -42.83
CA TYR C 73 29.88 36.60 -43.61
C TYR C 73 30.66 35.41 -44.14
N ALA C 74 31.90 35.64 -44.60
CA ALA C 74 32.69 34.58 -45.20
C ALA C 74 33.11 33.54 -44.15
N GLN C 75 33.57 34.00 -42.98
CA GLN C 75 33.92 33.06 -41.92
C GLN C 75 32.75 32.14 -41.60
N SER C 76 31.52 32.67 -41.61
CA SER C 76 30.35 31.82 -41.45
C SER C 76 30.04 31.00 -42.69
N GLY C 77 30.76 31.19 -43.78
CA GLY C 77 30.54 30.42 -44.98
C GLY C 77 29.32 30.81 -45.81
N LEU C 78 28.89 32.07 -45.73
CA LEU C 78 27.70 32.51 -46.43
C LEU C 78 27.98 33.07 -47.82
N LEU C 79 29.24 33.32 -48.15
CA LEU C 79 29.63 33.89 -49.44
C LEU C 79 30.41 32.87 -50.25
N ALA C 80 30.17 32.88 -51.57
CA ALA C 80 30.91 32.04 -52.48
C ALA C 80 32.13 32.79 -52.99
N GLU C 81 33.24 32.08 -53.17
CA GLU C 81 34.42 32.72 -53.72
C GLU C 81 34.11 33.17 -55.13
N ILE C 82 34.39 34.44 -55.42
CA ILE C 82 34.17 34.97 -56.74
C ILE C 82 35.44 34.70 -57.53
N THR C 83 35.30 34.20 -58.74
CA THR C 83 36.42 33.79 -59.57
C THR C 83 36.43 34.68 -60.81
N PRO C 84 36.98 35.88 -60.70
CA PRO C 84 37.00 36.79 -61.84
C PRO C 84 38.25 36.58 -62.68
N ALA C 85 38.09 36.84 -63.98
CA ALA C 85 39.22 36.74 -64.88
C ALA C 85 40.20 37.89 -64.64
N ALA C 86 41.48 37.60 -64.86
CA ALA C 86 42.51 38.62 -64.71
C ALA C 86 42.23 39.84 -65.59
N ALA C 87 41.57 39.65 -66.73
CA ALA C 87 41.16 40.79 -67.55
C ALA C 87 40.17 41.68 -66.81
N PHE C 88 39.13 41.09 -66.24
CA PHE C 88 38.17 41.87 -65.45
C PHE C 88 38.85 42.48 -64.23
N GLN C 89 39.65 41.68 -63.52
CA GLN C 89 40.36 42.18 -62.34
C GLN C 89 41.19 43.41 -62.68
N ASP C 90 41.81 43.42 -63.86
CA ASP C 90 42.58 44.58 -64.29
C ASP C 90 41.68 45.79 -64.53
N LYS C 91 40.42 45.56 -64.87
CA LYS C 91 39.47 46.66 -65.07
C LYS C 91 39.23 47.44 -63.78
N LEU C 92 39.39 46.81 -62.63
CA LEU C 92 39.15 47.46 -61.35
C LEU C 92 40.48 47.84 -60.69
N TYR C 93 40.43 48.79 -59.76
CA TYR C 93 41.65 49.27 -59.15
C TYR C 93 42.17 48.23 -58.15
N PRO C 94 43.49 48.05 -58.03
CA PRO C 94 44.00 46.99 -57.14
C PRO C 94 43.55 47.09 -55.69
N PHE C 95 43.52 48.29 -55.10
CA PHE C 95 43.15 48.39 -53.69
C PHE C 95 41.70 47.98 -53.46
N THR C 96 40.83 48.22 -54.44
CA THR C 96 39.43 47.84 -54.27
C THR C 96 39.28 46.31 -54.15
N TRP C 97 40.13 45.57 -54.86
CA TRP C 97 40.14 44.11 -54.71
C TRP C 97 40.70 43.67 -53.37
N ASP C 98 41.68 44.41 -52.84
CA ASP C 98 42.26 44.05 -51.54
C ASP C 98 41.23 44.14 -50.42
N ALA C 99 40.25 45.04 -50.57
CA ALA C 99 39.22 45.17 -49.54
C ALA C 99 38.27 43.98 -49.54
N VAL C 100 38.00 43.40 -50.72
CA VAL C 100 37.08 42.27 -50.83
C VAL C 100 37.81 40.93 -50.76
N ARG C 101 39.05 40.93 -50.28
CA ARG C 101 39.86 39.72 -50.14
C ARG C 101 39.95 39.29 -48.67
N TYR C 102 39.39 38.12 -48.36
CA TYR C 102 39.49 37.54 -47.02
C TYR C 102 40.21 36.20 -47.08
N ASN C 103 41.21 36.02 -46.21
CA ASN C 103 42.02 34.79 -46.14
C ASN C 103 42.50 34.33 -47.51
N GLY C 104 43.02 35.28 -48.29
CA GLY C 104 43.56 35.00 -49.61
C GLY C 104 42.55 34.76 -50.71
N LYS C 105 41.26 34.66 -50.40
CA LYS C 105 40.25 34.43 -51.41
C LYS C 105 39.43 35.69 -51.62
N LEU C 106 39.11 35.99 -52.87
CA LEU C 106 38.21 37.10 -53.17
C LEU C 106 36.79 36.69 -52.88
N ILE C 107 36.06 37.53 -52.14
CA ILE C 107 34.75 37.18 -51.62
C ILE C 107 33.65 38.13 -52.05
N ALA C 108 33.97 39.15 -52.83
CA ALA C 108 32.93 40.06 -53.33
C ALA C 108 33.47 40.84 -54.51
N TYR C 109 32.54 41.51 -55.21
CA TYR C 109 32.87 42.35 -56.35
C TYR C 109 32.90 43.80 -55.89
N PRO C 110 34.03 44.50 -56.04
CA PRO C 110 34.09 45.90 -55.64
C PRO C 110 33.26 46.80 -56.54
N ILE C 111 32.53 47.74 -55.93
CA ILE C 111 31.67 48.63 -56.70
C ILE C 111 32.14 50.08 -56.60
N ALA C 112 32.10 50.68 -55.41
CA ALA C 112 32.43 52.09 -55.27
C ALA C 112 33.18 52.35 -53.97
N VAL C 113 33.95 53.44 -53.95
CA VAL C 113 34.74 53.87 -52.79
C VAL C 113 34.04 55.06 -52.16
N GLU C 114 33.60 54.91 -50.91
CA GLU C 114 32.80 55.91 -50.22
C GLU C 114 33.56 56.44 -49.00
N ALA C 115 33.47 57.75 -48.79
CA ALA C 115 34.03 58.40 -47.62
C ALA C 115 33.20 59.64 -47.28
N LEU C 116 33.17 59.99 -46.00
CA LEU C 116 32.39 61.12 -45.54
C LEU C 116 33.08 62.43 -45.86
N SER C 117 32.28 63.48 -46.03
CA SER C 117 32.79 64.81 -46.34
C SER C 117 31.99 65.86 -45.58
N LEU C 118 32.57 67.06 -45.48
CA LEU C 118 31.87 68.20 -44.93
C LEU C 118 31.05 68.87 -46.03
N ILE C 119 29.75 68.99 -45.80
CA ILE C 119 28.82 69.63 -46.72
C ILE C 119 28.29 70.90 -46.07
N TYR C 120 28.39 72.02 -46.78
CA TYR C 120 28.02 73.31 -46.22
C TYR C 120 27.13 74.09 -47.17
N ASN C 121 26.35 75.00 -46.58
CA ASN C 121 25.46 75.90 -47.31
C ASN C 121 26.23 77.17 -47.63
N LYS C 122 26.48 77.41 -48.92
CA LYS C 122 27.32 78.55 -49.30
C LYS C 122 26.65 79.87 -48.96
N ASP C 123 25.33 79.96 -49.13
CA ASP C 123 24.61 81.18 -48.81
C ASP C 123 24.64 81.49 -47.31
N LEU C 124 24.58 80.47 -46.47
CA LEU C 124 24.60 80.66 -45.02
C LEU C 124 26.02 80.71 -44.47
N LEU C 125 26.91 79.88 -45.01
CA LEU C 125 28.28 79.77 -44.53
C LEU C 125 29.16 79.90 -45.76
N PRO C 126 29.48 81.14 -46.16
CA PRO C 126 30.38 81.33 -47.29
C PRO C 126 31.78 80.84 -46.99
N ASN C 127 32.20 80.92 -45.73
CA ASN C 127 33.52 80.50 -45.30
C ASN C 127 33.35 79.28 -44.41
N PRO C 128 33.35 78.06 -44.96
CA PRO C 128 33.23 76.89 -44.11
C PRO C 128 34.41 76.83 -43.15
N PRO C 129 34.17 76.51 -41.88
CA PRO C 129 35.27 76.47 -40.92
C PRO C 129 36.32 75.44 -41.31
N LYS C 130 37.56 75.72 -40.94
CA LYS C 130 38.66 74.83 -41.24
C LYS C 130 39.02 73.92 -40.06
N THR C 131 38.70 74.33 -38.84
CA THR C 131 38.97 73.53 -37.65
C THR C 131 37.66 73.25 -36.92
N TRP C 132 37.59 72.10 -36.24
CA TRP C 132 36.44 71.82 -35.40
C TRP C 132 36.28 72.87 -34.31
N GLU C 133 37.41 73.40 -33.82
CA GLU C 133 37.41 74.24 -32.63
C GLU C 133 36.75 75.60 -32.85
N GLU C 134 36.56 76.03 -34.10
CA GLU C 134 35.86 77.29 -34.34
C GLU C 134 34.36 77.12 -34.49
N ILE C 135 33.89 75.87 -34.56
CA ILE C 135 32.45 75.62 -34.72
C ILE C 135 31.62 76.15 -33.55
N PRO C 136 32.02 76.00 -32.27
CA PRO C 136 31.20 76.57 -31.20
C PRO C 136 30.96 78.06 -31.35
N ALA C 137 31.98 78.83 -31.69
CA ALA C 137 31.79 80.26 -31.88
C ALA C 137 30.91 80.54 -33.09
N LEU C 138 31.10 79.80 -34.19
CA LEU C 138 30.25 79.97 -35.36
C LEU C 138 28.79 79.70 -35.02
N ASP C 139 28.53 78.70 -34.17
CA ASP C 139 27.15 78.35 -33.86
C ASP C 139 26.45 79.45 -33.09
N LYS C 140 27.11 79.99 -32.04
CA LYS C 140 26.57 81.15 -31.34
C LYS C 140 26.14 82.23 -32.31
N GLU C 141 26.94 82.46 -33.35
CA GLU C 141 26.68 83.54 -34.28
C GLU C 141 25.43 83.27 -35.11
N LEU C 142 25.30 82.04 -35.59
CA LEU C 142 24.20 81.66 -36.47
C LEU C 142 22.91 81.51 -35.67
N LYS C 143 23.04 81.12 -34.40
CA LYS C 143 21.88 80.97 -33.52
C LYS C 143 21.11 82.27 -33.35
N ALA C 144 21.80 83.41 -33.37
CA ALA C 144 21.11 84.70 -33.32
C ALA C 144 20.20 84.91 -34.53
N LYS C 145 20.55 84.33 -35.67
CA LYS C 145 19.69 84.36 -36.84
C LYS C 145 18.72 83.19 -36.88
N GLY C 146 18.65 82.41 -35.80
CA GLY C 146 17.75 81.27 -35.76
C GLY C 146 18.23 80.09 -36.56
N LYS C 147 19.55 79.89 -36.64
CA LYS C 147 20.12 78.85 -37.47
C LYS C 147 21.17 78.10 -36.65
N SER C 148 21.64 76.98 -37.19
CA SER C 148 22.64 76.17 -36.52
C SER C 148 23.83 75.93 -37.44
N ALA C 149 24.98 75.67 -36.82
CA ALA C 149 26.21 75.52 -37.58
C ALA C 149 26.31 74.13 -38.20
N LEU C 150 26.19 73.08 -37.39
CA LEU C 150 26.42 71.72 -37.86
C LEU C 150 25.36 70.78 -37.30
N MET C 151 24.86 69.89 -38.14
CA MET C 151 23.95 68.84 -37.72
C MET C 151 24.24 67.60 -38.54
N PHE C 152 24.64 66.52 -37.86
CA PHE C 152 24.90 65.25 -38.53
C PHE C 152 24.46 64.11 -37.62
N ASN C 153 24.32 62.92 -38.23
CA ASN C 153 23.77 61.75 -37.57
C ASN C 153 24.63 61.30 -36.40
N LEU C 154 24.08 61.39 -35.19
CA LEU C 154 24.80 60.96 -33.99
C LEU C 154 24.40 59.57 -33.52
N GLN C 155 23.52 58.89 -34.25
CA GLN C 155 23.07 57.56 -33.85
C GLN C 155 23.89 56.44 -34.47
N GLU C 156 24.61 56.73 -35.57
CA GLU C 156 25.44 55.75 -36.24
C GLU C 156 26.91 56.12 -36.06
N PRO C 157 27.75 55.22 -35.52
CA PRO C 157 29.14 55.61 -35.20
C PRO C 157 29.98 55.95 -36.42
N TYR C 158 29.49 55.66 -37.63
CA TYR C 158 30.26 55.94 -38.84
C TYR C 158 30.54 57.44 -38.98
N PHE C 159 29.58 58.28 -38.58
CA PHE C 159 29.71 59.71 -38.80
C PHE C 159 30.52 60.41 -37.72
N THR C 160 30.69 59.79 -36.55
CA THR C 160 31.45 60.40 -35.47
C THR C 160 32.90 59.90 -35.42
N TRP C 161 33.17 58.77 -36.06
CA TRP C 161 34.53 58.18 -36.04
C TRP C 161 35.57 59.17 -36.58
N PRO C 162 35.34 59.91 -37.67
CA PRO C 162 36.38 60.85 -38.15
C PRO C 162 36.98 61.71 -37.06
N LEU C 163 36.14 62.24 -36.17
CA LEU C 163 36.63 63.08 -35.07
C LEU C 163 37.37 62.25 -34.02
N ILE C 164 36.88 61.05 -33.73
CA ILE C 164 37.51 60.21 -32.70
C ILE C 164 38.93 59.83 -33.13
N ALA C 165 39.12 59.60 -34.42
CA ALA C 165 40.40 59.08 -34.92
C ALA C 165 41.44 60.16 -35.15
N ALA C 166 41.05 61.44 -35.14
CA ALA C 166 41.97 62.51 -35.51
C ALA C 166 43.21 62.53 -34.62
N ASP C 167 43.02 62.62 -33.30
CA ASP C 167 44.13 62.76 -32.38
C ASP C 167 44.79 61.43 -32.03
N GLY C 168 44.34 60.32 -32.62
CA GLY C 168 45.01 59.05 -32.40
C GLY C 168 44.07 57.87 -32.23
N GLY C 169 42.78 58.13 -32.23
CA GLY C 169 41.80 57.04 -32.12
C GLY C 169 41.98 56.04 -33.22
N TYR C 170 41.99 54.75 -32.86
CA TYR C 170 42.10 53.67 -33.86
C TYR C 170 41.24 52.50 -33.41
N ALA C 171 40.85 51.65 -34.35
CA ALA C 171 40.07 50.45 -34.00
C ALA C 171 41.03 49.32 -33.67
N PHE C 172 41.52 48.65 -34.70
CA PHE C 172 42.48 47.54 -34.49
C PHE C 172 43.81 47.91 -35.13
N LYS C 173 44.89 47.86 -34.35
CA LYS C 173 46.22 48.22 -34.87
C LYS C 173 46.70 47.16 -35.86
N TYR C 174 47.28 47.60 -36.98
CA TYR C 174 47.85 46.67 -37.94
C TYR C 174 49.30 46.44 -37.57
N ALA C 175 49.60 45.24 -37.05
CA ALA C 175 50.98 44.85 -36.76
C ALA C 175 51.28 43.51 -37.41
N ALA C 176 52.57 43.31 -37.72
CA ALA C 176 53.11 42.08 -38.29
C ALA C 176 52.22 41.51 -39.41
N GLY C 177 51.88 42.35 -40.38
CA GLY C 177 51.09 41.90 -41.51
C GLY C 177 49.64 41.53 -41.24
N LYS C 178 49.13 41.75 -40.04
CA LYS C 178 47.72 41.50 -39.74
C LYS C 178 47.18 42.61 -38.86
N TYR C 179 45.86 42.60 -38.66
CA TYR C 179 45.21 43.50 -37.71
C TYR C 179 45.17 42.78 -36.36
N ASP C 180 45.82 43.39 -35.37
CA ASP C 180 45.90 42.78 -34.01
C ASP C 180 44.60 43.01 -33.26
N ILE C 181 43.83 41.94 -33.08
CA ILE C 181 42.57 41.99 -32.36
C ILE C 181 42.76 42.32 -30.88
N LYS C 182 43.99 42.27 -30.38
CA LYS C 182 44.25 42.52 -28.97
C LYS C 182 44.78 43.94 -28.70
N ASP C 183 45.00 44.72 -29.75
CA ASP C 183 45.40 46.14 -29.57
C ASP C 183 44.32 47.06 -30.14
N VAL C 184 43.52 47.66 -29.26
CA VAL C 184 42.41 48.55 -29.69
C VAL C 184 42.71 49.97 -29.23
N GLY C 185 42.24 50.98 -29.98
CA GLY C 185 42.53 52.39 -29.65
C GLY C 185 41.27 53.22 -29.49
N VAL C 186 40.19 52.58 -29.06
CA VAL C 186 38.90 53.30 -28.85
C VAL C 186 38.94 53.97 -27.48
N ASP C 187 39.92 53.64 -26.64
CA ASP C 187 40.08 54.29 -25.34
C ASP C 187 41.37 55.08 -25.22
N ASN C 188 42.14 55.23 -26.30
CA ASN C 188 43.38 55.99 -26.22
C ASN C 188 43.11 57.46 -25.91
N ALA C 189 44.18 58.19 -25.58
CA ALA C 189 44.05 59.61 -25.25
C ALA C 189 43.44 60.40 -26.40
N GLY C 190 43.77 60.04 -27.64
CA GLY C 190 43.19 60.75 -28.77
C GLY C 190 41.70 60.53 -28.89
N ALA C 191 41.25 59.28 -28.70
CA ALA C 191 39.83 58.97 -28.81
C ALA C 191 39.02 59.73 -27.77
N LYS C 192 39.50 59.75 -26.53
CA LYS C 192 38.82 60.51 -25.48
C LYS C 192 38.72 61.99 -25.85
N ALA C 193 39.80 62.55 -26.40
CA ALA C 193 39.80 63.97 -26.77
C ALA C 193 38.71 64.25 -27.81
N GLY C 194 38.68 63.47 -28.89
CA GLY C 194 37.69 63.70 -29.93
C GLY C 194 36.27 63.52 -29.45
N LEU C 195 36.01 62.43 -28.70
CA LEU C 195 34.66 62.22 -28.20
C LEU C 195 34.29 63.27 -27.18
N THR C 196 35.25 63.66 -26.33
CA THR C 196 35.01 64.76 -25.39
C THR C 196 34.64 66.02 -26.14
N PHE C 197 35.34 66.33 -27.24
CA PHE C 197 34.98 67.52 -28.00
C PHE C 197 33.53 67.46 -28.45
N LEU C 198 33.10 66.33 -29.01
CA LEU C 198 31.72 66.20 -29.44
C LEU C 198 30.74 66.35 -28.27
N VAL C 199 31.04 65.69 -27.14
CA VAL C 199 30.14 65.74 -26.00
C VAL C 199 29.98 67.17 -25.51
N ASP C 200 31.09 67.91 -25.46
CA ASP C 200 31.05 69.31 -25.04
C ASP C 200 30.17 70.14 -25.97
N LEU C 201 30.18 69.84 -27.27
CA LEU C 201 29.27 70.52 -28.19
C LEU C 201 27.82 70.30 -27.79
N ILE C 202 27.49 69.11 -27.31
CA ILE C 202 26.13 68.82 -26.87
C ILE C 202 25.82 69.56 -25.57
N LYS C 203 26.80 69.60 -24.65
CA LYS C 203 26.57 70.26 -23.37
C LYS C 203 26.40 71.75 -23.55
N ASN C 204 27.21 72.35 -24.41
CA ASN C 204 27.13 73.77 -24.70
C ASN C 204 26.06 74.11 -25.71
N LYS C 205 25.12 73.18 -25.92
CA LYS C 205 23.92 73.37 -26.73
C LYS C 205 24.24 73.71 -28.19
N HIS C 206 25.41 73.31 -28.69
CA HIS C 206 25.71 73.48 -30.10
C HIS C 206 25.19 72.32 -30.95
N MET C 207 25.07 71.13 -30.37
CA MET C 207 24.50 69.96 -31.03
C MET C 207 23.54 69.25 -30.09
N ASN C 208 22.64 68.45 -30.66
CA ASN C 208 21.66 67.70 -29.87
C ASN C 208 21.90 66.21 -30.01
N ALA C 209 21.86 65.51 -28.88
CA ALA C 209 22.25 64.10 -28.86
C ALA C 209 21.30 63.21 -29.65
N ASP C 210 20.01 63.54 -29.68
CA ASP C 210 19.01 62.71 -30.35
C ASP C 210 19.06 62.82 -31.87
N THR C 211 19.90 63.71 -32.42
CA THR C 211 19.89 64.01 -33.85
C THR C 211 20.09 62.74 -34.67
N ASP C 212 19.17 62.52 -35.62
CA ASP C 212 19.08 61.36 -36.48
C ASP C 212 19.52 61.73 -37.89
N TYR C 213 19.78 60.71 -38.72
CA TYR C 213 20.11 60.95 -40.13
C TYR C 213 19.01 61.76 -40.78
N SER C 214 17.76 61.34 -40.56
CA SER C 214 16.61 62.01 -41.17
C SER C 214 16.51 63.46 -40.69
N ILE C 215 16.69 63.68 -39.38
CA ILE C 215 16.58 65.03 -38.85
C ILE C 215 17.65 65.93 -39.45
N ALA C 216 18.88 65.43 -39.54
CA ALA C 216 19.97 66.24 -40.09
C ALA C 216 19.79 66.49 -41.58
N GLU C 217 19.31 65.48 -42.33
CA GLU C 217 19.06 65.69 -43.75
C GLU C 217 17.97 66.74 -43.96
N HIS C 218 16.87 66.64 -43.19
CA HIS C 218 15.79 67.60 -43.36
C HIS C 218 16.24 69.03 -43.03
N ALA C 219 17.03 69.19 -41.98
CA ALA C 219 17.46 70.54 -41.60
C ALA C 219 18.36 71.14 -42.66
N PHE C 220 19.36 70.38 -43.14
CA PHE C 220 20.29 70.94 -44.10
C PHE C 220 19.60 71.26 -45.41
N ASN C 221 18.74 70.36 -45.89
CA ASN C 221 18.06 70.56 -47.16
C ASN C 221 16.94 71.59 -47.09
N HIS C 222 16.63 72.12 -45.90
CA HIS C 222 15.66 73.19 -45.74
C HIS C 222 16.34 74.46 -45.21
N GLY C 223 17.66 74.54 -45.34
CA GLY C 223 18.42 75.73 -45.00
C GLY C 223 18.48 76.09 -43.54
N GLU C 224 18.17 75.15 -42.65
CA GLU C 224 18.15 75.44 -41.23
C GLU C 224 19.50 75.31 -40.54
N THR C 225 20.38 74.47 -41.07
CA THR C 225 21.73 74.33 -40.55
C THR C 225 22.73 74.65 -41.67
N ALA C 226 23.94 75.03 -41.27
CA ALA C 226 24.95 75.47 -42.23
C ALA C 226 25.85 74.34 -42.70
N MET C 227 25.92 73.23 -41.96
CA MET C 227 26.83 72.16 -42.29
C MET C 227 26.20 70.82 -41.93
N THR C 228 26.67 69.78 -42.62
CA THR C 228 26.37 68.40 -42.27
C THR C 228 27.56 67.56 -42.69
N ILE C 229 27.65 66.36 -42.12
CA ILE C 229 28.63 65.36 -42.53
C ILE C 229 27.85 64.20 -43.13
N ASN C 230 28.09 63.94 -44.42
CA ASN C 230 27.39 62.86 -45.09
C ASN C 230 28.23 62.35 -46.26
N GLY C 231 27.69 61.35 -46.96
CA GLY C 231 28.37 60.72 -48.05
C GLY C 231 27.76 61.08 -49.39
N PRO C 232 28.29 60.53 -50.48
CA PRO C 232 27.78 60.89 -51.81
C PRO C 232 26.31 60.57 -52.01
N TRP C 233 25.80 59.53 -51.34
CA TRP C 233 24.42 59.12 -51.54
C TRP C 233 23.43 60.25 -51.28
N ALA C 234 23.80 61.21 -50.43
CA ALA C 234 22.89 62.27 -50.03
C ALA C 234 22.87 63.43 -51.03
N TRP C 235 23.84 63.49 -51.95
CA TRP C 235 23.98 64.67 -52.81
C TRP C 235 22.73 64.93 -53.63
N SER C 236 22.13 63.89 -54.19
CA SER C 236 20.98 64.05 -55.07
C SER C 236 19.84 64.84 -54.42
N ASN C 237 19.46 64.45 -53.19
CA ASN C 237 18.35 65.12 -52.53
C ASN C 237 18.66 66.59 -52.24
N ILE C 238 19.93 66.94 -52.05
CA ILE C 238 20.26 68.36 -51.92
C ILE C 238 20.10 69.07 -53.24
N ASP C 239 20.39 68.39 -54.35
CA ASP C 239 20.18 68.98 -55.66
C ASP C 239 18.71 69.34 -55.88
N THR C 240 17.81 68.47 -55.42
CA THR C 240 16.37 68.70 -55.51
C THR C 240 15.86 69.68 -54.43
N SER C 241 16.76 70.23 -53.62
CA SER C 241 16.36 71.03 -52.47
C SER C 241 16.53 72.54 -52.63
N ALA C 242 17.06 73.04 -53.75
CA ALA C 242 17.31 74.47 -53.93
C ALA C 242 18.35 74.98 -52.94
N VAL C 243 19.04 74.09 -52.21
CA VAL C 243 20.14 74.52 -51.36
C VAL C 243 21.36 74.57 -52.25
N ASN C 244 22.19 75.58 -52.06
CA ASN C 244 23.35 75.85 -52.89
C ASN C 244 24.58 75.45 -52.07
N TYR C 245 25.05 74.23 -52.26
CA TYR C 245 26.00 73.57 -51.36
C TYR C 245 27.34 73.24 -52.02
N GLY C 246 28.35 73.11 -51.16
CA GLY C 246 29.65 72.64 -51.57
C GLY C 246 30.09 71.47 -50.70
N VAL C 247 30.87 70.58 -51.30
CA VAL C 247 31.45 69.42 -50.62
C VAL C 247 32.95 69.68 -50.45
N THR C 248 33.44 69.61 -49.21
CA THR C 248 34.83 69.97 -48.94
C THR C 248 35.46 69.03 -47.92
N VAL C 249 36.70 69.35 -47.55
CA VAL C 249 37.46 68.56 -46.59
C VAL C 249 36.87 68.71 -45.19
N LEU C 250 37.02 67.66 -44.39
CA LEU C 250 36.46 67.68 -43.04
C LEU C 250 37.30 68.60 -42.16
N PRO C 251 36.68 69.27 -41.19
CA PRO C 251 37.43 70.13 -40.28
C PRO C 251 38.47 69.33 -39.50
N THR C 252 39.56 70.01 -39.16
CA THR C 252 40.63 69.37 -38.40
C THR C 252 40.36 69.48 -36.91
N PHE C 253 40.96 68.56 -36.17
CA PHE C 253 40.88 68.54 -34.71
C PHE C 253 42.28 68.44 -34.14
N LYS C 254 42.62 69.36 -33.24
CA LYS C 254 43.96 69.41 -32.65
C LYS C 254 45.04 69.46 -33.72
N GLY C 255 44.79 70.25 -34.76
CA GLY C 255 45.71 70.40 -35.87
C GLY C 255 45.77 69.25 -36.85
N GLN C 256 45.24 68.10 -36.50
CA GLN C 256 45.36 66.92 -37.33
C GLN C 256 44.11 66.70 -38.16
N PRO C 257 44.24 66.08 -39.33
CA PRO C 257 43.10 65.90 -40.21
C PRO C 257 42.11 64.89 -39.64
N SER C 258 40.84 65.08 -39.97
CA SER C 258 39.82 64.12 -39.59
C SER C 258 40.00 62.84 -40.40
N LYS C 259 40.05 61.69 -39.73
CA LYS C 259 40.34 60.44 -40.41
C LYS C 259 39.09 59.58 -40.57
N PRO C 260 38.38 59.69 -41.70
CA PRO C 260 37.18 58.89 -41.89
C PRO C 260 37.52 57.44 -42.22
N PHE C 261 36.67 56.54 -41.72
CA PHE C 261 36.82 55.10 -42.05
C PHE C 261 36.24 54.92 -43.44
N VAL C 262 37.05 54.46 -44.38
CA VAL C 262 36.67 54.36 -45.79
C VAL C 262 36.07 53.00 -46.09
N GLY C 263 34.96 53.01 -46.84
CA GLY C 263 34.25 51.79 -47.17
C GLY C 263 34.13 51.59 -48.67
N VAL C 264 34.17 50.33 -49.08
CA VAL C 264 34.05 49.95 -50.48
C VAL C 264 32.71 49.25 -50.65
N LEU C 265 31.78 49.89 -51.35
CA LEU C 265 30.53 49.22 -51.68
C LEU C 265 30.87 47.96 -52.47
N SER C 266 30.37 46.83 -52.01
CA SER C 266 30.78 45.56 -52.58
C SER C 266 29.57 44.66 -52.76
N ALA C 267 29.65 43.77 -53.76
CA ALA C 267 28.58 42.85 -54.09
C ALA C 267 29.01 41.42 -53.81
N GLY C 268 28.26 40.72 -52.96
CA GLY C 268 28.57 39.35 -52.59
C GLY C 268 27.55 38.37 -53.13
N ILE C 269 28.01 37.17 -53.48
CA ILE C 269 27.17 36.10 -54.01
C ILE C 269 26.94 35.08 -52.91
N ASN C 270 25.67 34.82 -52.61
CA ASN C 270 25.30 33.89 -51.54
C ASN C 270 25.82 32.49 -51.86
N ALA C 271 26.56 31.90 -50.92
CA ALA C 271 27.09 30.56 -51.10
C ALA C 271 26.00 29.53 -51.39
N ALA C 272 24.75 29.83 -51.01
CA ALA C 272 23.63 28.94 -51.29
C ALA C 272 22.77 29.44 -52.43
N SER C 273 23.37 30.10 -53.42
CA SER C 273 22.55 30.54 -54.57
C SER C 273 22.54 29.48 -55.67
N PRO C 274 21.37 29.18 -56.26
CA PRO C 274 21.30 28.26 -57.38
C PRO C 274 21.58 29.03 -58.66
N ASN C 275 21.81 30.34 -58.56
CA ASN C 275 22.02 31.19 -59.76
C ASN C 275 23.33 31.97 -59.62
N LYS C 276 24.46 31.28 -59.39
CA LYS C 276 25.70 31.98 -59.11
C LYS C 276 26.36 32.43 -60.40
N GLU C 277 26.31 31.57 -61.42
CA GLU C 277 26.84 31.94 -62.74
C GLU C 277 26.06 33.09 -63.35
N LEU C 278 24.74 33.11 -63.12
CA LEU C 278 23.93 34.24 -63.62
C LEU C 278 24.32 35.50 -62.85
N ALA C 279 24.66 35.35 -61.56
CA ALA C 279 25.05 36.49 -60.75
C ALA C 279 26.33 37.12 -61.25
N LYS C 280 27.34 36.31 -61.56
CA LYS C 280 28.60 36.84 -62.06
C LYS C 280 28.39 37.61 -63.36
N GLU C 281 27.50 37.12 -64.22
CA GLU C 281 27.25 37.82 -65.48
C GLU C 281 26.60 39.18 -65.24
N PHE C 282 25.60 39.25 -64.36
CA PHE C 282 24.96 40.53 -64.09
C PHE C 282 25.94 41.54 -63.50
N LEU C 283 26.95 41.08 -62.77
CA LEU C 283 27.84 42.03 -62.10
C LEU C 283 29.06 42.33 -62.95
N GLU C 284 29.67 41.30 -63.55
CA GLU C 284 30.89 41.50 -64.31
C GLU C 284 30.62 42.18 -65.65
N ASN C 285 29.50 41.87 -66.30
CA ASN C 285 29.27 42.29 -67.67
C ASN C 285 28.02 43.14 -67.85
N TYR C 286 27.25 43.38 -66.78
CA TYR C 286 26.12 44.29 -66.84
C TYR C 286 26.29 45.48 -65.91
N LEU C 287 26.59 45.25 -64.63
CA LEU C 287 26.68 46.33 -63.66
C LEU C 287 28.02 47.05 -63.72
N LEU C 288 29.12 46.30 -63.58
CA LEU C 288 30.46 46.89 -63.52
C LEU C 288 30.91 47.31 -64.93
N THR C 289 30.07 48.13 -65.55
CA THR C 289 30.32 48.72 -66.86
C THR C 289 30.01 50.20 -66.73
N ASP C 290 30.60 51.00 -67.63
CA ASP C 290 30.39 52.44 -67.54
C ASP C 290 28.93 52.86 -67.64
N GLU C 291 28.09 52.16 -68.44
CA GLU C 291 26.76 52.72 -68.58
C GLU C 291 25.90 52.24 -67.42
N GLY C 292 26.17 51.05 -66.87
CA GLY C 292 25.42 50.55 -65.73
C GLY C 292 25.72 51.31 -64.45
N LEU C 293 26.99 51.42 -64.08
CA LEU C 293 27.34 52.24 -62.93
C LEU C 293 26.78 53.64 -63.08
N GLU C 294 26.74 54.14 -64.33
CA GLU C 294 26.12 55.43 -64.58
C GLU C 294 24.66 55.42 -64.13
N ALA C 295 23.91 54.38 -64.49
CA ALA C 295 22.49 54.33 -64.16
C ALA C 295 22.28 54.43 -62.65
N VAL C 296 23.15 53.81 -61.87
CA VAL C 296 23.02 53.87 -60.42
C VAL C 296 23.47 55.23 -59.91
N ASN C 297 24.55 55.76 -60.49
CA ASN C 297 25.04 57.07 -60.06
C ASN C 297 24.04 58.18 -60.38
N LYS C 298 23.10 57.94 -61.29
CA LYS C 298 22.06 58.94 -61.52
C LYS C 298 20.97 58.84 -60.47
N ASP C 299 20.59 57.61 -60.11
CA ASP C 299 19.57 57.48 -59.07
C ASP C 299 20.07 58.17 -57.81
N LYS C 300 21.13 57.70 -57.18
CA LYS C 300 21.92 58.66 -56.42
C LYS C 300 23.40 58.32 -56.37
N PRO C 301 24.25 59.34 -56.27
CA PRO C 301 25.68 59.20 -56.57
C PRO C 301 26.42 58.17 -55.72
N LEU C 302 27.30 57.44 -56.40
CA LEU C 302 28.24 56.51 -55.77
C LEU C 302 29.56 57.19 -55.38
N GLY C 303 29.80 58.42 -55.85
CA GLY C 303 31.09 59.05 -55.57
C GLY C 303 32.18 58.41 -56.41
N ALA C 304 33.30 58.09 -55.77
CA ALA C 304 34.37 57.39 -56.46
C ALA C 304 33.97 55.95 -56.73
N VAL C 305 34.52 55.38 -57.81
CA VAL C 305 34.07 54.09 -58.28
C VAL C 305 35.29 53.17 -58.46
N ALA C 306 35.01 51.89 -58.56
CA ALA C 306 36.09 50.90 -58.66
C ALA C 306 36.53 50.69 -60.10
N LEU C 307 35.62 50.91 -61.05
CA LEU C 307 35.94 50.80 -62.46
C LEU C 307 36.82 51.96 -62.90
N LYS C 308 38.05 51.65 -63.32
CA LYS C 308 39.01 52.69 -63.70
C LYS C 308 38.44 53.61 -64.78
N SER C 309 37.67 53.06 -65.72
CA SER C 309 37.08 53.86 -66.79
C SER C 309 36.15 54.95 -66.25
N TYR C 310 35.12 54.56 -65.50
CA TYR C 310 34.14 55.55 -65.02
C TYR C 310 34.75 56.55 -64.06
N GLU C 311 35.68 56.13 -63.21
CA GLU C 311 36.28 57.05 -62.25
C GLU C 311 37.05 58.19 -62.93
N GLU C 312 37.75 57.93 -64.05
CA GLU C 312 38.56 58.96 -64.72
C GLU C 312 37.78 60.24 -65.09
N GLU C 313 36.53 60.04 -65.34
CA GLU C 313 35.29 60.74 -65.62
C GLU C 313 34.53 61.29 -64.34
N LEU C 314 34.24 60.50 -63.30
CA LEU C 314 33.60 61.08 -62.10
C LEU C 314 34.56 61.95 -61.32
N VAL C 315 35.84 61.55 -61.23
CA VAL C 315 36.85 62.28 -60.47
C VAL C 315 36.97 63.75 -60.90
N LYS C 316 36.56 64.07 -62.13
CA LYS C 316 36.56 65.47 -62.56
C LYS C 316 35.56 66.31 -61.77
N ASP C 317 34.45 65.72 -61.37
CA ASP C 317 33.51 66.42 -60.49
C ASP C 317 34.19 66.74 -59.17
N PRO C 318 34.28 68.01 -58.77
CA PRO C 318 34.99 68.35 -57.52
C PRO C 318 34.39 67.69 -56.30
N ARG C 319 33.11 67.35 -56.34
CA ARG C 319 32.50 66.62 -55.23
C ARG C 319 33.18 65.28 -55.03
N VAL C 320 33.40 64.56 -56.13
CA VAL C 320 34.06 63.26 -56.07
C VAL C 320 35.52 63.41 -55.64
N ALA C 321 36.17 64.49 -56.08
CA ALA C 321 37.56 64.73 -55.68
C ALA C 321 37.66 64.99 -54.18
N ALA C 322 36.72 65.75 -53.62
CA ALA C 322 36.70 65.96 -52.17
C ALA C 322 36.51 64.64 -51.44
N THR C 323 35.61 63.80 -51.94
CA THR C 323 35.43 62.47 -51.36
C THR C 323 36.75 61.72 -51.30
N MET C 324 37.52 61.77 -52.41
CA MET C 324 38.79 61.05 -52.42
C MET C 324 39.82 61.75 -51.54
N GLU C 325 39.74 63.07 -51.39
CA GLU C 325 40.69 63.75 -50.51
C GLU C 325 40.47 63.36 -49.06
N ASN C 326 39.22 63.38 -48.60
CA ASN C 326 38.94 62.94 -47.24
C ASN C 326 39.26 61.45 -47.09
N ALA C 327 39.00 60.68 -48.14
CA ALA C 327 39.32 59.25 -48.10
C ALA C 327 40.80 59.02 -47.84
N GLN C 328 41.66 59.78 -48.55
CA GLN C 328 43.10 59.59 -48.38
C GLN C 328 43.57 60.05 -47.01
N LYS C 329 42.91 61.03 -46.42
CA LYS C 329 43.25 61.42 -45.05
C LYS C 329 42.78 60.40 -44.03
N GLY C 330 41.85 59.51 -44.40
CA GLY C 330 41.36 58.45 -43.53
C GLY C 330 42.07 57.13 -43.72
N GLU C 331 41.34 56.05 -43.43
CA GLU C 331 41.89 54.68 -43.55
C GLU C 331 40.81 53.75 -44.09
N ILE C 332 41.19 52.76 -44.90
CA ILE C 332 40.22 51.79 -45.40
C ILE C 332 39.86 50.84 -44.28
N MET C 333 38.57 50.60 -44.12
CA MET C 333 38.08 49.78 -43.02
C MET C 333 38.65 48.37 -43.12
N PRO C 334 38.87 47.71 -41.96
CA PRO C 334 39.24 46.32 -41.98
C PRO C 334 37.98 45.50 -42.32
N ASN C 335 38.15 44.35 -42.96
CA ASN C 335 37.03 43.47 -43.26
C ASN C 335 36.94 42.28 -42.32
N ILE C 336 37.82 42.22 -41.32
CA ILE C 336 37.90 41.12 -40.36
C ILE C 336 36.55 40.90 -39.68
N PRO C 337 36.24 39.67 -39.27
CA PRO C 337 34.91 39.40 -38.69
C PRO C 337 34.63 40.16 -37.41
N GLN C 338 35.63 40.74 -36.76
CA GLN C 338 35.38 41.44 -35.51
C GLN C 338 34.80 42.83 -35.74
N MET C 339 34.59 43.22 -36.99
CA MET C 339 34.12 44.59 -37.29
C MET C 339 32.71 44.82 -36.72
N SER C 340 31.85 43.81 -36.81
CA SER C 340 30.48 43.98 -36.33
C SER C 340 30.44 44.27 -34.83
N ALA C 341 31.36 43.68 -34.06
CA ALA C 341 31.37 43.93 -32.63
C ALA C 341 31.95 45.30 -32.32
N PHE C 342 33.00 45.69 -33.05
CA PHE C 342 33.62 47.02 -32.84
C PHE C 342 32.57 48.11 -33.08
N TRP C 343 31.81 47.97 -34.14
CA TRP C 343 30.83 49.00 -34.47
C TRP C 343 29.75 49.09 -33.40
N TYR C 344 29.27 47.94 -32.90
CA TYR C 344 28.27 47.97 -31.84
C TYR C 344 28.83 48.60 -30.58
N ALA C 345 30.10 48.30 -30.27
CA ALA C 345 30.70 48.83 -29.04
C ALA C 345 30.84 50.34 -29.12
N VAL C 346 31.34 50.85 -30.25
CA VAL C 346 31.47 52.31 -30.40
C VAL C 346 30.10 52.97 -30.46
N ARG C 347 29.13 52.34 -31.14
CA ARG C 347 27.79 52.92 -31.21
C ARG C 347 27.24 53.19 -29.81
N THR C 348 27.32 52.19 -28.94
CA THR C 348 26.83 52.38 -27.57
C THR C 348 27.64 53.45 -26.85
N ALA C 349 28.97 53.46 -27.05
CA ALA C 349 29.82 54.46 -26.40
C ALA C 349 29.41 55.88 -26.79
N VAL C 350 29.22 56.14 -28.08
CA VAL C 350 28.90 57.48 -28.52
C VAL C 350 27.52 57.90 -28.02
N ILE C 351 26.55 57.00 -28.16
CA ILE C 351 25.18 57.30 -27.75
C ILE C 351 25.11 57.57 -26.24
N ASN C 352 25.79 56.74 -25.45
CA ASN C 352 25.72 56.90 -24.00
C ASN C 352 26.44 58.16 -23.54
N ALA C 353 27.58 58.48 -24.15
CA ALA C 353 28.31 59.69 -23.77
C ALA C 353 27.58 60.95 -24.21
N ALA C 354 26.89 60.91 -25.35
CA ALA C 354 26.17 62.09 -25.82
C ALA C 354 24.93 62.36 -24.98
N SER C 355 24.23 61.30 -24.55
CA SER C 355 23.03 61.46 -23.73
C SER C 355 23.34 61.72 -22.26
N GLY C 356 24.57 61.45 -21.82
CA GLY C 356 24.96 61.63 -20.43
C GLY C 356 24.86 60.41 -19.54
N ARG C 357 24.30 59.29 -20.04
CA ARG C 357 24.29 58.05 -19.28
C ARG C 357 25.67 57.67 -18.76
N GLN C 358 26.73 57.92 -19.53
CA GLN C 358 28.07 57.52 -19.13
C GLN C 358 29.05 58.66 -19.38
N THR C 359 30.17 58.62 -18.68
CA THR C 359 31.25 59.54 -18.99
C THR C 359 31.98 59.04 -20.23
N VAL C 360 32.67 59.97 -20.89
CA VAL C 360 33.45 59.60 -22.07
C VAL C 360 34.44 58.50 -21.70
N ASP C 361 35.15 58.68 -20.58
CA ASP C 361 36.13 57.69 -20.14
C ASP C 361 35.47 56.34 -19.88
N ALA C 362 34.33 56.33 -19.20
CA ALA C 362 33.64 55.07 -18.92
C ALA C 362 33.12 54.44 -20.20
N ALA C 363 32.52 55.26 -21.08
CA ALA C 363 31.96 54.73 -22.32
C ALA C 363 33.03 54.09 -23.19
N LEU C 364 34.14 54.80 -23.42
CA LEU C 364 35.18 54.27 -24.28
C LEU C 364 35.92 53.10 -23.64
N ALA C 365 36.02 53.08 -22.32
CA ALA C 365 36.62 51.94 -21.64
C ALA C 365 35.77 50.69 -21.82
N ALA C 366 34.46 50.82 -21.65
CA ALA C 366 33.56 49.67 -21.86
C ALA C 366 33.59 49.22 -23.31
N ALA C 367 33.70 50.16 -24.25
CA ALA C 367 33.71 49.78 -25.66
C ALA C 367 34.97 49.01 -26.01
N GLN C 368 36.10 49.34 -25.39
CA GLN C 368 37.32 48.60 -25.64
C GLN C 368 37.32 47.22 -24.97
N THR C 369 36.42 46.95 -24.03
CA THR C 369 36.30 45.60 -23.52
C THR C 369 35.40 44.74 -24.40
N ASN C 370 34.68 45.36 -25.35
CA ASN C 370 33.76 44.64 -26.21
C ASN C 370 33.97 44.95 -27.68
N ALA C 371 35.12 45.46 -28.05
CA ALA C 371 35.34 45.87 -29.46
C ALA C 371 35.72 44.66 -30.32
N ALA C 372 36.45 43.71 -29.75
CA ALA C 372 36.83 42.51 -30.48
C ALA C 372 35.75 41.44 -30.45
N ALA C 373 34.87 41.47 -29.46
CA ALA C 373 33.84 40.45 -29.36
C ALA C 373 32.64 41.04 -28.64
N PHE C 374 31.45 40.55 -29.01
CA PHE C 374 30.25 40.95 -28.30
C PHE C 374 30.32 40.48 -26.85
N LYS C 375 29.76 41.28 -25.94
CA LYS C 375 29.77 40.88 -24.53
C LYS C 375 29.07 39.54 -24.34
N GLU C 376 28.05 39.26 -25.15
CA GLU C 376 27.36 37.99 -25.10
C GLU C 376 28.21 36.86 -25.69
N SER C 377 29.24 37.22 -26.44
CA SER C 377 30.14 36.23 -27.04
C SER C 377 31.36 35.93 -26.16
N GLN C 378 31.42 36.46 -24.94
CA GLN C 378 32.54 36.21 -24.06
C GLN C 378 32.24 35.08 -23.07
N CYS C 379 33.29 34.31 -22.74
CA CYS C 379 33.13 33.07 -21.98
C CYS C 379 32.50 33.31 -20.60
N HIS C 380 33.01 34.28 -19.84
N HIS C 380 33.02 34.28 -19.85
CA HIS C 380 32.49 34.51 -18.50
CA HIS C 380 32.51 34.55 -18.51
C HIS C 380 30.99 34.77 -18.54
C HIS C 380 31.00 34.79 -18.54
N HIS C 381 30.55 35.60 -19.49
CA HIS C 381 29.12 35.90 -19.61
C HIS C 381 28.35 34.67 -20.06
N MET C 382 28.92 33.89 -20.96
CA MET C 382 28.18 32.71 -21.49
C MET C 382 27.97 31.68 -20.40
N LEU C 383 28.85 31.63 -19.40
CA LEU C 383 28.68 30.68 -18.31
C LEU C 383 27.54 31.09 -17.37
N LYS C 384 27.30 32.40 -17.22
CA LYS C 384 26.21 32.84 -16.35
C LYS C 384 24.88 32.80 -17.08
N HIS C 385 24.91 32.99 -18.38
CA HIS C 385 23.68 33.04 -19.19
C HIS C 385 23.80 31.97 -20.26
N LEU C 386 23.12 30.84 -20.07
CA LEU C 386 23.32 29.71 -21.01
C LEU C 386 22.29 29.75 -22.14
N HIS C 387 22.61 29.09 -23.25
CA HIS C 387 21.70 29.03 -24.41
C HIS C 387 21.38 30.45 -24.90
N ASN C 388 22.40 31.14 -25.43
CA ASN C 388 22.20 32.51 -25.96
C ASN C 388 21.31 33.28 -25.00
N GLY C 389 21.39 32.98 -23.70
CA GLY C 389 20.51 33.63 -22.72
C GLY C 389 19.10 33.60 -23.27
N ALA C 390 18.78 32.61 -24.10
CA ALA C 390 17.45 32.55 -24.74
C ALA C 390 16.42 32.17 -23.69
N ARG C 391 15.20 32.66 -23.85
CA ARG C 391 14.14 32.25 -22.91
C ARG C 391 13.78 30.80 -23.23
N ILE C 392 14.11 29.89 -22.33
CA ILE C 392 13.72 28.47 -22.52
C ILE C 392 12.67 28.15 -21.47
N THR C 393 11.49 27.71 -21.90
CA THR C 393 10.41 27.38 -20.98
C THR C 393 10.23 25.87 -21.01
N VAL C 394 10.31 25.22 -19.79
CA VAL C 394 10.26 23.77 -19.58
C VAL C 394 8.84 23.43 -19.27
N GLN C 395 8.28 22.45 -19.91
CA GLN C 395 6.99 22.95 -20.18
C GLN C 395 6.31 21.87 -19.37
N MET C 396 5.88 22.21 -18.17
CA MET C 396 5.44 21.20 -17.20
C MET C 396 3.94 21.23 -16.96
N PRO C 397 3.19 20.15 -17.24
CA PRO C 397 3.53 18.79 -17.65
C PRO C 397 3.88 18.68 -19.13
N PRO C 398 4.83 17.84 -19.47
CA PRO C 398 5.21 17.72 -20.88
C PRO C 398 4.07 17.14 -21.70
N THR C 399 3.98 17.57 -22.94
CA THR C 399 3.04 17.04 -23.91
C THR C 399 3.81 16.58 -25.14
N ILE C 400 3.68 15.30 -25.51
CA ILE C 400 4.53 14.73 -26.56
C ILE C 400 3.86 14.46 -27.93
N GLU C 401 2.53 14.64 -28.11
CA GLU C 401 2.02 14.52 -29.49
C GLU C 401 2.87 15.26 -30.49
N GLY C 402 3.04 14.63 -31.59
CA GLY C 402 3.56 15.30 -32.73
C GLY C 402 4.50 14.39 -33.44
N HIS C 403 5.16 14.98 -34.41
CA HIS C 403 6.21 14.33 -35.15
C HIS C 403 7.49 15.03 -34.73
N TRP C 404 8.43 14.25 -34.22
CA TRP C 404 9.69 14.76 -33.72
C TRP C 404 10.81 14.11 -34.52
N VAL C 405 11.79 14.91 -34.95
CA VAL C 405 12.87 14.41 -35.79
C VAL C 405 14.22 14.89 -35.28
N SER C 406 15.25 14.19 -35.72
CA SER C 406 16.63 14.58 -35.42
C SER C 406 16.98 15.84 -36.19
N THR C 407 18.01 16.53 -35.72
CA THR C 407 18.51 17.74 -36.38
C THR C 407 19.81 17.49 -37.13
N GLY C 408 20.30 16.26 -37.13
CA GLY C 408 21.54 15.96 -37.80
C GLY C 408 21.88 14.49 -37.66
N CYS C 409 23.10 14.15 -38.06
CA CYS C 409 23.55 12.76 -38.01
C CYS C 409 24.01 12.46 -36.60
N GLU C 410 23.13 11.88 -35.79
CA GLU C 410 23.46 11.57 -34.40
C GLU C 410 24.42 10.37 -34.36
N VAL C 411 25.18 10.29 -33.28
CA VAL C 411 26.16 9.21 -33.08
C VAL C 411 25.86 8.53 -31.75
N ARG C 412 25.42 7.28 -31.80
CA ARG C 412 25.35 6.47 -30.58
C ARG C 412 26.63 5.67 -30.43
N SER C 413 26.88 5.22 -29.19
CA SER C 413 28.06 4.42 -28.92
C SER C 413 28.07 3.20 -29.83
N GLY C 414 29.24 2.86 -30.36
CA GLY C 414 29.35 1.79 -31.32
C GLY C 414 30.59 1.89 -32.19
N PRO C 415 30.69 2.83 -33.15
CA PRO C 415 29.71 3.89 -33.32
C PRO C 415 28.43 3.49 -34.04
N GLU C 416 27.36 4.26 -33.83
CA GLU C 416 26.07 4.01 -34.52
C GLU C 416 25.58 5.33 -35.13
N PHE C 417 25.79 5.52 -36.43
CA PHE C 417 25.32 6.74 -37.13
C PHE C 417 23.85 6.54 -37.42
N MET C 418 23.02 7.49 -37.00
CA MET C 418 21.59 7.26 -37.09
C MET C 418 20.83 8.58 -36.98
N THR C 419 19.56 8.52 -37.36
CA THR C 419 18.58 9.58 -37.16
C THR C 419 17.30 8.98 -36.60
N ARG C 420 16.48 9.84 -36.00
CA ARG C 420 15.24 9.43 -35.38
C ARG C 420 14.08 10.18 -36.00
N SER C 421 12.95 9.49 -36.16
CA SER C 421 11.70 10.11 -36.62
C SER C 421 10.59 9.46 -35.81
N TYR C 422 10.12 10.16 -34.78
CA TYR C 422 9.21 9.61 -33.79
C TYR C 422 7.86 10.30 -33.89
N ARG C 423 6.79 9.51 -34.04
CA ARG C 423 5.43 10.01 -34.12
C ARG C 423 4.66 9.52 -32.90
N PHE C 424 4.15 10.47 -32.11
CA PHE C 424 3.30 10.16 -30.96
C PHE C 424 1.89 10.66 -31.24
N TYR C 425 0.91 9.76 -31.18
CA TYR C 425 -0.47 10.03 -31.55
C TYR C 425 -1.35 10.32 -30.34
N ASN C 426 -2.57 10.81 -30.60
CA ASN C 426 -3.51 11.15 -29.52
C ASN C 426 -3.95 9.93 -28.75
N ASN C 427 -4.05 8.79 -29.40
CA ASN C 427 -4.49 7.56 -28.76
C ASN C 427 -3.41 6.90 -27.92
N ASN C 428 -2.31 7.62 -27.68
CA ASN C 428 -1.23 7.17 -26.82
C ASN C 428 -0.44 6.04 -27.45
N THR C 429 -0.49 5.92 -28.76
CA THR C 429 0.31 4.97 -29.51
C THR C 429 1.42 5.72 -30.22
N PHE C 430 2.44 4.99 -30.65
CA PHE C 430 3.60 5.63 -31.26
C PHE C 430 4.17 4.75 -32.35
N LYS C 431 4.74 5.42 -33.36
CA LYS C 431 5.54 4.77 -34.40
C LYS C 431 6.89 5.47 -34.46
N ALA C 432 7.96 4.74 -34.19
CA ALA C 432 9.30 5.30 -34.15
C ALA C 432 10.15 4.70 -35.26
N TYR C 433 10.74 5.56 -36.09
CA TYR C 433 11.70 5.15 -37.10
C TYR C 433 13.09 5.42 -36.56
N GLN C 434 13.94 4.40 -36.57
CA GLN C 434 15.36 4.56 -36.28
C GLN C 434 16.12 4.19 -37.54
N PHE C 435 16.68 5.19 -38.21
CA PHE C 435 17.43 5.02 -39.45
C PHE C 435 18.92 4.88 -39.16
N TYR C 436 19.54 3.86 -39.71
CA TYR C 436 20.97 3.62 -39.44
C TYR C 436 21.77 3.75 -40.74
N TYR C 437 22.97 4.32 -40.63
CA TYR C 437 23.82 4.56 -41.83
C TYR C 437 25.21 4.03 -41.54
N GLY C 438 26.10 4.14 -42.53
CA GLY C 438 27.47 3.62 -42.38
C GLY C 438 28.48 4.72 -42.21
N SER C 439 28.06 5.96 -42.39
CA SER C 439 29.01 7.09 -42.32
C SER C 439 28.53 8.15 -41.35
N ASN C 440 29.48 8.94 -40.84
CA ASN C 440 29.13 10.06 -39.98
C ASN C 440 28.36 11.15 -40.70
N ARG C 441 28.15 11.02 -42.01
CA ARG C 441 27.41 12.01 -42.78
C ARG C 441 25.97 11.60 -43.00
N CYS C 442 25.58 10.38 -42.63
CA CYS C 442 24.22 9.88 -42.74
C CYS C 442 23.70 10.03 -44.16
N THR C 443 24.52 9.61 -45.12
CA THR C 443 24.18 9.66 -46.53
C THR C 443 23.91 8.29 -47.14
N ASN C 444 24.32 7.23 -46.46
CA ASN C 444 24.20 5.88 -47.04
C ASN C 444 23.48 4.95 -46.06
N PRO C 445 22.15 4.83 -46.16
CA PRO C 445 21.38 4.00 -45.22
C PRO C 445 21.85 2.54 -45.25
N THR C 446 21.89 1.97 -44.04
CA THR C 446 22.31 0.56 -43.88
C THR C 446 21.08 -0.27 -43.50
N TYR C 447 20.50 0.00 -42.32
CA TYR C 447 19.25 -0.70 -41.90
C TYR C 447 18.33 0.29 -41.17
N THR C 448 17.05 -0.01 -41.16
CA THR C 448 16.06 0.83 -40.48
C THR C 448 15.20 -0.02 -39.55
N LEU C 449 14.95 0.51 -38.35
CA LEU C 449 14.11 -0.15 -37.36
C LEU C 449 12.79 0.61 -37.26
N ILE C 450 11.69 -0.13 -37.19
CA ILE C 450 10.35 0.45 -37.05
C ILE C 450 9.75 -0.10 -35.76
N ILE C 451 9.56 0.76 -34.78
CA ILE C 451 9.12 0.39 -33.44
C ILE C 451 7.74 0.95 -33.21
N ARG C 452 6.80 0.09 -32.85
CA ARG C 452 5.41 0.48 -32.57
C ARG C 452 5.05 0.06 -31.16
N GLY C 453 4.24 0.87 -30.49
CA GLY C 453 3.79 0.53 -29.15
C GLY C 453 2.91 1.60 -28.55
N LYS C 454 2.77 1.54 -27.23
CA LYS C 454 1.90 2.41 -26.46
C LYS C 454 2.72 3.13 -25.39
N ILE C 455 2.36 4.38 -25.12
CA ILE C 455 3.10 5.19 -24.16
C ILE C 455 2.14 6.07 -23.37
N ARG C 456 2.39 6.21 -22.07
CA ARG C 456 1.57 7.03 -21.18
C ARG C 456 2.50 7.80 -20.25
N LEU C 457 2.49 9.11 -20.37
CA LEU C 457 3.30 9.94 -19.49
C LEU C 457 2.80 9.81 -18.06
N ARG C 458 3.71 9.68 -17.11
CA ARG C 458 3.36 9.57 -15.73
C ARG C 458 3.65 10.98 -15.03
N GLN C 459 4.28 11.02 -13.90
CA GLN C 459 4.47 12.24 -13.14
C GLN C 459 5.95 12.60 -13.15
N ALA C 460 6.26 13.75 -12.55
CA ALA C 460 7.64 14.22 -12.53
C ALA C 460 8.53 13.20 -11.85
N SER C 461 9.79 13.14 -12.29
CA SER C 461 10.74 12.21 -11.71
C SER C 461 11.29 12.78 -10.42
N TRP C 462 11.32 11.96 -9.39
CA TRP C 462 12.03 12.27 -8.16
C TRP C 462 13.48 11.83 -8.23
N ILE C 463 13.86 11.23 -9.37
CA ILE C 463 15.25 10.72 -9.54
C ILE C 463 16.03 11.69 -10.44
N ILE C 464 15.39 12.25 -11.46
CA ILE C 464 16.05 13.22 -12.38
C ILE C 464 15.24 14.53 -12.35
N ARG C 465 15.73 15.52 -11.61
CA ARG C 465 14.99 16.78 -11.47
C ARG C 465 14.77 17.43 -12.83
N GLY C 466 13.53 17.81 -13.10
CA GLY C 466 13.18 18.37 -14.38
C GLY C 466 12.67 17.36 -15.39
N GLY C 467 12.74 16.07 -15.06
CA GLY C 467 12.28 15.03 -15.94
C GLY C 467 10.88 14.56 -15.60
N THR C 468 10.22 14.00 -16.60
CA THR C 468 8.92 13.38 -16.44
C THR C 468 9.04 11.90 -16.79
N GLU C 469 8.56 11.05 -15.91
CA GLU C 469 8.58 9.62 -16.14
C GLU C 469 7.43 9.24 -17.04
N ALA C 470 7.66 8.20 -17.85
CA ALA C 470 6.60 7.65 -18.68
C ALA C 470 6.70 6.14 -18.67
N ASP C 471 5.57 5.49 -18.92
CA ASP C 471 5.48 4.05 -19.06
C ASP C 471 5.21 3.74 -20.53
N TYR C 472 5.83 2.68 -21.04
CA TYR C 472 5.65 2.31 -22.43
C TYR C 472 5.54 0.80 -22.55
N GLN C 473 4.88 0.38 -23.63
CA GLN C 473 4.72 -1.02 -23.98
C GLN C 473 4.96 -1.19 -25.47
N LEU C 474 5.78 -2.17 -25.83
CA LEU C 474 6.05 -2.45 -27.23
C LEU C 474 4.92 -3.29 -27.83
N HIS C 475 4.58 -3.00 -29.08
CA HIS C 475 3.66 -3.83 -29.84
C HIS C 475 4.30 -4.55 -31.01
N GLY C 476 5.38 -4.00 -31.56
CA GLY C 476 6.08 -4.64 -32.67
C GLY C 476 7.37 -3.94 -33.03
N VAL C 477 8.39 -4.71 -33.43
CA VAL C 477 9.65 -4.18 -33.91
C VAL C 477 9.98 -4.88 -35.22
N GLN C 478 10.16 -4.09 -36.27
CA GLN C 478 10.48 -4.60 -37.60
C GLN C 478 11.79 -3.99 -38.08
N VAL C 479 12.48 -4.70 -38.97
CA VAL C 479 13.75 -4.24 -39.53
C VAL C 479 13.73 -4.37 -41.05
N ILE C 480 14.26 -3.36 -41.74
CA ILE C 480 14.41 -3.35 -43.18
C ILE C 480 15.87 -3.09 -43.53
N CYS C 481 16.45 -3.98 -44.35
CA CYS C 481 17.80 -3.80 -44.83
C CYS C 481 17.76 -3.10 -46.19
N HIS C 482 18.65 -2.14 -46.39
CA HIS C 482 18.64 -1.33 -47.61
C HIS C 482 19.74 -1.71 -48.59
N THR C 483 20.71 -2.51 -48.17
CA THR C 483 21.71 -3.06 -49.07
C THR C 483 21.76 -4.57 -48.85
N GLU C 484 22.27 -5.28 -49.85
CA GLU C 484 22.32 -6.75 -49.76
C GLU C 484 23.30 -7.20 -48.69
N ALA C 485 24.38 -6.45 -48.54
CA ALA C 485 25.41 -6.86 -47.57
C ALA C 485 24.80 -6.87 -46.17
N VAL C 486 23.99 -5.86 -45.85
CA VAL C 486 23.41 -5.75 -44.49
C VAL C 486 22.47 -6.94 -44.27
N ALA C 487 21.64 -7.24 -45.26
CA ALA C 487 20.74 -8.41 -45.18
C ALA C 487 21.55 -9.63 -44.74
N GLU C 488 22.57 -9.99 -45.48
CA GLU C 488 23.48 -11.06 -45.01
C GLU C 488 24.13 -10.83 -43.63
N GLN C 489 24.61 -9.65 -43.32
CA GLN C 489 25.25 -9.57 -41.98
C GLN C 489 24.18 -9.83 -40.92
N LEU C 490 23.00 -9.23 -41.08
CA LEU C 490 21.93 -9.36 -40.07
C LEU C 490 21.33 -10.77 -40.08
N SER C 491 21.03 -11.32 -41.26
CA SER C 491 20.51 -12.69 -41.26
C SER C 491 21.41 -13.60 -40.46
N ARG C 492 22.73 -13.48 -40.66
CA ARG C 492 23.68 -14.31 -39.95
C ARG C 492 23.65 -14.05 -38.45
N LEU C 493 23.67 -12.77 -38.08
CA LEU C 493 23.72 -12.42 -36.65
C LEU C 493 22.42 -12.89 -35.97
N VAL C 494 21.29 -12.65 -36.62
CA VAL C 494 20.02 -13.05 -36.02
C VAL C 494 19.98 -14.56 -35.81
N ASN C 495 20.42 -15.33 -36.80
CA ASN C 495 20.39 -16.78 -36.67
C ASN C 495 21.32 -17.23 -35.55
N ARG C 496 22.55 -16.71 -35.54
CA ARG C 496 23.49 -17.11 -34.49
C ARG C 496 22.95 -16.76 -33.12
N THR C 497 22.29 -15.60 -33.00
CA THR C 497 21.76 -15.18 -31.70
C THR C 497 20.58 -16.06 -31.29
N CYS C 498 19.65 -16.30 -32.21
CA CYS C 498 18.43 -17.09 -31.96
C CYS C 498 18.34 -18.17 -33.03
N PRO C 499 19.04 -19.28 -32.86
CA PRO C 499 19.05 -20.35 -33.89
C PRO C 499 17.64 -20.84 -34.19
N GLY C 500 17.21 -20.64 -35.44
CA GLY C 500 15.87 -21.09 -35.85
C GLY C 500 14.94 -19.92 -36.17
N PHE C 501 15.32 -18.69 -35.82
CA PHE C 501 14.45 -17.55 -36.05
C PHE C 501 14.15 -17.36 -37.53
N LEU C 502 15.18 -17.55 -38.36
CA LEU C 502 15.00 -17.37 -39.81
C LEU C 502 14.39 -18.64 -40.38
N ALA C 503 13.67 -18.54 -41.49
CA ALA C 503 13.17 -19.76 -42.14
C ALA C 503 14.37 -20.46 -42.79
N PRO C 504 14.36 -21.81 -42.89
CA PRO C 504 15.45 -22.53 -43.53
C PRO C 504 15.45 -22.28 -45.04
N GLY C 505 16.56 -22.59 -45.72
CA GLY C 505 16.56 -22.47 -47.19
C GLY C 505 17.32 -21.27 -47.71
N GLY C 506 17.86 -20.44 -46.81
CA GLY C 506 18.55 -19.21 -47.27
C GLY C 506 18.29 -18.04 -46.36
N PRO C 507 18.59 -16.79 -46.78
CA PRO C 507 18.47 -15.64 -45.91
C PRO C 507 17.49 -14.51 -46.21
N TRP C 508 17.60 -13.41 -45.47
CA TRP C 508 16.77 -12.22 -45.63
C TRP C 508 17.24 -11.40 -46.85
N VAL C 509 16.28 -10.72 -47.49
CA VAL C 509 16.55 -9.88 -48.65
C VAL C 509 16.26 -8.42 -48.34
N GLN C 510 16.80 -7.53 -49.17
CA GLN C 510 16.70 -6.09 -48.96
C GLN C 510 15.28 -5.59 -49.27
N ASP C 511 15.00 -4.37 -48.77
CA ASP C 511 13.73 -3.66 -48.96
C ASP C 511 12.53 -4.47 -48.47
N VAL C 512 12.74 -5.42 -47.58
CA VAL C 512 11.67 -6.26 -47.06
C VAL C 512 11.65 -6.14 -45.54
N ALA C 513 10.46 -5.92 -44.98
CA ALA C 513 10.31 -5.77 -43.54
C ALA C 513 10.26 -7.14 -42.87
N TYR C 514 11.11 -7.33 -41.87
CA TYR C 514 11.15 -8.56 -41.10
C TYR C 514 10.84 -8.27 -39.64
N ASP C 515 10.15 -9.20 -39.00
CA ASP C 515 9.74 -9.04 -37.62
C ASP C 515 10.85 -9.50 -36.68
N LEU C 516 11.29 -8.61 -35.80
CA LEU C 516 12.21 -8.96 -34.73
C LEU C 516 11.51 -9.13 -33.40
N TRP C 517 10.33 -8.51 -33.30
CA TRP C 517 9.54 -8.59 -32.05
C TRP C 517 8.06 -8.62 -32.41
N GLN C 518 7.44 -9.79 -32.29
CA GLN C 518 6.02 -9.94 -32.55
C GLN C 518 5.41 -10.55 -31.28
N GLU C 519 4.69 -9.74 -30.51
CA GLU C 519 4.09 -10.24 -29.28
C GLU C 519 3.05 -11.32 -29.58
N GLU C 520 2.48 -11.28 -30.79
CA GLU C 520 1.56 -12.30 -31.28
C GLU C 520 2.17 -13.68 -31.01
N SER C 521 3.51 -13.77 -31.04
CA SER C 521 4.34 -14.93 -30.79
C SER C 521 5.19 -14.72 -29.54
N ASN C 522 5.86 -15.78 -29.08
CA ASN C 522 6.74 -15.68 -27.92
C ASN C 522 8.21 -15.67 -28.35
N HIS C 523 8.46 -15.65 -29.66
CA HIS C 523 9.79 -15.66 -30.25
C HIS C 523 10.20 -14.27 -30.69
N GLU C 524 11.36 -13.83 -30.20
CA GLU C 524 11.87 -12.48 -30.55
C GLU C 524 13.39 -12.50 -30.47
N CYS C 525 14.05 -11.81 -31.38
CA CYS C 525 15.50 -11.70 -31.38
C CYS C 525 15.93 -10.25 -31.42
N THR C 526 15.40 -9.46 -30.49
CA THR C 526 15.80 -8.04 -30.38
C THR C 526 17.26 -7.99 -29.93
N LYS C 527 17.69 -9.02 -29.20
CA LYS C 527 19.08 -9.09 -28.68
C LYS C 527 20.08 -9.00 -29.82
N ALA C 528 19.74 -9.54 -30.98
CA ALA C 528 20.71 -9.56 -32.08
C ALA C 528 21.33 -8.17 -32.23
N VAL C 529 20.52 -7.12 -32.14
CA VAL C 529 21.03 -5.73 -32.34
C VAL C 529 21.06 -5.00 -31.00
N ASN C 530 20.91 -5.73 -29.90
CA ASN C 530 20.96 -5.13 -28.54
C ASN C 530 19.97 -3.98 -28.48
N PHE C 531 18.72 -4.21 -28.86
CA PHE C 531 17.73 -3.12 -28.95
C PHE C 531 16.91 -2.96 -27.69
N ALA C 532 16.74 -1.73 -27.26
CA ALA C 532 15.88 -1.39 -26.16
C ALA C 532 15.24 -0.05 -26.45
N MET C 533 14.09 0.19 -25.85
CA MET C 533 13.37 1.43 -26.05
C MET C 533 13.17 2.17 -24.74
N HIS C 534 14.06 1.94 -23.78
CA HIS C 534 13.88 2.58 -22.49
C HIS C 534 14.10 4.08 -22.53
N GLU C 535 14.51 4.62 -23.69
CA GLU C 535 14.57 6.07 -23.83
C GLU C 535 13.21 6.71 -23.63
N LEU C 536 12.13 5.93 -23.79
CA LEU C 536 10.79 6.47 -23.64
C LEU C 536 10.35 6.62 -22.20
N GLN C 537 11.20 6.29 -21.24
CA GLN C 537 10.83 6.37 -19.83
C GLN C 537 11.17 7.72 -19.20
N LEU C 538 11.93 8.55 -19.90
CA LEU C 538 12.35 9.86 -19.40
C LEU C 538 12.08 10.90 -20.48
N ILE C 539 11.31 11.93 -20.13
CA ILE C 539 10.83 12.89 -21.11
C ILE C 539 11.02 14.30 -20.59
N ARG C 540 11.30 15.21 -21.52
CA ARG C 540 11.40 16.64 -21.21
C ARG C 540 11.14 17.41 -22.50
N VAL C 541 10.21 18.36 -22.45
CA VAL C 541 9.89 19.24 -23.57
C VAL C 541 10.26 20.66 -23.19
N GLU C 542 10.96 21.32 -24.10
CA GLU C 542 11.41 22.70 -23.85
C GLU C 542 11.00 23.58 -25.03
N LYS C 543 10.48 24.77 -24.76
CA LYS C 543 10.15 25.73 -25.82
C LYS C 543 11.16 26.84 -25.79
N GLN C 544 11.70 27.14 -26.98
CA GLN C 544 12.68 28.22 -27.12
C GLN C 544 12.05 29.30 -28.01
N TYR C 545 11.97 30.52 -27.49
CA TYR C 545 11.31 31.61 -28.26
C TYR C 545 12.37 32.34 -29.08
N PRO C 546 12.00 33.04 -30.17
CA PRO C 546 12.99 33.66 -31.06
C PRO C 546 13.88 34.72 -30.42
N HIS C 547 15.19 34.68 -30.71
CA HIS C 547 16.12 35.73 -30.21
C HIS C 547 16.36 36.72 -31.35
N HIS C 548 15.83 36.43 -32.53
CA HIS C 548 15.99 37.34 -33.69
C HIS C 548 14.66 37.47 -34.42
N SER C 549 14.50 38.50 -35.25
CA SER C 549 13.21 38.75 -35.93
C SER C 549 12.81 37.58 -36.83
N LEU C 550 13.79 36.99 -37.51
CA LEU C 550 13.47 35.92 -38.49
C LEU C 550 13.47 34.57 -37.77
N ASP C 551 13.76 34.56 -36.47
CA ASP C 551 13.72 33.31 -35.69
C ASP C 551 12.26 32.89 -35.53
N HIS C 552 12.01 31.68 -35.03
CA HIS C 552 10.61 31.17 -34.92
C HIS C 552 10.44 30.39 -33.61
N LEU C 553 9.28 29.75 -33.43
CA LEU C 553 9.04 28.98 -32.21
C LEU C 553 9.63 27.60 -32.45
N VAL C 554 10.46 27.14 -31.51
CA VAL C 554 11.13 25.85 -31.59
C VAL C 554 10.80 25.05 -30.35
N GLU C 555 10.26 23.86 -30.56
CA GLU C 555 9.98 22.89 -29.50
C GLU C 555 10.99 21.76 -29.59
N GLU C 556 11.58 21.43 -28.44
CA GLU C 556 12.61 20.37 -28.39
C GLU C 556 12.19 19.28 -27.41
N LEU C 557 12.24 18.03 -27.85
CA LEU C 557 11.91 16.87 -27.02
C LEU C 557 13.20 16.13 -26.65
N PHE C 558 13.42 16.01 -25.35
CA PHE C 558 14.60 15.29 -24.83
C PHE C 558 14.17 13.92 -24.30
N LEU C 559 14.72 12.85 -24.86
CA LEU C 559 14.45 11.49 -24.41
C LEU C 559 15.69 10.91 -23.71
N GLY C 560 15.51 9.72 -23.14
CA GLY C 560 16.57 9.14 -22.31
C GLY C 560 17.83 8.84 -23.10
N ASP C 561 18.94 8.84 -22.37
CA ASP C 561 20.25 8.59 -22.97
C ASP C 561 20.47 7.12 -23.28
N ILE C 562 21.37 6.86 -24.21
CA ILE C 562 21.68 5.50 -24.62
C ILE C 562 22.94 5.04 -23.91
N HIS C 563 22.90 3.82 -23.38
CA HIS C 563 24.07 3.30 -22.68
C HIS C 563 25.24 3.18 -23.65
N THR C 564 26.43 3.53 -23.16
CA THR C 564 27.63 3.44 -23.98
C THR C 564 28.05 2.01 -24.26
N ASP C 565 27.57 1.06 -23.46
CA ASP C 565 27.84 -0.36 -23.67
C ASP C 565 26.56 -0.98 -24.22
N ALA C 566 26.61 -1.40 -25.49
CA ALA C 566 25.41 -1.88 -26.16
C ALA C 566 24.83 -3.10 -25.46
N THR C 567 25.69 -3.91 -24.86
CA THR C 567 25.24 -5.16 -24.20
C THR C 567 24.43 -4.84 -22.94
N GLN C 568 24.46 -3.59 -22.49
CA GLN C 568 23.79 -3.26 -21.21
C GLN C 568 22.51 -2.45 -21.46
N ARG C 569 22.15 -2.19 -22.71
CA ARG C 569 21.01 -1.32 -22.99
C ARG C 569 19.69 -1.94 -22.55
N VAL C 570 19.61 -3.27 -22.51
CA VAL C 570 18.34 -3.97 -22.13
C VAL C 570 18.00 -3.67 -20.68
N PHE C 571 19.00 -3.40 -19.84
CA PHE C 571 18.75 -3.20 -18.39
C PHE C 571 18.93 -1.74 -17.97
N TYR C 572 19.32 -0.85 -18.89
CA TYR C 572 19.67 0.55 -18.49
C TYR C 572 18.44 1.44 -18.32
N ARG C 573 18.27 1.95 -17.10
CA ARG C 573 17.21 2.90 -16.87
C ARG C 573 17.77 4.29 -17.10
N PRO C 574 17.27 5.03 -18.12
CA PRO C 574 17.83 6.33 -18.46
C PRO C 574 18.03 7.26 -17.25
N SER C 575 19.22 7.84 -17.14
CA SER C 575 19.54 8.78 -16.04
C SER C 575 19.95 10.12 -16.63
N SER C 576 19.98 10.22 -17.96
CA SER C 576 20.36 11.49 -18.63
C SER C 576 19.52 11.63 -19.90
N TYR C 577 19.96 12.46 -20.84
CA TYR C 577 19.17 12.70 -22.03
C TYR C 577 19.99 12.52 -23.31
N GLN C 578 19.31 12.13 -24.38
CA GLN C 578 19.82 12.16 -25.73
C GLN C 578 19.82 13.60 -26.24
N PRO C 579 20.51 13.86 -27.37
CA PRO C 579 20.28 15.16 -28.03
C PRO C 579 18.90 15.36 -28.35
N PRO C 580 18.37 16.62 -28.34
CA PRO C 580 16.94 16.87 -28.47
C PRO C 580 16.43 16.63 -29.88
N LEU C 581 15.16 16.24 -29.97
CA LEU C 581 14.43 16.19 -31.22
C LEU C 581 13.63 17.48 -31.38
N GLN C 582 13.38 17.86 -32.63
CA GLN C 582 12.61 19.07 -32.90
C GLN C 582 11.29 18.74 -33.57
N ASN C 583 10.29 19.57 -33.29
CA ASN C 583 8.93 19.37 -33.77
C ASN C 583 8.78 19.72 -35.24
N ALA C 584 8.04 18.88 -35.96
CA ALA C 584 7.81 19.14 -37.38
C ALA C 584 7.02 20.42 -37.60
N LYS C 585 6.22 20.83 -36.62
CA LYS C 585 5.47 22.07 -36.71
C LYS C 585 6.23 23.25 -36.13
N ASN C 586 7.28 23.00 -35.33
CA ASN C 586 8.01 24.06 -34.63
C ASN C 586 9.51 23.75 -34.68
N HIS C 587 10.13 23.95 -35.83
CA HIS C 587 11.55 23.67 -35.94
C HIS C 587 12.29 24.87 -36.54
N ASN C 588 13.59 24.87 -36.33
CA ASN C 588 14.45 25.90 -36.91
C ASN C 588 14.45 25.77 -38.43
N HIS C 589 14.23 26.89 -39.12
CA HIS C 589 14.29 26.84 -40.58
C HIS C 589 15.68 26.52 -41.07
N ALA C 590 16.69 26.74 -40.25
CA ALA C 590 18.03 26.40 -40.67
C ALA C 590 18.27 24.89 -40.64
N CYS C 591 17.39 24.13 -39.98
CA CYS C 591 17.51 22.68 -39.91
C CYS C 591 17.02 22.10 -41.24
N ILE C 592 17.94 21.86 -42.18
CA ILE C 592 17.55 21.22 -43.43
C ILE C 592 17.28 19.74 -43.20
N ALA C 593 18.06 19.12 -42.29
CA ALA C 593 17.88 17.71 -42.01
C ALA C 593 16.47 17.43 -41.50
N CYS C 594 15.91 18.36 -40.72
CA CYS C 594 14.56 18.17 -40.19
C CYS C 594 13.56 17.91 -41.30
N ARG C 595 13.60 18.70 -42.39
CA ARG C 595 12.59 18.52 -43.42
C ARG C 595 12.79 17.22 -44.18
N ILE C 596 14.05 16.87 -44.48
CA ILE C 596 14.31 15.60 -45.14
C ILE C 596 13.81 14.44 -44.27
N ILE C 597 14.01 14.55 -42.95
CA ILE C 597 13.59 13.46 -42.09
C ILE C 597 12.06 13.40 -41.98
N PHE C 598 11.38 14.56 -41.98
N PHE C 598 11.39 14.54 -42.03
CA PHE C 598 9.92 14.57 -41.95
CA PHE C 598 9.93 14.54 -41.89
C PHE C 598 9.33 13.67 -43.02
C PHE C 598 9.24 13.82 -43.05
N ARG C 599 9.89 13.72 -44.21
CA ARG C 599 9.27 13.20 -45.42
C ARG C 599 9.67 11.77 -45.63
N SER C 600 9.95 10.99 -44.60
CA SER C 600 10.73 9.82 -44.90
C SER C 600 9.96 8.64 -44.40
N ASP C 601 10.34 7.48 -44.89
CA ASP C 601 9.73 6.27 -44.41
C ASP C 601 10.73 5.13 -44.50
N GLU C 602 10.29 3.94 -44.07
CA GLU C 602 11.18 2.78 -43.99
C GLU C 602 11.71 2.39 -45.37
N HIS C 603 10.98 2.70 -46.43
CA HIS C 603 11.39 2.35 -47.77
C HIS C 603 12.15 3.47 -48.48
N HIS C 604 12.15 4.68 -47.92
CA HIS C 604 12.90 5.80 -48.46
C HIS C 604 13.56 6.55 -47.30
N PRO C 605 14.66 6.01 -46.78
CA PRO C 605 15.29 6.59 -45.58
C PRO C 605 15.85 7.96 -45.87
N PRO C 606 16.02 8.80 -44.83
CA PRO C 606 16.44 10.19 -45.06
C PRO C 606 17.91 10.25 -45.46
N ILE C 607 18.19 10.98 -46.54
CA ILE C 607 19.54 11.22 -47.03
C ILE C 607 19.96 12.62 -46.64
N LEU C 608 20.91 12.71 -45.73
CA LEU C 608 21.29 14.00 -45.19
C LEU C 608 22.25 14.72 -46.14
N PRO C 609 22.22 16.06 -46.15
CA PRO C 609 23.11 16.80 -47.06
C PRO C 609 24.51 16.47 -46.84
N PRO C 610 25.36 16.48 -47.89
CA PRO C 610 26.76 16.12 -47.74
C PRO C 610 27.40 17.34 -47.06
N LYS C 611 28.00 17.26 -45.85
CA LYS C 611 28.57 18.57 -45.48
C LYS C 611 29.95 18.02 -45.54
N ALA C 612 30.98 18.83 -45.51
CA ALA C 612 32.33 18.29 -45.48
C ALA C 612 32.97 18.19 -44.08
N ASP C 613 33.71 17.11 -43.81
CA ASP C 613 34.42 16.99 -42.53
C ASP C 613 35.47 18.10 -42.31
N LEU C 614 35.48 18.72 -41.12
CA LEU C 614 36.37 19.82 -40.77
C LEU C 614 37.66 19.37 -40.06
N THR C 615 38.64 20.26 -40.10
CA THR C 615 39.94 20.00 -39.40
C THR C 615 39.80 20.55 -37.99
N ILE C 616 40.59 20.06 -37.04
CA ILE C 616 40.39 20.44 -35.62
C ILE C 616 41.29 21.61 -35.23
N GLY C 617 40.70 22.78 -34.96
CA GLY C 617 41.46 23.93 -34.46
C GLY C 617 41.21 24.07 -32.97
N LEU C 618 41.99 23.37 -32.15
CA LEU C 618 41.76 23.36 -30.69
C LEU C 618 42.06 24.74 -30.08
N HIS C 619 42.81 25.58 -30.78
CA HIS C 619 43.23 26.87 -30.19
C HIS C 619 42.03 27.72 -29.78
N GLY C 620 42.04 28.20 -28.53
CA GLY C 620 40.99 29.10 -28.08
C GLY C 620 40.28 28.64 -26.82
N GLU C 621 39.16 29.29 -26.52
CA GLU C 621 38.37 28.94 -25.36
C GLU C 621 37.01 28.43 -25.80
N TRP C 622 36.53 27.42 -25.06
CA TRP C 622 35.26 26.76 -25.40
C TRP C 622 34.41 26.61 -24.14
N VAL C 623 33.10 26.77 -24.26
CA VAL C 623 32.19 26.67 -23.12
C VAL C 623 30.96 25.85 -23.46
N SER C 624 30.29 25.42 -22.40
CA SER C 624 29.06 24.63 -22.57
C SER C 624 27.97 25.55 -23.12
N GLN C 625 27.04 25.00 -23.89
CA GLN C 625 25.97 25.79 -24.52
C GLN C 625 24.75 25.70 -23.63
N ARG C 626 24.78 24.81 -22.65
CA ARG C 626 23.60 24.60 -21.79
C ARG C 626 23.99 23.84 -20.52
N CYS C 627 23.10 23.80 -19.53
CA CYS C 627 23.33 23.00 -18.31
C CYS C 627 23.36 21.54 -18.74
N GLU C 628 24.54 20.95 -18.71
CA GLU C 628 24.69 19.58 -19.22
C GLU C 628 24.24 18.58 -18.16
N VAL C 629 23.55 17.55 -18.61
CA VAL C 629 23.11 16.47 -17.69
C VAL C 629 23.88 15.22 -18.08
N ARG C 630 24.59 14.63 -17.13
CA ARG C 630 25.42 13.44 -17.42
C ARG C 630 24.85 12.25 -16.66
N PRO C 631 25.15 11.01 -17.06
CA PRO C 631 24.63 9.85 -16.38
C PRO C 631 24.89 9.94 -14.86
N GLU C 632 23.89 9.61 -14.05
CA GLU C 632 24.00 9.64 -12.57
C GLU C 632 23.55 11.01 -12.06
N VAL C 633 22.57 11.62 -12.73
CA VAL C 633 22.02 12.94 -12.29
C VAL C 633 23.17 13.90 -11.95
N LEU C 634 24.05 14.15 -12.92
CA LEU C 634 25.18 15.09 -12.71
C LEU C 634 24.94 16.32 -13.60
N PHE C 635 24.60 17.45 -12.98
CA PHE C 635 24.39 18.70 -13.74
C PHE C 635 25.71 19.46 -13.71
N LEU C 636 26.16 19.91 -14.88
CA LEU C 636 27.47 20.58 -14.92
C LEU C 636 27.67 21.42 -16.18
N THR C 637 28.58 22.37 -16.08
CA THR C 637 29.04 23.13 -17.23
C THR C 637 30.56 23.02 -17.31
N ARG C 638 31.07 23.31 -18.51
CA ARG C 638 32.51 23.13 -18.76
C ARG C 638 33.11 24.33 -19.48
N HIS C 639 34.34 24.69 -19.11
CA HIS C 639 35.12 25.73 -19.77
C HIS C 639 36.51 25.19 -20.01
N PHE C 640 36.91 25.19 -21.29
CA PHE C 640 38.23 24.64 -21.66
C PHE C 640 39.07 25.70 -22.37
N ILE C 641 40.36 25.71 -22.06
CA ILE C 641 41.31 26.60 -22.72
C ILE C 641 42.43 25.72 -23.28
N PHE C 642 42.61 25.74 -24.59
CA PHE C 642 43.64 24.95 -25.26
C PHE C 642 44.71 25.91 -25.75
N HIS C 643 45.96 25.68 -25.34
CA HIS C 643 47.10 26.47 -25.79
C HIS C 643 47.83 25.64 -26.83
N ASP C 644 47.55 25.93 -28.11
N ASP C 644 47.55 25.92 -28.10
CA ASP C 644 48.19 25.15 -29.20
CA ASP C 644 48.19 25.17 -29.21
C ASP C 644 49.68 25.50 -29.30
C ASP C 644 49.68 25.49 -29.27
N ASN C 645 50.09 26.56 -28.60
CA ASN C 645 51.50 26.97 -28.68
C ASN C 645 52.42 25.93 -28.03
N ASN C 646 52.08 25.48 -26.82
CA ASN C 646 52.89 24.52 -26.09
C ASN C 646 52.13 23.22 -25.79
N ASN C 647 51.05 22.97 -26.52
CA ASN C 647 50.22 21.77 -26.35
C ASN C 647 49.85 21.53 -24.89
N THR C 648 49.38 22.59 -24.25
CA THR C 648 48.87 22.54 -22.88
C THR C 648 47.41 22.94 -22.89
N TRP C 649 46.71 22.43 -21.87
CA TRP C 649 45.26 22.66 -21.79
C TRP C 649 44.82 22.93 -20.35
N GLU C 650 43.75 23.70 -20.20
CA GLU C 650 43.14 23.95 -18.91
C GLU C 650 41.65 23.66 -19.00
N GLY C 651 41.12 23.04 -17.95
CA GLY C 651 39.70 22.74 -17.88
C GLY C 651 39.05 23.08 -16.54
N HIS C 652 37.86 23.66 -16.60
CA HIS C 652 37.03 23.92 -15.43
C HIS C 652 35.75 23.12 -15.53
N TYR C 653 35.44 22.38 -14.47
CA TYR C 653 34.19 21.59 -14.42
C TYR C 653 33.33 22.11 -13.27
N TYR C 654 32.28 22.85 -13.58
CA TYR C 654 31.39 23.44 -12.58
C TYR C 654 30.19 22.52 -12.39
N HIS C 655 30.09 21.95 -11.19
CA HIS C 655 28.99 21.00 -10.88
C HIS C 655 27.86 21.71 -10.14
N TYR C 656 26.64 21.27 -10.39
CA TYR C 656 25.45 21.85 -9.79
C TYR C 656 24.51 20.73 -9.35
N SER C 657 23.56 21.07 -8.49
CA SER C 657 22.56 20.11 -8.06
C SER C 657 21.24 20.25 -8.80
N ASP C 658 21.08 21.32 -9.60
CA ASP C 658 19.81 21.66 -10.21
C ASP C 658 19.88 21.60 -11.73
N PRO C 659 18.77 21.25 -12.40
CA PRO C 659 18.80 21.14 -13.86
C PRO C 659 19.02 22.44 -14.61
N VAL C 660 19.04 23.59 -13.93
CA VAL C 660 19.28 24.87 -14.57
C VAL C 660 20.61 25.48 -14.16
N CYS C 661 21.42 24.76 -13.39
CA CYS C 661 22.79 25.15 -13.07
C CYS C 661 22.85 26.50 -12.37
N LYS C 662 22.05 26.65 -11.31
CA LYS C 662 22.07 27.85 -10.49
C LYS C 662 22.47 27.56 -9.04
N HIS C 663 22.53 26.29 -8.64
CA HIS C 663 22.92 25.91 -7.29
C HIS C 663 24.24 25.14 -7.38
N PRO C 664 25.38 25.80 -7.26
CA PRO C 664 26.66 25.11 -7.40
C PRO C 664 26.93 24.21 -6.22
N THR C 665 27.65 23.12 -6.49
CA THR C 665 28.05 22.17 -5.47
C THR C 665 29.56 22.12 -5.31
N PHE C 666 30.25 21.88 -6.43
CA PHE C 666 31.72 21.77 -6.40
C PHE C 666 32.28 22.13 -7.77
N THR C 667 33.51 22.63 -7.80
CA THR C 667 34.15 23.02 -9.05
C THR C 667 35.52 22.35 -9.12
N ILE C 668 35.78 21.75 -10.28
CA ILE C 668 37.07 21.05 -10.49
C ILE C 668 37.87 21.78 -11.56
N TYR C 669 39.12 22.07 -11.27
CA TYR C 669 40.04 22.67 -12.23
C TYR C 669 41.12 21.65 -12.55
N ALA C 670 41.38 21.48 -13.84
CA ALA C 670 42.42 20.53 -14.29
C ALA C 670 43.32 21.20 -15.32
N ARG C 671 44.58 20.79 -15.34
CA ARG C 671 45.56 21.32 -16.26
C ARG C 671 46.49 20.20 -16.67
N GLY C 672 47.01 20.29 -17.89
CA GLY C 672 47.92 19.27 -18.35
C GLY C 672 48.40 19.45 -19.78
N ARG C 673 48.71 18.34 -20.43
CA ARG C 673 49.23 18.34 -21.79
C ARG C 673 48.36 17.45 -22.66
N TYR C 674 48.32 17.77 -23.96
CA TYR C 674 47.61 16.96 -24.92
C TYR C 674 48.47 16.75 -26.17
N SER C 675 48.34 15.58 -26.79
CA SER C 675 48.94 15.30 -28.10
C SER C 675 47.83 15.04 -29.10
N ARG C 676 47.99 15.62 -30.29
CA ARG C 676 47.03 15.34 -31.38
C ARG C 676 47.37 13.98 -31.99
N GLY C 677 46.39 13.30 -32.51
CA GLY C 677 46.49 11.95 -33.02
C GLY C 677 46.11 11.87 -34.48
N VAL C 678 45.91 10.65 -34.97
CA VAL C 678 45.49 10.42 -36.34
C VAL C 678 43.98 10.30 -36.38
N LEU C 679 43.43 10.53 -37.57
CA LEU C 679 42.01 10.31 -37.80
C LEU C 679 41.64 8.89 -37.41
N SER C 680 40.44 8.75 -36.85
CA SER C 680 40.00 7.46 -36.33
C SER C 680 39.53 6.55 -37.45
N SER C 681 39.90 5.28 -37.34
CA SER C 681 39.30 4.24 -38.16
C SER C 681 38.07 3.62 -37.52
N LYS C 682 37.94 3.73 -36.20
CA LYS C 682 36.76 3.21 -35.51
C LYS C 682 35.58 4.16 -35.67
N VAL C 683 35.83 5.46 -35.61
CA VAL C 683 34.77 6.48 -35.62
C VAL C 683 35.04 7.42 -36.78
N MET C 684 34.41 7.15 -37.94
CA MET C 684 34.58 8.03 -39.10
C MET C 684 34.21 9.47 -38.75
N GLY C 685 35.09 10.40 -39.11
CA GLY C 685 34.90 11.81 -38.86
C GLY C 685 35.54 12.31 -37.59
N GLY C 686 36.06 11.40 -36.76
CA GLY C 686 36.66 11.75 -35.48
C GLY C 686 38.17 11.68 -35.56
N THR C 687 38.82 12.52 -34.75
CA THR C 687 40.27 12.55 -34.62
C THR C 687 40.66 12.11 -33.23
N GLU C 688 41.69 11.26 -33.14
CA GLU C 688 42.11 10.74 -31.85
C GLU C 688 43.04 11.73 -31.16
N PHE C 689 42.94 11.75 -29.84
CA PHE C 689 43.74 12.65 -29.01
C PHE C 689 44.11 11.90 -27.74
N VAL C 690 45.22 12.32 -27.11
CA VAL C 690 45.59 11.82 -25.79
C VAL C 690 45.79 13.03 -24.89
N PHE C 691 45.05 13.06 -23.79
CA PHE C 691 45.13 14.19 -22.85
C PHE C 691 45.71 13.69 -21.52
N LYS C 692 46.58 14.47 -20.93
CA LYS C 692 47.20 14.09 -19.64
C LYS C 692 46.85 15.14 -18.59
N VAL C 693 46.31 14.72 -17.46
CA VAL C 693 46.01 15.67 -16.35
C VAL C 693 47.20 15.66 -15.40
N ASN C 694 47.90 16.79 -15.30
CA ASN C 694 49.04 16.89 -14.41
C ASN C 694 48.73 17.66 -13.13
N HIS C 695 47.64 18.41 -13.08
CA HIS C 695 47.33 19.24 -11.92
C HIS C 695 45.83 19.34 -11.75
N MET C 696 45.39 19.27 -10.50
CA MET C 696 43.94 19.35 -10.21
C MET C 696 43.68 20.14 -8.92
N LYS C 697 42.74 21.07 -8.96
CA LYS C 697 42.32 21.84 -7.81
C LYS C 697 40.81 21.67 -7.63
N VAL C 698 40.38 21.62 -6.37
CA VAL C 698 38.98 21.42 -6.03
C VAL C 698 38.51 22.61 -5.20
N THR C 699 37.34 23.14 -5.54
CA THR C 699 36.72 24.23 -4.78
C THR C 699 35.35 23.80 -4.27
N PRO C 700 35.19 23.56 -2.98
CA PRO C 700 33.84 23.30 -2.46
C PRO C 700 33.02 24.56 -2.62
N MET C 701 31.75 24.40 -3.02
CA MET C 701 30.90 25.55 -3.28
C MET C 701 29.73 25.66 -2.32
N ASP C 702 29.58 24.71 -1.41
CA ASP C 702 28.52 24.75 -0.41
C ASP C 702 29.03 24.13 0.89
N ALA C 703 28.29 24.39 1.97
CA ALA C 703 28.68 23.86 3.27
C ALA C 703 28.71 22.33 3.29
N ALA C 704 27.78 21.67 2.58
CA ALA C 704 27.75 20.21 2.60
C ALA C 704 28.97 19.61 1.91
N THR C 705 29.40 20.21 0.80
CA THR C 705 30.55 19.69 0.06
C THR C 705 31.81 19.79 0.91
N ALA C 706 31.99 20.93 1.56
CA ALA C 706 33.19 21.13 2.38
C ALA C 706 33.19 20.16 3.56
N SER C 707 32.02 19.88 4.11
CA SER C 707 31.91 18.96 5.27
C SER C 707 32.39 17.58 4.86
N LEU C 708 31.85 17.05 3.76
CA LEU C 708 32.23 15.72 3.34
C LEU C 708 33.69 15.68 2.92
N LEU C 709 34.12 16.70 2.19
CA LEU C 709 35.53 16.77 1.74
C LEU C 709 36.44 16.73 2.97
N ASN C 710 36.00 17.35 4.07
CA ASN C 710 36.83 17.41 5.30
C ASN C 710 36.90 16.00 5.90
N VAL C 711 35.78 15.30 5.93
CA VAL C 711 35.75 13.93 6.49
C VAL C 711 36.54 13.01 5.57
N PHE C 712 36.40 13.19 4.25
CA PHE C 712 37.06 12.27 3.30
C PHE C 712 38.42 12.88 2.91
N SER C 713 39.22 13.20 3.91
CA SER C 713 40.55 13.81 3.68
C SER C 713 41.20 14.11 5.02
N GLY C 721 41.93 18.98 5.05
CA GLY C 721 42.75 20.13 4.63
C GLY C 721 42.10 21.45 4.99
N SER C 722 41.19 21.44 5.97
CA SER C 722 40.46 22.68 6.30
C SER C 722 39.70 23.14 5.06
N TRP C 723 38.77 22.31 4.57
CA TRP C 723 38.02 22.65 3.34
C TRP C 723 37.01 23.74 3.66
N GLN C 724 37.00 24.80 2.86
CA GLN C 724 36.13 25.94 3.15
C GLN C 724 35.42 26.38 1.88
N VAL C 725 34.23 26.94 2.07
CA VAL C 725 33.37 27.30 0.95
C VAL C 725 34.03 28.41 0.14
N GLY C 726 34.16 28.20 -1.16
CA GLY C 726 34.68 29.22 -2.03
C GLY C 726 36.19 29.28 -2.12
N ILE C 727 36.92 28.48 -1.34
CA ILE C 727 38.38 28.51 -1.33
C ILE C 727 38.87 27.33 -2.15
N GLN C 728 39.58 27.65 -3.23
CA GLN C 728 40.16 26.61 -4.08
C GLN C 728 41.40 26.04 -3.41
N GLN C 729 41.51 24.72 -3.44
CA GLN C 729 42.64 24.01 -2.84
C GLN C 729 43.24 23.06 -3.86
N ASP C 730 44.54 23.16 -4.07
CA ASP C 730 45.22 22.20 -4.93
C ASP C 730 45.27 20.84 -4.26
N VAL C 731 45.03 19.79 -5.05
CA VAL C 731 45.04 18.41 -4.58
C VAL C 731 46.27 17.63 -5.05
N THR C 732 47.12 18.23 -5.87
CA THR C 732 48.27 17.56 -6.44
C THR C 732 49.32 17.27 -5.38
N VAL C 738 48.51 13.45 -2.62
CA VAL C 738 47.30 13.59 -3.42
C VAL C 738 46.11 13.05 -2.64
N ALA C 739 45.23 13.95 -2.20
CA ALA C 739 44.09 13.58 -1.36
C ALA C 739 42.92 13.12 -2.22
N LEU C 740 41.75 12.99 -1.59
CA LEU C 740 40.48 12.68 -2.25
C LEU C 740 40.55 11.41 -3.10
N GLY C 741 41.59 10.61 -2.90
CA GLY C 741 41.77 9.40 -3.68
C GLY C 741 41.90 9.64 -5.17
N ILE C 742 42.39 10.81 -5.57
CA ILE C 742 42.65 11.12 -6.97
C ILE C 742 44.01 10.53 -7.35
N LYS C 743 44.17 10.21 -8.63
CA LYS C 743 45.37 9.55 -9.14
C LYS C 743 45.96 10.44 -10.21
N LEU C 744 46.99 11.20 -9.85
CA LEU C 744 47.71 12.08 -10.73
C LEU C 744 49.16 11.63 -10.89
N PRO C 745 49.73 11.68 -12.10
CA PRO C 745 49.07 12.08 -13.36
C PRO C 745 48.06 11.06 -13.84
N HIS C 746 47.14 11.52 -14.69
CA HIS C 746 46.09 10.66 -15.26
C HIS C 746 46.09 10.84 -16.77
N THR C 747 45.95 9.75 -17.50
CA THR C 747 45.94 9.78 -18.96
C THR C 747 44.57 9.39 -19.47
N GLU C 748 44.07 10.16 -20.43
CA GLU C 748 42.75 9.85 -21.01
C GLU C 748 42.88 9.80 -22.54
N TYR C 749 42.31 8.78 -23.15
CA TYR C 749 42.35 8.59 -24.59
C TYR C 749 41.05 9.10 -25.19
N GLU C 750 41.19 10.16 -25.98
CA GLU C 750 39.98 10.86 -26.42
C GLU C 750 39.71 10.86 -27.92
N ILE C 751 38.47 11.18 -28.25
CA ILE C 751 38.03 11.30 -29.63
C ILE C 751 37.39 12.67 -29.76
N PHE C 752 37.83 13.40 -30.78
CA PHE C 752 37.36 14.79 -30.96
C PHE C 752 36.87 15.02 -32.39
N LYS C 753 35.89 15.88 -32.53
CA LYS C 753 35.39 16.30 -33.83
C LYS C 753 34.92 17.75 -33.73
N MET C 754 35.04 18.46 -34.86
CA MET C 754 34.59 19.87 -34.91
C MET C 754 33.57 20.03 -36.03
N GLU C 755 32.53 20.80 -35.77
CA GLU C 755 31.50 21.09 -36.75
C GLU C 755 31.20 22.59 -36.70
N GLN C 756 30.33 23.04 -37.60
CA GLN C 756 29.88 24.43 -37.64
C GLN C 756 28.38 24.45 -37.66
N ASP C 757 27.78 25.31 -36.85
CA ASP C 757 26.33 25.37 -36.79
C ASP C 757 25.83 26.28 -37.90
N THR C 758 24.52 26.47 -37.92
CA THR C 758 23.93 27.35 -38.91
C THR C 758 24.24 28.79 -38.63
N ARG C 759 24.56 29.17 -37.40
CA ARG C 759 24.98 30.54 -37.36
C ARG C 759 26.49 30.71 -37.57
N GLY C 760 27.14 29.71 -38.15
CA GLY C 760 28.57 29.76 -38.43
C GLY C 760 29.50 29.68 -37.23
N ARG C 761 28.97 29.28 -36.09
CA ARG C 761 29.75 29.09 -34.89
C ARG C 761 30.34 27.68 -34.86
N TYR C 762 31.53 27.58 -34.32
CA TYR C 762 32.26 26.32 -34.27
C TYR C 762 31.89 25.53 -33.03
N LEU C 763 31.72 24.22 -33.21
CA LEU C 763 31.32 23.31 -32.15
C LEU C 763 32.40 22.27 -31.94
N LEU C 764 32.81 22.07 -30.69
CA LEU C 764 33.84 21.10 -30.34
C LEU C 764 33.20 19.94 -29.58
N PHE C 765 33.31 18.73 -30.13
CA PHE C 765 32.76 17.52 -29.52
C PHE C 765 33.91 16.67 -29.00
N ASN C 766 33.78 16.25 -27.74
CA ASN C 766 34.76 15.34 -27.13
C ASN C 766 34.03 14.02 -26.86
N GLY C 767 34.77 13.00 -26.44
CA GLY C 767 34.17 11.67 -26.26
C GLY C 767 33.12 11.58 -25.18
N GLN C 768 32.05 10.85 -25.46
CA GLN C 768 31.04 10.61 -24.44
C GLN C 768 31.64 9.88 -23.25
N ARG C 769 31.24 10.30 -22.06
CA ARG C 769 31.75 9.66 -20.83
C ARG C 769 31.10 8.28 -20.70
N PRO C 770 31.87 7.20 -20.44
CA PRO C 770 31.28 5.86 -20.23
C PRO C 770 30.12 5.89 -19.26
N SER C 771 29.01 5.27 -19.64
CA SER C 771 27.77 5.29 -18.83
C SER C 771 27.94 4.61 -17.46
N ASP C 772 29.01 3.86 -17.25
CA ASP C 772 29.27 3.17 -15.96
C ASP C 772 29.95 4.13 -14.99
N GLY C 773 30.51 5.22 -15.50
CA GLY C 773 31.20 6.20 -14.65
C GLY C 773 32.70 6.02 -14.68
N SER C 774 33.18 5.01 -15.40
CA SER C 774 34.62 4.80 -15.49
C SER C 774 35.24 5.85 -16.42
N SER C 775 36.57 5.84 -16.45
CA SER C 775 37.32 6.83 -17.26
C SER C 775 37.96 6.14 -18.46
N PRO C 776 38.09 6.81 -19.62
CA PRO C 776 38.81 6.22 -20.76
C PRO C 776 40.31 6.22 -20.53
N ASP C 777 40.74 5.43 -19.55
CA ASP C 777 42.12 5.43 -19.08
C ASP C 777 43.03 4.46 -19.85
N ARG C 778 42.50 3.74 -20.83
CA ARG C 778 43.26 2.81 -21.66
C ARG C 778 42.85 3.01 -23.11
N PRO C 779 43.74 2.74 -24.07
CA PRO C 779 43.39 2.95 -25.49
C PRO C 779 42.14 2.21 -25.91
N GLU C 780 41.87 1.03 -25.36
CA GLU C 780 40.69 0.27 -25.74
C GLU C 780 39.42 0.81 -25.12
N LYS C 781 39.52 1.70 -24.13
CA LYS C 781 38.36 2.31 -23.51
C LYS C 781 38.02 3.66 -24.14
N ARG C 782 38.70 4.05 -25.21
CA ARG C 782 38.35 5.28 -25.92
C ARG C 782 36.90 5.22 -26.38
N ALA C 783 36.23 6.36 -26.34
CA ALA C 783 34.82 6.39 -26.68
C ALA C 783 34.63 6.24 -28.18
N THR C 784 33.44 5.79 -28.57
CA THR C 784 33.03 5.73 -29.97
C THR C 784 31.84 6.63 -30.24
N SER C 785 31.60 7.60 -29.37
CA SER C 785 30.52 8.57 -29.51
C SER C 785 30.92 9.83 -28.74
N TYR C 786 30.10 10.87 -28.82
CA TYR C 786 30.48 12.18 -28.31
C TYR C 786 29.48 12.71 -27.30
N GLN C 787 29.96 13.69 -26.51
CA GLN C 787 29.08 14.42 -25.58
C GLN C 787 28.45 15.57 -26.35
N MET C 788 27.61 16.35 -25.68
CA MET C 788 27.03 17.53 -26.31
C MET C 788 28.16 18.52 -26.59
N PRO C 789 28.11 19.20 -27.73
CA PRO C 789 29.27 20.00 -28.16
C PRO C 789 29.47 21.23 -27.30
N LEU C 790 30.71 21.69 -27.27
CA LEU C 790 31.06 22.98 -26.70
C LEU C 790 31.05 24.02 -27.82
N VAL C 791 30.79 25.27 -27.46
CA VAL C 791 30.75 26.35 -28.44
C VAL C 791 31.92 27.28 -28.17
N GLN C 792 32.42 27.87 -29.24
CA GLN C 792 33.60 28.76 -29.14
C GLN C 792 33.19 30.06 -28.47
N CYS C 793 34.02 30.52 -27.55
CA CYS C 793 33.78 31.79 -26.89
C CYS C 793 35.06 32.60 -26.85
N ALA C 794 34.89 33.91 -26.65
CA ALA C 794 35.99 34.87 -26.67
C ALA C 794 36.48 35.16 -25.26
N SER C 795 37.76 35.45 -25.15
CA SER C 795 38.37 35.75 -23.87
C SER C 795 38.16 37.22 -23.54
N SER C 796 38.43 37.57 -22.29
CA SER C 796 38.32 38.95 -21.88
C SER C 796 39.38 39.80 -22.58
N SER C 797 39.08 41.10 -22.69
CA SER C 797 40.01 42.02 -23.30
C SER C 797 41.28 42.12 -22.44
N PRO C 798 42.44 42.30 -23.06
CA PRO C 798 43.65 42.53 -22.27
C PRO C 798 43.50 43.76 -21.39
N ARG C 799 43.94 43.63 -20.14
CA ARG C 799 43.75 44.69 -19.16
C ARG C 799 45.01 45.54 -19.02
N THR D 5 13.01 29.82 46.78
CA THR D 5 12.26 29.55 47.99
C THR D 5 12.53 30.68 49.01
N GLU D 6 12.23 30.45 50.29
CA GLU D 6 12.35 31.49 51.29
C GLU D 6 12.38 30.86 52.68
N GLU D 7 13.16 31.44 53.58
CA GLU D 7 13.36 30.89 54.92
C GLU D 7 12.43 31.60 55.91
N GLY D 8 11.80 30.81 56.78
CA GLY D 8 10.90 31.33 57.82
C GLY D 8 9.41 31.56 57.53
N LYS D 9 8.86 30.95 56.46
CA LYS D 9 7.50 30.48 56.45
C LYS D 9 7.49 28.98 56.10
N LEU D 10 6.26 28.61 55.87
CA LEU D 10 5.90 27.38 55.22
C LEU D 10 4.94 27.72 54.07
N VAL D 11 5.37 27.46 52.83
CA VAL D 11 4.50 27.56 51.65
C VAL D 11 4.04 26.15 51.30
N ILE D 12 2.74 25.97 51.17
CA ILE D 12 2.12 24.67 50.94
C ILE D 12 1.35 24.70 49.64
N TRP D 13 1.47 23.63 48.86
CA TRP D 13 0.70 23.43 47.63
C TRP D 13 -0.24 22.25 47.83
N ILE D 14 -1.52 22.47 47.60
CA ILE D 14 -2.53 21.42 47.70
C ILE D 14 -3.49 21.58 46.54
N ASN D 15 -3.98 20.46 46.00
CA ASN D 15 -4.88 20.53 44.86
C ASN D 15 -6.20 21.18 45.28
N GLY D 16 -6.81 21.91 44.34
CA GLY D 16 -7.97 22.68 44.74
C GLY D 16 -9.24 21.91 45.00
N ASP D 17 -9.24 20.58 44.90
CA ASP D 17 -10.45 19.85 45.23
C ASP D 17 -10.45 19.39 46.67
N LYS D 18 -9.36 19.64 47.38
CA LYS D 18 -9.23 19.33 48.79
C LYS D 18 -9.51 20.57 49.63
N GLY D 19 -9.55 20.39 50.94
CA GLY D 19 -9.87 21.50 51.82
C GLY D 19 -8.70 22.39 52.19
N TYR D 20 -8.37 23.34 51.31
CA TYR D 20 -7.22 24.20 51.57
C TYR D 20 -7.52 25.18 52.70
N ASN D 21 -8.74 25.71 52.75
CA ASN D 21 -9.08 26.60 53.87
C ASN D 21 -8.98 25.87 55.20
N GLY D 22 -9.33 24.58 55.23
CA GLY D 22 -9.12 23.80 56.43
C GLY D 22 -7.67 23.70 56.82
N LEU D 23 -6.82 23.31 55.85
CA LEU D 23 -5.39 23.27 56.11
C LEU D 23 -4.85 24.62 56.55
N ALA D 24 -5.36 25.70 55.93
CA ALA D 24 -4.96 27.04 56.31
C ALA D 24 -5.26 27.33 57.77
N GLU D 25 -6.29 26.67 58.32
CA GLU D 25 -6.60 26.85 59.73
C GLU D 25 -5.57 26.16 60.63
N VAL D 26 -5.12 24.98 60.21
CA VAL D 26 -4.09 24.27 60.99
C VAL D 26 -2.81 25.12 60.97
N GLY D 27 -2.60 25.87 59.90
CA GLY D 27 -1.45 26.73 59.83
C GLY D 27 -1.59 27.97 60.70
N LYS D 28 -2.79 28.52 60.80
CA LYS D 28 -3.02 29.63 61.70
C LYS D 28 -2.68 29.25 63.12
N LYS D 29 -2.99 28.00 63.51
CA LYS D 29 -2.57 27.51 64.82
C LYS D 29 -1.05 27.43 64.91
N PHE D 30 -0.37 27.10 63.80
CA PHE D 30 1.08 27.18 63.79
C PHE D 30 1.53 28.63 64.00
N GLU D 31 0.99 29.55 63.20
CA GLU D 31 1.35 30.96 63.32
C GLU D 31 1.15 31.48 64.75
N LYS D 32 0.07 31.06 65.47
CA LYS D 32 -0.10 31.61 66.81
C LYS D 32 0.85 30.86 67.80
N ASP D 33 1.09 29.54 67.67
CA ASP D 33 1.97 28.91 68.63
C ASP D 33 3.44 29.18 68.35
N THR D 34 3.83 29.36 67.09
CA THR D 34 5.26 29.49 66.75
C THR D 34 5.61 30.78 66.02
N GLY D 35 4.63 31.56 65.59
CA GLY D 35 4.89 32.81 64.92
C GLY D 35 5.34 32.67 63.47
N ILE D 36 5.34 31.47 62.92
CA ILE D 36 5.72 31.26 61.53
C ILE D 36 4.47 31.32 60.64
N LYS D 37 4.50 32.18 59.62
CA LYS D 37 3.44 32.20 58.62
C LYS D 37 3.35 30.93 57.82
N VAL D 38 2.11 30.59 57.48
CA VAL D 38 1.80 29.46 56.60
C VAL D 38 0.98 29.99 55.43
N THR D 39 1.40 29.68 54.22
CA THR D 39 0.61 30.02 53.04
C THR D 39 0.26 28.76 52.26
N VAL D 40 -1.03 28.60 52.00
CA VAL D 40 -1.58 27.45 51.30
C VAL D 40 -2.00 27.96 49.93
N GLU D 41 -1.46 27.34 48.89
CA GLU D 41 -1.75 27.72 47.53
C GLU D 41 -2.24 26.50 46.80
N HIS D 42 -3.19 26.70 45.90
CA HIS D 42 -3.73 25.62 45.08
C HIS D 42 -3.54 25.98 43.61
N PRO D 43 -2.29 25.94 43.13
CA PRO D 43 -2.02 26.24 41.73
C PRO D 43 -2.57 25.17 40.81
N ASP D 44 -2.99 25.60 39.62
CA ASP D 44 -3.43 24.65 38.61
C ASP D 44 -2.27 23.77 38.15
N LYS D 45 -2.57 22.50 37.92
CA LYS D 45 -1.59 21.51 37.46
C LYS D 45 -0.34 21.48 38.34
N LEU D 46 -0.54 21.54 39.65
CA LEU D 46 0.61 21.61 40.56
C LEU D 46 1.47 20.36 40.47
N GLU D 47 0.84 19.21 40.21
CA GLU D 47 1.58 17.96 40.12
C GLU D 47 2.56 17.94 38.96
N GLU D 48 2.37 18.83 37.98
CA GLU D 48 3.34 18.96 36.89
C GLU D 48 4.18 20.21 37.05
N LYS D 49 3.71 21.19 37.81
CA LYS D 49 4.51 22.37 38.10
C LYS D 49 5.65 22.03 39.06
N PHE D 50 5.37 21.24 40.09
CA PHE D 50 6.36 20.96 41.12
C PHE D 50 7.67 20.40 40.59
N PRO D 51 7.68 19.38 39.71
CA PRO D 51 8.99 18.88 39.23
C PRO D 51 9.87 19.93 38.62
N GLN D 52 9.28 20.93 37.95
CA GLN D 52 10.08 21.93 37.27
C GLN D 52 10.54 23.02 38.23
N VAL D 53 9.65 23.54 39.06
CA VAL D 53 10.03 24.61 39.97
C VAL D 53 10.98 24.10 41.04
N ALA D 54 10.75 22.88 41.54
CA ALA D 54 11.62 22.34 42.59
C ALA D 54 13.01 22.06 42.04
N ALA D 55 13.11 21.67 40.77
CA ALA D 55 14.42 21.43 40.17
C ALA D 55 15.27 22.70 40.17
N THR D 56 14.62 23.87 40.15
CA THR D 56 15.34 25.14 40.14
C THR D 56 15.73 25.59 41.53
N GLY D 57 15.24 24.93 42.58
CA GLY D 57 15.50 25.29 43.95
C GLY D 57 14.35 26.05 44.59
N ASP D 58 13.55 26.73 43.78
N ASP D 58 13.55 26.73 43.78
CA ASP D 58 12.35 27.39 44.26
CA ASP D 58 12.35 27.39 44.28
C ASP D 58 11.27 26.33 44.51
C ASP D 58 11.29 26.32 44.54
N GLY D 59 10.04 26.77 44.71
CA GLY D 59 8.95 25.85 44.93
C GLY D 59 8.42 25.90 46.34
N PRO D 60 7.38 25.12 46.61
CA PRO D 60 6.80 25.09 47.95
C PRO D 60 7.68 24.33 48.93
N ASP D 61 7.39 24.55 50.21
CA ASP D 61 8.07 23.78 51.25
C ASP D 61 7.46 22.40 51.38
N ILE D 62 6.13 22.31 51.30
CA ILE D 62 5.39 21.06 51.40
C ILE D 62 4.50 20.92 50.17
N ILE D 63 4.50 19.73 49.56
CA ILE D 63 3.64 19.43 48.43
C ILE D 63 2.69 18.28 48.79
N PHE D 64 1.39 18.52 48.61
CA PHE D 64 0.33 17.57 48.89
C PHE D 64 -0.18 16.96 47.58
N TRP D 65 -0.19 15.63 47.50
CA TRP D 65 -0.75 14.94 46.35
C TRP D 65 -0.88 13.46 46.73
N ALA D 66 -1.57 12.72 45.87
CA ALA D 66 -1.62 11.28 46.08
C ALA D 66 -0.22 10.69 45.89
N HIS D 67 0.00 9.54 46.52
CA HIS D 67 1.34 8.97 46.56
C HIS D 67 1.87 8.57 45.19
N ASP D 68 0.99 8.43 44.20
CA ASP D 68 1.40 7.83 42.93
C ASP D 68 2.48 8.63 42.21
N ARG D 69 2.55 9.95 42.43
CA ARG D 69 3.52 10.77 41.72
C ARG D 69 4.81 11.03 42.49
N PHE D 70 4.95 10.50 43.71
CA PHE D 70 6.08 10.88 44.55
C PHE D 70 7.34 10.12 44.20
N GLY D 71 7.23 8.86 43.76
CA GLY D 71 8.41 8.13 43.33
C GLY D 71 9.20 8.84 42.24
N GLY D 72 8.50 9.41 41.26
CA GLY D 72 9.19 10.18 40.24
C GLY D 72 9.84 11.43 40.79
N TYR D 73 9.16 12.10 41.73
CA TYR D 73 9.75 13.27 42.38
C TYR D 73 11.03 12.87 43.12
N ALA D 74 11.01 11.71 43.78
CA ALA D 74 12.18 11.27 44.55
C ALA D 74 13.34 10.88 43.65
N GLN D 75 13.07 10.15 42.55
CA GLN D 75 14.14 9.76 41.65
C GLN D 75 14.96 10.95 41.18
N SER D 76 14.31 12.07 40.87
CA SER D 76 14.98 13.30 40.51
C SER D 76 15.57 14.06 41.70
N GLY D 77 15.39 13.56 42.92
CA GLY D 77 15.98 14.21 44.08
C GLY D 77 15.27 15.44 44.58
N LEU D 78 13.96 15.56 44.33
CA LEU D 78 13.22 16.73 44.76
C LEU D 78 12.58 16.57 46.13
N LEU D 79 12.52 15.35 46.67
CA LEU D 79 11.88 15.09 47.95
C LEU D 79 12.92 14.74 49.00
N ALA D 80 12.69 15.22 50.22
CA ALA D 80 13.58 14.95 51.33
C ALA D 80 13.17 13.67 52.04
N GLU D 81 14.16 12.90 52.46
CA GLU D 81 13.87 11.71 53.24
C GLU D 81 13.21 12.11 54.54
N ILE D 82 12.08 11.51 54.84
CA ILE D 82 11.42 11.78 56.10
C ILE D 82 11.87 10.70 57.08
N THR D 83 12.28 11.14 58.26
CA THR D 83 12.81 10.26 59.30
C THR D 83 11.85 10.38 60.47
N PRO D 84 10.73 9.66 60.44
CA PRO D 84 9.77 9.82 61.54
C PRO D 84 10.16 8.93 62.69
N ALA D 85 9.86 9.40 63.89
CA ALA D 85 10.13 8.59 65.05
C ALA D 85 9.18 7.41 65.07
N ALA D 86 9.66 6.28 65.60
CA ALA D 86 8.82 5.11 65.71
C ALA D 86 7.55 5.40 66.48
N ALA D 87 7.61 6.35 67.42
CA ALA D 87 6.41 6.76 68.13
C ALA D 87 5.37 7.33 67.17
N PHE D 88 5.81 8.18 66.24
CA PHE D 88 4.86 8.75 65.25
C PHE D 88 4.45 7.66 64.26
N GLN D 89 5.42 6.88 63.79
CA GLN D 89 5.13 5.88 62.76
C GLN D 89 4.02 4.91 63.17
N ASP D 90 3.98 4.51 64.44
CA ASP D 90 2.94 3.60 64.89
C ASP D 90 1.57 4.25 64.88
N LYS D 91 1.53 5.58 64.91
CA LYS D 91 0.23 6.30 64.93
C LYS D 91 -0.48 6.10 63.59
N LEU D 92 0.25 5.67 62.56
CA LEU D 92 -0.35 5.53 61.20
C LEU D 92 -0.31 4.07 60.79
N TYR D 93 -1.13 3.68 59.82
CA TYR D 93 -1.24 2.27 59.43
C TYR D 93 -0.06 1.85 58.55
N PRO D 94 0.41 0.60 58.70
CA PRO D 94 1.55 0.15 57.89
C PRO D 94 1.36 0.27 56.38
N PHE D 95 0.17 -0.06 55.86
CA PHE D 95 -0.03 0.05 54.42
C PHE D 95 0.07 1.50 53.99
N THR D 96 -0.32 2.42 54.87
CA THR D 96 -0.22 3.83 54.57
C THR D 96 1.24 4.27 54.47
N TRP D 97 2.11 3.61 55.24
CA TRP D 97 3.55 3.95 55.22
C TRP D 97 4.23 3.28 54.03
N ASP D 98 3.73 2.13 53.58
CA ASP D 98 4.30 1.48 52.41
C ASP D 98 4.05 2.28 51.14
N ALA D 99 2.94 3.02 51.10
CA ALA D 99 2.62 3.78 49.90
C ALA D 99 3.61 4.91 49.68
N VAL D 100 4.15 5.48 50.75
CA VAL D 100 5.10 6.59 50.66
C VAL D 100 6.55 6.11 50.70
N ARG D 101 6.78 4.81 50.47
CA ARG D 101 8.12 4.22 50.53
C ARG D 101 8.70 4.02 49.14
N TYR D 102 9.76 4.75 48.81
CA TYR D 102 10.48 4.58 47.55
C TYR D 102 11.94 4.21 47.81
N ASN D 103 12.41 3.17 47.11
CA ASN D 103 13.79 2.67 47.21
C ASN D 103 14.26 2.55 48.66
N GLY D 104 13.39 1.97 49.49
CA GLY D 104 13.67 1.75 50.89
C GLY D 104 13.56 2.96 51.80
N LYS D 105 13.39 4.16 51.26
CA LYS D 105 13.26 5.37 52.07
C LYS D 105 11.82 5.85 52.09
N LEU D 106 11.38 6.34 53.24
CA LEU D 106 10.10 7.02 53.33
C LEU D 106 10.28 8.42 52.75
N ILE D 107 9.38 8.84 51.87
CA ILE D 107 9.58 10.08 51.13
C ILE D 107 8.44 11.08 51.34
N ALA D 108 7.39 10.71 52.07
CA ALA D 108 6.33 11.65 52.36
C ALA D 108 5.49 11.14 53.53
N TYR D 109 4.76 12.06 54.14
CA TYR D 109 3.92 11.70 55.29
C TYR D 109 2.54 11.28 54.78
N PRO D 110 2.08 10.07 55.12
CA PRO D 110 0.75 9.65 54.72
C PRO D 110 -0.31 10.49 55.45
N ILE D 111 -1.39 10.86 54.75
CA ILE D 111 -2.48 11.67 55.37
C ILE D 111 -3.82 10.93 55.23
N ALA D 112 -4.29 10.65 54.01
CA ALA D 112 -5.60 10.04 53.86
C ALA D 112 -5.59 8.99 52.76
N VAL D 113 -6.52 8.05 52.87
CA VAL D 113 -6.72 6.97 51.90
C VAL D 113 -8.00 7.24 51.14
N GLU D 114 -7.89 7.42 49.82
CA GLU D 114 -9.01 7.82 48.96
C GLU D 114 -9.34 6.76 47.92
N ALA D 115 -10.64 6.56 47.69
CA ALA D 115 -11.11 5.68 46.63
C ALA D 115 -12.47 6.16 46.15
N LEU D 116 -12.77 5.89 44.89
CA LEU D 116 -14.02 6.32 44.28
C LEU D 116 -15.16 5.41 44.75
N SER D 117 -16.37 5.97 44.73
CA SER D 117 -17.56 5.22 45.09
C SER D 117 -18.69 5.60 44.16
N LEU D 118 -19.73 4.78 44.17
CA LEU D 118 -20.98 5.12 43.50
C LEU D 118 -21.78 6.01 44.44
N ILE D 119 -22.14 7.20 43.98
CA ILE D 119 -22.96 8.14 44.74
C ILE D 119 -24.28 8.27 44.01
N TYR D 120 -25.39 8.03 44.72
CA TYR D 120 -26.69 8.00 44.06
C TYR D 120 -27.72 8.81 44.82
N ASN D 121 -28.72 9.28 44.07
CA ASN D 121 -29.83 10.05 44.62
C ASN D 121 -30.98 9.10 44.96
N LYS D 122 -31.25 8.97 46.26
CA LYS D 122 -32.26 8.00 46.72
C LYS D 122 -33.65 8.37 46.24
N ASP D 123 -33.96 9.67 46.15
CA ASP D 123 -35.29 10.10 45.70
C ASP D 123 -35.54 9.71 44.25
N LEU D 124 -34.52 9.75 43.40
CA LEU D 124 -34.64 9.35 42.00
C LEU D 124 -34.38 7.87 41.82
N LEU D 125 -33.43 7.32 42.59
CA LEU D 125 -33.05 5.92 42.47
C LEU D 125 -32.94 5.31 43.85
N PRO D 126 -34.07 4.84 44.41
CA PRO D 126 -34.00 4.22 45.76
C PRO D 126 -33.14 2.96 45.84
N ASN D 127 -33.11 2.17 44.77
CA ASN D 127 -32.36 0.91 44.74
C ASN D 127 -31.22 1.05 43.74
N PRO D 128 -30.00 1.37 44.17
CA PRO D 128 -28.88 1.54 43.25
C PRO D 128 -28.62 0.28 42.44
N PRO D 129 -28.29 0.41 41.16
CA PRO D 129 -27.97 -0.76 40.35
C PRO D 129 -26.71 -1.45 40.83
N LYS D 130 -26.65 -2.76 40.62
CA LYS D 130 -25.50 -3.54 41.03
C LYS D 130 -24.52 -3.82 39.90
N THR D 131 -24.97 -3.81 38.65
CA THR D 131 -24.12 -4.09 37.51
C THR D 131 -24.07 -2.87 36.59
N TRP D 132 -22.93 -2.69 35.91
CA TRP D 132 -22.88 -1.69 34.86
C TRP D 132 -23.87 -2.02 33.76
N GLU D 133 -24.10 -3.33 33.53
CA GLU D 133 -24.84 -3.76 32.34
C GLU D 133 -26.30 -3.34 32.37
N GLU D 134 -26.85 -3.04 33.54
CA GLU D 134 -28.24 -2.61 33.61
C GLU D 134 -28.40 -1.10 33.49
N ILE D 135 -27.29 -0.36 33.52
CA ILE D 135 -27.37 1.11 33.44
C ILE D 135 -28.05 1.57 32.16
N PRO D 136 -27.78 0.99 30.97
CA PRO D 136 -28.47 1.48 29.77
C PRO D 136 -29.99 1.48 29.89
N ALA D 137 -30.58 0.42 30.44
CA ALA D 137 -32.03 0.38 30.61
C ALA D 137 -32.52 1.44 31.58
N LEU D 138 -31.78 1.63 32.68
CA LEU D 138 -32.15 2.64 33.67
C LEU D 138 -32.23 4.03 33.03
N ASP D 139 -31.30 4.33 32.12
CA ASP D 139 -31.24 5.64 31.49
C ASP D 139 -32.47 5.87 30.61
N LYS D 140 -32.83 4.88 29.80
CA LYS D 140 -34.04 4.96 28.99
C LYS D 140 -35.25 5.35 29.82
N GLU D 141 -35.41 4.77 31.02
CA GLU D 141 -36.59 5.08 31.81
C GLU D 141 -36.50 6.49 32.38
N LEU D 142 -35.31 6.88 32.84
CA LEU D 142 -35.20 8.19 33.47
C LEU D 142 -35.25 9.29 32.43
N LYS D 143 -34.75 9.03 31.22
CA LYS D 143 -34.82 10.01 30.15
C LYS D 143 -36.26 10.36 29.81
N ALA D 144 -37.17 9.39 29.90
CA ALA D 144 -38.59 9.67 29.72
C ALA D 144 -39.10 10.65 30.77
N LYS D 145 -38.52 10.61 31.98
CA LYS D 145 -38.85 11.56 33.04
C LYS D 145 -37.95 12.79 33.03
N GLY D 146 -37.17 12.99 31.96
CA GLY D 146 -36.32 14.16 31.84
C GLY D 146 -35.08 14.13 32.68
N LYS D 147 -34.55 12.95 32.96
CA LYS D 147 -33.42 12.75 33.84
C LYS D 147 -32.45 11.78 33.18
N SER D 148 -31.27 11.65 33.77
CA SER D 148 -30.25 10.71 33.28
C SER D 148 -29.82 9.81 34.42
N ALA D 149 -29.29 8.64 34.05
CA ALA D 149 -28.88 7.66 35.05
C ALA D 149 -27.50 7.98 35.62
N LEU D 150 -26.50 8.19 34.77
CA LEU D 150 -25.12 8.31 35.23
C LEU D 150 -24.39 9.44 34.53
N MET D 151 -23.62 10.21 35.32
CA MET D 151 -22.74 11.25 34.80
C MET D 151 -21.51 11.35 35.70
N PHE D 152 -20.33 11.13 35.12
CA PHE D 152 -19.08 11.27 35.85
C PHE D 152 -18.01 11.81 34.91
N ASN D 153 -16.91 12.28 35.50
CA ASN D 153 -15.82 12.95 34.77
C ASN D 153 -15.12 11.99 33.81
N LEU D 154 -15.24 12.25 32.52
CA LEU D 154 -14.61 11.45 31.47
C LEU D 154 -13.31 12.06 30.97
N GLN D 155 -12.85 13.16 31.58
CA GLN D 155 -11.64 13.84 31.17
C GLN D 155 -10.40 13.40 31.95
N GLU D 156 -10.57 12.80 33.12
CA GLU D 156 -9.45 12.29 33.89
C GLU D 156 -9.54 10.77 33.97
N PRO D 157 -8.50 10.03 33.60
CA PRO D 157 -8.60 8.56 33.52
C PRO D 157 -8.82 7.87 34.86
N TYR D 158 -8.66 8.59 35.98
CA TYR D 158 -8.86 8.02 37.30
C TYR D 158 -10.29 7.54 37.49
N PHE D 159 -11.26 8.23 36.86
CA PHE D 159 -12.67 7.90 37.04
C PHE D 159 -13.15 6.76 36.14
N THR D 160 -12.42 6.45 35.06
CA THR D 160 -12.80 5.36 34.17
C THR D 160 -11.99 4.10 34.45
N TRP D 161 -10.88 4.23 35.16
CA TRP D 161 -10.01 3.06 35.44
C TRP D 161 -10.81 1.96 36.14
N PRO D 162 -11.64 2.24 37.17
CA PRO D 162 -12.37 1.14 37.84
C PRO D 162 -13.02 0.18 36.86
N LEU D 163 -13.69 0.70 35.83
CA LEU D 163 -14.32 -0.15 34.83
C LEU D 163 -13.28 -0.83 33.95
N ILE D 164 -12.20 -0.13 33.60
CA ILE D 164 -11.19 -0.71 32.72
C ILE D 164 -10.51 -1.90 33.39
N ALA D 165 -10.31 -1.83 34.70
CA ALA D 165 -9.59 -2.87 35.42
C ALA D 165 -10.46 -4.04 35.84
N ALA D 166 -11.79 -3.91 35.74
CA ALA D 166 -12.70 -4.91 36.27
C ALA D 166 -12.46 -6.28 35.67
N ASP D 167 -12.54 -6.39 34.34
CA ASP D 167 -12.41 -7.67 33.64
C ASP D 167 -10.96 -8.07 33.40
N GLY D 168 -9.99 -7.29 33.87
CA GLY D 168 -8.61 -7.73 33.79
C GLY D 168 -7.62 -6.67 33.38
N GLY D 169 -8.11 -5.46 33.13
CA GLY D 169 -7.21 -4.35 32.79
C GLY D 169 -6.25 -4.06 33.91
N TYR D 170 -4.97 -3.94 33.58
CA TYR D 170 -3.94 -3.63 34.59
C TYR D 170 -2.92 -2.69 33.99
N ALA D 171 -2.22 -1.93 34.85
CA ALA D 171 -1.18 -1.00 34.35
C ALA D 171 0.17 -1.73 34.32
N PHE D 172 0.81 -1.88 35.46
CA PHE D 172 2.12 -2.58 35.55
C PHE D 172 1.92 -3.83 36.42
N LYS D 173 2.37 -4.99 35.94
CA LYS D 173 2.14 -6.26 36.67
C LYS D 173 3.01 -6.36 37.92
N TYR D 174 2.41 -6.79 39.01
CA TYR D 174 3.13 -6.88 40.31
C TYR D 174 3.53 -8.33 40.56
N ALA D 175 4.84 -8.58 40.59
CA ALA D 175 5.34 -9.94 40.85
C ALA D 175 5.43 -10.15 42.37
N ALA D 176 6.49 -9.63 42.97
CA ALA D 176 6.66 -9.74 44.43
C ALA D 176 7.47 -8.54 44.89
N GLY D 177 6.78 -7.45 45.22
CA GLY D 177 7.48 -6.22 45.63
C GLY D 177 8.06 -5.55 44.42
N LYS D 178 7.69 -6.01 43.23
CA LYS D 178 8.30 -5.43 42.00
C LYS D 178 7.26 -5.31 40.89
N TYR D 179 7.33 -4.21 40.14
CA TYR D 179 6.40 -3.98 39.00
C TYR D 179 7.19 -4.14 37.69
N ASP D 180 6.76 -5.06 36.83
CA ASP D 180 7.43 -5.24 35.52
C ASP D 180 6.99 -4.11 34.58
N ILE D 181 7.87 -3.16 34.36
CA ILE D 181 7.58 -2.05 33.47
C ILE D 181 7.36 -2.51 32.03
N LYS D 182 7.69 -3.75 31.74
CA LYS D 182 7.56 -4.33 30.41
C LYS D 182 6.32 -5.21 30.27
N ASP D 183 5.58 -5.39 31.37
CA ASP D 183 4.30 -6.13 31.31
C ASP D 183 3.16 -5.15 31.60
N VAL D 184 2.50 -4.65 30.56
CA VAL D 184 1.41 -3.65 30.74
C VAL D 184 0.09 -4.26 30.26
N GLY D 185 -1.02 -3.93 30.91
CA GLY D 185 -2.33 -4.51 30.54
C GLY D 185 -3.34 -3.47 30.14
N VAL D 186 -2.89 -2.43 29.44
CA VAL D 186 -3.80 -1.34 28.99
C VAL D 186 -4.47 -1.77 27.68
N ASP D 187 -3.91 -2.75 26.97
CA ASP D 187 -4.54 -3.24 25.75
C ASP D 187 -5.00 -4.69 25.84
N ASN D 188 -4.99 -5.29 27.03
CA ASN D 188 -5.49 -6.66 27.17
C ASN D 188 -6.99 -6.72 26.86
N ALA D 189 -7.51 -7.94 26.73
CA ALA D 189 -8.92 -8.12 26.41
C ALA D 189 -9.83 -7.49 27.45
N GLY D 190 -9.44 -7.54 28.73
CA GLY D 190 -10.27 -6.96 29.77
C GLY D 190 -10.39 -5.45 29.68
N ALA D 191 -9.26 -4.76 29.43
CA ALA D 191 -9.30 -3.30 29.31
C ALA D 191 -10.19 -2.87 28.16
N LYS D 192 -10.02 -3.51 27.00
CA LYS D 192 -10.84 -3.20 25.84
C LYS D 192 -12.33 -3.38 26.15
N ALA D 193 -12.66 -4.45 26.88
CA ALA D 193 -14.06 -4.71 27.22
C ALA D 193 -14.66 -3.55 28.00
N GLY D 194 -13.98 -3.12 29.06
CA GLY D 194 -14.50 -2.01 29.87
C GLY D 194 -14.61 -0.74 29.06
N LEU D 195 -13.58 -0.42 28.28
CA LEU D 195 -13.61 0.82 27.50
C LEU D 195 -14.67 0.74 26.41
N THR D 196 -14.83 -0.43 25.79
CA THR D 196 -15.90 -0.60 24.81
C THR D 196 -17.27 -0.34 25.45
N PHE D 197 -17.51 -0.87 26.66
CA PHE D 197 -18.76 -0.60 27.34
C PHE D 197 -18.96 0.90 27.55
N LEU D 198 -17.92 1.60 28.00
CA LEU D 198 -18.03 3.04 28.20
C LEU D 198 -18.30 3.76 26.88
N VAL D 199 -17.56 3.41 25.82
CA VAL D 199 -17.78 4.06 24.54
C VAL D 199 -19.19 3.74 24.02
N ASP D 200 -19.63 2.50 24.18
CA ASP D 200 -20.99 2.14 23.75
C ASP D 200 -22.04 2.99 24.48
N LEU D 201 -21.81 3.25 25.78
CA LEU D 201 -22.73 4.11 26.52
C LEU D 201 -22.80 5.48 25.87
N ILE D 202 -21.67 5.98 25.38
CA ILE D 202 -21.65 7.27 24.70
C ILE D 202 -22.30 7.19 23.34
N LYS D 203 -22.06 6.09 22.61
CA LYS D 203 -22.65 5.95 21.27
C LYS D 203 -24.16 5.82 21.36
N ASN D 204 -24.67 5.09 22.35
CA ASN D 204 -26.11 4.97 22.56
C ASN D 204 -26.69 6.14 23.33
N LYS D 205 -25.93 7.24 23.43
CA LYS D 205 -26.41 8.50 24.01
C LYS D 205 -26.87 8.34 25.46
N HIS D 206 -26.28 7.38 26.18
CA HIS D 206 -26.50 7.29 27.61
C HIS D 206 -25.54 8.17 28.39
N MET D 207 -24.35 8.43 27.84
CA MET D 207 -23.40 9.37 28.41
C MET D 207 -22.82 10.23 27.30
N ASN D 208 -22.24 11.37 27.69
CA ASN D 208 -21.69 12.34 26.76
C ASN D 208 -20.17 12.45 26.92
N ALA D 209 -19.47 12.51 25.78
CA ALA D 209 -18.01 12.49 25.81
C ALA D 209 -17.42 13.75 26.43
N ASP D 210 -18.07 14.91 26.28
CA ASP D 210 -17.49 16.14 26.82
C ASP D 210 -17.61 16.26 28.34
N THR D 211 -18.37 15.39 29.00
CA THR D 211 -18.65 15.54 30.43
C THR D 211 -17.34 15.58 31.23
N ASP D 212 -17.16 16.67 32.01
CA ASP D 212 -16.03 16.88 32.89
C ASP D 212 -16.47 16.85 34.36
N TYR D 213 -15.53 17.16 35.27
CA TYR D 213 -15.84 17.19 36.70
C TYR D 213 -16.96 18.16 37.01
N SER D 214 -16.85 19.40 36.53
CA SER D 214 -17.83 20.44 36.87
C SER D 214 -19.22 20.07 36.36
N ILE D 215 -19.31 19.56 35.13
CA ILE D 215 -20.60 19.19 34.55
C ILE D 215 -21.26 18.08 35.35
N ALA D 216 -20.49 17.04 35.69
CA ALA D 216 -21.07 15.92 36.42
C ALA D 216 -21.46 16.32 37.84
N GLU D 217 -20.64 17.16 38.49
CA GLU D 217 -20.98 17.64 39.82
C GLU D 217 -22.26 18.46 39.80
N HIS D 218 -22.39 19.36 38.82
CA HIS D 218 -23.57 20.22 38.74
C HIS D 218 -24.85 19.39 38.53
N ALA D 219 -24.78 18.37 37.68
CA ALA D 219 -25.97 17.57 37.40
C ALA D 219 -26.45 16.82 38.64
N PHE D 220 -25.54 16.16 39.35
CA PHE D 220 -25.95 15.39 40.52
C PHE D 220 -26.43 16.30 41.65
N ASN D 221 -25.71 17.39 41.90
CA ASN D 221 -26.12 18.26 43.00
C ASN D 221 -27.35 19.09 42.68
N HIS D 222 -27.85 18.99 41.44
CA HIS D 222 -29.08 19.66 41.04
C HIS D 222 -30.14 18.66 40.61
N GLY D 223 -29.98 17.39 40.99
CA GLY D 223 -31.02 16.39 40.79
C GLY D 223 -31.32 15.99 39.36
N GLU D 224 -30.40 16.25 38.43
CA GLU D 224 -30.62 15.90 37.03
C GLU D 224 -30.15 14.49 36.68
N THR D 225 -29.17 13.96 37.41
CA THR D 225 -28.72 12.58 37.25
C THR D 225 -28.94 11.82 38.55
N ALA D 226 -29.09 10.51 38.42
CA ALA D 226 -29.38 9.66 39.57
C ALA D 226 -28.12 9.12 40.22
N MET D 227 -26.99 9.13 39.50
CA MET D 227 -25.76 8.57 40.01
C MET D 227 -24.58 9.38 39.52
N THR D 228 -23.50 9.35 40.29
CA THR D 228 -22.21 9.88 39.86
C THR D 228 -21.13 9.03 40.49
N ILE D 229 -19.92 9.12 39.94
CA ILE D 229 -18.75 8.48 40.52
C ILE D 229 -17.78 9.56 40.96
N ASN D 230 -17.51 9.63 42.26
CA ASN D 230 -16.58 10.60 42.79
C ASN D 230 -15.98 10.09 44.09
N GLY D 231 -15.10 10.90 44.67
CA GLY D 231 -14.42 10.56 45.90
C GLY D 231 -14.93 11.37 47.07
N PRO D 232 -14.35 11.16 48.25
CA PRO D 232 -14.86 11.84 49.44
C PRO D 232 -14.83 13.36 49.38
N TRP D 233 -13.87 13.94 48.65
CA TRP D 233 -13.78 15.40 48.58
C TRP D 233 -15.07 16.05 48.10
N ALA D 234 -15.90 15.31 47.36
CA ALA D 234 -17.13 15.83 46.77
C ALA D 234 -18.33 15.83 47.72
N TRP D 235 -18.25 15.11 48.85
CA TRP D 235 -19.40 14.97 49.73
C TRP D 235 -19.90 16.30 50.27
N SER D 236 -18.99 17.21 50.62
CA SER D 236 -19.39 18.50 51.20
C SER D 236 -20.41 19.20 50.31
N ASN D 237 -20.10 19.36 49.02
CA ASN D 237 -20.99 20.06 48.12
C ASN D 237 -22.30 19.32 47.91
N ILE D 238 -22.31 17.99 48.02
CA ILE D 238 -23.59 17.32 47.97
C ILE D 238 -24.40 17.62 49.22
N ASP D 239 -23.73 17.76 50.37
CA ASP D 239 -24.41 18.15 51.59
C ASP D 239 -25.06 19.52 51.46
N THR D 240 -24.34 20.47 50.82
CA THR D 240 -24.85 21.82 50.69
C THR D 240 -25.96 21.93 49.66
N SER D 241 -26.23 20.85 48.92
CA SER D 241 -27.25 20.89 47.88
C SER D 241 -28.54 20.19 48.29
N ALA D 242 -28.56 19.54 49.45
CA ALA D 242 -29.76 18.92 50.02
C ALA D 242 -30.34 17.81 49.14
N VAL D 243 -29.47 17.07 48.49
CA VAL D 243 -29.89 15.89 47.75
C VAL D 243 -29.81 14.73 48.71
N ASN D 244 -30.63 13.73 48.47
CA ASN D 244 -30.69 12.62 49.41
C ASN D 244 -29.79 11.55 48.84
N TYR D 245 -28.54 11.54 49.30
CA TYR D 245 -27.54 10.76 48.61
C TYR D 245 -27.01 9.63 49.48
N GLY D 246 -26.61 8.56 48.80
CA GLY D 246 -25.94 7.46 49.44
C GLY D 246 -24.67 7.16 48.70
N VAL D 247 -23.68 6.72 49.48
CA VAL D 247 -22.39 6.29 48.94
C VAL D 247 -22.35 4.78 49.06
N THR D 248 -22.14 4.09 47.94
CA THR D 248 -22.25 2.65 47.93
C THR D 248 -21.16 2.05 47.05
N VAL D 249 -21.19 0.71 46.95
CA VAL D 249 -20.18 -0.01 46.20
C VAL D 249 -20.36 0.25 44.71
N LEU D 250 -19.25 0.20 43.98
CA LEU D 250 -19.30 0.49 42.55
C LEU D 250 -19.96 -0.67 41.80
N PRO D 251 -20.66 -0.37 40.71
CA PRO D 251 -21.28 -1.44 39.93
C PRO D 251 -20.24 -2.41 39.37
N THR D 252 -20.66 -3.65 39.18
CA THR D 252 -19.78 -4.68 38.63
C THR D 252 -19.87 -4.70 37.12
N PHE D 253 -18.83 -5.24 36.49
CA PHE D 253 -18.77 -5.41 35.05
C PHE D 253 -18.40 -6.84 34.75
N LYS D 254 -19.23 -7.51 33.94
CA LYS D 254 -19.06 -8.93 33.62
C LYS D 254 -18.94 -9.76 34.90
N GLY D 255 -19.79 -9.46 35.88
CA GLY D 255 -19.78 -10.17 37.14
C GLY D 255 -18.67 -9.79 38.10
N GLN D 256 -17.67 -9.09 37.66
CA GLN D 256 -16.54 -8.79 38.52
C GLN D 256 -16.62 -7.40 39.11
N PRO D 257 -16.07 -7.19 40.31
CA PRO D 257 -16.16 -5.86 40.92
C PRO D 257 -15.28 -4.87 40.19
N SER D 258 -15.73 -3.62 40.18
CA SER D 258 -14.93 -2.54 39.63
C SER D 258 -13.75 -2.28 40.57
N LYS D 259 -12.53 -2.22 40.01
CA LYS D 259 -11.32 -2.10 40.80
C LYS D 259 -10.77 -0.67 40.72
N PRO D 260 -11.14 0.21 41.65
CA PRO D 260 -10.61 1.58 41.60
C PRO D 260 -9.17 1.62 42.07
N PHE D 261 -8.40 2.49 41.43
CA PHE D 261 -7.00 2.70 41.85
C PHE D 261 -7.04 3.54 43.13
N VAL D 262 -6.45 3.03 44.21
CA VAL D 262 -6.49 3.66 45.52
C VAL D 262 -5.31 4.61 45.68
N GLY D 263 -5.60 5.79 46.22
CA GLY D 263 -4.58 6.82 46.40
C GLY D 263 -4.47 7.24 47.85
N VAL D 264 -3.25 7.55 48.27
CA VAL D 264 -2.97 8.01 49.63
C VAL D 264 -2.55 9.46 49.54
N LEU D 265 -3.39 10.37 50.03
CA LEU D 265 -2.98 11.77 50.10
C LEU D 265 -1.76 11.88 51.00
N SER D 266 -0.69 12.46 50.47
CA SER D 266 0.58 12.48 51.19
C SER D 266 1.22 13.84 51.07
N ALA D 267 2.03 14.19 52.07
CA ALA D 267 2.73 15.47 52.15
C ALA D 267 4.22 15.23 52.02
N GLY D 268 4.84 15.87 51.03
CA GLY D 268 6.26 15.76 50.80
C GLY D 268 6.96 17.07 51.13
N ILE D 269 8.19 16.97 51.60
CA ILE D 269 9.00 18.14 51.91
C ILE D 269 10.00 18.34 50.77
N ASN D 270 9.99 19.53 50.18
CA ASN D 270 10.88 19.83 49.08
C ASN D 270 12.33 19.71 49.54
N ALA D 271 13.13 18.94 48.78
CA ALA D 271 14.52 18.74 49.13
C ALA D 271 15.30 20.05 49.22
N ALA D 272 14.82 21.11 48.57
CA ALA D 272 15.47 22.41 48.63
C ALA D 272 14.75 23.36 49.59
N SER D 273 14.21 22.84 50.67
CA SER D 273 13.56 23.76 51.59
C SER D 273 14.52 24.13 52.72
N PRO D 274 14.68 25.44 52.99
CA PRO D 274 15.42 25.86 54.18
C PRO D 274 14.65 25.70 55.48
N ASN D 275 13.40 25.25 55.41
CA ASN D 275 12.55 25.14 56.58
C ASN D 275 12.11 23.70 56.76
N LYS D 276 13.06 22.78 56.97
CA LYS D 276 12.71 21.36 56.95
C LYS D 276 12.26 20.88 58.32
N GLU D 277 12.87 21.35 59.41
CA GLU D 277 12.30 21.04 60.72
C GLU D 277 10.93 21.70 60.87
N LEU D 278 10.77 22.92 60.37
CA LEU D 278 9.48 23.61 60.49
C LEU D 278 8.38 22.80 59.82
N ALA D 279 8.67 22.22 58.66
CA ALA D 279 7.70 21.35 58.01
C ALA D 279 7.49 20.08 58.81
N LYS D 280 8.57 19.50 59.34
CA LYS D 280 8.44 18.24 60.08
C LYS D 280 7.50 18.41 61.27
N GLU D 281 7.60 19.52 62.01
CA GLU D 281 6.63 19.69 63.08
C GLU D 281 5.25 20.10 62.59
N PHE D 282 5.16 20.93 61.56
CA PHE D 282 3.79 21.37 61.17
C PHE D 282 2.96 20.13 60.81
N LEU D 283 3.62 19.08 60.35
CA LEU D 283 2.87 17.89 59.88
C LEU D 283 2.76 16.85 60.99
N GLU D 284 3.85 16.57 61.68
CA GLU D 284 3.84 15.49 62.69
C GLU D 284 3.03 15.86 63.93
N ASN D 285 3.08 17.12 64.36
CA ASN D 285 2.44 17.46 65.66
C ASN D 285 1.41 18.59 65.51
N TYR D 286 1.03 18.97 64.30
CA TYR D 286 -0.04 19.99 64.16
C TYR D 286 -1.17 19.48 63.26
N LEU D 287 -0.84 18.86 62.13
CA LEU D 287 -1.88 18.42 61.17
C LEU D 287 -2.22 16.94 61.41
N LEU D 288 -1.20 16.11 61.48
CA LEU D 288 -1.47 14.65 61.61
C LEU D 288 -1.94 14.39 63.04
N THR D 289 -3.00 15.10 63.44
CA THR D 289 -3.57 14.97 64.80
C THR D 289 -5.08 14.99 64.63
N ASP D 290 -5.82 14.34 65.53
CA ASP D 290 -7.29 14.26 65.33
C ASP D 290 -7.82 15.66 65.06
N GLU D 291 -7.29 16.67 65.76
CA GLU D 291 -7.82 18.05 65.63
C GLU D 291 -7.52 18.63 64.24
N GLY D 292 -6.29 18.51 63.77
CA GLY D 292 -5.89 19.08 62.46
C GLY D 292 -6.61 18.43 61.30
N LEU D 293 -6.72 17.11 61.31
CA LEU D 293 -7.39 16.37 60.22
C LEU D 293 -8.87 16.74 60.20
N GLU D 294 -9.48 16.92 61.37
CA GLU D 294 -10.92 17.24 61.43
C GLU D 294 -11.12 18.64 60.84
N ALA D 295 -10.18 19.54 61.09
CA ALA D 295 -10.28 20.90 60.53
C ALA D 295 -10.25 20.82 59.01
N VAL D 296 -9.36 20.00 58.46
CA VAL D 296 -9.34 19.85 57.01
C VAL D 296 -10.58 19.07 56.57
N ASN D 297 -10.94 18.04 57.33
CA ASN D 297 -12.09 17.21 56.97
C ASN D 297 -13.40 17.97 57.08
N LYS D 298 -13.42 19.08 57.82
CA LYS D 298 -14.63 19.89 57.91
C LYS D 298 -14.79 20.73 56.67
N ASP D 299 -13.68 21.25 56.14
CA ASP D 299 -13.69 21.97 54.87
C ASP D 299 -14.13 21.05 53.72
N LYS D 300 -13.36 19.99 53.47
CA LYS D 300 -13.76 18.98 52.47
C LYS D 300 -13.36 17.61 53.01
N PRO D 301 -14.26 16.63 52.98
CA PRO D 301 -13.98 15.34 53.64
C PRO D 301 -12.77 14.65 53.02
N LEU D 302 -11.94 14.09 53.90
CA LEU D 302 -10.77 13.32 53.49
C LEU D 302 -11.09 11.84 53.26
N GLY D 303 -12.29 11.39 53.60
CA GLY D 303 -12.63 9.98 53.50
C GLY D 303 -11.96 9.20 54.61
N ALA D 304 -11.38 8.05 54.25
CA ALA D 304 -10.60 7.29 55.21
C ALA D 304 -9.26 8.00 55.41
N VAL D 305 -8.73 7.88 56.63
CA VAL D 305 -7.48 8.62 56.97
C VAL D 305 -6.39 7.66 57.43
N ALA D 306 -5.22 8.18 57.79
CA ALA D 306 -4.08 7.32 58.15
C ALA D 306 -3.83 7.32 59.66
N LEU D 307 -4.27 8.38 60.36
CA LEU D 307 -4.15 8.40 61.83
C LEU D 307 -5.29 7.53 62.37
N LYS D 308 -4.96 6.36 62.89
CA LYS D 308 -5.98 5.41 63.39
C LYS D 308 -6.92 6.12 64.36
N SER D 309 -6.40 7.11 65.09
CA SER D 309 -7.22 7.83 66.09
C SER D 309 -8.49 8.40 65.45
N TYR D 310 -8.34 9.21 64.39
CA TYR D 310 -9.51 9.80 63.70
C TYR D 310 -10.25 8.71 62.93
N GLU D 311 -9.50 7.75 62.37
CA GLU D 311 -10.14 6.70 61.53
C GLU D 311 -11.13 5.90 62.35
N GLU D 312 -10.74 5.53 63.58
CA GLU D 312 -11.63 4.72 64.41
C GLU D 312 -13.00 5.37 64.60
N GLU D 313 -13.03 6.71 64.51
CA GLU D 313 -14.33 7.42 64.60
C GLU D 313 -14.90 7.62 63.19
N LEU D 314 -14.05 7.94 62.22
CA LEU D 314 -14.55 8.24 60.88
C LEU D 314 -15.13 7.01 60.19
N VAL D 315 -14.51 5.84 60.37
CA VAL D 315 -14.99 4.61 59.74
C VAL D 315 -16.45 4.33 60.12
N LYS D 316 -16.90 4.89 61.24
CA LYS D 316 -18.30 4.73 61.66
C LYS D 316 -19.27 5.36 60.67
N ASP D 317 -18.86 6.44 60.01
CA ASP D 317 -19.67 7.03 58.94
C ASP D 317 -19.77 6.05 57.78
N PRO D 318 -20.97 5.66 57.36
CA PRO D 318 -21.09 4.66 56.27
C PRO D 318 -20.47 5.11 54.96
N ARG D 319 -20.36 6.41 54.72
CA ARG D 319 -19.69 6.88 53.50
C ARG D 319 -18.23 6.48 53.49
N VAL D 320 -17.54 6.61 54.63
CA VAL D 320 -16.15 6.17 54.73
C VAL D 320 -16.08 4.65 54.64
N ALA D 321 -17.08 3.97 55.21
CA ALA D 321 -17.11 2.52 55.12
C ALA D 321 -17.26 2.07 53.67
N ALA D 322 -18.14 2.74 52.92
CA ALA D 322 -18.24 2.49 51.49
C ALA D 322 -16.94 2.82 50.79
N THR D 323 -16.30 3.93 51.16
CA THR D 323 -15.00 4.26 50.60
C THR D 323 -14.01 3.12 50.80
N MET D 324 -13.92 2.60 52.03
CA MET D 324 -12.95 1.55 52.28
C MET D 324 -13.35 0.23 51.64
N GLU D 325 -14.65 -0.02 51.48
CA GLU D 325 -15.08 -1.26 50.83
C GLU D 325 -14.68 -1.27 49.36
N ASN D 326 -14.92 -0.17 48.65
CA ASN D 326 -14.46 -0.08 47.25
C ASN D 326 -12.94 -0.08 47.18
N ALA D 327 -12.28 0.54 48.16
CA ALA D 327 -10.82 0.51 48.22
C ALA D 327 -10.31 -0.92 48.30
N GLN D 328 -10.96 -1.77 49.10
CA GLN D 328 -10.49 -3.14 49.25
C GLN D 328 -10.70 -3.95 47.98
N LYS D 329 -11.77 -3.67 47.24
CA LYS D 329 -11.99 -4.31 45.95
C LYS D 329 -11.06 -3.77 44.88
N GLY D 330 -10.37 -2.66 45.14
CA GLY D 330 -9.44 -2.06 44.19
C GLY D 330 -8.01 -2.51 44.39
N GLU D 331 -7.09 -1.63 43.99
CA GLU D 331 -5.64 -1.92 44.10
C GLU D 331 -4.95 -0.61 44.49
N ILE D 332 -3.88 -0.70 45.27
CA ILE D 332 -3.12 0.49 45.65
C ILE D 332 -2.23 0.91 44.48
N MET D 333 -2.26 2.20 44.16
CA MET D 333 -1.51 2.69 43.03
C MET D 333 0.00 2.51 43.26
N PRO D 334 0.76 2.22 42.19
CA PRO D 334 2.19 2.18 42.31
C PRO D 334 2.78 3.59 42.43
N ASN D 335 3.95 3.71 43.04
CA ASN D 335 4.66 4.98 43.14
C ASN D 335 5.82 5.07 42.16
N ILE D 336 6.02 4.06 41.32
CA ILE D 336 7.14 4.00 40.38
C ILE D 336 7.16 5.24 39.48
N PRO D 337 8.33 5.72 39.06
CA PRO D 337 8.38 6.96 38.27
C PRO D 337 7.64 6.89 36.94
N GLN D 338 7.26 5.70 36.48
CA GLN D 338 6.57 5.58 35.22
C GLN D 338 5.10 5.94 35.30
N MET D 339 4.60 6.32 36.47
CA MET D 339 3.14 6.56 36.60
C MET D 339 2.72 7.83 35.87
N SER D 340 3.59 8.83 35.76
CA SER D 340 3.22 10.03 35.00
C SER D 340 2.96 9.70 33.54
N ALA D 341 3.76 8.79 32.96
CA ALA D 341 3.57 8.44 31.56
C ALA D 341 2.35 7.54 31.38
N PHE D 342 2.14 6.65 32.34
CA PHE D 342 0.95 5.75 32.27
C PHE D 342 -0.31 6.62 32.24
N TRP D 343 -0.40 7.58 33.14
CA TRP D 343 -1.63 8.37 33.24
C TRP D 343 -1.85 9.20 31.98
N TYR D 344 -0.78 9.78 31.41
CA TYR D 344 -0.94 10.53 30.18
C TYR D 344 -1.42 9.63 29.06
N ALA D 345 -0.89 8.41 28.99
CA ALA D 345 -1.28 7.50 27.93
C ALA D 345 -2.74 7.09 28.07
N VAL D 346 -3.14 6.71 29.27
CA VAL D 346 -4.53 6.29 29.50
C VAL D 346 -5.48 7.47 29.31
N ARG D 347 -5.08 8.66 29.75
CA ARG D 347 -5.91 9.85 29.53
C ARG D 347 -6.22 10.04 28.05
N THR D 348 -5.18 10.00 27.21
CA THR D 348 -5.37 10.19 25.78
C THR D 348 -6.26 9.09 25.20
N ALA D 349 -6.05 7.83 25.62
CA ALA D 349 -6.85 6.74 25.09
C ALA D 349 -8.33 6.94 25.39
N VAL D 350 -8.68 7.24 26.64
CA VAL D 350 -10.09 7.34 27.01
C VAL D 350 -10.75 8.52 26.29
N ILE D 351 -10.09 9.68 26.31
CA ILE D 351 -10.65 10.85 25.65
C ILE D 351 -10.78 10.61 24.15
N ASN D 352 -9.77 9.99 23.54
CA ASN D 352 -9.83 9.76 22.09
C ASN D 352 -10.88 8.72 21.73
N ALA D 353 -11.00 7.67 22.53
CA ALA D 353 -12.00 6.64 22.25
C ALA D 353 -13.41 7.14 22.51
N ALA D 354 -13.59 8.01 23.52
CA ALA D 354 -14.92 8.51 23.80
C ALA D 354 -15.38 9.48 22.73
N SER D 355 -14.47 10.29 22.20
CA SER D 355 -14.75 11.29 21.18
C SER D 355 -14.84 10.71 19.77
N GLY D 356 -14.33 9.50 19.55
CA GLY D 356 -14.33 8.92 18.23
C GLY D 356 -13.07 9.20 17.44
N ARG D 357 -12.16 10.04 17.96
CA ARG D 357 -10.87 10.25 17.32
C ARG D 357 -10.15 8.93 17.03
N GLN D 358 -10.28 7.95 17.92
CA GLN D 358 -9.60 6.67 17.77
C GLN D 358 -10.59 5.56 18.13
N THR D 359 -10.36 4.37 17.58
CA THR D 359 -11.13 3.24 18.09
C THR D 359 -10.52 2.81 19.41
N VAL D 360 -11.30 2.07 20.20
CA VAL D 360 -10.78 1.57 21.47
C VAL D 360 -9.48 0.81 21.22
N ASP D 361 -9.49 -0.07 20.23
CA ASP D 361 -8.33 -0.90 19.94
C ASP D 361 -7.11 -0.04 19.60
N ALA D 362 -7.30 0.97 18.74
CA ALA D 362 -6.20 1.86 18.38
C ALA D 362 -5.78 2.70 19.58
N ALA D 363 -6.76 3.19 20.36
CA ALA D 363 -6.45 4.02 21.51
C ALA D 363 -5.62 3.26 22.55
N LEU D 364 -6.09 2.08 22.95
CA LEU D 364 -5.35 1.32 23.97
C LEU D 364 -4.06 0.76 23.41
N ALA D 365 -4.02 0.47 22.11
CA ALA D 365 -2.77 0.04 21.51
C ALA D 365 -1.72 1.15 21.62
N ALA D 366 -2.13 2.39 21.35
CA ALA D 366 -1.21 3.51 21.49
C ALA D 366 -0.78 3.70 22.94
N ALA D 367 -1.69 3.48 23.89
CA ALA D 367 -1.34 3.65 25.28
C ALA D 367 -0.39 2.56 25.77
N GLN D 368 -0.49 1.36 25.21
CA GLN D 368 0.40 0.25 25.62
C GLN D 368 1.83 0.59 25.23
N THR D 369 2.02 1.24 24.09
CA THR D 369 3.39 1.47 23.64
C THR D 369 4.02 2.66 24.34
N ASN D 370 3.22 3.49 25.00
CA ASN D 370 3.70 4.70 25.65
C ASN D 370 3.36 4.73 27.13
N ALA D 371 3.10 3.56 27.72
CA ALA D 371 2.67 3.50 29.14
C ALA D 371 3.87 3.66 30.09
N ALA D 372 5.00 3.09 29.72
CA ALA D 372 6.18 3.20 30.58
C ALA D 372 6.98 4.46 30.36
N ALA D 373 6.88 5.09 29.19
CA ALA D 373 7.69 6.27 28.91
C ALA D 373 6.94 7.20 27.98
N PHE D 374 7.18 8.50 28.17
CA PHE D 374 6.60 9.50 27.29
C PHE D 374 7.16 9.34 25.88
N LYS D 375 6.33 9.68 24.88
CA LYS D 375 6.79 9.61 23.50
C LYS D 375 8.00 10.50 23.30
N GLU D 376 8.11 11.58 24.07
CA GLU D 376 9.21 12.52 23.95
C GLU D 376 10.53 11.91 24.42
N SER D 377 10.48 10.81 25.17
CA SER D 377 11.68 10.11 25.63
C SER D 377 12.15 9.06 24.64
N GLN D 378 11.57 9.04 23.45
CA GLN D 378 11.94 8.07 22.44
C GLN D 378 13.10 8.59 21.61
N CYS D 379 13.95 7.66 21.15
CA CYS D 379 15.19 8.03 20.49
C CYS D 379 14.95 8.94 19.31
N HIS D 380 14.00 8.58 18.46
CA HIS D 380 13.76 9.38 17.25
C HIS D 380 13.32 10.80 17.61
N HIS D 381 12.45 10.95 18.60
CA HIS D 381 12.04 12.30 18.98
C HIS D 381 13.21 13.07 19.57
N MET D 382 14.02 12.42 20.42
CA MET D 382 15.12 13.11 21.08
C MET D 382 16.19 13.56 20.10
N LEU D 383 16.33 12.85 18.98
CA LEU D 383 17.32 13.27 17.99
C LEU D 383 16.89 14.55 17.29
N LYS D 384 15.58 14.78 17.19
CA LYS D 384 15.07 15.95 16.44
C LYS D 384 14.88 17.15 17.37
N HIS D 385 14.91 16.93 18.68
CA HIS D 385 14.76 18.02 19.65
C HIS D 385 15.87 17.86 20.69
N LEU D 386 17.01 18.49 20.43
CA LEU D 386 18.17 18.29 21.28
C LEU D 386 18.08 19.15 22.54
N HIS D 387 18.81 18.72 23.57
CA HIS D 387 18.80 19.35 24.89
C HIS D 387 17.39 19.45 25.46
N ASN D 388 16.69 18.32 25.47
CA ASN D 388 15.34 18.19 26.01
C ASN D 388 14.43 19.36 25.60
N GLY D 389 14.60 19.84 24.37
CA GLY D 389 13.85 20.97 23.87
C GLY D 389 13.98 22.24 24.70
N ALA D 390 15.12 22.43 25.33
CA ALA D 390 15.35 23.64 26.12
C ALA D 390 15.68 24.80 25.18
N ARG D 391 15.42 26.02 25.64
CA ARG D 391 15.73 27.18 24.83
C ARG D 391 17.20 27.51 25.03
N ILE D 392 17.98 27.47 23.95
CA ILE D 392 19.41 27.77 24.00
C ILE D 392 19.70 28.87 23.00
N THR D 393 20.21 29.99 23.48
CA THR D 393 20.58 31.12 22.65
C THR D 393 22.06 31.44 22.83
N VAL D 394 22.76 31.62 21.72
CA VAL D 394 24.20 31.86 21.71
C VAL D 394 24.43 33.37 21.75
N GLN D 395 25.30 33.79 22.67
CA GLN D 395 25.54 35.22 22.88
C GLN D 395 26.65 35.65 21.94
N MET D 396 26.25 36.33 20.86
CA MET D 396 27.20 36.83 19.87
C MET D 396 27.09 38.34 19.84
N PRO D 397 28.04 39.16 20.35
CA PRO D 397 29.35 38.70 20.76
C PRO D 397 29.34 38.15 22.19
N PRO D 398 30.27 37.25 22.51
CA PRO D 398 30.30 36.63 23.82
C PRO D 398 30.83 37.57 24.92
N THR D 399 30.25 37.47 26.11
CA THR D 399 30.74 38.23 27.25
C THR D 399 31.26 37.21 28.24
N ILE D 400 32.56 37.26 28.53
CA ILE D 400 33.16 36.24 29.40
C ILE D 400 33.46 36.76 30.79
N GLU D 401 33.34 38.06 31.03
CA GLU D 401 33.51 38.58 32.38
C GLU D 401 32.60 37.83 33.35
N GLY D 402 33.20 37.36 34.43
CA GLY D 402 32.50 36.69 35.51
C GLY D 402 33.34 35.53 36.02
N HIS D 403 32.73 34.72 36.88
CA HIS D 403 33.34 33.52 37.44
C HIS D 403 32.64 32.28 36.91
N TRP D 404 33.41 31.38 36.31
CA TRP D 404 32.89 30.16 35.68
C TRP D 404 33.52 28.92 36.31
N VAL D 405 32.69 27.90 36.60
CA VAL D 405 33.15 26.71 37.30
C VAL D 405 32.69 25.46 36.57
N SER D 406 33.40 24.37 36.85
CA SER D 406 33.04 23.05 36.32
C SER D 406 31.78 22.53 37.00
N THR D 407 31.12 21.57 36.36
CA THR D 407 29.92 20.96 36.91
C THR D 407 30.16 19.56 37.45
N GLY D 408 31.39 19.07 37.39
CA GLY D 408 31.70 17.73 37.87
C GLY D 408 33.17 17.44 37.69
N CYS D 409 33.53 16.18 37.90
CA CYS D 409 34.92 15.74 37.81
C CYS D 409 35.28 15.48 36.34
N GLU D 410 35.88 16.47 35.70
CA GLU D 410 36.25 16.36 34.29
C GLU D 410 37.41 15.39 34.10
N VAL D 411 37.50 14.84 32.90
CA VAL D 411 38.58 13.92 32.54
C VAL D 411 39.25 14.43 31.29
N ARG D 412 40.49 14.89 31.43
CA ARG D 412 41.34 15.16 30.28
C ARG D 412 42.20 13.94 29.98
N SER D 413 42.67 13.85 28.74
CA SER D 413 43.51 12.72 28.34
C SER D 413 44.74 12.63 29.23
N GLY D 414 45.13 11.40 29.54
CA GLY D 414 46.22 11.14 30.45
C GLY D 414 46.16 9.75 31.05
N PRO D 415 45.14 9.50 31.91
CA PRO D 415 44.05 10.40 32.25
C PRO D 415 44.46 11.53 33.18
N GLU D 416 43.71 12.62 33.12
CA GLU D 416 43.90 13.79 33.99
C GLU D 416 42.54 14.13 34.59
N PHE D 417 42.38 13.86 35.88
CA PHE D 417 41.14 14.16 36.60
C PHE D 417 41.26 15.55 37.23
N MET D 418 40.32 16.43 36.93
CA MET D 418 40.49 17.83 37.32
C MET D 418 39.15 18.57 37.30
N THR D 419 39.16 19.76 37.93
CA THR D 419 38.07 20.72 37.87
C THR D 419 38.65 22.10 37.56
N ARG D 420 37.80 22.99 37.05
CA ARG D 420 38.21 24.33 36.65
C ARG D 420 37.40 25.38 37.39
N SER D 421 38.06 26.50 37.72
CA SER D 421 37.39 27.68 38.30
C SER D 421 38.07 28.90 37.69
N TYR D 422 37.42 29.52 36.70
CA TYR D 422 38.03 30.56 35.88
C TYR D 422 37.34 31.90 36.14
N ARG D 423 38.14 32.92 36.46
CA ARG D 423 37.65 34.28 36.68
C ARG D 423 38.19 35.18 35.58
N PHE D 424 37.28 35.79 34.82
CA PHE D 424 37.63 36.77 33.79
C PHE D 424 37.15 38.14 34.24
N TYR D 425 38.08 39.10 34.30
CA TYR D 425 37.80 40.43 34.83
C TYR D 425 37.53 41.43 33.71
N ASN D 426 37.01 42.60 34.12
CA ASN D 426 36.65 43.63 33.16
C ASN D 426 37.85 44.26 32.48
N ASN D 427 39.02 44.26 33.10
CA ASN D 427 40.21 44.82 32.49
C ASN D 427 40.86 43.89 31.48
N ASN D 428 40.20 42.77 31.16
CA ASN D 428 40.68 41.77 30.20
C ASN D 428 41.85 40.96 30.74
N THR D 429 41.93 40.84 32.06
CA THR D 429 42.85 39.95 32.74
C THR D 429 42.06 38.79 33.33
N PHE D 430 42.76 37.71 33.68
CA PHE D 430 42.06 36.53 34.15
C PHE D 430 42.91 35.79 35.19
N LYS D 431 42.23 35.13 36.12
CA LYS D 431 42.86 34.21 37.05
C LYS D 431 42.16 32.87 36.94
N ALA D 432 42.90 31.83 36.54
CA ALA D 432 42.34 30.51 36.31
C ALA D 432 42.94 29.49 37.27
N TYR D 433 42.07 28.80 38.00
CA TYR D 433 42.45 27.68 38.85
C TYR D 433 42.20 26.37 38.11
N GLN D 434 43.21 25.52 38.04
CA GLN D 434 43.05 24.14 37.57
C GLN D 434 43.42 23.19 38.71
N PHE D 435 42.43 22.53 39.29
CA PHE D 435 42.61 21.59 40.40
C PHE D 435 42.71 20.16 39.88
N TYR D 436 43.79 19.44 40.21
CA TYR D 436 43.99 18.08 39.77
C TYR D 436 43.88 17.10 40.95
N TYR D 437 43.38 15.89 40.66
CA TYR D 437 43.14 14.87 41.66
C TYR D 437 43.71 13.53 41.21
N GLY D 438 43.62 12.54 42.10
CA GLY D 438 44.21 11.25 41.79
C GLY D 438 43.22 10.20 41.31
N SER D 439 41.93 10.49 41.43
CA SER D 439 40.89 9.54 41.07
C SER D 439 39.79 10.24 40.29
N ASN D 440 38.99 9.41 39.61
CA ASN D 440 37.86 9.89 38.81
C ASN D 440 36.74 10.47 39.68
N ARG D 441 36.92 10.44 40.98
CA ARG D 441 35.95 10.99 41.91
C ARG D 441 36.28 12.39 42.36
N CYS D 442 37.48 12.88 42.06
CA CYS D 442 37.90 14.24 42.41
C CYS D 442 37.69 14.50 43.90
N THR D 443 38.08 13.54 44.72
CA THR D 443 38.02 13.69 46.17
C THR D 443 39.37 13.84 46.83
N ASN D 444 40.47 13.61 46.10
CA ASN D 444 41.81 13.59 46.68
C ASN D 444 42.69 14.51 45.85
N PRO D 445 42.75 15.80 46.20
CA PRO D 445 43.56 16.75 45.43
C PRO D 445 45.02 16.35 45.41
N THR D 446 45.64 16.49 44.24
CA THR D 446 47.05 16.21 44.07
C THR D 446 47.82 17.52 43.99
N TYR D 447 47.61 18.28 42.93
CA TYR D 447 48.22 19.60 42.80
C TYR D 447 47.25 20.58 42.16
N THR D 448 47.50 21.87 42.38
CA THR D 448 46.66 22.95 41.87
C THR D 448 47.52 23.96 41.12
N LEU D 449 47.03 24.40 39.96
CA LEU D 449 47.69 25.42 39.16
C LEU D 449 46.90 26.72 39.20
N ILE D 450 47.59 27.84 39.31
CA ILE D 450 46.97 29.17 39.27
C ILE D 450 47.57 29.91 38.09
N ILE D 451 46.76 30.18 37.07
CA ILE D 451 47.20 30.73 35.81
C ILE D 451 46.64 32.14 35.66
N ARG D 452 47.55 33.12 35.58
CA ARG D 452 47.15 34.53 35.42
C ARG D 452 47.63 35.04 34.06
N GLY D 453 46.87 35.94 33.45
CA GLY D 453 47.24 36.41 32.12
C GLY D 453 46.27 37.38 31.49
N LYS D 454 46.39 37.46 30.17
CA LYS D 454 45.75 38.44 29.30
C LYS D 454 44.81 37.73 28.35
N ILE D 455 43.64 38.32 28.10
CA ILE D 455 42.70 37.76 27.09
C ILE D 455 42.08 38.91 26.28
N ARG D 456 42.06 38.78 24.96
CA ARG D 456 41.41 39.78 24.09
C ARG D 456 40.51 39.04 23.10
N LEU D 457 39.21 39.19 23.27
CA LEU D 457 38.25 38.51 22.37
C LEU D 457 38.38 39.15 21.00
N ARG D 458 38.43 38.32 19.98
CA ARG D 458 38.49 38.85 18.60
C ARG D 458 37.12 38.66 17.96
N GLN D 459 37.09 38.20 16.73
CA GLN D 459 35.80 38.13 16.02
C GLN D 459 35.32 36.69 15.84
N ALA D 460 34.12 36.54 15.30
CA ALA D 460 33.52 35.21 15.12
C ALA D 460 34.41 34.36 14.22
N SER D 461 34.35 33.05 14.44
CA SER D 461 35.13 32.13 13.64
C SER D 461 34.37 31.76 12.38
N TRP D 462 35.06 31.75 11.24
CA TRP D 462 34.43 31.28 9.99
C TRP D 462 34.86 29.83 9.77
N ILE D 463 35.66 29.29 10.69
CA ILE D 463 36.05 27.86 10.60
C ILE D 463 35.16 27.06 11.56
N ILE D 464 35.00 27.54 12.79
CA ILE D 464 34.07 26.87 13.73
C ILE D 464 32.84 27.75 13.88
N ARG D 465 31.77 27.42 13.15
CA ARG D 465 30.55 28.24 13.17
C ARG D 465 30.00 28.23 14.59
N GLY D 466 29.63 29.41 15.09
CA GLY D 466 29.18 29.55 16.46
C GLY D 466 30.28 29.86 17.44
N GLY D 467 31.54 29.78 17.01
CA GLY D 467 32.66 30.07 17.86
C GLY D 467 33.21 31.47 17.63
N THR D 468 33.84 32.00 18.68
CA THR D 468 34.50 33.32 18.57
C THR D 468 35.98 33.09 18.92
N GLU D 469 36.88 33.66 18.15
CA GLU D 469 38.33 33.48 18.37
C GLU D 469 38.83 34.52 19.38
N ALA D 470 39.87 34.17 20.12
CA ALA D 470 40.45 35.11 21.10
C ALA D 470 41.97 34.94 21.15
N ASP D 471 42.66 35.99 21.56
CA ASP D 471 44.13 35.90 21.72
C ASP D 471 44.41 35.98 23.22
N TYR D 472 45.46 35.30 23.67
CA TYR D 472 45.76 35.27 25.12
C TYR D 472 47.25 35.35 25.36
N GLN D 473 47.62 35.92 26.50
CA GLN D 473 49.02 35.97 26.89
C GLN D 473 49.12 35.62 28.36
N LEU D 474 50.00 34.67 28.67
CA LEU D 474 50.19 34.24 30.07
C LEU D 474 51.19 35.16 30.77
N HIS D 475 50.89 35.55 31.99
CA HIS D 475 51.80 36.43 32.78
C HIS D 475 52.51 35.59 33.83
N GLY D 476 51.83 34.57 34.36
CA GLY D 476 52.43 33.74 35.41
C GLY D 476 51.67 32.47 35.70
N VAL D 477 52.37 31.42 36.12
CA VAL D 477 51.73 30.14 36.52
C VAL D 477 52.40 29.64 37.79
N GLN D 478 51.62 29.41 38.84
CA GLN D 478 52.13 28.88 40.10
C GLN D 478 51.50 27.52 40.35
N VAL D 479 52.22 26.69 41.11
CA VAL D 479 51.77 25.34 41.43
C VAL D 479 51.84 25.13 42.92
N ILE D 480 50.81 24.48 43.46
CA ILE D 480 50.76 24.08 44.86
C ILE D 480 50.50 22.58 44.90
N CYS D 481 51.37 21.85 45.60
CA CYS D 481 51.18 20.42 45.81
C CYS D 481 50.49 20.19 47.15
N HIS D 482 49.55 19.25 47.17
CA HIS D 482 48.70 19.02 48.33
C HIS D 482 49.09 17.80 49.14
N THR D 483 49.97 16.95 48.64
CA THR D 483 50.53 15.85 49.41
C THR D 483 52.04 15.84 49.27
N GLU D 484 52.70 15.15 50.21
CA GLU D 484 54.16 15.08 50.17
C GLU D 484 54.63 14.29 48.95
N ALA D 485 53.93 13.23 48.60
CA ALA D 485 54.30 12.45 47.43
C ALA D 485 54.24 13.30 46.18
N VAL D 486 53.19 14.10 46.02
CA VAL D 486 53.05 14.96 44.85
C VAL D 486 54.19 15.98 44.81
N ALA D 487 54.50 16.59 45.96
CA ALA D 487 55.56 17.59 45.99
C ALA D 487 56.89 17.03 45.51
N GLU D 488 57.24 15.82 45.96
CA GLU D 488 58.48 15.21 45.48
C GLU D 488 58.39 14.79 44.01
N GLN D 489 57.28 14.16 43.60
CA GLN D 489 57.17 13.71 42.21
C GLN D 489 57.25 14.88 41.25
N LEU D 490 56.52 15.97 41.56
CA LEU D 490 56.53 17.14 40.68
C LEU D 490 57.88 17.82 40.67
N SER D 491 58.49 18.00 41.85
CA SER D 491 59.84 18.59 41.90
C SER D 491 60.82 17.78 41.09
N ARG D 492 60.77 16.45 41.20
CA ARG D 492 61.68 15.61 40.42
C ARG D 492 61.41 15.75 38.93
N LEU D 493 60.13 15.76 38.53
CA LEU D 493 59.79 15.88 37.12
C LEU D 493 60.21 17.23 36.56
N VAL D 494 60.00 18.32 37.30
CA VAL D 494 60.44 19.64 36.85
C VAL D 494 61.96 19.69 36.75
N ASN D 495 62.65 19.10 37.73
CA ASN D 495 64.11 19.07 37.71
C ASN D 495 64.62 18.26 36.53
N ARG D 496 64.06 17.07 36.32
CA ARG D 496 64.48 16.25 35.19
C ARG D 496 64.19 16.95 33.87
N THR D 497 63.03 17.58 33.76
CA THR D 497 62.62 18.23 32.52
C THR D 497 63.44 19.49 32.23
N CYS D 498 63.62 20.34 33.24
CA CYS D 498 64.30 21.62 33.07
C CYS D 498 65.43 21.74 34.09
N PRO D 499 66.57 21.12 33.84
CA PRO D 499 67.70 21.23 34.77
C PRO D 499 68.16 22.67 34.93
N GLY D 500 68.10 23.16 36.16
CA GLY D 500 68.50 24.56 36.42
C GLY D 500 67.34 25.45 36.85
N PHE D 501 66.10 25.06 36.57
CA PHE D 501 64.96 25.91 36.88
C PHE D 501 64.77 26.07 38.39
N LEU D 502 64.86 24.95 39.11
CA LEU D 502 64.65 24.99 40.58
C LEU D 502 65.94 25.46 41.25
N ALA D 503 65.80 26.23 42.31
CA ALA D 503 66.98 26.72 43.04
C ALA D 503 67.69 25.54 43.70
N PRO D 504 69.03 25.56 43.79
CA PRO D 504 69.75 24.49 44.46
C PRO D 504 69.35 24.53 45.93
N GLY D 505 69.09 23.35 46.52
CA GLY D 505 68.79 23.31 47.97
C GLY D 505 67.32 23.53 48.26
N GLY D 506 66.80 22.83 49.27
CA GLY D 506 65.38 22.96 49.62
C GLY D 506 64.50 22.27 48.60
N PRO D 507 63.97 21.06 48.87
CA PRO D 507 63.05 20.41 47.94
C PRO D 507 61.68 21.08 48.05
N TRP D 508 60.79 20.78 47.10
CA TRP D 508 59.42 21.35 47.13
C TRP D 508 58.62 20.70 48.27
N VAL D 509 57.88 21.50 49.03
CA VAL D 509 57.10 20.97 50.14
C VAL D 509 55.64 21.30 49.84
N GLN D 510 54.73 20.55 50.48
CA GLN D 510 53.31 20.72 50.20
C GLN D 510 52.79 22.04 50.76
N ASP D 511 51.63 22.44 50.23
CA ASP D 511 50.90 23.66 50.58
C ASP D 511 51.72 24.94 50.38
N VAL D 512 52.76 24.91 49.55
CA VAL D 512 53.56 26.10 49.26
C VAL D 512 53.49 26.35 47.76
N ALA D 513 53.23 27.60 47.38
CA ALA D 513 53.14 27.95 45.97
C ALA D 513 54.54 28.14 45.40
N TYR D 514 54.82 27.41 44.32
CA TYR D 514 56.07 27.49 43.60
C TYR D 514 55.79 27.96 42.19
N ASP D 515 56.74 28.71 41.64
CA ASP D 515 56.55 29.30 40.29
C ASP D 515 56.93 28.33 39.20
N LEU D 516 55.97 27.95 38.35
CA LEU D 516 56.23 27.17 37.16
C LEU D 516 56.46 28.06 35.96
N TRP D 517 56.05 29.32 36.10
CA TRP D 517 56.25 30.34 35.07
C TRP D 517 56.52 31.63 35.84
N GLN D 518 57.77 32.09 35.85
CA GLN D 518 58.16 33.31 36.61
C GLN D 518 57.51 34.53 35.96
N GLU D 519 57.13 35.52 36.75
CA GLU D 519 56.34 36.67 36.22
C GLU D 519 57.07 37.53 35.19
N GLU D 520 58.16 38.19 35.55
CA GLU D 520 58.77 39.14 34.58
C GLU D 520 59.71 38.40 33.62
N SER D 521 60.47 37.45 34.13
CA SER D 521 61.41 36.66 33.30
C SER D 521 60.63 35.86 32.27
N ASN D 522 59.49 35.31 32.67
CA ASN D 522 58.71 34.42 31.76
C ASN D 522 59.50 33.12 31.66
N HIS D 523 60.46 32.91 32.56
CA HIS D 523 61.18 31.62 32.62
C HIS D 523 60.15 30.59 33.06
N GLU D 524 60.05 29.47 32.35
CA GLU D 524 58.97 28.55 32.62
C GLU D 524 59.38 27.12 32.32
N CYS D 525 58.81 26.21 33.09
CA CYS D 525 58.90 24.77 32.84
C CYS D 525 57.50 24.15 32.87
N THR D 526 56.57 24.81 32.18
CA THR D 526 55.22 24.24 32.06
C THR D 526 55.23 22.97 31.23
N LYS D 527 56.24 22.79 30.37
CA LYS D 527 56.34 21.57 29.58
C LYS D 527 56.40 20.35 30.48
N ALA D 528 56.91 20.52 31.70
CA ALA D 528 57.07 19.41 32.65
C ALA D 528 55.77 18.64 32.83
N VAL D 529 54.65 19.34 32.89
CA VAL D 529 53.34 18.72 33.01
C VAL D 529 52.54 18.81 31.71
N ASN D 530 53.21 19.14 30.61
CA ASN D 530 52.58 19.26 29.29
C ASN D 530 51.36 20.19 29.32
N PHE D 531 51.59 21.39 29.82
CA PHE D 531 50.54 22.36 30.06
C PHE D 531 50.45 23.31 28.88
N ALA D 532 49.22 23.64 28.50
CA ALA D 532 48.98 24.69 27.53
C ALA D 532 47.64 25.33 27.85
N MET D 533 47.48 26.57 27.43
CA MET D 533 46.26 27.33 27.70
C MET D 533 45.56 27.73 26.41
N HIS D 534 45.77 26.97 25.34
CA HIS D 534 45.16 27.36 24.07
C HIS D 534 43.65 27.21 24.08
N GLU D 535 43.06 26.66 25.13
CA GLU D 535 41.62 26.62 25.24
C GLU D 535 41.00 28.01 25.24
N LEU D 536 41.77 29.05 25.60
CA LEU D 536 41.23 30.41 25.80
C LEU D 536 40.88 31.12 24.53
N GLN D 537 41.17 30.45 23.40
CA GLN D 537 41.15 31.09 22.06
C GLN D 537 39.95 30.72 21.19
N LEU D 538 39.09 29.86 21.66
CA LEU D 538 37.86 29.47 21.03
C LEU D 538 36.85 29.58 22.14
N ILE D 539 35.83 30.37 21.92
CA ILE D 539 34.93 30.75 22.99
C ILE D 539 33.50 30.70 22.48
N ARG D 540 32.61 30.17 23.31
N ARG D 540 32.61 30.18 23.32
CA ARG D 540 31.18 30.17 23.04
CA ARG D 540 31.18 30.17 23.04
C ARG D 540 30.45 30.31 24.36
C ARG D 540 30.45 30.31 24.36
N VAL D 541 29.53 31.27 24.42
CA VAL D 541 28.70 31.51 25.61
C VAL D 541 27.25 31.27 25.21
N GLU D 542 26.54 30.47 26.00
CA GLU D 542 25.15 30.14 25.74
C GLU D 542 24.28 30.50 26.93
N LYS D 543 23.14 31.09 26.64
CA LYS D 543 22.14 31.42 27.65
C LYS D 543 21.05 30.37 27.49
N GLN D 544 20.83 29.58 28.54
N GLN D 544 20.85 29.57 28.53
CA GLN D 544 19.95 28.43 28.48
CA GLN D 544 19.95 28.42 28.48
C GLN D 544 18.81 28.59 29.49
C GLN D 544 18.82 28.61 29.48
N TYR D 545 17.59 28.39 29.01
CA TYR D 545 16.42 28.33 29.87
C TYR D 545 16.00 26.88 29.91
N PRO D 546 16.35 26.12 30.95
CA PRO D 546 16.08 24.68 30.95
C PRO D 546 14.62 24.30 31.05
N HIS D 547 13.74 25.20 31.46
CA HIS D 547 12.32 24.88 31.59
C HIS D 547 11.53 25.89 30.77
N HIS D 548 10.67 25.37 29.91
CA HIS D 548 9.93 26.18 28.93
C HIS D 548 9.07 27.24 29.60
N SER D 549 8.48 26.92 30.75
CA SER D 549 7.56 27.81 31.44
C SER D 549 8.22 28.64 32.54
N LEU D 550 9.52 28.54 32.73
CA LEU D 550 10.17 29.20 33.86
C LEU D 550 11.21 30.22 33.41
N ASP D 551 11.42 31.23 34.25
CA ASP D 551 12.37 32.32 34.02
C ASP D 551 13.79 31.97 34.46
N HIS D 552 14.02 30.71 34.84
CA HIS D 552 15.29 30.27 35.41
C HIS D 552 16.36 30.24 34.32
N LEU D 553 17.44 31.02 34.49
CA LEU D 553 18.53 31.12 33.52
C LEU D 553 19.79 30.37 33.93
N VAL D 554 20.38 29.64 32.98
CA VAL D 554 21.66 28.94 33.14
C VAL D 554 22.60 29.40 32.02
N GLU D 555 23.76 29.93 32.40
CA GLU D 555 24.77 30.39 31.44
C GLU D 555 25.96 29.44 31.38
N GLU D 556 26.37 29.06 30.16
CA GLU D 556 27.44 28.10 29.95
C GLU D 556 28.52 28.68 29.03
N LEU D 557 29.78 28.56 29.45
CA LEU D 557 30.95 29.00 28.68
C LEU D 557 31.66 27.79 28.11
N PHE D 558 31.82 27.75 26.79
CA PHE D 558 32.50 26.67 26.10
C PHE D 558 33.89 27.13 25.66
N LEU D 559 34.92 26.44 26.14
CA LEU D 559 36.29 26.73 25.74
C LEU D 559 36.84 25.60 24.88
N GLY D 560 38.01 25.86 24.27
CA GLY D 560 38.55 24.94 23.28
C GLY D 560 38.92 23.59 23.87
N ASP D 561 38.90 22.57 23.01
CA ASP D 561 39.17 21.20 23.43
C ASP D 561 40.66 20.97 23.66
N ILE D 562 40.96 19.93 24.45
CA ILE D 562 42.32 19.55 24.79
C ILE D 562 42.74 18.37 23.90
N HIS D 563 43.96 18.45 23.37
CA HIS D 563 44.47 17.38 22.51
C HIS D 563 44.56 16.07 23.28
N THR D 564 44.21 14.97 22.61
CA THR D 564 44.26 13.65 23.25
C THR D 564 45.68 13.18 23.52
N ASP D 565 46.68 13.77 22.85
CA ASP D 565 48.09 13.46 23.09
C ASP D 565 48.69 14.64 23.84
N ALA D 566 49.09 14.41 25.10
CA ALA D 566 49.57 15.49 25.94
C ALA D 566 50.78 16.20 25.34
N THR D 567 51.64 15.46 24.64
CA THR D 567 52.80 16.08 24.01
C THR D 567 52.41 16.96 22.82
N GLN D 568 51.15 16.91 22.38
CA GLN D 568 50.71 17.69 21.23
C GLN D 568 50.00 18.97 21.62
N ARG D 569 49.81 19.21 22.92
CA ARG D 569 48.98 20.33 23.32
C ARG D 569 49.58 21.68 22.96
N VAL D 570 50.91 21.81 22.95
CA VAL D 570 51.50 23.11 22.59
C VAL D 570 51.22 23.46 21.15
N PHE D 571 51.12 22.47 20.27
CA PHE D 571 50.96 22.80 18.85
C PHE D 571 49.51 22.84 18.42
N TYR D 572 48.61 22.39 19.29
CA TYR D 572 47.20 22.23 18.88
C TYR D 572 46.37 23.48 19.07
N ARG D 573 45.72 23.91 18.00
CA ARG D 573 44.79 25.04 18.07
C ARG D 573 43.40 24.44 18.11
N PRO D 574 42.59 24.70 19.15
CA PRO D 574 41.26 24.09 19.28
C PRO D 574 40.35 24.26 18.08
N SER D 575 39.62 23.19 17.78
CA SER D 575 38.65 23.19 16.66
C SER D 575 37.30 22.70 17.23
N SER D 576 37.29 22.34 18.51
CA SER D 576 36.06 21.84 19.18
C SER D 576 36.02 22.42 20.59
N TYR D 577 35.15 21.89 21.46
CA TYR D 577 34.98 22.47 22.77
C TYR D 577 35.17 21.43 23.88
N GLN D 578 35.63 21.94 25.01
CA GLN D 578 35.63 21.22 26.27
C GLN D 578 34.19 21.13 26.77
N PRO D 579 33.90 20.27 27.74
CA PRO D 579 32.59 20.31 28.39
C PRO D 579 32.32 21.70 28.94
N PRO D 580 31.06 22.13 28.99
CA PRO D 580 30.78 23.52 29.35
C PRO D 580 31.06 23.81 30.81
N LEU D 581 31.45 25.06 31.07
CA LEU D 581 31.54 25.62 32.40
C LEU D 581 30.26 26.40 32.66
N GLN D 582 29.87 26.52 33.91
CA GLN D 582 28.67 27.27 34.25
C GLN D 582 29.00 28.52 35.06
N ASN D 583 28.16 29.53 34.90
CA ASN D 583 28.37 30.78 35.61
C ASN D 583 27.94 30.62 37.07
N ALA D 584 28.77 31.16 37.96
CA ALA D 584 28.48 31.06 39.39
C ALA D 584 27.21 31.82 39.77
N LYS D 585 26.82 32.82 38.97
CA LYS D 585 25.61 33.57 39.28
C LYS D 585 24.35 32.96 38.67
N ASN D 586 24.50 32.09 37.65
CA ASN D 586 23.37 31.53 36.90
C ASN D 586 23.68 30.05 36.59
N HIS D 587 23.53 29.18 37.57
CA HIS D 587 23.84 27.78 37.37
C HIS D 587 22.67 26.90 37.81
N ASN D 588 22.74 25.64 37.41
CA ASN D 588 21.74 24.65 37.80
C ASN D 588 21.73 24.48 39.31
N HIS D 589 20.53 24.51 39.89
CA HIS D 589 20.42 24.35 41.33
C HIS D 589 20.90 22.98 41.80
N ALA D 590 20.84 21.98 40.92
CA ALA D 590 21.27 20.63 41.25
C ALA D 590 22.78 20.46 41.22
N CYS D 591 23.53 21.41 40.66
CA CYS D 591 24.98 21.31 40.58
C CYS D 591 25.59 21.60 41.94
N ILE D 592 25.88 20.54 42.71
CA ILE D 592 26.55 20.75 43.98
C ILE D 592 28.03 21.09 43.75
N ALA D 593 28.63 20.51 42.72
CA ALA D 593 30.04 20.78 42.45
C ALA D 593 30.27 22.26 42.15
N CYS D 594 29.35 22.88 41.40
CA CYS D 594 29.47 24.31 41.09
C CYS D 594 29.63 25.11 42.38
N ARG D 595 28.84 24.74 43.39
CA ARG D 595 28.84 25.49 44.65
C ARG D 595 30.15 25.28 45.39
N ILE D 596 30.59 24.02 45.50
CA ILE D 596 31.85 23.69 46.18
C ILE D 596 33.02 24.34 45.47
N ILE D 597 33.01 24.31 44.13
CA ILE D 597 34.15 24.82 43.38
C ILE D 597 34.24 26.33 43.52
N PHE D 598 33.08 27.02 43.54
CA PHE D 598 33.10 28.47 43.58
C PHE D 598 33.86 29.02 44.78
N ARG D 599 33.69 28.40 45.95
CA ARG D 599 34.34 28.90 47.16
C ARG D 599 35.62 28.16 47.49
N SER D 600 36.44 27.88 46.48
CA SER D 600 37.64 27.09 46.64
C SER D 600 38.80 27.96 46.18
N ASP D 601 39.99 27.61 46.62
CA ASP D 601 41.19 28.33 46.24
C ASP D 601 42.37 27.39 46.30
N GLU D 602 43.55 27.94 46.02
CA GLU D 602 44.76 27.11 45.92
C GLU D 602 45.06 26.38 47.23
N HIS D 603 44.65 26.93 48.36
CA HIS D 603 44.90 26.30 49.65
C HIS D 603 43.72 25.48 50.15
N HIS D 604 42.56 25.56 49.49
CA HIS D 604 41.38 24.79 49.85
C HIS D 604 40.75 24.23 48.58
N PRO D 605 41.31 23.15 48.04
CA PRO D 605 40.83 22.63 46.75
C PRO D 605 39.43 22.07 46.87
N PRO D 606 38.67 22.01 45.76
CA PRO D 606 37.29 21.54 45.85
C PRO D 606 37.26 20.03 46.05
N ILE D 607 36.54 19.59 47.06
CA ILE D 607 36.36 18.17 47.33
C ILE D 607 34.96 17.80 46.85
N LEU D 608 34.90 17.01 45.80
CA LEU D 608 33.60 16.73 45.23
C LEU D 608 32.91 15.64 46.03
N PRO D 609 31.58 15.64 46.05
CA PRO D 609 30.85 14.63 46.80
C PRO D 609 31.23 13.24 46.34
N PRO D 610 31.31 12.28 47.26
CA PRO D 610 31.70 10.92 46.87
C PRO D 610 30.54 10.22 46.17
N LYS D 611 30.82 9.71 44.98
CA LYS D 611 29.86 8.95 44.19
C LYS D 611 30.46 7.60 43.86
N ALA D 612 29.60 6.58 43.78
CA ALA D 612 30.07 5.22 43.53
C ALA D 612 30.17 4.96 42.03
N ASP D 613 31.27 4.32 41.63
CA ASP D 613 31.41 3.92 40.23
C ASP D 613 30.37 2.85 39.91
N LEU D 614 29.71 3.01 38.78
CA LEU D 614 28.65 2.11 38.37
C LEU D 614 29.22 0.99 37.50
N THR D 615 28.49 -0.11 37.43
CA THR D 615 28.85 -1.19 36.54
C THR D 615 28.23 -0.94 35.18
N ILE D 616 28.98 -1.25 34.12
CA ILE D 616 28.54 -0.90 32.77
C ILE D 616 27.52 -1.95 32.32
N GLY D 617 26.29 -1.51 32.12
CA GLY D 617 25.25 -2.34 31.54
C GLY D 617 24.91 -1.83 30.16
N LEU D 618 25.72 -2.22 29.17
CA LEU D 618 25.60 -1.65 27.80
C LEU D 618 24.21 -1.81 27.17
N HIS D 619 23.39 -2.73 27.65
CA HIS D 619 22.10 -3.00 27.00
C HIS D 619 21.22 -1.76 26.89
N GLY D 620 20.61 -1.58 25.71
CA GLY D 620 19.59 -0.57 25.49
C GLY D 620 19.91 0.32 24.31
N GLU D 621 19.22 1.45 24.25
CA GLU D 621 19.42 2.44 23.20
C GLU D 621 19.86 3.76 23.82
N TRP D 622 20.82 4.41 23.16
CA TRP D 622 21.44 5.63 23.65
C TRP D 622 21.52 6.64 22.53
N VAL D 623 21.26 7.90 22.88
CA VAL D 623 21.19 8.96 21.87
C VAL D 623 21.97 10.19 22.34
N SER D 624 22.39 10.99 21.35
CA SER D 624 23.09 12.23 21.67
C SER D 624 22.18 13.20 22.40
N GLN D 625 22.78 13.97 23.30
CA GLN D 625 22.07 15.02 24.03
C GLN D 625 22.20 16.36 23.36
N ARG D 626 23.21 16.53 22.51
CA ARG D 626 23.41 17.83 21.90
C ARG D 626 24.00 17.59 20.53
N CYS D 627 23.95 18.63 19.72
CA CYS D 627 24.70 18.61 18.46
C CYS D 627 26.18 18.61 18.81
N GLU D 628 26.84 17.47 18.62
CA GLU D 628 28.23 17.33 19.04
C GLU D 628 29.16 17.96 18.02
N VAL D 629 30.18 18.65 18.53
CA VAL D 629 31.19 19.28 17.65
C VAL D 629 32.47 18.45 17.75
N ARG D 630 32.81 17.75 16.68
CA ARG D 630 34.00 16.88 16.74
C ARG D 630 35.16 17.63 16.09
N PRO D 631 36.40 17.47 16.60
CA PRO D 631 37.55 18.11 15.98
C PRO D 631 37.48 17.78 14.49
N GLU D 632 38.02 18.65 13.63
CA GLU D 632 38.00 18.45 12.16
C GLU D 632 36.87 19.27 11.55
N VAL D 633 36.21 20.11 12.34
CA VAL D 633 35.02 20.86 11.82
C VAL D 633 33.99 19.85 11.33
N LEU D 634 33.37 19.12 12.25
CA LEU D 634 32.31 18.17 11.87
C LEU D 634 31.22 18.17 12.94
N PHE D 635 29.98 18.44 12.55
CA PHE D 635 28.84 18.42 13.49
C PHE D 635 28.09 17.10 13.33
N LEU D 636 27.69 16.47 14.44
CA LEU D 636 27.07 15.17 14.35
C LEU D 636 26.21 14.87 15.57
N THR D 637 25.33 13.87 15.40
CA THR D 637 24.60 13.23 16.48
C THR D 637 24.77 11.72 16.36
N ARG D 638 24.49 11.01 17.44
CA ARG D 638 24.74 9.57 17.51
C ARG D 638 23.55 8.82 18.08
N HIS D 639 23.30 7.64 17.52
CA HIS D 639 22.31 6.70 18.03
C HIS D 639 22.96 5.33 18.11
N PHE D 640 23.04 4.77 19.32
CA PHE D 640 23.68 3.49 19.54
C PHE D 640 22.67 2.49 20.08
N ILE D 641 22.70 1.27 19.56
CA ILE D 641 21.83 0.19 19.99
C ILE D 641 22.70 -1.00 20.36
N PHE D 642 22.61 -1.43 21.62
CA PHE D 642 23.38 -2.56 22.14
C PHE D 642 22.46 -3.73 22.41
N HIS D 643 22.77 -4.87 21.84
CA HIS D 643 22.05 -6.12 22.10
C HIS D 643 22.91 -6.97 23.02
N ASP D 644 22.68 -6.83 24.34
N ASP D 644 22.67 -6.85 24.33
CA ASP D 644 23.45 -7.58 25.32
CA ASP D 644 23.45 -7.59 25.32
C ASP D 644 23.34 -9.09 25.12
C ASP D 644 23.36 -9.10 25.10
N ASN D 645 22.31 -9.57 24.42
CA ASN D 645 22.07 -11.01 24.31
C ASN D 645 23.15 -11.71 23.50
N ASN D 646 23.57 -11.13 22.37
CA ASN D 646 24.60 -11.75 21.54
C ASN D 646 25.81 -10.84 21.39
N ASN D 647 25.95 -9.86 22.29
CA ASN D 647 27.09 -8.92 22.24
C ASN D 647 27.22 -8.32 20.85
N THR D 648 26.11 -7.86 20.28
CA THR D 648 26.08 -7.22 18.98
C THR D 648 25.63 -5.77 19.18
N TRP D 649 26.08 -4.89 18.29
CA TRP D 649 25.84 -3.47 18.44
C TRP D 649 25.59 -2.82 17.09
N GLU D 650 24.76 -1.78 17.09
CA GLU D 650 24.51 -0.95 15.92
C GLU D 650 24.66 0.53 16.29
N GLY D 651 25.23 1.29 15.38
CA GLY D 651 25.41 2.71 15.58
C GLY D 651 24.99 3.52 14.37
N HIS D 652 24.31 4.63 14.63
CA HIS D 652 23.93 5.58 13.60
C HIS D 652 24.68 6.88 13.87
N TYR D 653 25.43 7.36 12.88
CA TYR D 653 26.19 8.61 12.99
C TYR D 653 25.61 9.60 11.99
N TYR D 654 24.86 10.57 12.48
CA TYR D 654 24.19 11.55 11.62
C TYR D 654 25.09 12.78 11.54
N HIS D 655 25.59 13.08 10.36
CA HIS D 655 26.52 14.17 10.15
C HIS D 655 25.77 15.39 9.61
N TYR D 656 26.20 16.56 10.06
CA TYR D 656 25.54 17.83 9.66
C TYR D 656 26.60 18.86 9.28
N SER D 657 26.19 20.04 8.81
CA SER D 657 27.11 21.09 8.37
C SER D 657 26.96 22.31 9.27
N ASP D 658 25.95 22.28 10.13
CA ASP D 658 25.65 23.44 10.95
C ASP D 658 25.81 23.12 12.42
N PRO D 659 26.18 24.10 13.26
CA PRO D 659 26.39 23.82 14.68
C PRO D 659 25.12 23.44 15.44
N VAL D 660 23.95 23.51 14.83
CA VAL D 660 22.71 23.13 15.48
C VAL D 660 22.13 21.85 14.89
N CYS D 661 22.84 21.20 13.99
CA CYS D 661 22.45 19.89 13.46
C CYS D 661 21.08 19.95 12.82
N LYS D 662 20.91 20.89 11.88
CA LYS D 662 19.67 21.03 11.13
C LYS D 662 19.83 20.81 9.64
N HIS D 663 21.05 20.80 9.12
CA HIS D 663 21.29 20.57 7.69
C HIS D 663 22.12 19.30 7.50
N PRO D 664 21.46 18.16 7.20
CA PRO D 664 22.15 16.90 7.10
C PRO D 664 23.04 16.78 5.86
N THR D 665 24.20 16.15 6.03
CA THR D 665 25.09 15.95 4.88
C THR D 665 25.25 14.49 4.52
N PHE D 666 25.57 13.62 5.48
CA PHE D 666 25.63 12.20 5.23
C PHE D 666 25.42 11.47 6.55
N THR D 667 25.01 10.21 6.46
CA THR D 667 24.70 9.40 7.62
C THR D 667 25.37 8.05 7.48
N ILE D 668 26.05 7.65 8.55
CA ILE D 668 26.80 6.36 8.54
C ILE D 668 26.17 5.38 9.52
N TYR D 669 25.81 4.20 9.04
CA TYR D 669 25.28 3.12 9.85
C TYR D 669 26.33 2.03 9.93
N ALA D 670 26.59 1.53 11.14
CA ALA D 670 27.56 0.47 11.35
C ALA D 670 26.97 -0.57 12.29
N ARG D 671 27.44 -1.81 12.14
CA ARG D 671 26.99 -2.92 12.94
C ARG D 671 28.17 -3.84 13.19
N GLY D 672 28.14 -4.54 14.32
CA GLY D 672 29.18 -5.49 14.64
C GLY D 672 29.04 -6.15 15.99
N ARG D 673 30.17 -6.60 16.52
CA ARG D 673 30.17 -7.31 17.81
C ARG D 673 31.06 -6.57 18.81
N TYR D 674 30.70 -6.64 20.08
CA TYR D 674 31.53 -6.02 21.13
C TYR D 674 32.03 -7.12 22.08
N SER D 675 33.27 -6.97 22.50
CA SER D 675 33.88 -7.95 23.44
C SER D 675 33.22 -7.82 24.80
N ARG D 676 33.76 -8.54 25.78
CA ARG D 676 33.27 -8.38 27.15
C ARG D 676 34.06 -7.24 27.77
N GLY D 677 33.64 -6.75 28.92
CA GLY D 677 34.30 -5.59 29.54
C GLY D 677 35.29 -5.93 30.63
N VAL D 678 36.51 -5.40 30.54
CA VAL D 678 37.51 -5.58 31.62
C VAL D 678 37.77 -4.19 32.20
N LEU D 679 37.78 -4.08 33.53
CA LEU D 679 38.05 -2.80 34.18
C LEU D 679 39.41 -2.26 33.77
N SER D 680 39.48 -0.94 33.62
CA SER D 680 40.70 -0.28 33.19
C SER D 680 41.67 -0.07 34.33
N SER D 681 42.95 -0.33 34.08
CA SER D 681 43.98 0.14 35.01
C SER D 681 44.54 1.51 34.64
N LYS D 682 44.35 1.94 33.41
CA LYS D 682 44.88 3.19 32.93
C LYS D 682 43.99 4.36 33.40
N VAL D 683 42.67 4.10 33.40
CA VAL D 683 41.64 5.09 33.64
C VAL D 683 40.70 4.57 34.73
N MET D 684 40.90 5.02 35.96
CA MET D 684 39.98 4.69 37.05
C MET D 684 38.56 5.07 36.67
N GLY D 685 37.63 4.14 36.83
CA GLY D 685 36.24 4.35 36.52
C GLY D 685 35.85 3.92 35.12
N GLY D 686 36.81 3.53 34.30
CA GLY D 686 36.53 3.14 32.93
C GLY D 686 36.57 1.64 32.76
N THR D 687 35.75 1.14 31.85
CA THR D 687 35.71 -0.27 31.51
C THR D 687 36.16 -0.40 30.06
N GLU D 688 37.10 -1.32 29.83
CA GLU D 688 37.69 -1.47 28.49
C GLU D 688 36.85 -2.40 27.63
N PHE D 689 36.81 -2.12 26.32
CA PHE D 689 35.96 -2.92 25.41
C PHE D 689 36.63 -3.02 24.05
N VAL D 690 36.43 -4.13 23.34
CA VAL D 690 36.96 -4.28 21.96
C VAL D 690 35.77 -4.39 21.02
N PHE D 691 35.67 -3.49 20.06
CA PHE D 691 34.51 -3.47 19.15
C PHE D 691 34.96 -3.82 17.74
N LYS D 692 34.22 -4.70 17.08
CA LYS D 692 34.55 -5.09 15.68
C LYS D 692 33.38 -4.72 14.79
N VAL D 693 33.63 -3.94 13.74
CA VAL D 693 32.55 -3.54 12.80
C VAL D 693 32.66 -4.40 11.54
N ASN D 694 31.64 -5.18 11.23
CA ASN D 694 31.63 -6.05 10.06
C ASN D 694 30.86 -5.46 8.89
N HIS D 695 29.84 -4.64 9.16
CA HIS D 695 28.99 -4.09 8.13
CA HIS D 695 29.00 -4.09 8.12
C HIS D 695 28.87 -2.58 8.31
N MET D 696 28.75 -1.89 7.18
CA MET D 696 28.73 -0.42 7.14
C MET D 696 27.88 0.07 5.97
N LYS D 697 26.97 1.01 6.22
CA LYS D 697 26.12 1.58 5.18
C LYS D 697 26.24 3.10 5.18
N VAL D 698 26.11 3.68 3.99
CA VAL D 698 26.24 5.14 3.83
C VAL D 698 24.98 5.67 3.14
N THR D 699 24.36 6.70 3.71
CA THR D 699 23.20 7.35 3.10
C THR D 699 23.44 8.85 2.90
N PRO D 700 23.63 9.33 1.67
CA PRO D 700 23.72 10.77 1.44
C PRO D 700 22.39 11.45 1.73
N MET D 701 22.46 12.65 2.30
CA MET D 701 21.21 13.36 2.72
C MET D 701 21.09 14.72 2.02
N ASP D 702 21.96 15.00 1.07
CA ASP D 702 21.86 16.23 0.29
C ASP D 702 22.28 15.91 -1.14
N ALA D 703 21.78 16.71 -2.10
CA ALA D 703 22.10 16.43 -3.50
C ALA D 703 23.60 16.59 -3.75
N ALA D 704 24.22 17.54 -3.08
CA ALA D 704 25.65 17.77 -3.25
C ALA D 704 26.45 16.56 -2.78
N THR D 705 25.98 15.91 -1.72
CA THR D 705 26.66 14.75 -1.18
C THR D 705 26.66 13.61 -2.18
N ALA D 706 25.51 13.31 -2.77
CA ALA D 706 25.44 12.24 -3.78
C ALA D 706 26.36 12.57 -4.96
N SER D 707 26.30 13.81 -5.44
CA SER D 707 27.10 14.21 -6.61
C SER D 707 28.59 14.01 -6.35
N LEU D 708 29.06 14.43 -5.19
CA LEU D 708 30.49 14.31 -4.89
C LEU D 708 30.89 12.85 -4.75
N LEU D 709 30.02 12.05 -4.15
CA LEU D 709 30.31 10.60 -4.00
C LEU D 709 30.40 9.98 -5.40
N ASN D 710 29.43 10.29 -6.26
CA ASN D 710 29.38 9.67 -7.61
C ASN D 710 30.59 10.11 -8.46
N VAL D 711 31.29 11.16 -8.07
CA VAL D 711 32.40 11.71 -8.90
C VAL D 711 33.74 11.29 -8.33
N PHE D 712 33.99 11.56 -7.05
CA PHE D 712 35.33 11.27 -6.46
C PHE D 712 35.39 9.84 -5.95
N SER D 713 34.27 9.11 -5.97
CA SER D 713 34.32 7.67 -5.61
C SER D 713 33.95 6.84 -6.85
N GLY D 714 32.65 6.55 -7.05
CA GLY D 714 32.19 5.80 -8.24
C GLY D 714 32.57 4.33 -8.18
N ASN D 715 33.87 4.02 -8.19
CA ASN D 715 34.32 2.61 -8.04
C ASN D 715 35.31 2.55 -6.87
N GLY D 718 33.17 2.10 -2.42
CA GLY D 718 31.74 2.17 -2.79
C GLY D 718 31.33 0.91 -3.52
N ALA D 719 30.17 0.35 -3.18
CA ALA D 719 29.69 -0.82 -3.93
C ALA D 719 29.50 -0.43 -5.39
N GLU D 720 29.07 0.81 -5.66
CA GLU D 720 28.77 1.22 -7.06
C GLU D 720 28.74 2.74 -7.20
N GLY D 721 28.91 3.25 -8.42
CA GLY D 721 28.84 4.70 -8.68
C GLY D 721 27.42 5.14 -8.98
N SER D 722 26.45 4.71 -8.15
CA SER D 722 25.02 5.06 -8.36
C SER D 722 24.47 5.72 -7.10
N TRP D 723 25.25 6.62 -6.49
CA TRP D 723 24.84 7.28 -5.22
C TRP D 723 23.63 8.19 -5.43
N GLN D 724 22.64 8.08 -4.55
CA GLN D 724 21.42 8.90 -4.66
C GLN D 724 21.02 9.35 -3.27
N VAL D 725 20.29 10.46 -3.17
CA VAL D 725 19.86 11.03 -1.90
C VAL D 725 18.79 10.17 -1.25
N GLY D 726 18.96 9.87 0.03
CA GLY D 726 17.95 9.14 0.78
C GLY D 726 18.05 7.64 0.64
N ILE D 727 18.94 7.19 -0.24
CA ILE D 727 19.10 5.74 -0.48
C ILE D 727 20.32 5.26 0.27
N GLN D 728 20.14 4.33 1.19
CA GLN D 728 21.25 3.73 1.90
C GLN D 728 21.94 2.75 0.97
N GLN D 729 23.27 2.85 0.92
CA GLN D 729 24.07 1.95 0.05
C GLN D 729 25.07 1.17 0.90
N ASP D 730 24.99 -0.14 0.89
CA ASP D 730 25.94 -0.95 1.64
C ASP D 730 27.32 -0.89 1.01
N VAL D 731 28.34 -0.89 1.87
CA VAL D 731 29.74 -0.77 1.39
C VAL D 731 30.56 -1.96 1.91
N THR D 732 29.96 -2.85 2.71
CA THR D 732 30.76 -3.94 3.25
C THR D 732 31.25 -4.89 2.17
N HIS D 733 30.67 -4.82 0.97
CA HIS D 733 31.07 -5.71 -0.11
C HIS D 733 32.37 -5.27 -0.77
N THR D 734 32.71 -3.99 -0.68
CA THR D 734 34.00 -3.50 -1.23
C THR D 734 35.06 -3.41 -0.13
N ASN D 735 34.80 -4.06 1.02
CA ASN D 735 35.73 -3.94 2.17
C ASN D 735 35.82 -2.46 2.58
N ILE D 742 36.29 3.58 3.33
CA ILE D 742 36.86 3.17 4.66
C ILE D 742 37.21 1.68 4.61
N LYS D 743 37.90 1.18 5.64
CA LYS D 743 38.28 -0.26 5.72
C LYS D 743 37.24 -0.95 6.59
N LEU D 744 36.40 -1.80 6.00
CA LEU D 744 35.27 -2.34 6.80
C LEU D 744 35.73 -3.36 7.83
N PRO D 745 36.57 -4.37 7.53
CA PRO D 745 37.02 -5.26 8.59
C PRO D 745 37.73 -4.26 9.50
N HIS D 746 37.11 -3.92 10.64
N HIS D 746 37.11 -3.92 10.64
CA HIS D 746 37.70 -2.88 11.52
CA HIS D 746 37.69 -2.87 11.52
C HIS D 746 37.55 -3.19 13.00
C HIS D 746 37.55 -3.21 13.00
N THR D 747 38.66 -3.14 13.74
CA THR D 747 38.61 -3.40 15.17
C THR D 747 38.94 -2.10 15.91
N GLU D 748 38.19 -1.80 16.96
CA GLU D 748 38.40 -0.58 17.73
C GLU D 748 38.46 -0.91 19.21
N TYR D 749 39.47 -0.35 19.88
CA TYR D 749 39.67 -0.55 21.31
C TYR D 749 39.09 0.65 22.05
N GLU D 750 38.06 0.40 22.85
CA GLU D 750 37.22 1.44 23.42
C GLU D 750 37.29 1.48 24.94
N ILE D 751 36.88 2.62 25.48
CA ILE D 751 36.75 2.85 26.92
C ILE D 751 35.36 3.42 27.18
N PHE D 752 34.65 2.86 28.17
CA PHE D 752 33.27 3.21 28.43
C PHE D 752 33.07 3.48 29.93
N LYS D 753 32.14 4.39 30.24
CA LYS D 753 31.72 4.63 31.61
C LYS D 753 30.25 5.01 31.59
N MET D 754 29.53 4.63 32.65
CA MET D 754 28.12 4.96 32.79
C MET D 754 27.90 5.70 34.10
N GLU D 755 27.14 6.79 34.04
CA GLU D 755 26.84 7.62 35.19
C GLU D 755 25.34 7.93 35.18
N GLN D 756 24.90 8.66 36.20
CA GLN D 756 23.50 9.05 36.30
C GLN D 756 23.40 10.55 36.52
N ASP D 757 22.50 11.18 35.77
CA ASP D 757 22.31 12.61 35.91
C ASP D 757 21.38 12.89 37.09
N THR D 758 21.05 14.17 37.30
CA THR D 758 20.24 14.57 38.44
C THR D 758 18.79 14.12 38.32
N ARG D 759 18.30 13.86 37.11
CA ARG D 759 16.95 13.35 36.91
C ARG D 759 16.91 11.83 36.94
N GLY D 760 17.98 11.19 37.40
CA GLY D 760 18.07 9.75 37.46
C GLY D 760 18.23 9.07 36.13
N ARG D 761 18.54 9.81 35.07
CA ARG D 761 18.76 9.21 33.75
C ARG D 761 20.21 8.75 33.62
N TYR D 762 20.39 7.64 32.90
CA TYR D 762 21.69 7.03 32.73
C TYR D 762 22.43 7.65 31.55
N LEU D 763 23.73 7.88 31.74
CA LEU D 763 24.59 8.52 30.76
C LEU D 763 25.68 7.56 30.33
N LEU D 764 25.87 7.41 29.03
CA LEU D 764 26.91 6.55 28.47
C LEU D 764 28.00 7.40 27.83
N PHE D 765 29.24 7.24 28.30
CA PHE D 765 30.41 7.91 27.76
C PHE D 765 31.28 6.89 27.04
N ASN D 766 31.70 7.21 25.82
CA ASN D 766 32.69 6.38 25.13
C ASN D 766 33.97 7.19 24.88
N GLY D 767 34.98 6.50 24.37
CA GLY D 767 36.31 7.09 24.31
C GLY D 767 36.36 8.30 23.39
N GLN D 768 37.13 9.30 23.80
CA GLN D 768 37.33 10.47 22.96
C GLN D 768 38.01 10.06 21.66
N ARG D 769 37.53 10.62 20.55
CA ARG D 769 38.14 10.30 19.27
C ARG D 769 39.50 10.97 19.20
N PRO D 770 40.54 10.26 18.76
CA PRO D 770 41.87 10.86 18.67
C PRO D 770 41.87 12.20 17.96
N SER D 771 42.52 13.19 18.55
CA SER D 771 42.51 14.57 18.00
C SER D 771 43.17 14.64 16.62
N ASP D 772 43.95 13.61 16.26
CA ASP D 772 44.64 13.56 14.94
C ASP D 772 43.66 13.08 13.85
N GLY D 773 42.52 12.54 14.24
CA GLY D 773 41.52 12.04 13.27
C GLY D 773 41.66 10.55 13.08
N SER D 774 42.74 9.96 13.61
CA SER D 774 42.98 8.54 13.47
C SER D 774 42.02 7.74 14.36
N SER D 775 42.13 6.41 14.27
CA SER D 775 41.25 5.48 14.96
C SER D 775 41.98 4.74 16.08
N PRO D 776 41.27 4.37 17.15
CA PRO D 776 41.88 3.50 18.18
C PRO D 776 42.00 2.06 17.71
N ASP D 777 42.86 1.83 16.72
CA ASP D 777 42.97 0.53 16.07
C ASP D 777 43.96 -0.42 16.73
N ARG D 778 44.62 0.00 17.80
CA ARG D 778 45.56 -0.82 18.55
C ARG D 778 45.28 -0.64 20.04
N PRO D 779 45.54 -1.67 20.86
CA PRO D 779 45.23 -1.53 22.30
C PRO D 779 45.90 -0.33 22.96
N GLU D 780 47.12 0.00 22.56
CA GLU D 780 47.82 1.13 23.16
C GLU D 780 47.29 2.46 22.65
N LYS D 781 46.46 2.45 21.61
CA LYS D 781 45.81 3.65 21.12
C LYS D 781 44.44 3.85 21.75
N ARG D 782 44.05 2.97 22.69
CA ARG D 782 42.79 3.17 23.41
C ARG D 782 42.81 4.53 24.09
N ALA D 783 41.65 5.16 24.16
CA ALA D 783 41.58 6.50 24.71
C ALA D 783 41.77 6.47 26.23
N THR D 784 42.17 7.62 26.78
CA THR D 784 42.25 7.81 28.22
C THR D 784 41.32 8.92 28.70
N SER D 785 40.34 9.31 27.88
CA SER D 785 39.35 10.32 28.21
C SER D 785 38.12 10.04 27.36
N TYR D 786 37.05 10.81 27.58
CA TYR D 786 35.76 10.45 27.01
C TYR D 786 35.15 11.57 26.17
N GLN D 787 34.19 11.16 25.33
CA GLN D 787 33.36 12.07 24.55
C GLN D 787 32.22 12.61 25.41
N MET D 788 31.41 13.49 24.84
CA MET D 788 30.24 13.98 25.54
C MET D 788 29.23 12.83 25.72
N PRO D 789 28.53 12.79 26.85
CA PRO D 789 27.73 11.61 27.15
C PRO D 789 26.49 11.50 26.29
N LEU D 790 26.08 10.26 26.04
CA LEU D 790 24.80 9.93 25.43
C LEU D 790 23.81 9.63 26.55
N VAL D 791 22.53 9.81 26.24
CA VAL D 791 21.47 9.58 27.21
C VAL D 791 20.62 8.40 26.77
N GLN D 792 20.11 7.65 27.75
CA GLN D 792 19.29 6.48 27.45
C GLN D 792 17.96 6.91 26.84
N CYS D 793 17.55 6.20 25.79
CA CYS D 793 16.28 6.48 25.12
C CYS D 793 15.57 5.18 24.75
N ALA D 794 14.25 5.31 24.55
CA ALA D 794 13.38 4.21 24.16
C ALA D 794 13.06 4.29 22.67
N SER D 795 12.89 3.13 22.02
CA SER D 795 12.46 3.15 20.64
C SER D 795 11.00 2.70 20.51
N SER D 796 10.63 2.22 19.34
CA SER D 796 9.30 1.67 19.10
C SER D 796 9.32 0.61 18.01
C2 BGC E . -59.98 -9.09 12.62
C3 BGC E . -58.81 -9.51 11.73
C4 BGC E . -59.35 -9.98 10.36
C5 BGC E . -60.49 -9.11 9.82
C6 BGC E . -61.17 -9.67 8.58
C1 BGC E . -60.72 -8.10 11.77
O1 BGC E . -61.53 -7.23 12.54
O2 BGC E . -59.52 -8.50 13.81
O3 BGC E . -58.04 -10.50 12.37
O4 BGC E . -58.30 -9.82 9.45
O5 BGC E . -61.44 -8.85 10.83
O6 BGC E . -61.99 -8.66 8.03
C1 GLC E . -57.59 -11.05 9.26
C2 GLC E . -56.11 -10.72 9.31
C3 GLC E . -55.82 -9.70 8.22
C4 GLC E . -56.20 -10.32 6.88
C5 GLC E . -57.67 -10.75 6.92
C6 GLC E . -58.07 -11.44 5.63
O2 GLC E . -55.74 -10.21 10.58
O3 GLC E . -54.45 -9.34 8.21
O4 GLC E . -55.98 -9.39 5.83
O5 GLC E . -57.88 -11.63 8.01
O6 GLC E . -59.47 -11.48 5.55
C2 BGC F . -26.00 -46.51 10.08
C3 BGC F . -24.88 -46.69 9.06
C4 BGC F . -25.41 -46.43 7.65
C5 BGC F . -26.36 -45.22 7.56
C6 BGC F . -27.06 -45.07 6.22
C1 BGC F . -26.52 -45.12 9.75
O1 BGC F . -27.17 -44.45 10.82
O2 BGC F . -25.54 -46.60 11.40
O3 BGC F . -24.30 -47.97 9.18
O4 BGC F . -24.30 -46.01 6.91
O5 BGC F . -27.31 -45.26 8.60
O6 BGC F . -27.68 -43.80 6.21
C1 GLC F . -23.85 -47.08 6.07
C2 GLC F . -22.34 -47.04 6.08
C3 GLC F . -21.86 -45.69 5.56
C4 GLC F . -22.40 -45.51 4.16
C5 GLC F . -23.91 -45.67 4.17
C6 GLC F . -24.45 -45.63 2.75
O2 GLC F . -21.83 -47.26 7.37
O3 GLC F . -20.45 -45.71 5.51
O4 GLC F . -22.09 -44.21 3.72
O5 GLC F . -24.27 -46.93 4.74
O6 GLC F . -25.84 -45.40 2.79
C2 BGC G . 27.46 53.53 -45.74
C3 BGC G . 28.04 52.51 -44.77
C4 BGC G . 27.83 52.99 -43.32
C5 BGC G . 26.43 53.59 -43.08
C6 BGC G . 26.31 54.27 -41.72
C1 BGC G . 26.03 53.68 -45.26
O1 BGC G . 25.18 54.20 -46.27
O2 BGC G . 27.50 53.08 -47.07
O3 BGC G . 29.39 52.23 -45.05
O4 BGC G . 27.95 51.87 -42.43
O5 BGC G . 26.09 54.48 -44.11
O6 BGC G . 24.94 54.54 -41.49
C1 GLC G . 29.23 51.81 -41.91
C2 GLC G . 29.65 50.40 -42.01
C3 GLC G . 28.69 49.52 -41.21
C4 GLC G . 28.71 50.01 -39.76
C5 GLC G . 28.38 51.50 -39.73
C6 GLC G . 28.54 52.02 -38.31
O2 GLC G . 29.67 49.94 -43.35
O3 GLC G . 29.06 48.16 -41.24
O4 GLC G . 27.79 49.27 -38.99
O5 GLC G . 29.27 52.18 -40.60
O6 GLC G . 27.92 53.28 -38.22
C2 BGC H . -7.38 12.71 43.60
C3 BGC H . -6.30 12.01 42.78
C4 BGC H . -6.76 11.81 41.32
C5 BGC H . -7.53 13.01 40.77
C6 BGC H . -8.19 12.73 39.43
C1 BGC H . -7.68 13.93 42.77
O1 BGC H . -8.26 14.99 43.51
O2 BGC H . -6.90 13.07 44.87
O3 BGC H . -5.95 10.78 43.39
O4 BGC H . -5.59 11.80 40.55
O5 BGC H . -8.47 13.49 41.71
O6 BGC H . -8.66 13.94 38.88
C1 GLC H . -5.14 10.49 40.21
C2 GLC H . -3.65 10.38 40.42
C3 GLC H . -2.95 11.36 39.47
C4 GLC H . -3.32 10.97 38.05
C5 GLC H . -4.84 10.99 37.91
C6 GLC H . -5.24 10.54 36.51
O2 GLC H . -3.29 10.68 41.76
O3 GLC H . -1.55 11.33 39.64
O4 GLC H . -2.69 11.82 37.11
O5 GLC H . -5.42 10.13 38.87
O6 GLC H . -6.58 10.89 36.26
C1 NAG I . -17.16 28.91 0.46
C2 NAG I . -15.90 29.38 1.19
C3 NAG I . -15.58 28.40 2.34
C4 NAG I . -16.78 28.27 3.26
C5 NAG I . -18.01 27.86 2.45
C6 NAG I . -19.28 27.81 3.29
C7 NAG I . -14.49 30.63 -0.37
C8 NAG I . -13.29 30.59 -1.27
N2 NAG I . -14.77 29.50 0.30
O3 NAG I . -14.46 28.87 3.08
O4 NAG I . -16.53 27.27 4.24
O5 NAG I . -18.25 28.80 1.39
O6 NAG I . -19.61 29.08 3.83
O7 NAG I . -15.19 31.63 -0.27
C1 NAG J . 13.38 5.17 1.46
C2 NAG J . 14.06 4.84 2.78
C3 NAG J . 15.54 4.60 2.59
C4 NAG J . 15.76 3.55 1.50
C5 NAG J . 15.02 3.96 0.25
C6 NAG J . 15.18 2.92 -0.84
C7 NAG J . 13.88 5.71 5.03
C8 NAG J . 14.09 6.93 5.89
N2 NAG J . 13.85 5.92 3.73
O3 NAG J . 16.13 4.15 3.81
O4 NAG J . 17.15 3.39 1.24
O5 NAG J . 13.64 4.12 0.53
O6 NAG J . 14.28 1.83 -0.55
O7 NAG J . 13.73 4.60 5.52
C1 NAG K . -30.22 -28.80 -13.85
C2 NAG K . -30.49 -29.40 -15.23
C3 NAG K . -31.63 -28.65 -15.92
C4 NAG K . -32.85 -28.61 -15.02
C5 NAG K . -32.47 -28.02 -13.66
C6 NAG K . -33.63 -28.05 -12.67
C7 NAG K . -28.39 -30.36 -16.06
C8 NAG K . -27.21 -30.18 -16.97
N2 NAG K . -29.30 -29.39 -16.06
O3 NAG K . -31.96 -29.31 -17.14
O4 NAG K . -33.87 -27.80 -15.61
O5 NAG K . -31.42 -28.79 -13.08
O6 NAG K . -33.18 -28.41 -11.36
O7 NAG K . -28.51 -31.36 -15.34
C1 PLM L . -22.58 -10.23 -14.67
O1 PLM L . -23.47 -9.57 -15.29
O2 PLM L . -22.75 -10.86 -13.64
C2 PLM L . -21.24 -10.18 -15.32
C3 PLM L . -21.30 -10.89 -16.63
C4 PLM L . -21.28 -9.85 -17.73
C5 PLM L . -20.48 -10.30 -18.90
C6 PLM L . -21.15 -9.89 -20.18
C7 PLM L . -22.25 -10.85 -20.51
C8 PLM L . -21.83 -11.71 -21.67
C9 PLM L . -21.11 -12.93 -21.15
CA PLM L . -22.09 -14.04 -20.94
CB PLM L . -22.22 -14.42 -19.48
CC PLM L . -20.85 -14.58 -18.85
CD PLM L . -20.87 -14.26 -17.36
CE PLM L . -20.55 -15.48 -16.51
CF PLM L . -20.40 -15.13 -15.04
CG PLM L . -21.46 -14.15 -14.62
C1 GOL M . 11.15 18.14 -9.17
O1 GOL M . 12.34 18.14 -8.43
C2 GOL M . 10.02 17.75 -8.21
O2 GOL M . 8.91 18.53 -8.37
C3 GOL M . 9.73 16.27 -8.52
O3 GOL M . 10.76 15.52 -7.96
CL CL N . -31.41 -17.03 0.04
C1 NAG O . 18.99 -4.03 -0.33
C2 NAG O . 20.27 -3.55 0.33
C3 NAG O . 20.65 -4.52 1.44
C4 NAG O . 19.49 -4.70 2.41
C5 NAG O . 18.18 -5.00 1.67
C6 NAG O . 16.97 -4.95 2.57
C7 NAG O . 22.08 -2.33 -0.79
C8 NAG O . 23.12 -2.38 -1.86
N2 NAG O . 21.34 -3.44 -0.64
O3 NAG O . 21.79 -4.03 2.14
O4 NAG O . 19.76 -5.78 3.29
O5 NAG O . 17.95 -4.04 0.62
O6 NAG O . 15.87 -4.32 1.94
O7 NAG O . 21.92 -1.35 -0.08
C1 NAG P . 45.68 -24.43 7.22
C2 NAG P . 45.99 -24.78 8.66
C3 NAG P . 46.32 -23.54 9.46
C4 NAG P . 47.40 -22.72 8.76
C5 NAG P . 47.02 -22.48 7.30
C6 NAG P . 48.14 -21.76 6.55
C7 NAG P . 44.58 -26.72 9.05
C8 NAG P . 43.40 -27.26 9.80
N2 NAG P . 44.85 -25.44 9.26
O3 NAG P . 46.76 -23.92 10.76
O4 NAG P . 47.55 -21.46 9.42
O5 NAG P . 46.78 -23.72 6.67
O6 NAG P . 48.01 -22.09 5.17
O7 NAG P . 45.25 -27.41 8.31
C1 NAG Q . 3.45 -61.14 -14.01
C2 NAG Q . 3.22 -61.53 -15.46
C3 NAG Q . 2.26 -60.55 -16.09
C4 NAG Q . 0.98 -60.53 -15.26
C5 NAG Q . 1.31 -60.21 -13.82
C6 NAG Q . 0.05 -60.23 -12.96
C7 NAG Q . 5.01 -62.68 -16.58
C8 NAG Q . 6.46 -62.65 -16.93
N2 NAG Q . 4.48 -61.54 -16.16
O3 NAG Q . 1.98 -60.96 -17.43
O4 NAG Q . 0.08 -59.54 -15.77
O5 NAG Q . 2.21 -61.18 -13.32
O6 NAG Q . -0.05 -58.99 -12.25
O7 NAG Q . 4.34 -63.69 -16.71
C1 GOL R . 12.91 -46.80 -12.98
O1 GOL R . 11.67 -47.42 -13.15
C2 GOL R . 13.61 -46.72 -14.37
O2 GOL R . 14.91 -46.26 -14.26
C3 GOL R . 13.53 -48.14 -14.95
O3 GOL R . 14.69 -48.31 -15.72
C1 GOL S . 1.75 -53.05 -25.77
O1 GOL S . 2.47 -54.04 -25.07
C2 GOL S . 1.03 -52.16 -24.72
O2 GOL S . 0.86 -52.79 -23.50
C3 GOL S . 1.88 -50.88 -24.62
O3 GOL S . 0.99 -49.80 -24.55
CL CL T . 12.93 -42.92 -15.18
C1 NAG U . -4.14 5.76 -33.36
C2 NAG U . -4.90 4.61 -34.02
C3 NAG U . -4.24 4.21 -35.33
C4 NAG U . -4.06 5.43 -36.23
C5 NAG U . -3.37 6.58 -35.48
C6 NAG U . -3.32 7.85 -36.28
C7 NAG U . -5.96 3.31 -32.22
C8 NAG U . -5.89 2.06 -31.38
N2 NAG U . -5.00 3.46 -33.12
O3 NAG U . -5.05 3.26 -36.00
O4 NAG U . -3.26 5.06 -37.35
O5 NAG U . -4.09 6.87 -34.26
O6 NAG U . -4.54 8.59 -36.19
O7 NAG U . -6.85 4.14 -32.06
C1 NAG V . 22.56 -20.76 -37.21
C2 NAG V . 22.89 -21.53 -38.48
C3 NAG V . 23.25 -22.97 -38.16
C4 NAG V . 24.31 -22.99 -37.07
C5 NAG V . 23.80 -22.24 -35.87
C6 NAG V . 24.80 -22.29 -34.72
C7 NAG V . 21.87 -21.24 -40.63
C8 NAG V . 20.61 -21.38 -41.44
N2 NAG V . 21.75 -21.53 -39.35
O3 NAG V . 23.77 -23.59 -39.34
O4 NAG V . 24.57 -24.36 -36.72
O5 NAG V . 23.59 -20.88 -36.24
O6 NAG V . 25.57 -21.09 -34.71
O7 NAG V . 22.92 -20.88 -41.13
C1 NAG W . 51.94 27.42 -22.15
C2 NAG W . 52.58 27.64 -20.78
C3 NAG W . 51.64 28.47 -19.90
C4 NAG W . 51.19 29.73 -20.61
C5 NAG W . 50.71 29.45 -22.03
C6 NAG W . 50.50 30.71 -22.83
C7 NAG W . 54.08 25.76 -20.24
C8 NAG W . 54.21 24.47 -19.49
N2 NAG W . 52.89 26.37 -20.13
O3 NAG W . 52.35 28.83 -18.71
O4 NAG W . 50.12 30.33 -19.88
O5 NAG W . 51.68 28.67 -22.75
O6 NAG W . 49.93 30.44 -24.10
O7 NAG W . 54.99 26.23 -20.90
C1 GOL X . 43.85 28.00 -10.29
O1 GOL X . 45.17 28.39 -10.10
C2 GOL X . 43.27 28.91 -11.40
O2 GOL X . 44.18 29.13 -12.41
C3 GOL X . 42.00 28.17 -11.91
O3 GOL X . 41.07 28.17 -10.87
C1 DMX Y . 45.27 51.54 -57.67
C2 DMX Y . 45.30 52.94 -57.72
C3 DMX Y . 45.72 53.64 -56.61
C4 DMX Y . 46.09 52.97 -55.43
C5 DMX Y . 46.05 51.58 -55.40
C6 DMX Y . 45.64 50.87 -56.51
C7 DMX Y . 46.53 53.73 -54.23
N8 DMX Y . 45.52 54.68 -53.50
C9 DMX Y . 44.18 53.99 -53.08
C10 DMX Y . 42.97 54.23 -50.90
S11 DMX Y . 42.21 55.46 -49.76
C12 DMX Y . 46.24 55.05 -52.20
C13 DMX Y . 45.30 55.98 -54.24
O14 DMX Y . 41.90 56.55 -50.62
O15 DMX Y . 43.28 55.68 -48.84
O16 DMX Y . 41.09 54.77 -49.21
C17 DMX Y . 43.21 54.85 -52.25
C1 DMX Z . 23.66 -4.09 -35.04
C2 DMX Z . 22.93 -4.29 -36.22
C3 DMX Z . 23.60 -4.49 -37.41
C4 DMX Z . 24.99 -4.49 -37.43
C5 DMX Z . 25.71 -4.30 -36.26
C6 DMX Z . 25.04 -4.10 -35.06
C7 DMX Z . 25.71 -4.70 -38.70
N8 DMX Z . 25.30 -3.85 -39.93
C9 DMX Z . 24.80 -2.43 -39.58
C10 DMX Z . 25.67 -0.14 -39.89
S11 DMX Z . 27.41 0.19 -40.38
C12 DMX Z . 26.59 -3.66 -40.73
C13 DMX Z . 24.36 -4.61 -40.81
O14 DMX Z . 27.37 0.17 -41.80
O15 DMX Z . 27.64 1.48 -39.83
O16 DMX Z . 28.13 -0.89 -39.77
C17 DMX Z . 25.13 -1.35 -40.59
C1 PLM AA . 34.93 15.93 -19.83
O1 PLM AA . 35.24 15.21 -18.83
O2 PLM AA . 33.78 16.17 -20.19
C2 PLM AA . 36.10 16.50 -20.58
C3 PLM AA . 37.21 15.48 -20.69
C4 PLM AA . 38.52 16.22 -20.99
C5 PLM AA . 39.61 15.26 -21.43
C6 PLM AA . 40.64 15.03 -20.33
C7 PLM AA . 40.14 15.60 -19.00
C8 PLM AA . 39.70 14.47 -18.08
C9 PLM AA . 38.74 14.99 -17.04
CA PLM AA . 39.52 15.55 -15.86
CB PLM AA . 38.61 15.94 -14.70
CC PLM AA . 37.17 15.77 -15.12
CD PLM AA . 36.33 15.37 -13.94
CE PLM AA . 35.22 16.38 -13.72
CF PLM AA . 34.07 15.75 -12.98
CG PLM AA . 33.14 15.04 -13.94
C1 NAG BA . 40.61 43.99 37.06
C2 NAG BA . 41.86 44.14 37.90
C3 NAG BA . 41.85 43.12 39.01
C4 NAG BA . 40.56 43.22 39.82
C5 NAG BA . 39.35 43.17 38.88
C6 NAG BA . 38.03 43.40 39.59
C7 NAG BA . 44.11 44.83 37.18
C8 NAG BA . 45.23 44.57 36.22
N2 NAG BA . 43.05 44.03 37.07
O3 NAG BA . 42.98 43.31 39.88
O4 NAG BA . 40.47 42.16 40.77
O5 NAG BA . 39.46 44.17 37.87
O6 NAG BA . 36.94 43.12 38.72
O7 NAG BA . 44.17 45.72 38.02
C1 NAG CA . 68.22 18.00 40.03
C2 NAG CA . 68.58 17.39 41.36
C3 NAG CA . 70.00 17.79 41.71
C4 NAG CA . 70.94 17.42 40.57
C5 NAG CA . 70.43 17.94 39.23
C6 NAG CA . 71.29 17.44 38.10
C7 NAG CA . 67.37 19.01 42.77
C8 NAG CA . 66.17 19.16 43.65
N2 NAG CA . 67.66 17.76 42.41
O3 NAG CA . 70.40 17.12 42.91
O4 NAG CA . 72.23 17.99 40.83
O5 NAG CA . 69.08 17.51 39.02
O6 NAG CA . 70.92 18.12 36.89
O7 NAG CA . 68.03 19.98 42.44
C1 NAG DA . 21.54 -10.56 17.84
C2 NAG DA . 21.21 -11.10 16.44
C3 NAG DA . 20.26 -10.15 15.72
C4 NAG DA . 19.06 -9.79 16.59
C5 NAG DA . 19.52 -9.35 17.98
C6 NAG DA . 18.38 -9.10 18.95
C7 NAG DA . 23.20 -12.39 15.77
C8 NAG DA . 24.42 -12.41 14.91
N2 NAG DA . 22.43 -11.30 15.67
O3 NAG DA . 19.80 -10.78 14.52
O4 NAG DA . 18.34 -8.72 15.99
O5 NAG DA . 20.35 -10.36 18.56
O6 NAG DA . 17.33 -10.04 18.76
O7 NAG DA . 22.92 -13.32 16.52
C1 GOL EA . 31.90 1.94 20.02
O1 GOL EA . 30.52 2.06 20.08
C2 GOL EA . 32.34 2.40 18.61
O2 GOL EA . 33.40 3.27 18.64
C3 GOL EA . 32.69 1.09 17.87
O3 GOL EA . 33.51 1.44 16.80
C1 DMX FA . -1.94 -2.29 58.53
C2 DMX FA . -3.31 -2.36 58.75
C3 DMX FA . -4.13 -2.89 57.77
C4 DMX FA . -3.58 -3.31 56.55
C5 DMX FA . -2.20 -3.25 56.34
C6 DMX FA . -1.39 -2.72 57.35
C7 DMX FA . -4.44 -3.89 55.48
N8 DMX FA . -5.71 -3.10 54.94
C9 DMX FA . -5.98 -3.38 53.44
C10 DMX FA . -5.52 -2.01 51.43
S11 DMX FA . -6.52 -1.47 49.99
C12 DMX FA . -6.89 -3.69 55.71
C13 DMX FA . -5.70 -1.61 55.22
O14 DMX FA . -6.04 -0.14 49.79
O15 DMX FA . -6.17 -2.42 49.00
O16 DMX FA . -7.84 -1.54 50.50
C17 DMX FA . -6.39 -2.15 52.63
CL CL GA . 31.71 7.36 18.63
#